data_5K1I
#
_entry.id   5K1I
#
_cell.length_a   61.444
_cell.length_b   78.347
_cell.length_c   161.756
_cell.angle_alpha   91.010
_cell.angle_beta   92.790
_cell.angle_gamma   90.080
#
_symmetry.space_group_name_H-M   'P 1'
#
loop_
_entity.id
_entity.type
_entity.pdbx_description
1 polymer "cAMP-specific 3',5'-cyclic phosphodiesterase 4D"
2 non-polymer '4-[(5-acetyl-2-ethyl-3-oxo-6-phenyl-2,3-dihydropyridazin-4-yl)amino]benzoic acid'
3 non-polymer 'ZINC ION'
4 non-polymer 'MAGNESIUM ION'
5 water water
#
_entity_poly.entity_id   1
_entity_poly.type   'polypeptide(L)'
_entity_poly.pdbx_seq_one_letter_code
;TEQEDVLAKELEDVNKWGLHVFRIAELSGNRPLTVIMHTIFQERDLLKTFKIPVDTLITYLMTLEDHYHADVAYHNNIHA
ADVVQSTHVLLSTPALEAVFTDLEILAAIFASAIHDVDHPGVSNQFLINTNSELALMYNDSSVLENHHLAVGFKLLQEEN
CDIFQNLTKKQRQSLRKMVIDIVLATDMSKHMNLLADLKTMVETKKVTSSGVLLLDNYSDRIQVLQNMVHCADLSNPTKP
LQLYRQWTDRIMEEFFRQGDRERERGMEISPMCDKHNASVEKSQVGFIDYIVHPLWETWADLVHPDAQDILDTLEDNREW
YQSTIP
;
_entity_poly.pdbx_strand_id   A,B,C,D,E,F,G,H
#
loop_
_chem_comp.id
_chem_comp.type
_chem_comp.name
_chem_comp.formula
6PT non-polymer '4-[(5-acetyl-2-ethyl-3-oxo-6-phenyl-2,3-dihydropyridazin-4-yl)amino]benzoic acid' 'C21 H19 N3 O4'
MG non-polymer 'MAGNESIUM ION' 'Mg 2'
ZN non-polymer 'ZINC ION' 'Zn 2'
#
# COMPACT_ATOMS: atom_id res chain seq x y z
N GLU A 2 19.13 16.81 -21.39
CA GLU A 2 18.42 18.08 -21.70
C GLU A 2 18.07 18.81 -20.43
N GLN A 3 18.25 18.13 -19.31
CA GLN A 3 17.91 18.73 -18.03
C GLN A 3 19.16 19.28 -17.37
N GLU A 4 20.31 19.02 -18.00
CA GLU A 4 21.55 19.67 -17.55
C GLU A 4 21.72 20.96 -18.36
N ASP A 5 21.13 20.97 -19.57
CA ASP A 5 21.06 22.17 -20.41
C ASP A 5 20.30 23.30 -19.70
N VAL A 6 19.13 22.96 -19.17
CA VAL A 6 18.22 23.92 -18.55
C VAL A 6 18.73 24.38 -17.20
N LEU A 7 19.53 23.53 -16.58
CA LEU A 7 20.20 23.85 -15.34
C LEU A 7 21.38 24.76 -15.63
N ALA A 8 22.08 24.48 -16.74
CA ALA A 8 23.15 25.36 -17.22
C ALA A 8 22.57 26.74 -17.52
N LYS A 9 21.43 26.73 -18.20
CA LYS A 9 20.69 27.97 -18.49
C LYS A 9 20.40 28.79 -17.22
N GLU A 10 19.90 28.15 -16.17
CA GLU A 10 19.60 28.86 -14.92
C GLU A 10 20.87 29.36 -14.20
N LEU A 11 21.95 28.59 -14.32
CA LEU A 11 23.19 28.93 -13.63
C LEU A 11 23.81 30.21 -14.20
N GLU A 12 23.49 30.55 -15.44
CA GLU A 12 23.91 31.84 -15.97
C GLU A 12 23.43 33.02 -15.14
N ASP A 13 22.56 32.77 -14.17
CA ASP A 13 22.04 33.85 -13.34
C ASP A 13 22.77 33.91 -11.99
N VAL A 14 23.77 33.05 -11.81
CA VAL A 14 24.54 32.96 -10.59
C VAL A 14 25.12 34.30 -10.11
N ASN A 15 25.29 35.26 -11.02
CA ASN A 15 25.74 36.61 -10.63
C ASN A 15 24.61 37.58 -10.30
N LYS A 16 23.37 37.17 -10.52
CA LYS A 16 22.21 38.03 -10.23
C LYS A 16 21.57 37.76 -8.87
N TRP A 17 21.17 38.83 -8.20
CA TRP A 17 20.42 38.75 -6.96
C TRP A 17 19.01 38.30 -7.32
N GLY A 18 18.44 37.34 -6.60
CA GLY A 18 17.12 36.81 -6.96
C GLY A 18 17.18 35.66 -7.96
N LEU A 19 18.33 35.00 -7.98
CA LEU A 19 18.52 33.74 -8.66
C LEU A 19 17.45 32.73 -8.27
N HIS A 20 16.90 32.02 -9.26
CA HIS A 20 15.86 31.02 -9.00
C HIS A 20 16.40 29.79 -8.23
N VAL A 21 16.85 29.95 -6.99
CA VAL A 21 17.53 28.86 -6.27
C VAL A 21 16.72 27.60 -5.98
N PHE A 22 15.39 27.71 -5.92
CA PHE A 22 14.55 26.53 -5.73
C PHE A 22 14.45 25.71 -7.01
N ARG A 23 14.26 26.39 -8.13
CA ARG A 23 14.32 25.72 -9.41
C ARG A 23 15.67 25.05 -9.58
N ILE A 24 16.70 25.66 -9.04
CA ILE A 24 18.02 25.07 -9.17
C ILE A 24 18.11 23.81 -8.34
N ALA A 25 17.63 23.91 -7.10
CA ALA A 25 17.49 22.74 -6.24
C ALA A 25 16.86 21.54 -6.98
N GLU A 26 15.62 21.70 -7.44
CA GLU A 26 14.98 20.60 -8.14
C GLU A 26 15.76 20.18 -9.37
N LEU A 27 15.99 21.11 -10.30
CA LEU A 27 16.71 20.82 -11.56
C LEU A 27 18.09 20.18 -11.42
N SER A 28 18.57 19.97 -10.18
CA SER A 28 19.88 19.34 -10.02
C SER A 28 19.84 18.05 -9.20
N GLY A 29 18.65 17.54 -8.90
CA GLY A 29 18.50 16.36 -8.04
C GLY A 29 18.80 16.65 -6.58
N ASN A 30 18.24 17.74 -6.06
CA ASN A 30 18.58 18.25 -4.73
C ASN A 30 20.08 18.33 -4.50
N ARG A 31 20.78 18.90 -5.46
CA ARG A 31 22.20 19.17 -5.30
C ARG A 31 22.54 20.66 -5.53
N PRO A 32 21.68 21.56 -4.99
CA PRO A 32 21.87 22.99 -5.21
C PRO A 32 23.16 23.53 -4.62
N LEU A 33 23.47 23.19 -3.37
CA LEU A 33 24.70 23.70 -2.77
C LEU A 33 25.89 23.23 -3.61
N THR A 34 25.86 21.97 -4.04
CA THR A 34 26.96 21.41 -4.81
C THR A 34 27.16 22.04 -6.20
N VAL A 35 26.09 22.13 -7.00
CA VAL A 35 26.26 22.75 -8.32
C VAL A 35 26.58 24.23 -8.14
N ILE A 36 25.87 24.89 -7.25
CA ILE A 36 26.10 26.32 -7.04
C ILE A 36 27.51 26.69 -6.53
N MET A 37 28.07 25.89 -5.62
CA MET A 37 29.46 26.10 -5.17
C MET A 37 30.48 25.91 -6.30
N HIS A 38 30.32 24.80 -7.01
CA HIS A 38 31.11 24.51 -8.20
C HIS A 38 31.09 25.63 -9.26
N THR A 39 29.92 26.19 -9.54
CA THR A 39 29.86 27.25 -10.55
C THR A 39 30.56 28.54 -10.10
N ILE A 40 30.38 28.88 -8.82
CA ILE A 40 31.07 30.02 -8.22
C ILE A 40 32.60 29.88 -8.25
N PHE A 41 33.13 28.79 -7.73
CA PHE A 41 34.57 28.55 -7.80
C PHE A 41 35.10 28.63 -9.24
N GLN A 42 34.39 28.01 -10.19
CA GLN A 42 34.76 28.08 -11.60
C GLN A 42 34.76 29.52 -12.07
N GLU A 43 33.64 30.20 -11.86
CA GLU A 43 33.50 31.59 -12.28
C GLU A 43 34.62 32.48 -11.70
N ARG A 44 34.98 32.27 -10.42
CA ARG A 44 36.02 33.08 -9.77
C ARG A 44 37.42 32.53 -9.97
N ASP A 45 37.54 31.45 -10.72
CA ASP A 45 38.84 30.82 -10.96
C ASP A 45 39.52 30.17 -9.72
N LEU A 46 38.78 30.02 -8.62
CA LEU A 46 39.37 29.53 -7.36
C LEU A 46 40.08 28.17 -7.44
N LEU A 47 39.52 27.24 -8.20
CA LEU A 47 40.21 25.97 -8.45
C LEU A 47 41.64 26.20 -8.95
N LYS A 48 41.81 27.13 -9.88
CA LYS A 48 43.13 27.41 -10.43
C LYS A 48 44.01 28.12 -9.41
N THR A 49 43.47 29.18 -8.79
CA THR A 49 44.19 29.98 -7.80
C THR A 49 44.68 29.13 -6.63
N PHE A 50 43.78 28.36 -6.02
CA PHE A 50 44.18 27.49 -4.87
C PHE A 50 44.56 26.05 -5.20
N LYS A 51 44.82 25.77 -6.48
CA LYS A 51 45.07 24.42 -6.98
C LYS A 51 44.16 23.38 -6.28
N ILE A 52 42.86 23.62 -6.32
CA ILE A 52 41.93 22.63 -5.79
C ILE A 52 41.61 21.68 -6.94
N PRO A 53 41.94 20.38 -6.77
CA PRO A 53 41.62 19.40 -7.81
C PRO A 53 40.09 19.30 -7.91
N VAL A 54 39.57 19.19 -9.12
CA VAL A 54 38.12 19.17 -9.27
C VAL A 54 37.50 17.93 -8.61
N ASP A 55 38.10 16.76 -8.82
CA ASP A 55 37.70 15.56 -8.11
C ASP A 55 37.49 15.85 -6.61
N THR A 56 38.46 16.54 -6.00
CA THR A 56 38.38 16.87 -4.57
C THR A 56 37.22 17.79 -4.25
N LEU A 57 37.06 18.84 -5.06
CA LEU A 57 35.99 19.81 -4.83
C LEU A 57 34.61 19.16 -4.83
N ILE A 58 34.30 18.33 -5.83
CA ILE A 58 32.96 17.73 -5.86
C ILE A 58 32.72 16.84 -4.66
N THR A 59 33.64 15.90 -4.40
CA THR A 59 33.52 15.01 -3.24
C THR A 59 33.10 15.82 -2.01
N TYR A 60 33.95 16.78 -1.65
CA TYR A 60 33.69 17.59 -0.48
C TYR A 60 32.28 18.23 -0.43
N LEU A 61 31.94 19.07 -1.42
CA LEU A 61 30.59 19.64 -1.48
C LEU A 61 29.48 18.60 -1.35
N MET A 62 29.66 17.44 -1.98
CA MET A 62 28.65 16.39 -1.89
C MET A 62 28.47 15.84 -0.47
N THR A 63 29.58 15.70 0.24
CA THR A 63 29.57 15.19 1.61
C THR A 63 29.01 16.26 2.56
N LEU A 64 29.50 17.48 2.40
CA LEU A 64 28.94 18.65 3.08
C LEU A 64 27.45 18.70 2.82
N GLU A 65 27.05 18.72 1.55
CA GLU A 65 25.65 18.82 1.25
C GLU A 65 24.86 17.68 1.86
N ASP A 66 25.47 16.49 1.90
CA ASP A 66 24.81 15.34 2.53
C ASP A 66 24.53 15.62 4.00
N HIS A 67 25.36 16.44 4.64
CA HIS A 67 25.21 16.72 6.07
C HIS A 67 24.21 17.84 6.39
N TYR A 68 23.63 18.46 5.37
CA TYR A 68 22.40 19.21 5.57
C TYR A 68 21.22 18.23 5.68
N HIS A 69 20.23 18.53 6.53
CA HIS A 69 19.13 17.60 6.77
C HIS A 69 17.97 17.83 5.81
N ALA A 70 17.70 16.84 4.98
CA ALA A 70 16.61 16.99 4.01
C ALA A 70 15.25 17.24 4.70
N ASP A 71 15.14 16.86 5.96
CA ASP A 71 13.85 16.90 6.65
C ASP A 71 13.61 18.14 7.53
N VAL A 72 14.54 19.08 7.54
CA VAL A 72 14.22 20.39 8.10
C VAL A 72 13.90 21.37 6.97
N ALA A 73 12.75 22.04 7.07
CA ALA A 73 12.20 22.88 6.01
C ALA A 73 13.00 24.11 5.58
N TYR A 74 13.71 24.73 6.52
CA TYR A 74 14.45 25.98 6.23
C TYR A 74 15.96 25.79 6.17
N HIS A 75 16.54 25.45 7.32
CA HIS A 75 17.97 25.28 7.45
C HIS A 75 18.43 23.99 6.82
N ASN A 76 18.35 23.96 5.48
CA ASN A 76 18.76 22.82 4.67
C ASN A 76 19.78 23.25 3.60
N ASN A 77 20.07 22.35 2.68
CA ASN A 77 21.00 22.63 1.60
C ASN A 77 20.58 23.77 0.66
N ILE A 78 19.29 24.08 0.62
CA ILE A 78 18.81 25.09 -0.31
C ILE A 78 19.16 26.45 0.25
N HIS A 79 18.87 26.63 1.53
CA HIS A 79 19.26 27.83 2.26
C HIS A 79 20.76 28.04 2.18
N ALA A 80 21.53 26.97 2.41
CA ALA A 80 22.98 26.99 2.30
C ALA A 80 23.40 27.45 0.91
N ALA A 81 22.78 26.87 -0.10
CA ALA A 81 23.02 27.30 -1.47
C ALA A 81 22.72 28.78 -1.64
N ASP A 82 21.66 29.27 -0.99
CA ASP A 82 21.19 30.64 -1.14
C ASP A 82 22.15 31.65 -0.52
N VAL A 83 22.49 31.44 0.74
CA VAL A 83 23.46 32.34 1.37
C VAL A 83 24.75 32.35 0.53
N VAL A 84 25.26 31.16 0.17
CA VAL A 84 26.47 31.13 -0.61
C VAL A 84 26.38 32.08 -1.81
N GLN A 85 25.33 31.93 -2.60
CA GLN A 85 25.24 32.67 -3.84
C GLN A 85 25.05 34.16 -3.54
N SER A 86 24.33 34.48 -2.48
CA SER A 86 24.10 35.86 -2.10
C SER A 86 25.41 36.58 -1.72
N THR A 87 26.22 35.93 -0.88
CA THR A 87 27.54 36.43 -0.45
C THR A 87 28.42 36.70 -1.67
N HIS A 88 28.45 35.73 -2.58
CA HIS A 88 29.09 35.86 -3.89
C HIS A 88 28.70 37.12 -4.64
N VAL A 89 27.41 37.37 -4.78
CA VAL A 89 27.01 38.64 -5.44
C VAL A 89 27.42 39.84 -4.58
N LEU A 90 27.15 39.75 -3.29
CA LEU A 90 27.61 40.78 -2.39
C LEU A 90 29.11 41.05 -2.59
N LEU A 91 29.91 39.99 -2.68
CA LEU A 91 31.35 40.15 -2.88
C LEU A 91 31.64 41.03 -4.10
N SER A 92 30.75 41.02 -5.09
CA SER A 92 31.07 41.62 -6.36
C SER A 92 30.66 43.05 -6.46
N THR A 93 30.06 43.58 -5.41
CA THR A 93 29.57 44.96 -5.48
C THR A 93 30.71 45.93 -5.87
N PRO A 94 30.48 46.72 -6.93
CA PRO A 94 31.46 47.75 -7.32
C PRO A 94 32.19 48.41 -6.15
N ALA A 95 31.49 48.73 -5.07
CA ALA A 95 32.13 49.44 -3.96
C ALA A 95 33.14 48.59 -3.18
N LEU A 96 33.19 47.29 -3.43
CA LEU A 96 34.23 46.45 -2.82
C LEU A 96 35.31 45.95 -3.80
N GLU A 97 35.27 46.43 -5.05
CA GLU A 97 36.17 45.90 -6.08
C GLU A 97 37.63 45.88 -5.63
N ALA A 98 38.21 44.70 -5.51
CA ALA A 98 39.64 44.51 -5.18
C ALA A 98 40.04 44.98 -3.77
N VAL A 99 39.07 44.97 -2.87
CA VAL A 99 39.37 45.25 -1.48
C VAL A 99 39.88 43.96 -0.85
N PHE A 100 39.35 42.83 -1.30
CA PHE A 100 39.59 41.57 -0.63
C PHE A 100 40.52 40.67 -1.40
N THR A 101 41.42 40.01 -0.68
CA THR A 101 42.31 39.05 -1.31
C THR A 101 41.51 37.83 -1.79
N ASP A 102 42.18 36.92 -2.50
CA ASP A 102 41.56 35.68 -2.97
C ASP A 102 41.20 34.78 -1.79
N LEU A 103 42.09 34.81 -0.80
CA LEU A 103 41.98 33.97 0.36
C LEU A 103 40.90 34.51 1.29
N GLU A 104 40.75 35.83 1.33
CA GLU A 104 39.64 36.43 2.04
C GLU A 104 38.34 36.04 1.33
N ILE A 105 38.34 36.12 0.00
CA ILE A 105 37.17 35.72 -0.76
C ILE A 105 36.77 34.26 -0.49
N LEU A 106 37.74 33.35 -0.52
CA LEU A 106 37.47 31.94 -0.29
C LEU A 106 36.80 31.69 1.07
N ALA A 107 37.34 32.28 2.13
CA ALA A 107 36.78 32.10 3.46
C ALA A 107 35.30 32.45 3.51
N ALA A 108 34.96 33.60 2.93
CA ALA A 108 33.59 34.12 3.00
C ALA A 108 32.64 33.20 2.23
N ILE A 109 33.04 32.75 1.05
CA ILE A 109 32.22 31.81 0.29
C ILE A 109 32.12 30.47 1.04
N PHE A 110 33.27 29.87 1.32
CA PHE A 110 33.30 28.64 2.11
C PHE A 110 32.49 28.80 3.39
N ALA A 111 32.82 29.76 4.23
CA ALA A 111 32.07 29.87 5.48
C ALA A 111 30.58 29.90 5.19
N SER A 112 30.15 30.73 4.23
CA SER A 112 28.74 30.72 3.81
C SER A 112 28.21 29.29 3.51
N ALA A 113 29.04 28.51 2.82
CA ALA A 113 28.72 27.11 2.50
C ALA A 113 28.42 26.20 3.70
N ILE A 114 29.05 26.44 4.84
CA ILE A 114 28.87 25.56 5.98
C ILE A 114 28.13 26.18 7.18
N HIS A 115 27.83 27.48 7.12
CA HIS A 115 27.31 28.21 8.32
C HIS A 115 26.10 27.60 9.09
N ASP A 116 25.47 26.57 8.54
CA ASP A 116 24.37 25.91 9.22
C ASP A 116 24.42 24.43 8.92
N VAL A 117 25.55 23.90 8.45
CA VAL A 117 25.62 22.46 8.19
C VAL A 117 25.20 21.64 9.43
N ASP A 118 24.39 20.60 9.19
CA ASP A 118 23.93 19.69 10.24
C ASP A 118 22.99 20.39 11.24
N HIS A 119 22.28 21.43 10.78
CA HIS A 119 21.34 22.16 11.61
C HIS A 119 20.19 21.20 11.92
N PRO A 120 19.77 21.13 13.19
CA PRO A 120 18.71 20.18 13.53
C PRO A 120 17.28 20.71 13.36
N GLY A 121 17.11 21.99 13.09
CA GLY A 121 15.77 22.56 12.86
C GLY A 121 15.06 23.17 14.06
N VAL A 122 15.83 23.45 15.10
CA VAL A 122 15.36 24.08 16.31
C VAL A 122 16.44 25.07 16.65
N SER A 123 16.15 26.07 17.47
CA SER A 123 17.08 27.18 17.68
C SER A 123 18.10 26.91 18.81
N ASN A 124 19.15 27.74 18.88
CA ASN A 124 20.06 27.72 20.05
C ASN A 124 19.28 27.74 21.36
N GLN A 125 18.42 28.76 21.54
CA GLN A 125 17.68 28.86 22.79
C GLN A 125 16.90 27.58 23.12
N PHE A 126 16.25 26.99 22.11
CA PHE A 126 15.55 25.72 22.30
C PHE A 126 16.50 24.68 22.84
N LEU A 127 17.68 24.59 22.25
CA LEU A 127 18.65 23.57 22.65
C LEU A 127 19.23 23.82 24.04
N ILE A 128 19.32 25.07 24.44
CA ILE A 128 19.76 25.40 25.76
C ILE A 128 18.65 24.99 26.73
N ASN A 129 17.41 25.35 26.41
CA ASN A 129 16.27 25.06 27.32
C ASN A 129 16.10 23.58 27.62
N THR A 130 16.35 22.75 26.62
CA THR A 130 16.17 21.30 26.74
C THR A 130 17.42 20.56 27.21
N ASN A 131 18.33 21.28 27.88
CA ASN A 131 19.58 20.72 28.35
C ASN A 131 20.11 19.65 27.38
N SER A 132 20.31 20.06 26.13
CA SER A 132 20.62 19.14 25.04
C SER A 132 22.08 18.75 25.05
N GLU A 133 22.40 17.65 24.37
CA GLU A 133 23.78 17.16 24.28
C GLU A 133 24.70 18.18 23.62
N LEU A 134 24.18 18.93 22.67
CA LEU A 134 24.95 19.95 22.00
C LEU A 134 25.25 21.16 22.92
N ALA A 135 24.23 21.56 23.69
CA ALA A 135 24.30 22.75 24.54
C ALA A 135 25.18 22.50 25.73
N LEU A 136 25.28 21.24 26.14
CA LEU A 136 26.19 20.83 27.18
C LEU A 136 27.61 20.90 26.67
N MET A 137 27.81 20.49 25.43
CA MET A 137 29.11 20.54 24.79
C MET A 137 29.70 21.95 24.78
N TYR A 138 28.88 22.92 24.38
CA TYR A 138 29.35 24.26 24.09
C TYR A 138 28.90 25.29 25.11
N ASN A 139 28.59 24.83 26.31
CA ASN A 139 28.29 25.74 27.39
C ASN A 139 27.37 26.91 27.01
N ASP A 140 26.30 26.57 26.30
CA ASP A 140 25.20 27.50 26.02
C ASP A 140 25.62 28.68 25.13
N SER A 141 26.81 28.61 24.54
CA SER A 141 27.40 29.77 23.86
C SER A 141 27.55 29.49 22.38
N SER A 142 26.86 30.26 21.55
CA SER A 142 26.91 30.05 20.12
C SER A 142 26.88 28.55 19.82
N VAL A 143 25.87 27.85 20.35
CA VAL A 143 25.88 26.41 20.36
C VAL A 143 25.97 25.84 18.95
N LEU A 144 25.04 26.28 18.10
CA LEU A 144 24.88 25.74 16.76
C LEU A 144 26.00 26.20 15.85
N GLU A 145 26.35 27.47 15.95
CA GLU A 145 27.38 28.03 15.09
C GLU A 145 28.67 27.26 15.32
N ASN A 146 29.10 27.22 16.57
CA ASN A 146 30.23 26.39 16.93
C ASN A 146 30.10 25.03 16.28
N HIS A 147 28.93 24.42 16.39
CA HIS A 147 28.72 23.11 15.76
C HIS A 147 28.92 23.13 14.24
N HIS A 148 28.23 24.02 13.52
CA HIS A 148 28.34 24.01 12.05
C HIS A 148 29.80 24.11 11.63
N LEU A 149 30.57 24.86 12.39
CA LEU A 149 31.98 25.02 12.10
C LEU A 149 32.74 23.71 12.28
N ALA A 150 32.53 23.09 13.45
CA ALA A 150 33.17 21.81 13.77
C ALA A 150 32.89 20.76 12.70
N VAL A 151 31.64 20.69 12.24
CA VAL A 151 31.28 19.70 11.20
C VAL A 151 31.89 20.06 9.83
N GLY A 152 31.71 21.32 9.43
CA GLY A 152 32.32 21.82 8.22
C GLY A 152 33.80 21.56 8.08
N PHE A 153 34.53 21.63 9.21
CA PHE A 153 35.97 21.43 9.24
C PHE A 153 36.34 19.94 9.28
N LYS A 154 35.50 19.17 9.94
CA LYS A 154 35.80 17.77 10.15
C LYS A 154 35.62 17.02 8.83
N LEU A 155 34.74 17.54 7.98
CA LEU A 155 34.50 16.86 6.74
C LEU A 155 35.72 16.94 5.81
N LEU A 156 36.44 18.06 5.86
CA LEU A 156 37.66 18.20 5.07
C LEU A 156 38.58 16.98 5.25
N GLN A 157 38.36 16.23 6.32
CA GLN A 157 39.19 15.07 6.65
C GLN A 157 38.77 13.77 6.01
N GLU A 158 37.62 13.73 5.36
CA GLU A 158 37.24 12.51 4.65
C GLU A 158 38.12 12.34 3.42
N GLU A 159 38.27 11.09 3.00
CA GLU A 159 39.03 10.76 1.80
C GLU A 159 38.77 11.71 0.64
N ASN A 160 39.85 12.30 0.11
CA ASN A 160 39.76 13.18 -1.06
C ASN A 160 38.76 14.37 -0.88
N CYS A 161 38.71 14.92 0.33
CA CYS A 161 37.79 16.03 0.63
C CYS A 161 38.52 17.30 0.92
N ASP A 162 39.77 17.19 1.33
CA ASP A 162 40.54 18.38 1.72
C ASP A 162 40.80 19.29 0.52
N ILE A 163 39.94 20.27 0.34
CA ILE A 163 40.09 21.19 -0.77
C ILE A 163 41.12 22.26 -0.42
N PHE A 164 41.65 22.20 0.80
CA PHE A 164 42.69 23.14 1.14
C PHE A 164 44.12 22.60 1.04
N GLN A 165 44.25 21.31 0.70
CA GLN A 165 45.55 20.63 0.66
C GLN A 165 46.71 21.43 0.06
N ASN A 166 46.46 22.22 -0.97
CA ASN A 166 47.53 23.02 -1.60
C ASN A 166 47.72 24.45 -1.11
N LEU A 167 46.97 24.87 -0.09
CA LEU A 167 47.26 26.12 0.57
C LEU A 167 48.56 25.96 1.37
N THR A 168 49.26 27.05 1.60
CA THR A 168 50.40 27.00 2.51
C THR A 168 49.91 26.82 3.97
N LYS A 169 50.81 26.57 4.90
CA LYS A 169 50.42 26.53 6.31
C LYS A 169 49.86 27.87 6.79
N LYS A 170 50.49 28.97 6.39
CA LYS A 170 50.08 30.28 6.84
C LYS A 170 48.69 30.53 6.27
N GLN A 171 48.53 30.13 5.00
CA GLN A 171 47.25 30.28 4.30
C GLN A 171 46.13 29.54 5.02
N ARG A 172 46.41 28.31 5.46
CA ARG A 172 45.42 27.51 6.23
C ARG A 172 45.07 28.12 7.59
N GLN A 173 46.07 28.52 8.36
CA GLN A 173 45.81 29.17 9.61
C GLN A 173 44.85 30.34 9.38
N SER A 174 45.34 31.34 8.65
CA SER A 174 44.55 32.52 8.29
C SER A 174 43.12 32.20 7.81
N LEU A 175 42.93 31.22 6.93
CA LEU A 175 41.55 30.91 6.47
C LEU A 175 40.70 30.26 7.57
N ARG A 176 41.32 29.43 8.38
CA ARG A 176 40.62 28.80 9.49
C ARG A 176 40.09 29.91 10.35
N LYS A 177 40.97 30.78 10.84
CA LYS A 177 40.52 31.88 11.69
C LYS A 177 39.35 32.65 11.04
N MET A 178 39.55 33.12 9.82
CA MET A 178 38.51 33.86 9.09
C MET A 178 37.15 33.13 9.06
N VAL A 179 37.14 31.88 8.60
CA VAL A 179 35.91 31.07 8.59
C VAL A 179 35.26 30.96 9.99
N ILE A 180 36.08 30.86 11.04
CA ILE A 180 35.58 30.79 12.39
C ILE A 180 34.98 32.12 12.76
N ASP A 181 35.71 33.21 12.50
CA ASP A 181 35.23 34.55 12.83
C ASP A 181 33.93 34.82 12.09
N ILE A 182 33.81 34.37 10.85
CA ILE A 182 32.56 34.60 10.12
C ILE A 182 31.37 33.76 10.62
N VAL A 183 31.53 32.43 10.71
CA VAL A 183 30.39 31.60 11.02
C VAL A 183 29.84 31.95 12.42
N LEU A 184 30.75 32.14 13.37
CA LEU A 184 30.38 32.60 14.70
C LEU A 184 29.58 33.91 14.67
N ALA A 185 29.81 34.75 13.66
CA ALA A 185 29.12 36.04 13.62
C ALA A 185 27.67 35.90 13.15
N THR A 186 27.33 34.72 12.63
CA THR A 186 25.92 34.40 12.31
C THR A 186 25.03 34.04 13.55
N ASP A 187 25.52 34.25 14.76
CA ASP A 187 24.72 34.02 15.98
C ASP A 187 23.81 35.24 16.20
N MET A 188 22.50 35.00 16.19
CA MET A 188 21.53 36.10 16.14
C MET A 188 21.53 37.01 17.38
N SER A 189 22.34 36.65 18.38
CA SER A 189 22.43 37.46 19.60
C SER A 189 23.63 38.39 19.51
N LYS A 190 24.44 38.19 18.49
CA LYS A 190 25.57 39.06 18.24
C LYS A 190 25.17 40.08 17.22
N HIS A 191 23.94 39.96 16.73
CA HIS A 191 23.40 40.91 15.75
C HIS A 191 23.57 42.33 16.27
N MET A 192 22.91 42.67 17.37
CA MET A 192 22.90 44.07 17.78
C MET A 192 24.32 44.65 17.83
N ASN A 193 25.28 43.86 18.31
CA ASN A 193 26.64 44.35 18.48
C ASN A 193 27.41 44.44 17.17
N LEU A 194 27.27 43.41 16.34
CA LEU A 194 27.78 43.46 14.99
C LEU A 194 27.32 44.74 14.30
N LEU A 195 26.00 44.92 14.21
CA LEU A 195 25.40 46.06 13.53
C LEU A 195 25.85 47.39 14.09
N ALA A 196 25.93 47.51 15.41
CA ALA A 196 26.42 48.73 16.02
C ALA A 196 27.85 49.02 15.55
N ASP A 197 28.63 47.97 15.36
CA ASP A 197 29.98 48.16 14.87
C ASP A 197 29.97 48.56 13.41
N LEU A 198 29.24 47.82 12.58
CA LEU A 198 28.96 48.28 11.22
C LEU A 198 28.56 49.78 11.12
N LYS A 199 27.71 50.25 12.03
CA LYS A 199 27.31 51.67 12.03
C LYS A 199 28.46 52.64 12.26
N THR A 200 29.37 52.33 13.20
CA THR A 200 30.58 53.16 13.38
C THR A 200 31.48 53.14 12.15
N MET A 201 31.57 51.99 11.48
CA MET A 201 32.42 51.90 10.31
C MET A 201 31.91 52.71 9.12
N VAL A 202 30.61 52.74 8.89
CA VAL A 202 30.00 53.63 7.89
C VAL A 202 30.17 55.10 8.27
N GLU A 203 30.35 55.33 9.57
CA GLU A 203 30.49 56.64 10.19
C GLU A 203 31.86 57.26 9.90
N THR A 204 32.84 56.39 9.76
CA THR A 204 34.21 56.83 9.63
C THR A 204 34.86 56.17 8.42
N LYS A 205 34.05 55.82 7.42
CA LYS A 205 34.56 55.15 6.23
C LYS A 205 35.34 56.07 5.33
N LYS A 206 36.20 55.47 4.51
CA LYS A 206 37.01 56.19 3.54
C LYS A 206 36.93 55.47 2.18
N VAL A 207 37.11 56.20 1.08
CA VAL A 207 37.04 55.63 -0.29
C VAL A 207 38.29 55.89 -1.13
N THR A 208 38.24 55.48 -2.41
CA THR A 208 39.30 55.73 -3.39
C THR A 208 38.71 56.12 -4.75
N VAL A 212 35.31 53.37 -4.12
CA VAL A 212 35.74 52.06 -3.62
C VAL A 212 36.22 52.13 -2.17
N LEU A 213 35.86 51.12 -1.37
CA LEU A 213 36.10 51.10 0.08
C LEU A 213 37.55 50.79 0.52
N LEU A 214 37.97 51.38 1.63
CA LEU A 214 39.36 51.28 2.10
C LEU A 214 39.39 50.73 3.53
N LEU A 215 40.20 49.71 3.76
CA LEU A 215 40.29 49.05 5.07
C LEU A 215 41.71 48.52 5.25
N ASP A 216 42.48 49.01 6.23
CA ASP A 216 43.85 48.52 6.33
C ASP A 216 44.18 47.87 7.67
N ASN A 217 43.47 46.81 8.01
CA ASN A 217 43.79 46.00 9.18
C ASN A 217 42.79 44.87 9.27
N TYR A 218 43.26 43.69 9.64
CA TYR A 218 42.45 42.50 9.71
C TYR A 218 41.07 42.81 10.28
N SER A 219 41.06 43.42 11.44
CA SER A 219 39.84 43.62 12.20
C SER A 219 38.78 44.47 11.50
N ASP A 220 39.18 45.34 10.58
CA ASP A 220 38.17 46.07 9.79
C ASP A 220 37.67 45.20 8.65
N ARG A 221 38.55 44.38 8.10
CA ARG A 221 38.18 43.55 6.98
C ARG A 221 37.24 42.44 7.44
N ILE A 222 37.62 41.72 8.50
CA ILE A 222 36.82 40.61 9.01
C ILE A 222 35.43 41.07 9.40
N GLN A 223 35.32 42.22 10.07
CA GLN A 223 34.00 42.84 10.36
C GLN A 223 33.09 42.99 9.12
N VAL A 224 33.57 43.72 8.13
CA VAL A 224 32.84 43.84 6.89
C VAL A 224 32.40 42.42 6.44
N LEU A 225 33.34 41.48 6.32
CA LEU A 225 33.00 40.11 5.88
C LEU A 225 31.87 39.48 6.74
N GLN A 226 32.03 39.49 8.07
CA GLN A 226 31.04 38.96 9.01
C GLN A 226 29.66 39.51 8.73
N ASN A 227 29.57 40.85 8.61
CA ASN A 227 28.32 41.57 8.30
C ASN A 227 27.80 41.24 6.91
N MET A 228 28.72 40.91 6.01
CA MET A 228 28.32 40.57 4.66
C MET A 228 27.62 39.19 4.66
N VAL A 229 28.12 38.28 5.47
CA VAL A 229 27.53 36.97 5.51
C VAL A 229 26.25 36.98 6.37
N HIS A 230 26.23 37.77 7.44
CA HIS A 230 25.00 38.12 8.21
C HIS A 230 23.89 38.63 7.28
N CYS A 231 24.21 39.64 6.46
CA CYS A 231 23.30 40.12 5.40
C CYS A 231 22.83 39.01 4.46
N ALA A 232 23.75 38.32 3.80
CA ALA A 232 23.38 37.13 3.05
C ALA A 232 22.52 36.16 3.90
N ASP A 233 22.96 35.85 5.12
CA ASP A 233 22.16 35.01 6.01
C ASP A 233 20.76 35.54 6.20
N LEU A 234 20.63 36.87 6.32
CA LEU A 234 19.34 37.51 6.54
C LEU A 234 18.90 38.25 5.28
N SER A 235 18.99 37.58 4.13
CA SER A 235 18.82 38.28 2.90
C SER A 235 17.51 37.98 2.21
N ASN A 236 16.69 37.11 2.78
CA ASN A 236 15.54 36.77 1.96
C ASN A 236 14.31 37.70 1.85
N PRO A 237 14.06 38.52 2.88
CA PRO A 237 13.09 39.55 2.58
C PRO A 237 13.57 40.54 1.51
N THR A 238 14.78 40.38 0.98
CA THR A 238 15.29 41.34 -0.02
C THR A 238 15.23 40.77 -1.43
N LYS A 239 14.82 39.52 -1.54
CA LYS A 239 14.70 38.93 -2.85
C LYS A 239 13.32 39.21 -3.39
N PRO A 240 13.14 38.99 -4.69
CA PRO A 240 11.83 39.08 -5.30
C PRO A 240 10.77 38.28 -4.51
N LEU A 241 9.57 38.86 -4.41
CA LEU A 241 8.51 38.34 -3.54
C LEU A 241 8.22 36.82 -3.59
N GLN A 242 8.00 36.26 -4.78
CA GLN A 242 7.72 34.84 -4.90
C GLN A 242 8.78 34.01 -4.16
N LEU A 243 10.04 34.41 -4.27
CA LEU A 243 11.12 33.75 -3.50
C LEU A 243 10.96 33.92 -1.98
N TYR A 244 10.76 35.16 -1.55
CA TYR A 244 10.74 35.48 -0.13
C TYR A 244 9.56 34.83 0.58
N ARG A 245 8.43 34.70 -0.09
CA ARG A 245 7.25 34.10 0.55
C ARG A 245 7.43 32.60 0.74
N GLN A 246 8.08 31.95 -0.21
CA GLN A 246 8.47 30.56 -0.05
C GLN A 246 9.37 30.36 1.13
N TRP A 247 10.34 31.27 1.31
CA TRP A 247 11.24 31.22 2.48
C TRP A 247 10.47 31.39 3.79
N THR A 248 9.49 32.31 3.80
CA THR A 248 8.58 32.49 4.93
C THR A 248 7.79 31.21 5.29
N ASP A 249 7.10 30.64 4.29
CA ASP A 249 6.35 29.40 4.45
C ASP A 249 7.21 28.38 5.13
N ARG A 250 8.47 28.35 4.69
CA ARG A 250 9.44 27.37 5.18
C ARG A 250 9.90 27.60 6.61
N ILE A 251 10.57 28.70 6.88
CA ILE A 251 10.98 28.95 8.24
C ILE A 251 9.79 28.84 9.18
N MET A 252 8.63 29.23 8.71
CA MET A 252 7.46 29.15 9.55
C MET A 252 7.10 27.69 9.81
N GLU A 253 7.30 26.83 8.82
CA GLU A 253 6.98 25.43 8.98
C GLU A 253 7.92 24.81 10.00
N GLU A 254 9.17 25.24 9.96
CA GLU A 254 10.20 24.81 10.91
C GLU A 254 9.91 25.25 12.37
N PHE A 255 9.48 26.50 12.55
CA PHE A 255 9.20 27.05 13.87
C PHE A 255 7.99 26.38 14.48
N PHE A 256 6.92 26.28 13.71
CA PHE A 256 5.73 25.58 14.18
C PHE A 256 6.08 24.19 14.69
N ARG A 257 6.99 23.50 13.99
CA ARG A 257 7.46 22.20 14.46
C ARG A 257 8.23 22.31 15.79
N GLN A 258 9.03 23.36 15.95
CA GLN A 258 9.72 23.56 17.20
C GLN A 258 8.71 23.72 18.33
N GLY A 259 7.75 24.62 18.16
CA GLY A 259 6.75 24.90 19.17
C GLY A 259 5.82 23.73 19.49
N ASP A 260 5.67 22.81 18.53
CA ASP A 260 4.93 21.58 18.76
C ASP A 260 5.66 20.74 19.80
N ARG A 261 6.99 20.84 19.81
CA ARG A 261 7.79 20.20 20.83
C ARG A 261 7.93 21.10 22.07
N GLU A 262 8.05 22.42 21.87
CA GLU A 262 8.08 23.38 22.98
C GLU A 262 6.81 23.30 23.87
N ARG A 263 5.65 23.21 23.23
CA ARG A 263 4.37 22.98 23.90
C ARG A 263 4.30 21.56 24.46
N GLU A 264 4.93 20.61 23.77
CA GLU A 264 4.95 19.20 24.20
C GLU A 264 5.76 18.95 25.47
N ARG A 265 7.03 19.40 25.47
CA ARG A 265 7.84 19.35 26.67
C ARG A 265 7.04 20.12 27.68
N GLY A 266 6.68 21.34 27.32
CA GLY A 266 5.82 22.13 28.18
C GLY A 266 6.48 23.41 28.62
N MET A 267 7.50 23.83 27.89
CA MET A 267 8.10 25.11 28.20
C MET A 267 7.12 26.18 27.73
N GLU A 268 7.51 27.43 27.83
CA GLU A 268 6.67 28.50 27.29
C GLU A 268 6.97 28.59 25.83
N ILE A 269 5.93 28.46 25.00
CA ILE A 269 6.16 28.41 23.55
C ILE A 269 6.83 29.69 23.08
N SER A 270 7.91 29.56 22.33
CA SER A 270 8.62 30.72 21.81
C SER A 270 7.71 31.79 21.20
N PRO A 271 8.29 32.96 20.88
CA PRO A 271 7.49 34.00 20.30
C PRO A 271 7.49 33.80 18.79
N MET A 272 6.30 33.63 18.22
CA MET A 272 6.18 33.31 16.80
C MET A 272 6.52 31.85 16.51
N CYS A 273 6.39 30.99 17.53
CA CYS A 273 6.52 29.56 17.35
C CYS A 273 5.20 28.87 17.57
N ASP A 274 4.16 29.69 17.75
CA ASP A 274 2.84 29.16 18.06
C ASP A 274 1.88 29.23 16.87
N LYS A 275 1.64 28.06 16.26
CA LYS A 275 0.83 27.94 15.05
C LYS A 275 -0.63 28.32 15.28
N HIS A 276 -0.95 28.62 16.53
CA HIS A 276 -2.31 29.01 16.94
C HIS A 276 -2.37 30.50 17.26
N ASN A 277 -1.21 31.11 17.46
CA ASN A 277 -1.08 32.57 17.51
C ASN A 277 -0.08 32.98 16.44
N ALA A 278 -0.10 32.25 15.32
CA ALA A 278 0.62 32.64 14.12
C ALA A 278 0.23 34.06 13.78
N SER A 279 1.22 34.93 13.67
CA SER A 279 1.00 36.27 13.11
C SER A 279 2.04 36.47 12.00
N VAL A 280 2.10 35.49 11.11
CA VAL A 280 3.15 35.34 10.13
C VAL A 280 3.51 36.68 9.49
N GLU A 281 2.51 37.31 8.84
CA GLU A 281 2.72 38.59 8.18
C GLU A 281 3.18 39.65 9.18
N LYS A 282 2.42 39.83 10.26
CA LYS A 282 2.83 40.77 11.31
C LYS A 282 4.29 40.55 11.72
N SER A 283 4.71 39.29 11.67
CA SER A 283 6.05 38.92 12.11
C SER A 283 7.15 39.13 11.09
N GLN A 284 6.79 39.29 9.84
CA GLN A 284 7.79 39.63 8.83
C GLN A 284 8.01 41.12 8.88
N VAL A 285 6.91 41.89 8.89
CA VAL A 285 6.98 43.35 9.04
C VAL A 285 7.84 43.73 10.26
N GLY A 286 7.54 43.15 11.43
CA GLY A 286 8.35 43.38 12.62
C GLY A 286 9.78 42.94 12.40
N PHE A 287 9.97 41.81 11.73
CA PHE A 287 11.30 41.27 11.58
C PHE A 287 12.10 42.22 10.69
N ILE A 288 11.38 42.90 9.80
CA ILE A 288 12.02 43.77 8.86
C ILE A 288 12.25 45.15 9.44
N ASP A 289 11.28 45.63 10.21
CA ASP A 289 11.37 46.99 10.76
C ASP A 289 12.46 47.06 11.84
N TYR A 290 12.71 45.95 12.54
CA TYR A 290 13.64 45.97 13.67
C TYR A 290 14.96 45.23 13.46
N ILE A 291 14.95 44.19 12.62
CA ILE A 291 16.19 43.50 12.29
C ILE A 291 16.73 43.75 10.89
N VAL A 292 15.96 43.42 9.85
CA VAL A 292 16.49 43.34 8.48
C VAL A 292 16.71 44.69 7.79
N HIS A 293 15.71 45.56 7.82
CA HIS A 293 15.87 46.91 7.27
C HIS A 293 17.00 47.72 7.95
N PRO A 294 16.99 47.81 9.31
CA PRO A 294 18.09 48.49 9.97
C PRO A 294 19.41 47.97 9.46
N LEU A 295 19.58 46.65 9.47
CA LEU A 295 20.80 46.04 8.96
C LEU A 295 21.14 46.48 7.51
N TRP A 296 20.24 46.19 6.57
CA TRP A 296 20.52 46.40 5.16
C TRP A 296 20.71 47.89 4.90
N GLU A 297 19.80 48.69 5.42
CA GLU A 297 19.91 50.16 5.29
C GLU A 297 21.34 50.63 5.56
N THR A 298 21.99 49.96 6.52
CA THR A 298 23.32 50.32 6.95
C THR A 298 24.38 49.85 5.96
N TRP A 299 24.34 48.56 5.60
CA TRP A 299 25.19 48.00 4.56
C TRP A 299 25.09 48.81 3.27
N ALA A 300 23.86 49.17 2.88
CA ALA A 300 23.66 49.99 1.69
C ALA A 300 24.42 51.31 1.79
N ASP A 301 24.67 51.78 3.01
CA ASP A 301 25.43 53.01 3.20
C ASP A 301 26.90 52.79 3.04
N LEU A 302 27.41 51.74 3.64
CA LEU A 302 28.80 51.35 3.40
C LEU A 302 29.09 51.30 1.89
N VAL A 303 28.24 50.61 1.12
CA VAL A 303 28.48 50.47 -0.31
C VAL A 303 27.64 51.38 -1.24
N HIS A 304 27.06 52.46 -0.69
CA HIS A 304 26.31 53.44 -1.49
C HIS A 304 26.98 53.67 -2.83
N PRO A 305 26.19 53.59 -3.93
CA PRO A 305 24.77 53.22 -3.88
C PRO A 305 24.51 51.82 -4.46
N ASP A 306 25.45 50.89 -4.29
CA ASP A 306 25.35 49.59 -4.94
C ASP A 306 24.13 48.75 -4.49
N ALA A 307 23.75 48.86 -3.22
CA ALA A 307 22.73 47.97 -2.67
C ALA A 307 21.37 48.60 -2.82
N GLN A 308 21.33 49.74 -3.49
CA GLN A 308 20.06 50.43 -3.67
C GLN A 308 18.96 49.50 -4.16
N ASP A 309 19.24 48.74 -5.20
CA ASP A 309 18.23 47.85 -5.75
C ASP A 309 17.76 46.82 -4.72
N ILE A 310 18.65 46.39 -3.84
CA ILE A 310 18.28 45.36 -2.90
C ILE A 310 17.35 45.95 -1.84
N LEU A 311 17.67 47.17 -1.42
CA LEU A 311 16.89 47.90 -0.44
C LEU A 311 15.50 48.31 -0.95
N ASP A 312 15.38 48.69 -2.22
CA ASP A 312 14.07 48.96 -2.83
C ASP A 312 13.08 47.78 -2.72
N THR A 313 13.49 46.63 -3.24
CA THR A 313 12.75 45.37 -3.21
C THR A 313 12.33 45.01 -1.76
N LEU A 314 13.30 45.13 -0.84
CA LEU A 314 13.06 44.99 0.59
C LEU A 314 11.86 45.79 1.02
N GLU A 315 11.83 47.06 0.60
CA GLU A 315 10.73 47.95 0.94
C GLU A 315 9.44 47.71 0.14
N ASP A 316 9.56 47.14 -1.05
CA ASP A 316 8.39 46.72 -1.81
C ASP A 316 7.79 45.49 -1.10
N ASN A 317 8.67 44.57 -0.68
CA ASN A 317 8.23 43.39 0.00
C ASN A 317 7.54 43.74 1.30
N ARG A 318 8.15 44.60 2.11
CA ARG A 318 7.53 44.96 3.38
C ARG A 318 6.19 45.61 3.14
N GLU A 319 6.17 46.60 2.27
CA GLU A 319 4.93 47.28 1.97
C GLU A 319 3.86 46.30 1.50
N TRP A 320 4.27 45.13 1.03
CA TRP A 320 3.31 44.12 0.58
C TRP A 320 2.75 43.32 1.74
N TYR A 321 3.64 42.87 2.63
CA TYR A 321 3.25 42.09 3.78
C TYR A 321 2.34 42.90 4.65
N GLN A 322 2.59 44.20 4.72
CA GLN A 322 1.73 45.09 5.49
C GLN A 322 0.33 45.13 4.88
N SER A 323 0.28 45.21 3.55
CA SER A 323 -0.99 45.19 2.85
C SER A 323 -1.83 43.98 3.24
N THR A 324 -1.20 42.93 3.75
CA THR A 324 -1.97 41.75 4.08
C THR A 324 -2.57 41.81 5.45
N ILE A 325 -2.37 42.88 6.20
CA ILE A 325 -2.80 42.84 7.60
C ILE A 325 -4.31 43.04 7.90
N PRO A 326 -4.83 44.27 7.84
CA PRO A 326 -6.13 44.40 8.52
C PRO A 326 -7.28 44.14 7.59
N THR B 1 41.20 6.49 64.28
CA THR B 1 42.31 6.50 63.27
C THR B 1 43.17 7.75 63.39
N GLU B 2 44.43 7.56 63.77
CA GLU B 2 45.35 8.69 63.92
C GLU B 2 45.41 9.56 62.66
N GLN B 3 45.58 8.96 61.49
CA GLN B 3 45.74 9.74 60.26
C GLN B 3 44.53 10.64 60.03
N GLU B 4 43.37 10.21 60.52
CA GLU B 4 42.17 11.04 60.46
C GLU B 4 42.25 12.29 61.36
N ASP B 5 42.73 12.10 62.58
CA ASP B 5 42.95 13.20 63.51
C ASP B 5 43.91 14.21 62.90
N VAL B 6 45.04 13.72 62.37
CA VAL B 6 46.03 14.58 61.73
C VAL B 6 45.52 15.34 60.48
N LEU B 7 44.44 14.86 59.88
CA LEU B 7 43.86 15.51 58.69
C LEU B 7 42.80 16.54 59.12
N ALA B 8 41.99 16.14 60.11
CA ALA B 8 41.01 17.04 60.74
C ALA B 8 41.68 18.32 61.26
N LYS B 9 42.88 18.17 61.83
CA LYS B 9 43.62 19.27 62.44
C LYS B 9 44.18 20.22 61.38
N GLU B 10 44.56 19.67 60.23
CA GLU B 10 45.00 20.46 59.09
C GLU B 10 43.86 21.24 58.41
N LEU B 11 42.72 20.59 58.24
CA LEU B 11 41.57 21.22 57.65
C LEU B 11 41.07 22.41 58.50
N GLU B 12 41.47 22.42 59.77
CA GLU B 12 41.23 23.56 60.68
C GLU B 12 41.67 24.89 60.06
N ASP B 13 42.57 24.86 59.10
CA ASP B 13 43.16 26.08 58.52
C ASP B 13 42.46 26.46 57.24
N VAL B 14 41.38 25.78 56.92
CA VAL B 14 40.71 26.00 55.65
C VAL B 14 40.43 27.48 55.33
N ASN B 15 40.15 28.29 56.35
CA ASN B 15 39.90 29.72 56.19
C ASN B 15 41.20 30.53 56.04
N LYS B 16 42.31 29.86 55.84
CA LYS B 16 43.57 30.58 55.85
C LYS B 16 44.33 30.49 54.55
N TRP B 17 44.94 31.60 54.18
CA TRP B 17 45.85 31.66 53.03
C TRP B 17 47.13 30.91 53.45
N GLY B 18 47.50 29.88 52.68
CA GLY B 18 48.65 29.04 53.04
C GLY B 18 48.30 27.74 53.76
N LEU B 19 47.05 27.31 53.66
CA LEU B 19 46.67 25.98 54.08
C LEU B 19 47.68 24.95 53.56
N HIS B 20 48.03 23.94 54.36
CA HIS B 20 48.97 22.92 53.88
C HIS B 20 48.32 21.95 52.91
N VAL B 21 48.05 22.43 51.69
CA VAL B 21 47.30 21.63 50.72
C VAL B 21 47.96 20.31 50.31
N PHE B 22 49.29 20.24 50.19
CA PHE B 22 49.87 18.95 49.74
C PHE B 22 49.84 17.97 50.87
N ARG B 23 49.78 18.53 52.06
CA ARG B 23 49.79 17.76 53.28
C ARG B 23 48.43 17.08 53.36
N ILE B 24 47.39 17.85 53.09
CA ILE B 24 46.02 17.37 53.12
C ILE B 24 45.79 16.35 51.99
N ALA B 25 46.42 16.55 50.84
CA ALA B 25 46.35 15.60 49.73
C ALA B 25 46.95 14.23 50.09
N GLU B 26 48.04 14.22 50.84
CA GLU B 26 48.67 12.97 51.27
C GLU B 26 47.80 12.32 52.35
N LEU B 27 47.45 13.10 53.37
CA LEU B 27 46.71 12.57 54.51
C LEU B 27 45.32 12.08 54.17
N SER B 28 44.79 12.50 53.05
CA SER B 28 43.45 12.10 52.69
C SER B 28 43.42 10.98 51.62
N GLY B 29 44.53 10.27 51.43
CA GLY B 29 44.58 9.25 50.39
C GLY B 29 44.30 9.84 49.02
N ASN B 30 44.81 11.03 48.77
CA ASN B 30 44.67 11.71 47.46
C ASN B 30 43.27 12.23 47.10
N ARG B 31 42.55 12.68 48.12
CA ARG B 31 41.23 13.19 47.91
C ARG B 31 41.19 14.63 48.35
N PRO B 32 42.25 15.44 48.05
CA PRO B 32 42.27 16.79 48.63
C PRO B 32 41.06 17.60 48.24
N LEU B 33 40.63 17.43 47.00
CA LEU B 33 39.50 18.15 46.46
C LEU B 33 38.20 17.78 47.18
N THR B 34 38.02 16.51 47.47
CA THR B 34 36.81 16.09 48.13
C THR B 34 36.69 16.66 49.55
N VAL B 35 37.74 16.53 50.37
CA VAL B 35 37.60 16.95 51.76
C VAL B 35 37.56 18.47 51.93
N ILE B 36 38.28 19.20 51.07
CA ILE B 36 38.37 20.64 51.18
C ILE B 36 37.03 21.21 50.75
N MET B 37 36.54 20.76 49.60
CA MET B 37 35.19 21.08 49.15
C MET B 37 34.13 20.73 50.23
N HIS B 38 34.21 19.51 50.75
CA HIS B 38 33.27 19.08 51.77
C HIS B 38 33.37 20.02 52.97
N THR B 39 34.59 20.28 53.42
CA THR B 39 34.77 21.15 54.57
C THR B 39 34.20 22.55 54.32
N ILE B 40 34.41 23.09 53.14
CA ILE B 40 33.98 24.45 52.85
C ILE B 40 32.46 24.53 52.82
N PHE B 41 31.84 23.54 52.21
CA PHE B 41 30.39 23.46 52.25
C PHE B 41 29.83 23.42 53.69
N GLN B 42 30.39 22.58 54.57
CA GLN B 42 30.03 22.59 56.00
C GLN B 42 30.28 23.99 56.59
N GLU B 43 31.51 24.47 56.48
CA GLU B 43 31.84 25.79 56.98
C GLU B 43 30.84 26.86 56.55
N ARG B 44 30.47 26.89 55.28
CA ARG B 44 29.54 27.91 54.78
C ARG B 44 28.07 27.51 54.86
N ASP B 45 27.81 26.35 55.44
CA ASP B 45 26.44 25.88 55.66
C ASP B 45 25.67 25.64 54.34
N LEU B 46 26.41 25.41 53.26
CA LEU B 46 25.84 25.19 51.94
C LEU B 46 25.00 23.91 51.72
N LEU B 47 25.20 22.86 52.53
CA LEU B 47 24.31 21.70 52.41
C LEU B 47 22.92 22.07 52.91
N LYS B 48 22.87 22.77 54.04
CA LYS B 48 21.57 23.09 54.64
C LYS B 48 20.83 24.05 53.71
N THR B 49 21.52 25.10 53.28
CA THR B 49 20.93 26.18 52.50
C THR B 49 20.39 25.69 51.17
N PHE B 50 21.12 24.78 50.55
CA PHE B 50 20.76 24.39 49.20
C PHE B 50 20.21 22.97 49.19
N LYS B 51 19.91 22.46 50.37
CA LYS B 51 19.34 21.12 50.54
C LYS B 51 20.10 20.02 49.80
N ILE B 52 21.41 20.14 49.77
CA ILE B 52 22.28 19.13 49.18
C ILE B 52 22.55 17.94 50.13
N PRO B 53 21.98 16.77 49.82
CA PRO B 53 22.24 15.59 50.62
C PRO B 53 23.73 15.31 50.70
N VAL B 54 24.22 15.03 51.90
CA VAL B 54 25.63 14.77 52.13
C VAL B 54 26.26 13.74 51.18
N ASP B 55 25.68 12.54 51.04
CA ASP B 55 26.32 11.52 50.23
C ASP B 55 26.23 11.82 48.72
N THR B 56 25.41 12.80 48.35
CA THR B 56 25.38 13.28 46.97
C THR B 56 26.52 14.27 46.74
N LEU B 57 26.83 15.07 47.74
CA LEU B 57 27.98 15.92 47.56
C LEU B 57 29.22 15.03 47.46
N ILE B 58 29.36 14.07 48.37
CA ILE B 58 30.54 13.21 48.41
C ILE B 58 30.73 12.46 47.08
N THR B 59 29.70 11.72 46.67
CA THR B 59 29.72 11.00 45.40
C THR B 59 30.10 11.90 44.22
N TYR B 60 29.50 13.10 44.20
CA TYR B 60 29.83 14.05 43.15
C TYR B 60 31.31 14.43 43.19
N LEU B 61 31.72 15.14 44.25
CA LEU B 61 33.13 15.43 44.48
C LEU B 61 34.08 14.30 44.08
N MET B 62 33.77 13.09 44.49
CA MET B 62 34.70 12.02 44.21
C MET B 62 34.76 11.59 42.76
N THR B 63 33.70 11.86 41.99
CA THR B 63 33.73 11.51 40.57
C THR B 63 34.47 12.61 39.81
N LEU B 64 34.23 13.84 40.25
CA LEU B 64 34.92 14.99 39.71
C LEU B 64 36.40 14.79 39.91
N GLU B 65 36.80 14.49 41.15
CA GLU B 65 38.22 14.38 41.48
C GLU B 65 38.85 13.25 40.68
N ASP B 66 38.10 12.17 40.48
CA ASP B 66 38.57 11.08 39.65
C ASP B 66 38.93 11.53 38.25
N HIS B 67 38.22 12.53 37.75
CA HIS B 67 38.40 13.05 36.39
C HIS B 67 39.56 14.07 36.26
N TYR B 68 40.19 14.44 37.37
CA TYR B 68 41.49 15.06 37.28
C TYR B 68 42.54 13.94 37.11
N HIS B 69 43.66 14.23 36.46
CA HIS B 69 44.57 13.14 36.10
C HIS B 69 45.69 13.00 37.12
N ALA B 70 45.84 11.81 37.70
CA ALA B 70 46.91 11.52 38.69
C ALA B 70 48.32 11.89 38.19
N ASP B 71 48.55 11.63 36.89
CA ASP B 71 49.87 11.79 36.28
C ASP B 71 50.18 13.16 35.61
N VAL B 72 49.28 14.15 35.64
CA VAL B 72 49.73 15.47 35.18
C VAL B 72 50.22 16.24 36.39
N ALA B 73 51.47 16.66 36.32
CA ALA B 73 52.13 17.19 37.51
C ALA B 73 51.45 18.44 38.12
N TYR B 74 51.00 19.37 37.30
CA TYR B 74 50.48 20.61 37.84
C TYR B 74 48.96 20.65 37.87
N HIS B 75 48.35 20.50 36.70
CA HIS B 75 46.91 20.67 36.57
C HIS B 75 46.11 19.46 37.06
N ASN B 76 46.19 19.20 38.36
CA ASN B 76 45.53 18.05 38.93
C ASN B 76 44.59 18.39 40.10
N ASN B 77 44.08 17.35 40.76
CA ASN B 77 43.13 17.52 41.84
C ASN B 77 43.69 18.35 42.99
N ILE B 78 45.02 18.41 43.13
CA ILE B 78 45.58 19.17 44.24
C ILE B 78 45.46 20.66 43.91
N HIS B 79 45.87 21.01 42.70
CA HIS B 79 45.67 22.33 42.18
C HIS B 79 44.18 22.68 42.27
N ALA B 80 43.33 21.73 41.93
CA ALA B 80 41.87 21.99 41.98
C ALA B 80 41.49 22.47 43.37
N ALA B 81 41.79 21.65 44.38
CA ALA B 81 41.52 21.98 45.76
C ALA B 81 42.08 23.35 46.17
N ASP B 82 43.31 23.62 45.75
CA ASP B 82 44.00 24.86 46.05
C ASP B 82 43.21 26.05 45.54
N VAL B 83 42.85 26.03 44.26
CA VAL B 83 42.08 27.12 43.69
C VAL B 83 40.73 27.25 44.44
N VAL B 84 40.13 26.13 44.85
CA VAL B 84 38.88 26.15 45.59
C VAL B 84 39.10 26.79 46.96
N GLN B 85 40.20 26.45 47.59
CA GLN B 85 40.43 26.97 48.92
C GLN B 85 40.84 28.41 48.82
N SER B 86 41.56 28.78 47.77
CA SER B 86 42.00 30.17 47.64
C SER B 86 40.80 31.07 47.36
N THR B 87 39.95 30.66 46.41
CA THR B 87 38.66 31.36 46.17
C THR B 87 37.88 31.49 47.47
N HIS B 88 37.91 30.46 48.31
CA HIS B 88 37.07 30.46 49.46
C HIS B 88 37.56 31.55 50.39
N VAL B 89 38.88 31.67 50.58
CA VAL B 89 39.39 32.74 51.45
C VAL B 89 39.01 34.06 50.86
N LEU B 90 39.22 34.23 49.56
CA LEU B 90 38.95 35.54 48.95
C LEU B 90 37.49 35.93 49.10
N LEU B 91 36.57 34.99 48.85
CA LEU B 91 35.16 35.24 49.13
C LEU B 91 34.89 35.98 50.47
N SER B 92 35.65 35.64 51.50
CA SER B 92 35.45 36.15 52.86
C SER B 92 36.12 37.47 53.15
N THR B 93 36.81 38.03 52.17
CA THR B 93 37.58 39.25 52.40
C THR B 93 36.62 40.33 52.94
N PRO B 94 37.02 41.05 53.99
CA PRO B 94 36.12 42.03 54.62
C PRO B 94 35.47 43.03 53.66
N ALA B 95 36.19 43.50 52.66
CA ALA B 95 35.60 44.48 51.74
C ALA B 95 34.48 43.91 50.87
N LEU B 96 34.21 42.62 51.03
CA LEU B 96 33.16 41.92 50.28
C LEU B 96 32.06 41.38 51.20
N GLU B 97 32.09 41.79 52.46
CA GLU B 97 31.00 41.46 53.37
C GLU B 97 29.61 41.62 52.72
N ALA B 98 28.86 40.53 52.66
CA ALA B 98 27.45 40.59 52.29
C ALA B 98 27.22 41.00 50.84
N VAL B 99 28.27 41.24 50.08
CA VAL B 99 28.07 41.56 48.69
C VAL B 99 27.46 40.44 47.83
N PHE B 100 27.90 39.18 48.02
CA PHE B 100 27.44 38.07 47.17
C PHE B 100 26.34 37.20 47.75
N THR B 101 25.37 36.84 46.93
CA THR B 101 24.34 35.90 47.36
C THR B 101 24.87 34.48 47.61
N ASP B 102 24.11 33.67 48.33
CA ASP B 102 24.44 32.28 48.52
C ASP B 102 24.68 31.56 47.17
N LEU B 103 23.84 31.86 46.18
CA LEU B 103 23.97 31.30 44.83
C LEU B 103 25.29 31.72 44.21
N GLU B 104 25.61 33.00 44.31
CA GLU B 104 26.91 33.45 43.82
C GLU B 104 28.10 32.74 44.55
N ILE B 105 28.13 32.79 45.88
CA ILE B 105 29.18 32.07 46.62
C ILE B 105 29.31 30.62 46.12
N LEU B 106 28.18 29.96 45.90
CA LEU B 106 28.16 28.57 45.45
C LEU B 106 28.72 28.45 44.06
N ALA B 107 28.27 29.31 43.15
CA ALA B 107 28.74 29.27 41.73
C ALA B 107 30.25 29.47 41.63
N ALA B 108 30.76 30.47 42.36
CA ALA B 108 32.19 30.73 42.31
C ALA B 108 32.97 29.54 42.86
N ILE B 109 32.44 28.94 43.93
CA ILE B 109 33.16 27.86 44.53
C ILE B 109 33.07 26.65 43.60
N PHE B 110 31.88 26.38 43.09
CA PHE B 110 31.69 25.23 42.22
C PHE B 110 32.61 25.38 41.02
N ALA B 111 32.59 26.57 40.43
CA ALA B 111 33.44 26.90 39.29
C ALA B 111 34.92 26.58 39.57
N SER B 112 35.44 27.02 40.69
CA SER B 112 36.82 26.70 41.00
C SER B 112 37.08 25.20 40.96
N ALA B 113 36.13 24.44 41.53
CA ALA B 113 36.27 22.97 41.68
C ALA B 113 36.45 22.27 40.35
N ILE B 114 35.68 22.67 39.35
CA ILE B 114 35.74 22.06 38.05
C ILE B 114 36.65 22.74 37.03
N HIS B 115 37.24 23.89 37.39
CA HIS B 115 37.88 24.78 36.38
C HIS B 115 38.99 24.13 35.56
N ASP B 116 39.63 23.08 36.07
CA ASP B 116 40.62 22.38 35.26
C ASP B 116 40.34 20.88 35.10
N VAL B 117 39.10 20.45 35.30
CA VAL B 117 38.85 19.03 35.33
C VAL B 117 39.15 18.40 33.98
N ASP B 118 39.81 17.25 34.02
CA ASP B 118 40.20 16.46 32.81
C ASP B 118 41.28 17.13 31.98
N HIS B 119 42.17 17.87 32.64
CA HIS B 119 43.24 18.53 31.94
C HIS B 119 44.27 17.48 31.53
N PRO B 120 44.63 17.46 30.24
CA PRO B 120 45.59 16.45 29.81
C PRO B 120 47.03 16.81 30.11
N GLY B 121 47.28 17.97 30.71
CA GLY B 121 48.65 18.47 30.90
C GLY B 121 49.33 19.03 29.64
N VAL B 122 48.56 19.61 28.73
CA VAL B 122 49.13 20.35 27.62
C VAL B 122 48.30 21.61 27.35
N SER B 123 48.94 22.67 26.85
CA SER B 123 48.30 23.96 26.64
C SER B 123 47.33 24.00 25.45
N ASN B 124 46.32 24.89 25.57
CA ASN B 124 45.52 25.30 24.42
C ASN B 124 46.37 25.40 23.15
N GLN B 125 47.45 26.17 23.24
CA GLN B 125 48.33 26.34 22.08
C GLN B 125 48.77 24.96 21.57
N PHE B 126 49.15 24.06 22.47
CA PHE B 126 49.57 22.72 22.05
C PHE B 126 48.44 22.00 21.33
N LEU B 127 47.22 22.15 21.85
CA LEU B 127 46.05 21.57 21.21
C LEU B 127 45.70 22.18 19.84
N ILE B 128 45.93 23.47 19.67
CA ILE B 128 45.66 24.04 18.35
C ILE B 128 46.72 23.59 17.37
N ASN B 129 47.98 23.65 17.82
CA ASN B 129 49.09 23.34 16.91
C ASN B 129 49.14 21.88 16.43
N THR B 130 48.71 20.93 17.27
CA THR B 130 48.70 19.53 16.88
C THR B 130 47.42 19.05 16.20
N ASN B 131 46.56 20.00 15.80
CA ASN B 131 45.30 19.64 15.13
C ASN B 131 44.52 18.61 15.91
N SER B 132 44.22 18.94 17.16
CA SER B 132 43.63 17.98 18.07
C SER B 132 42.12 17.91 17.91
N GLU B 133 41.54 16.86 18.47
CA GLU B 133 40.10 16.65 18.45
C GLU B 133 39.39 17.73 19.28
N LEU B 134 39.99 18.12 20.40
CA LEU B 134 39.45 19.21 21.25
C LEU B 134 39.46 20.57 20.55
N ALA B 135 40.53 20.86 19.83
CA ALA B 135 40.65 22.11 19.08
C ALA B 135 39.69 22.12 17.91
N LEU B 136 39.42 20.96 17.33
CA LEU B 136 38.45 20.87 16.27
C LEU B 136 37.04 21.08 16.79
N MET B 137 36.79 20.65 18.02
CA MET B 137 35.47 20.73 18.61
C MET B 137 35.10 22.16 18.96
N TYR B 138 36.11 22.91 19.40
CA TYR B 138 35.88 24.21 20.03
C TYR B 138 36.46 25.38 19.22
N ASN B 139 36.91 25.09 18.01
CA ASN B 139 37.31 26.14 17.11
C ASN B 139 38.42 27.04 17.69
N ASP B 140 39.50 26.37 18.08
CA ASP B 140 40.74 27.01 18.58
C ASP B 140 40.54 28.02 19.68
N SER B 141 39.40 27.96 20.35
CA SER B 141 39.00 29.03 21.23
C SER B 141 38.59 28.58 22.64
N SER B 142 39.29 29.06 23.67
CA SER B 142 39.08 28.58 25.02
C SER B 142 38.86 27.08 24.97
N VAL B 143 39.71 26.41 24.21
CA VAL B 143 39.58 24.99 24.01
C VAL B 143 39.36 24.16 25.29
N LEU B 144 40.34 24.15 26.19
CA LEU B 144 40.20 23.35 27.41
C LEU B 144 39.10 23.86 28.37
N GLU B 145 39.06 25.19 28.54
CA GLU B 145 38.10 25.78 29.47
C GLU B 145 36.67 25.35 29.16
N ASN B 146 36.32 25.35 27.86
CA ASN B 146 35.04 24.84 27.39
C ASN B 146 34.89 23.39 27.78
N HIS B 147 35.98 22.65 27.64
CA HIS B 147 35.96 21.23 27.96
C HIS B 147 35.89 21.01 29.47
N HIS B 148 36.65 21.77 30.25
CA HIS B 148 36.56 21.64 31.69
C HIS B 148 35.09 21.80 32.09
N LEU B 149 34.45 22.83 31.55
CA LEU B 149 33.04 23.09 31.81
C LEU B 149 32.13 21.93 31.41
N ALA B 150 32.27 21.45 30.18
CA ALA B 150 31.39 20.42 29.70
C ALA B 150 31.52 19.13 30.54
N VAL B 151 32.73 18.84 30.98
CA VAL B 151 32.92 17.66 31.80
C VAL B 151 32.26 17.84 33.16
N GLY B 152 32.59 18.97 33.81
CA GLY B 152 32.07 19.29 35.14
C GLY B 152 30.57 19.26 35.28
N PHE B 153 29.88 19.86 34.31
CA PHE B 153 28.41 19.76 34.27
C PHE B 153 27.94 18.36 33.90
N LYS B 154 28.63 17.70 32.98
CA LYS B 154 28.18 16.38 32.57
C LYS B 154 28.19 15.41 33.79
N LEU B 155 29.21 15.49 34.62
CA LEU B 155 29.29 14.54 35.74
C LEU B 155 28.11 14.67 36.73
N LEU B 156 27.47 15.84 36.77
CA LEU B 156 26.31 16.03 37.65
C LEU B 156 25.21 15.05 37.29
N GLN B 157 25.28 14.48 36.11
CA GLN B 157 24.21 13.63 35.64
C GLN B 157 24.38 12.16 36.06
N GLU B 158 25.55 11.83 36.64
CA GLU B 158 25.83 10.45 37.09
C GLU B 158 24.96 10.11 38.29
N GLU B 159 24.63 8.84 38.40
CA GLU B 159 23.80 8.39 39.49
C GLU B 159 24.23 9.12 40.74
N ASN B 160 23.26 9.77 41.38
CA ASN B 160 23.51 10.34 42.68
C ASN B 160 24.61 11.42 42.75
N CYS B 161 24.73 12.19 41.69
CA CYS B 161 25.71 13.25 41.71
C CYS B 161 25.14 14.65 41.49
N ASP B 162 23.82 14.81 41.52
CA ASP B 162 23.31 16.09 41.15
C ASP B 162 23.17 16.85 42.41
N ILE B 163 24.22 17.58 42.75
CA ILE B 163 24.23 18.37 43.97
C ILE B 163 23.33 19.62 43.87
N PHE B 164 22.88 19.94 42.66
CA PHE B 164 21.99 21.07 42.45
C PHE B 164 20.50 20.67 42.38
N GLN B 165 20.22 19.40 42.67
CA GLN B 165 18.89 18.85 42.50
C GLN B 165 17.75 19.54 43.25
N ASN B 166 18.03 20.51 44.11
CA ASN B 166 16.94 21.13 44.87
C ASN B 166 16.95 22.62 44.77
N LEU B 167 17.82 23.13 43.90
CA LEU B 167 17.74 24.48 43.41
C LEU B 167 16.47 24.64 42.56
N THR B 168 15.79 25.79 42.66
CA THR B 168 14.74 26.10 41.68
C THR B 168 15.31 26.17 40.25
N LYS B 169 14.43 26.02 39.27
CA LYS B 169 14.86 26.09 37.87
C LYS B 169 15.57 27.39 37.59
N LYS B 170 15.02 28.47 38.12
CA LYS B 170 15.64 29.77 37.94
C LYS B 170 17.08 29.76 38.52
N GLN B 171 17.24 29.16 39.67
CA GLN B 171 18.57 29.06 40.28
C GLN B 171 19.56 28.23 39.46
N ARG B 172 19.12 27.07 38.99
CA ARG B 172 19.99 26.20 38.19
C ARG B 172 20.50 26.97 36.98
N GLN B 173 19.63 27.80 36.37
CA GLN B 173 19.96 28.63 35.20
C GLN B 173 21.03 29.67 35.48
N SER B 174 20.80 30.44 36.54
CA SER B 174 21.75 31.40 37.05
C SER B 174 23.08 30.75 37.35
N LEU B 175 23.04 29.72 38.17
CA LEU B 175 24.24 29.12 38.63
C LEU B 175 25.00 28.66 37.42
N ARG B 176 24.28 28.08 36.45
CA ARG B 176 24.94 27.54 35.26
C ARG B 176 25.57 28.64 34.40
N LYS B 177 24.93 29.80 34.33
CA LYS B 177 25.49 30.92 33.60
C LYS B 177 26.79 31.42 34.25
N MET B 178 26.70 31.64 35.56
CA MET B 178 27.79 32.18 36.35
C MET B 178 28.97 31.22 36.27
N VAL B 179 28.70 29.95 36.45
CA VAL B 179 29.81 29.01 36.37
C VAL B 179 30.52 29.07 35.00
N ILE B 180 29.76 29.18 33.92
CA ILE B 180 30.35 29.25 32.60
C ILE B 180 31.15 30.53 32.38
N ASP B 181 30.58 31.68 32.71
CA ASP B 181 31.31 32.96 32.58
C ASP B 181 32.58 33.03 33.43
N ILE B 182 32.61 32.28 34.54
CA ILE B 182 33.77 32.26 35.41
C ILE B 182 34.88 31.38 34.85
N VAL B 183 34.53 30.16 34.48
CA VAL B 183 35.52 29.24 34.00
C VAL B 183 36.16 29.74 32.70
N LEU B 184 35.34 30.20 31.75
CA LEU B 184 35.86 30.74 30.51
C LEU B 184 36.78 31.95 30.73
N ALA B 185 36.66 32.59 31.89
CA ALA B 185 37.51 33.74 32.21
C ALA B 185 38.88 33.35 32.67
N THR B 186 39.08 32.08 33.00
CA THR B 186 40.41 31.57 33.37
C THR B 186 41.34 31.32 32.17
N ASP B 187 40.80 31.15 30.96
CA ASP B 187 41.63 31.04 29.76
C ASP B 187 42.64 32.18 29.80
N MET B 188 43.93 31.83 29.93
CA MET B 188 45.03 32.82 30.09
C MET B 188 45.08 33.92 29.04
N SER B 189 44.64 33.61 27.83
CA SER B 189 44.73 34.56 26.75
C SER B 189 43.65 35.67 26.85
N LYS B 190 42.84 35.58 27.90
CA LYS B 190 41.86 36.61 28.21
C LYS B 190 42.36 37.55 29.32
N HIS B 191 43.54 37.25 29.87
CA HIS B 191 44.05 37.91 31.06
C HIS B 191 44.21 39.42 30.91
N MET B 192 44.78 39.87 29.80
CA MET B 192 44.93 41.31 29.56
C MET B 192 43.58 42.00 29.59
N ASN B 193 42.58 41.33 29.04
CA ASN B 193 41.24 41.89 28.95
C ASN B 193 40.50 41.83 30.27
N LEU B 194 40.68 40.75 31.00
CA LEU B 194 40.09 40.64 32.30
C LEU B 194 40.72 41.67 33.21
N LEU B 195 42.01 41.94 32.99
CA LEU B 195 42.71 42.86 33.88
C LEU B 195 42.24 44.27 33.64
N ALA B 196 42.27 44.69 32.38
CA ALA B 196 41.76 46.00 31.98
C ALA B 196 40.37 46.25 32.54
N ASP B 197 39.50 45.25 32.47
CA ASP B 197 38.13 45.45 32.93
C ASP B 197 38.04 45.49 34.46
N LEU B 198 39.02 44.91 35.12
CA LEU B 198 39.15 45.00 36.59
C LEU B 198 39.68 46.36 37.07
N LYS B 199 40.73 46.86 36.42
CA LYS B 199 41.26 48.17 36.78
C LYS B 199 40.19 49.23 36.66
N THR B 200 39.25 49.03 35.74
CA THR B 200 38.21 50.03 35.46
C THR B 200 37.24 49.97 36.61
N MET B 201 37.00 48.76 37.08
CA MET B 201 36.16 48.60 38.25
C MET B 201 36.81 49.31 39.41
N VAL B 202 38.14 49.30 39.45
CA VAL B 202 38.83 49.99 40.54
C VAL B 202 38.66 51.49 40.48
N GLU B 203 38.53 52.04 39.28
CA GLU B 203 38.52 53.48 39.16
C GLU B 203 37.09 53.99 39.19
N THR B 204 36.14 53.07 39.10
CA THR B 204 34.73 53.43 39.17
C THR B 204 34.11 52.80 40.43
N LYS B 205 34.92 52.05 41.16
CA LYS B 205 34.60 51.61 42.53
C LYS B 205 33.65 52.58 43.27
N LYS B 206 32.59 52.04 43.89
CA LYS B 206 31.77 52.79 44.86
C LYS B 206 31.65 51.94 46.12
N VAL B 207 31.82 52.58 47.28
CA VAL B 207 31.91 51.87 48.58
C VAL B 207 30.92 52.44 49.58
N THR B 208 30.65 51.69 50.66
CA THR B 208 29.82 52.23 51.74
C THR B 208 30.64 52.92 52.86
N SER B 209 29.94 53.48 53.83
CA SER B 209 30.58 54.11 54.98
C SER B 209 31.29 53.06 55.85
N SER B 210 30.71 51.85 55.86
CA SER B 210 31.33 50.69 56.48
C SER B 210 32.57 50.24 55.68
N GLY B 211 32.69 50.74 54.46
CA GLY B 211 33.89 50.46 53.62
C GLY B 211 33.76 49.30 52.66
N VAL B 212 32.52 48.95 52.32
CA VAL B 212 32.25 47.74 51.51
C VAL B 212 31.90 48.08 50.07
N LEU B 213 32.37 47.24 49.13
CA LEU B 213 31.99 47.38 47.73
C LEU B 213 30.48 47.39 47.49
N LEU B 214 30.00 48.38 46.74
CA LEU B 214 28.64 48.35 46.22
C LEU B 214 28.69 47.88 44.76
N LEU B 215 28.23 46.66 44.49
CA LEU B 215 28.20 46.15 43.13
C LEU B 215 26.75 45.90 42.69
N ASP B 216 26.22 46.80 41.86
CA ASP B 216 24.77 46.94 41.69
C ASP B 216 24.14 46.15 40.54
N ASN B 217 24.94 45.50 39.71
CA ASN B 217 24.34 44.69 38.64
C ASN B 217 25.13 43.42 38.31
N TYR B 218 24.44 42.46 37.70
CA TYR B 218 25.03 41.16 37.37
C TYR B 218 26.36 41.33 36.67
N SER B 219 26.37 42.21 35.67
CA SER B 219 27.54 42.49 34.87
C SER B 219 28.75 42.81 35.75
N ASP B 220 28.57 43.69 36.73
CA ASP B 220 29.69 44.03 37.58
C ASP B 220 30.14 42.85 38.44
N ARG B 221 29.17 42.17 39.06
CA ARG B 221 29.43 41.13 40.04
C ARG B 221 30.12 39.93 39.41
N ILE B 222 29.65 39.55 38.22
CA ILE B 222 30.25 38.44 37.51
C ILE B 222 31.71 38.77 37.26
N GLN B 223 31.93 39.99 36.83
CA GLN B 223 33.26 40.47 36.58
C GLN B 223 34.14 40.25 37.82
N VAL B 224 33.68 40.71 38.98
CA VAL B 224 34.43 40.54 40.22
C VAL B 224 34.70 39.07 40.48
N LEU B 225 33.68 38.23 40.39
CA LEU B 225 33.92 36.81 40.61
C LEU B 225 34.88 36.25 39.57
N GLN B 226 34.77 36.75 38.34
CA GLN B 226 35.66 36.28 37.29
C GLN B 226 37.06 36.57 37.70
N ASN B 227 37.29 37.79 38.17
CA ASN B 227 38.66 38.15 38.54
C ASN B 227 39.06 37.44 39.80
N MET B 228 38.09 37.13 40.66
CA MET B 228 38.40 36.41 41.89
C MET B 228 38.93 34.99 41.68
N VAL B 229 38.32 34.28 40.74
CA VAL B 229 38.74 32.94 40.45
C VAL B 229 40.01 32.97 39.61
N HIS B 230 40.10 33.91 38.69
CA HIS B 230 41.36 34.11 37.96
C HIS B 230 42.54 34.34 38.92
N CYS B 231 42.34 35.20 39.93
CA CYS B 231 43.37 35.44 40.96
C CYS B 231 43.68 34.17 41.76
N ALA B 232 42.65 33.36 42.00
CA ALA B 232 42.84 32.15 42.77
C ALA B 232 43.73 31.28 41.93
N ASP B 233 43.43 31.28 40.65
CA ASP B 233 44.16 30.43 39.73
C ASP B 233 45.63 30.77 39.71
N LEU B 234 45.89 32.08 39.65
CA LEU B 234 47.25 32.57 39.58
C LEU B 234 47.69 32.99 40.97
N SER B 235 47.35 32.18 41.98
CA SER B 235 47.61 32.54 43.36
C SER B 235 48.89 31.98 43.99
N ASN B 236 49.49 30.96 43.37
CA ASN B 236 50.60 30.32 44.07
C ASN B 236 51.90 31.12 44.29
N PRO B 237 52.23 32.04 43.37
CA PRO B 237 53.33 32.95 43.71
C PRO B 237 53.09 33.84 44.94
N THR B 238 51.87 33.84 45.47
CA THR B 238 51.55 34.67 46.63
C THR B 238 51.45 33.85 47.91
N LYS B 239 51.78 32.57 47.81
CA LYS B 239 51.65 31.66 48.92
C LYS B 239 52.99 31.54 49.61
N PRO B 240 53.02 31.10 50.88
CA PRO B 240 54.33 30.89 51.50
C PRO B 240 55.29 30.13 50.60
N LEU B 241 56.54 30.57 50.59
CA LEU B 241 57.58 30.04 49.71
C LEU B 241 57.60 28.52 49.54
N GLN B 242 57.37 27.78 50.60
CA GLN B 242 57.59 26.34 50.53
C GLN B 242 56.53 25.69 49.67
N LEU B 243 55.36 26.33 49.61
CA LEU B 243 54.23 25.83 48.82
C LEU B 243 54.41 26.28 47.37
N TYR B 244 54.78 27.55 47.20
CA TYR B 244 55.11 28.13 45.90
C TYR B 244 56.22 27.36 45.16
N ARG B 245 57.31 27.05 45.85
CA ARG B 245 58.40 26.25 45.29
C ARG B 245 57.91 24.86 44.80
N GLN B 246 56.91 24.32 45.50
CA GLN B 246 56.33 23.05 45.12
C GLN B 246 55.49 23.24 43.86
N TRP B 247 54.73 24.34 43.78
CA TRP B 247 53.97 24.60 42.54
C TRP B 247 54.87 24.77 41.30
N THR B 248 55.82 25.68 41.38
CA THR B 248 56.82 25.84 40.34
C THR B 248 57.42 24.52 39.91
N ASP B 249 57.97 23.76 40.88
CA ASP B 249 58.52 22.42 40.59
C ASP B 249 57.56 21.66 39.69
N ARG B 250 56.28 21.74 40.04
CA ARG B 250 55.23 21.02 39.33
C ARG B 250 54.89 21.59 37.97
N ILE B 251 54.71 22.90 37.87
CA ILE B 251 54.40 23.38 36.54
C ILE B 251 55.56 23.16 35.57
N MET B 252 56.79 23.14 36.07
CA MET B 252 57.95 22.89 35.21
C MET B 252 57.98 21.47 34.68
N GLU B 253 57.67 20.50 35.55
CA GLU B 253 57.58 19.12 35.12
C GLU B 253 56.57 18.92 34.00
N GLU B 254 55.39 19.49 34.18
CA GLU B 254 54.30 19.34 33.22
C GLU B 254 54.70 19.99 31.90
N PHE B 255 55.27 21.18 31.99
CA PHE B 255 55.75 21.86 30.80
C PHE B 255 56.78 21.01 30.07
N PHE B 256 57.78 20.52 30.81
CA PHE B 256 58.84 19.72 30.25
C PHE B 256 58.31 18.45 29.57
N ARG B 257 57.19 17.92 30.05
CA ARG B 257 56.56 16.80 29.36
C ARG B 257 55.95 17.27 28.04
N GLN B 258 55.28 18.41 28.05
CA GLN B 258 54.80 18.93 26.80
C GLN B 258 55.98 19.04 25.84
N GLY B 259 57.10 19.57 26.35
CA GLY B 259 58.32 19.72 25.54
C GLY B 259 58.70 18.43 24.87
N ASP B 260 58.62 17.34 25.63
CA ASP B 260 58.96 16.02 25.13
C ASP B 260 58.00 15.58 24.05
N ARG B 261 56.71 15.55 24.38
CA ARG B 261 55.74 15.15 23.40
C ARG B 261 56.03 15.95 22.13
N GLU B 262 56.35 17.23 22.32
CA GLU B 262 56.59 18.15 21.21
C GLU B 262 57.77 17.74 20.35
N ARG B 263 58.88 17.41 21.01
CA ARG B 263 60.16 17.10 20.35
C ARG B 263 60.01 15.89 19.46
N GLU B 264 59.34 14.89 20.01
CA GLU B 264 59.08 13.63 19.31
C GLU B 264 58.21 13.81 18.09
N ARG B 265 57.51 14.94 18.04
CA ARG B 265 56.68 15.28 16.89
C ARG B 265 57.49 16.07 15.85
N GLY B 266 58.70 16.46 16.25
CA GLY B 266 59.59 17.23 15.38
C GLY B 266 59.10 18.65 15.30
N MET B 267 58.37 19.05 16.35
CA MET B 267 57.82 20.41 16.46
C MET B 267 58.77 21.42 17.09
N GLU B 268 58.49 22.69 16.83
CA GLU B 268 59.15 23.85 17.43
C GLU B 268 58.83 23.90 18.93
N ILE B 269 59.85 23.72 19.77
CA ILE B 269 59.64 23.63 21.23
C ILE B 269 59.14 24.93 21.86
N SER B 270 57.99 24.83 22.52
CA SER B 270 57.40 26.01 23.13
C SER B 270 58.39 26.68 24.10
N PRO B 271 58.16 27.97 24.36
CA PRO B 271 59.00 28.66 25.33
C PRO B 271 58.64 28.10 26.69
N MET B 272 59.62 27.69 27.49
CA MET B 272 59.32 27.18 28.83
C MET B 272 59.16 25.67 28.88
N CYS B 273 59.19 25.02 27.73
CA CYS B 273 59.00 23.57 27.70
C CYS B 273 60.27 22.80 27.46
N ASP B 274 61.35 23.52 27.19
CA ASP B 274 62.61 22.86 26.93
C ASP B 274 63.30 22.51 28.27
N LYS B 275 63.49 21.22 28.52
CA LYS B 275 64.18 20.84 29.74
C LYS B 275 65.69 21.04 29.58
N HIS B 276 66.14 21.32 28.36
CA HIS B 276 67.54 21.58 28.15
C HIS B 276 67.90 23.06 28.21
N ASN B 277 66.93 23.92 27.90
CA ASN B 277 67.09 25.36 28.07
C ASN B 277 65.82 25.92 28.64
N ALA B 278 65.75 25.95 29.96
CA ALA B 278 64.60 26.53 30.62
C ALA B 278 65.12 27.28 31.81
N SER B 279 64.93 28.59 31.80
CA SER B 279 65.42 29.41 32.87
C SER B 279 64.28 29.55 33.88
N VAL B 280 64.24 28.67 34.86
CA VAL B 280 63.05 28.58 35.75
C VAL B 280 62.85 29.84 36.61
N GLU B 281 63.93 30.33 37.20
CA GLU B 281 63.88 31.49 38.08
C GLU B 281 63.54 32.75 37.34
N LYS B 282 64.24 33.00 36.24
CA LYS B 282 63.93 34.17 35.44
C LYS B 282 62.46 34.14 35.05
N SER B 283 61.97 32.97 34.68
CA SER B 283 60.60 32.81 34.27
C SER B 283 59.60 33.18 35.36
N GLN B 284 59.81 32.68 36.57
CA GLN B 284 58.97 33.10 37.69
C GLN B 284 59.02 34.62 38.00
N VAL B 285 60.20 35.23 38.00
CA VAL B 285 60.32 36.67 38.18
C VAL B 285 59.56 37.39 37.05
N GLY B 286 59.61 36.84 35.85
CA GLY B 286 58.93 37.45 34.71
C GLY B 286 57.42 37.26 34.80
N PHE B 287 57.01 36.08 35.23
CA PHE B 287 55.62 35.80 35.45
C PHE B 287 55.04 36.80 36.48
N ILE B 288 55.77 37.09 37.55
CA ILE B 288 55.19 37.92 38.58
C ILE B 288 55.15 39.38 38.14
N ASP B 289 56.26 39.85 37.57
CA ASP B 289 56.36 41.23 37.11
C ASP B 289 55.32 41.57 36.02
N TYR B 290 54.92 40.60 35.20
CA TYR B 290 54.04 40.94 34.07
C TYR B 290 52.60 40.48 34.21
N ILE B 291 52.38 39.43 34.96
CA ILE B 291 51.05 38.86 35.06
C ILE B 291 50.50 38.92 36.47
N VAL B 292 51.25 38.33 37.42
CA VAL B 292 50.68 38.09 38.73
C VAL B 292 50.57 39.35 39.55
N HIS B 293 51.66 40.11 39.61
CA HIS B 293 51.69 41.29 40.46
C HIS B 293 50.77 42.41 39.97
N PRO B 294 50.72 42.66 38.64
CA PRO B 294 49.72 43.57 38.12
C PRO B 294 48.31 43.07 38.38
N LEU B 295 48.11 41.76 38.34
CA LEU B 295 46.79 41.24 38.67
C LEU B 295 46.48 41.43 40.15
N TRP B 296 47.42 41.03 41.01
CA TRP B 296 47.14 41.13 42.44
C TRP B 296 47.11 42.55 43.01
N GLU B 297 47.95 43.43 42.48
CA GLU B 297 48.03 44.77 42.99
C GLU B 297 46.69 45.46 42.74
N THR B 298 46.10 45.17 41.59
CA THR B 298 44.78 45.68 41.20
C THR B 298 43.65 45.09 42.07
N TRP B 299 43.56 43.78 42.12
CA TRP B 299 42.69 43.19 43.11
C TRP B 299 42.83 43.90 44.48
N ALA B 300 44.07 44.15 44.90
CA ALA B 300 44.36 44.74 46.22
C ALA B 300 43.75 46.11 46.38
N ASP B 301 43.84 46.91 45.32
CA ASP B 301 43.16 48.18 45.23
C ASP B 301 41.65 48.03 45.33
N LEU B 302 41.12 46.94 44.83
CA LEU B 302 39.68 46.77 44.84
C LEU B 302 39.17 46.53 46.27
N VAL B 303 39.90 45.73 47.04
CA VAL B 303 39.50 45.36 48.39
C VAL B 303 40.34 46.09 49.45
N HIS B 304 40.88 47.23 49.12
CA HIS B 304 41.87 47.87 50.00
C HIS B 304 41.41 48.06 51.46
N PRO B 305 42.25 47.62 52.45
CA PRO B 305 43.59 47.06 52.44
C PRO B 305 43.70 45.58 52.75
N ASP B 306 42.64 44.83 52.45
CA ASP B 306 42.51 43.42 52.85
C ASP B 306 43.59 42.48 52.37
N ALA B 307 44.05 42.66 51.14
CA ALA B 307 44.99 41.74 50.53
C ALA B 307 46.46 42.15 50.72
N GLN B 308 46.72 43.10 51.62
CA GLN B 308 48.06 43.62 51.79
C GLN B 308 49.16 42.58 52.12
N ASP B 309 48.85 41.61 53.00
CA ASP B 309 49.81 40.56 53.38
C ASP B 309 50.03 39.58 52.27
N ILE B 310 48.98 39.33 51.50
CA ILE B 310 49.09 38.56 50.26
C ILE B 310 50.03 39.23 49.25
N LEU B 311 49.89 40.54 49.09
CA LEU B 311 50.71 41.31 48.15
C LEU B 311 52.16 41.40 48.65
N ASP B 312 52.31 41.74 49.94
CA ASP B 312 53.60 41.73 50.66
C ASP B 312 54.38 40.41 50.42
N THR B 313 53.67 39.28 50.52
CA THR B 313 54.29 37.96 50.32
C THR B 313 54.71 37.74 48.88
N LEU B 314 53.88 38.22 47.96
CA LEU B 314 54.15 38.08 46.56
C LEU B 314 55.41 38.84 46.22
N GLU B 315 55.60 39.97 46.87
CA GLU B 315 56.80 40.77 46.66
C GLU B 315 58.06 40.15 47.21
N ASP B 316 57.96 39.57 48.41
CA ASP B 316 59.10 38.85 48.97
C ASP B 316 59.49 37.63 48.13
N ASN B 317 58.47 36.96 47.60
CA ASN B 317 58.71 35.80 46.76
C ASN B 317 59.40 36.21 45.47
N ARG B 318 58.85 37.19 44.77
CA ARG B 318 59.47 37.71 43.59
C ARG B 318 60.92 38.00 43.88
N GLU B 319 61.18 38.66 45.00
CA GLU B 319 62.52 39.03 45.43
C GLU B 319 63.44 37.83 45.65
N TRP B 320 62.91 36.85 46.35
CA TRP B 320 63.67 35.68 46.64
C TRP B 320 64.10 35.03 45.32
N TYR B 321 63.14 34.78 44.44
CA TYR B 321 63.46 34.21 43.13
C TYR B 321 64.45 35.07 42.36
N GLN B 322 64.21 36.37 42.35
CA GLN B 322 65.15 37.31 41.79
C GLN B 322 66.57 37.03 42.31
N SER B 323 66.76 36.89 43.61
CA SER B 323 68.10 36.69 44.19
C SER B 323 68.81 35.40 43.77
N THR B 324 68.07 34.38 43.40
CA THR B 324 68.71 33.13 43.07
C THR B 324 69.37 33.15 41.69
N ILE B 325 68.85 33.96 40.77
CA ILE B 325 69.42 34.04 39.41
C ILE B 325 70.95 34.26 39.48
N PRO B 326 71.73 33.25 39.03
CA PRO B 326 73.19 33.16 39.31
C PRO B 326 73.86 34.51 39.50
N GLU C 2 -17.27 -4.05 6.44
CA GLU C 2 -17.09 -5.36 7.13
C GLU C 2 -18.43 -6.10 7.26
N GLN C 3 -19.45 -5.37 7.69
CA GLN C 3 -20.82 -5.84 7.65
C GLN C 3 -21.14 -6.41 6.27
N GLU C 4 -20.43 -5.94 5.25
CA GLU C 4 -20.60 -6.48 3.90
C GLU C 4 -20.01 -7.88 3.76
N ASP C 5 -18.90 -8.13 4.45
CA ASP C 5 -18.27 -9.45 4.48
C ASP C 5 -19.24 -10.46 5.05
N VAL C 6 -19.87 -10.09 6.15
CA VAL C 6 -20.76 -11.00 6.84
C VAL C 6 -21.97 -11.29 5.97
N LEU C 7 -22.29 -10.33 5.09
CA LEU C 7 -23.37 -10.53 4.13
C LEU C 7 -22.97 -11.43 2.95
N ALA C 8 -21.83 -11.19 2.32
CA ALA C 8 -21.32 -12.12 1.32
C ALA C 8 -21.30 -13.56 1.87
N LYS C 9 -21.04 -13.69 3.17
CA LYS C 9 -21.02 -15.01 3.82
C LYS C 9 -22.38 -15.69 3.97
N GLU C 10 -23.41 -15.04 4.52
CA GLU C 10 -24.68 -15.77 4.63
C GLU C 10 -25.13 -16.16 3.24
N LEU C 11 -24.84 -15.30 2.26
CA LEU C 11 -25.22 -15.54 0.86
C LEU C 11 -24.53 -16.72 0.18
N GLU C 12 -23.53 -17.30 0.84
CA GLU C 12 -22.91 -18.50 0.27
C GLU C 12 -23.88 -19.66 0.41
N ASP C 13 -24.83 -19.56 1.34
CA ASP C 13 -25.83 -20.59 1.51
C ASP C 13 -27.04 -20.37 0.61
N VAL C 14 -26.88 -19.60 -0.47
CA VAL C 14 -28.02 -19.25 -1.33
C VAL C 14 -28.68 -20.44 -2.01
N ASN C 15 -27.87 -21.44 -2.37
CA ASN C 15 -28.35 -22.71 -2.95
C ASN C 15 -28.84 -23.74 -1.90
N LYS C 16 -28.77 -23.41 -0.62
CA LYS C 16 -29.20 -24.34 0.42
C LYS C 16 -30.60 -24.05 0.94
N TRP C 17 -31.40 -25.09 1.16
CA TRP C 17 -32.63 -24.96 1.94
C TRP C 17 -32.29 -24.62 3.41
N GLY C 18 -32.84 -23.53 3.94
CA GLY C 18 -32.54 -23.17 5.33
C GLY C 18 -31.71 -21.90 5.46
N LEU C 19 -31.58 -21.17 4.36
CA LEU C 19 -30.91 -19.88 4.33
C LEU C 19 -31.38 -18.98 5.49
N HIS C 20 -30.44 -18.33 6.18
CA HIS C 20 -30.76 -17.40 7.26
C HIS C 20 -31.25 -16.10 6.65
N VAL C 21 -32.42 -16.19 6.00
CA VAL C 21 -33.04 -15.08 5.28
C VAL C 21 -33.25 -13.90 6.18
N PHE C 22 -33.46 -14.15 7.49
CA PHE C 22 -33.73 -13.07 8.43
C PHE C 22 -32.45 -12.36 8.74
N ARG C 23 -31.33 -13.09 8.70
CA ARG C 23 -30.06 -12.46 8.99
C ARG C 23 -29.66 -11.57 7.84
N ILE C 24 -29.95 -12.05 6.64
CA ILE C 24 -29.63 -11.33 5.42
C ILE C 24 -30.39 -10.01 5.34
N ALA C 25 -31.70 -10.06 5.66
CA ALA C 25 -32.54 -8.87 5.74
C ALA C 25 -31.88 -7.76 6.57
N GLU C 26 -31.49 -8.09 7.80
CA GLU C 26 -30.75 -7.17 8.62
C GLU C 26 -29.42 -6.70 7.97
N LEU C 27 -28.56 -7.67 7.64
CA LEU C 27 -27.18 -7.41 7.25
C LEU C 27 -27.16 -6.56 5.98
N SER C 28 -28.27 -6.56 5.25
CA SER C 28 -28.31 -5.91 3.97
C SER C 28 -29.04 -4.60 4.07
N GLY C 29 -29.39 -4.23 5.31
CA GLY C 29 -30.13 -3.00 5.59
C GLY C 29 -31.54 -3.08 5.08
N ASN C 30 -32.20 -4.22 5.30
CA ASN C 30 -33.57 -4.50 4.82
C ASN C 30 -33.72 -4.59 3.28
N ARG C 31 -32.69 -5.14 2.64
CA ARG C 31 -32.72 -5.38 1.19
C ARG C 31 -32.66 -6.86 0.86
N PRO C 32 -33.45 -7.71 1.56
CA PRO C 32 -33.26 -9.11 1.33
C PRO C 32 -33.67 -9.53 -0.06
N LEU C 33 -34.80 -9.01 -0.53
CA LEU C 33 -35.31 -9.36 -1.86
C LEU C 33 -34.23 -9.05 -2.89
N THR C 34 -33.69 -7.84 -2.77
CA THR C 34 -32.76 -7.27 -3.76
C THR C 34 -31.48 -8.06 -3.85
N VAL C 35 -30.84 -8.36 -2.73
CA VAL C 35 -29.59 -9.10 -2.79
C VAL C 35 -29.75 -10.61 -3.01
N ILE C 36 -30.86 -11.18 -2.58
CA ILE C 36 -31.06 -12.60 -2.81
C ILE C 36 -31.43 -12.80 -4.28
N MET C 37 -32.23 -11.89 -4.86
CA MET C 37 -32.51 -11.92 -6.31
C MET C 37 -31.23 -11.66 -7.11
N HIS C 38 -30.48 -10.63 -6.70
CA HIS C 38 -29.23 -10.30 -7.34
C HIS C 38 -28.27 -11.48 -7.28
N THR C 39 -28.18 -12.18 -6.13
CA THR C 39 -27.24 -13.28 -6.02
C THR C 39 -27.63 -14.49 -6.87
N ILE C 40 -28.94 -14.68 -6.99
CA ILE C 40 -29.54 -15.82 -7.73
C ILE C 40 -29.35 -15.60 -9.23
N PHE C 41 -29.56 -14.37 -9.67
CA PHE C 41 -29.36 -14.03 -11.07
C PHE C 41 -27.91 -14.19 -11.49
N GLN C 42 -26.99 -13.72 -10.63
CA GLN C 42 -25.55 -13.99 -10.81
C GLN C 42 -25.30 -15.49 -10.91
N GLU C 43 -25.68 -16.19 -9.85
CA GLU C 43 -25.46 -17.61 -9.76
C GLU C 43 -25.96 -18.38 -10.99
N ARG C 44 -27.15 -18.06 -11.47
CA ARG C 44 -27.71 -18.82 -12.60
C ARG C 44 -27.28 -18.29 -13.94
N ASP C 45 -26.68 -17.11 -13.93
CA ASP C 45 -26.13 -16.54 -15.14
C ASP C 45 -27.23 -15.91 -16.01
N LEU C 46 -28.30 -15.47 -15.35
CA LEU C 46 -29.42 -14.79 -16.03
C LEU C 46 -29.16 -13.37 -16.59
N LEU C 47 -28.33 -12.56 -15.95
CA LEU C 47 -27.95 -11.27 -16.55
C LEU C 47 -27.29 -11.49 -17.90
N LYS C 48 -26.30 -12.37 -17.96
CA LYS C 48 -25.60 -12.59 -19.22
C LYS C 48 -26.51 -13.23 -20.28
N THR C 49 -27.37 -14.14 -19.86
CA THR C 49 -28.23 -14.90 -20.76
C THR C 49 -29.39 -14.08 -21.27
N PHE C 50 -29.93 -13.16 -20.50
CA PHE C 50 -31.00 -12.36 -21.07
C PHE C 50 -30.59 -10.93 -21.31
N LYS C 51 -29.27 -10.73 -21.32
CA LYS C 51 -28.66 -9.42 -21.57
C LYS C 51 -29.30 -8.33 -20.74
N ILE C 52 -29.51 -8.62 -19.45
CA ILE C 52 -30.02 -7.65 -18.45
C ILE C 52 -28.88 -6.81 -17.87
N PRO C 53 -28.93 -5.49 -18.05
CA PRO C 53 -27.88 -4.66 -17.49
C PRO C 53 -27.94 -4.66 -15.96
N VAL C 54 -26.78 -4.63 -15.32
CA VAL C 54 -26.70 -4.82 -13.87
C VAL C 54 -27.43 -3.66 -13.17
N ASP C 55 -27.16 -2.43 -13.60
CA ASP C 55 -27.96 -1.28 -13.18
C ASP C 55 -29.47 -1.55 -13.23
N THR C 56 -29.94 -2.05 -14.37
CA THR C 56 -31.36 -2.20 -14.57
C THR C 56 -31.90 -3.16 -13.54
N LEU C 57 -31.12 -4.19 -13.24
CA LEU C 57 -31.55 -5.20 -12.29
C LEU C 57 -31.67 -4.66 -10.88
N ILE C 58 -30.67 -3.90 -10.42
CA ILE C 58 -30.70 -3.34 -9.07
C ILE C 58 -31.84 -2.31 -8.93
N THR C 59 -31.97 -1.44 -9.93
CA THR C 59 -33.00 -0.42 -9.87
C THR C 59 -34.39 -1.00 -9.84
N TYR C 60 -34.61 -2.07 -10.59
CA TYR C 60 -35.92 -2.69 -10.57
C TYR C 60 -36.18 -3.33 -9.23
N LEU C 61 -35.35 -4.29 -8.88
CA LEU C 61 -35.48 -5.00 -7.59
C LEU C 61 -35.74 -4.09 -6.41
N MET C 62 -35.07 -2.95 -6.38
CA MET C 62 -35.21 -2.04 -5.26
C MET C 62 -36.56 -1.33 -5.26
N THR C 63 -37.06 -1.07 -6.45
CA THR C 63 -38.34 -0.44 -6.61
C THR C 63 -39.38 -1.47 -6.22
N LEU C 64 -39.17 -2.70 -6.69
CA LEU C 64 -40.05 -3.78 -6.31
C LEU C 64 -40.08 -3.85 -4.78
N GLU C 65 -38.91 -3.95 -4.15
CA GLU C 65 -38.83 -4.02 -2.70
C GLU C 65 -39.45 -2.82 -2.03
N ASP C 66 -39.29 -1.66 -2.64
CA ASP C 66 -39.92 -0.46 -2.09
C ASP C 66 -41.44 -0.66 -1.96
N HIS C 67 -41.99 -1.53 -2.79
CA HIS C 67 -43.43 -1.70 -2.84
C HIS C 67 -43.97 -2.85 -2.02
N TYR C 68 -43.07 -3.58 -1.36
CA TYR C 68 -43.48 -4.41 -0.26
C TYR C 68 -43.59 -3.51 0.98
N HIS C 69 -44.60 -3.73 1.82
CA HIS C 69 -44.91 -2.78 2.90
C HIS C 69 -44.00 -2.98 4.10
N ALA C 70 -43.33 -1.92 4.52
CA ALA C 70 -42.47 -1.95 5.70
C ALA C 70 -43.18 -2.53 6.94
N ASP C 71 -44.39 -2.03 7.20
CA ASP C 71 -45.19 -2.36 8.35
C ASP C 71 -45.84 -3.76 8.41
N VAL C 72 -46.18 -4.39 7.28
CA VAL C 72 -46.94 -5.66 7.36
C VAL C 72 -46.06 -6.80 7.82
N ALA C 73 -46.58 -7.60 8.75
CA ALA C 73 -45.79 -8.50 9.60
C ALA C 73 -45.17 -9.68 8.88
N TYR C 74 -45.91 -10.26 7.94
CA TYR C 74 -45.46 -11.46 7.26
C TYR C 74 -45.38 -11.23 5.74
N HIS C 75 -46.44 -10.70 5.14
CA HIS C 75 -46.44 -10.53 3.71
C HIS C 75 -45.61 -9.34 3.28
N ASN C 76 -44.31 -9.42 3.56
CA ASN C 76 -43.40 -8.33 3.23
C ASN C 76 -42.20 -8.80 2.40
N ASN C 77 -41.21 -7.92 2.21
CA ASN C 77 -40.09 -8.20 1.32
C ASN C 77 -39.29 -9.43 1.77
N ILE C 78 -39.15 -9.60 3.11
CA ILE C 78 -38.49 -10.81 3.60
C ILE C 78 -39.23 -12.03 3.09
N HIS C 79 -40.55 -12.08 3.26
CA HIS C 79 -41.30 -13.24 2.82
C HIS C 79 -41.08 -13.47 1.32
N ALA C 80 -41.03 -12.38 0.56
CA ALA C 80 -40.77 -12.47 -0.88
C ALA C 80 -39.39 -13.07 -1.15
N ALA C 81 -38.34 -12.50 -0.55
CA ALA C 81 -36.99 -13.02 -0.76
C ALA C 81 -36.93 -14.52 -0.48
N ASP C 82 -37.64 -14.94 0.55
CA ASP C 82 -37.73 -16.34 0.95
C ASP C 82 -38.38 -17.28 -0.09
N VAL C 83 -39.50 -16.86 -0.66
CA VAL C 83 -40.12 -17.61 -1.75
C VAL C 83 -39.22 -17.68 -2.98
N VAL C 84 -38.65 -16.55 -3.38
CA VAL C 84 -37.69 -16.57 -4.47
C VAL C 84 -36.60 -17.62 -4.20
N GLN C 85 -35.98 -17.52 -3.04
CA GLN C 85 -34.86 -18.39 -2.75
C GLN C 85 -35.32 -19.85 -2.71
N SER C 86 -36.48 -20.09 -2.13
CA SER C 86 -36.96 -21.43 -2.00
C SER C 86 -37.20 -21.99 -3.38
N THR C 87 -37.86 -21.18 -4.21
CA THR C 87 -38.14 -21.55 -5.60
C THR C 87 -36.82 -21.84 -6.30
N HIS C 88 -35.85 -20.97 -6.06
CA HIS C 88 -34.51 -21.14 -6.57
C HIS C 88 -34.04 -22.51 -6.21
N VAL C 89 -34.18 -22.93 -4.96
CA VAL C 89 -33.71 -24.27 -4.58
C VAL C 89 -34.51 -25.39 -5.26
N LEU C 90 -35.84 -25.26 -5.27
CA LEU C 90 -36.71 -26.29 -5.89
C LEU C 90 -36.33 -26.55 -7.36
N LEU C 91 -36.08 -25.46 -8.09
CA LEU C 91 -35.63 -25.51 -9.48
C LEU C 91 -34.40 -26.40 -9.65
N SER C 92 -33.49 -26.34 -8.70
CA SER C 92 -32.28 -27.15 -8.80
C SER C 92 -32.45 -28.63 -8.49
N THR C 93 -33.67 -29.11 -8.20
CA THR C 93 -33.73 -30.48 -7.79
C THR C 93 -33.30 -31.39 -8.95
N PRO C 94 -32.34 -32.30 -8.67
CA PRO C 94 -31.77 -33.25 -9.64
C PRO C 94 -32.81 -33.83 -10.59
N ALA C 95 -33.92 -34.26 -10.03
CA ALA C 95 -34.98 -34.83 -10.85
C ALA C 95 -35.56 -33.87 -11.93
N LEU C 96 -35.25 -32.59 -11.86
CA LEU C 96 -35.87 -31.61 -12.78
C LEU C 96 -34.86 -31.04 -13.76
N GLU C 97 -33.65 -31.55 -13.69
CA GLU C 97 -32.54 -31.03 -14.46
C GLU C 97 -32.77 -31.15 -15.96
N ALA C 98 -32.54 -30.04 -16.66
CA ALA C 98 -32.71 -29.93 -18.11
C ALA C 98 -34.19 -29.83 -18.54
N VAL C 99 -35.09 -29.77 -17.57
CA VAL C 99 -36.51 -29.89 -17.91
C VAL C 99 -37.12 -28.54 -18.30
N PHE C 100 -36.67 -27.47 -17.65
CA PHE C 100 -37.18 -26.13 -17.93
C PHE C 100 -36.17 -25.36 -18.74
N THR C 101 -36.64 -24.40 -19.54
CA THR C 101 -35.76 -23.57 -20.36
C THR C 101 -35.36 -22.32 -19.58
N ASP C 102 -34.33 -21.62 -20.04
CA ASP C 102 -33.91 -20.42 -19.32
C ASP C 102 -35.08 -19.47 -19.07
N LEU C 103 -35.97 -19.33 -20.06
CA LEU C 103 -37.07 -18.38 -19.97
C LEU C 103 -38.07 -18.85 -18.90
N GLU C 104 -38.26 -20.16 -18.78
CA GLU C 104 -39.18 -20.68 -17.78
C GLU C 104 -38.61 -20.48 -16.38
N ILE C 105 -37.29 -20.64 -16.24
CA ILE C 105 -36.60 -20.42 -14.97
C ILE C 105 -36.80 -18.97 -14.59
N LEU C 106 -36.43 -18.08 -15.49
CA LEU C 106 -36.70 -16.67 -15.32
C LEU C 106 -38.13 -16.37 -14.83
N ALA C 107 -39.11 -17.00 -15.47
CA ALA C 107 -40.52 -16.78 -15.13
C ALA C 107 -40.78 -17.17 -13.68
N ALA C 108 -40.39 -18.40 -13.33
CA ALA C 108 -40.66 -18.87 -11.97
C ALA C 108 -39.98 -17.95 -10.96
N ILE C 109 -38.75 -17.54 -11.24
CA ILE C 109 -38.04 -16.67 -10.31
C ILE C 109 -38.68 -15.29 -10.23
N PHE C 110 -38.90 -14.65 -11.38
CA PHE C 110 -39.51 -13.32 -11.37
C PHE C 110 -40.86 -13.44 -10.66
N ALA C 111 -41.61 -14.49 -10.99
CA ALA C 111 -42.95 -14.65 -10.44
C ALA C 111 -42.91 -14.77 -8.92
N SER C 112 -41.93 -15.53 -8.43
CA SER C 112 -41.73 -15.66 -7.00
C SER C 112 -41.54 -14.29 -6.31
N ALA C 113 -40.80 -13.43 -6.99
CA ALA C 113 -40.41 -12.13 -6.46
C ALA C 113 -41.58 -11.18 -6.37
N ILE C 114 -42.49 -11.22 -7.33
CA ILE C 114 -43.54 -10.22 -7.35
C ILE C 114 -44.83 -10.77 -6.75
N HIS C 115 -44.81 -12.01 -6.30
CA HIS C 115 -46.08 -12.74 -6.08
C HIS C 115 -46.96 -12.20 -4.96
N ASP C 116 -46.42 -11.28 -4.16
CA ASP C 116 -47.17 -10.69 -3.06
C ASP C 116 -46.85 -9.21 -2.94
N VAL C 117 -46.41 -8.59 -4.03
CA VAL C 117 -46.00 -7.20 -3.90
C VAL C 117 -47.20 -6.34 -3.52
N ASP C 118 -46.96 -5.42 -2.61
CA ASP C 118 -47.98 -4.43 -2.21
C ASP C 118 -49.14 -5.09 -1.47
N HIS C 119 -48.89 -6.23 -0.83
CA HIS C 119 -49.86 -6.85 0.04
C HIS C 119 -50.25 -5.95 1.22
N PRO C 120 -51.56 -5.68 1.41
CA PRO C 120 -51.96 -4.73 2.48
C PRO C 120 -51.94 -5.29 3.90
N GLY C 121 -51.83 -6.60 4.04
CA GLY C 121 -51.76 -7.23 5.38
C GLY C 121 -53.06 -7.83 5.84
N VAL C 122 -54.00 -8.00 4.90
CA VAL C 122 -55.30 -8.58 5.15
C VAL C 122 -55.63 -9.50 3.98
N SER C 123 -56.50 -10.48 4.17
CA SER C 123 -56.73 -11.48 3.11
C SER C 123 -57.65 -11.03 1.95
N ASN C 124 -57.65 -11.79 0.86
CA ASN C 124 -58.68 -11.63 -0.19
C ASN C 124 -60.09 -11.50 0.45
N GLN C 125 -60.34 -12.36 1.42
CA GLN C 125 -61.67 -12.54 1.96
C GLN C 125 -62.08 -11.26 2.70
N PHE C 126 -61.22 -10.73 3.57
CA PHE C 126 -61.42 -9.46 4.24
C PHE C 126 -61.61 -8.37 3.19
N LEU C 127 -60.80 -8.39 2.14
CA LEU C 127 -60.98 -7.46 1.02
C LEU C 127 -62.35 -7.55 0.37
N ILE C 128 -62.85 -8.77 0.12
CA ILE C 128 -64.19 -8.87 -0.43
C ILE C 128 -65.21 -8.36 0.59
N ASN C 129 -65.06 -8.81 1.84
CA ASN C 129 -66.03 -8.52 2.89
C ASN C 129 -66.15 -7.04 3.28
N THR C 130 -65.12 -6.27 3.02
CA THR C 130 -65.15 -4.85 3.41
C THR C 130 -65.42 -3.92 2.23
N ASN C 131 -65.72 -4.49 1.06
CA ASN C 131 -66.08 -3.67 -0.11
C ASN C 131 -64.98 -2.68 -0.50
N SER C 132 -63.79 -3.22 -0.62
CA SER C 132 -62.63 -2.41 -0.93
C SER C 132 -62.55 -2.16 -2.42
N GLU C 133 -61.85 -1.10 -2.80
CA GLU C 133 -61.63 -0.83 -4.20
C GLU C 133 -61.05 -2.09 -4.86
N LEU C 134 -60.06 -2.68 -4.21
CA LEU C 134 -59.38 -3.81 -4.80
C LEU C 134 -60.34 -4.94 -5.24
N ALA C 135 -61.24 -5.33 -4.34
CA ALA C 135 -62.26 -6.35 -4.67
C ALA C 135 -63.25 -5.92 -5.72
N LEU C 136 -63.55 -4.62 -5.79
CA LEU C 136 -64.47 -4.08 -6.78
C LEU C 136 -63.73 -4.10 -8.10
N MET C 137 -62.50 -3.64 -8.04
CA MET C 137 -61.64 -3.63 -9.18
C MET C 137 -61.60 -5.05 -9.82
N TYR C 138 -61.50 -6.10 -8.99
CA TYR C 138 -61.21 -7.43 -9.50
C TYR C 138 -62.32 -8.47 -9.39
N ASN C 139 -63.55 -8.02 -9.24
CA ASN C 139 -64.67 -8.91 -9.14
C ASN C 139 -64.43 -10.14 -8.26
N ASP C 140 -63.93 -9.91 -7.05
CA ASP C 140 -63.81 -10.96 -6.01
C ASP C 140 -62.93 -12.16 -6.34
N SER C 141 -62.41 -12.22 -7.57
CA SER C 141 -61.66 -13.41 -7.98
C SER C 141 -60.19 -13.12 -7.88
N SER C 142 -59.50 -13.78 -6.97
CA SER C 142 -58.07 -13.60 -6.93
C SER C 142 -57.71 -12.10 -6.76
N VAL C 143 -58.35 -11.42 -5.82
CA VAL C 143 -58.11 -9.99 -5.64
C VAL C 143 -56.64 -9.53 -5.54
N LEU C 144 -55.94 -9.98 -4.50
CA LEU C 144 -54.53 -9.64 -4.30
C LEU C 144 -53.61 -10.16 -5.41
N GLU C 145 -53.80 -11.42 -5.78
CA GLU C 145 -52.93 -12.03 -6.81
C GLU C 145 -52.99 -11.25 -8.12
N ASN C 146 -54.20 -10.96 -8.60
CA ASN C 146 -54.32 -10.08 -9.77
C ASN C 146 -53.62 -8.75 -9.60
N HIS C 147 -53.76 -8.16 -8.41
CA HIS C 147 -53.08 -6.91 -8.04
C HIS C 147 -51.58 -7.09 -8.01
N HIS C 148 -51.13 -8.13 -7.30
CA HIS C 148 -49.70 -8.35 -7.23
C HIS C 148 -49.08 -8.34 -8.62
N LEU C 149 -49.78 -8.90 -9.58
CA LEU C 149 -49.25 -8.95 -10.92
C LEU C 149 -49.28 -7.60 -11.62
N ALA C 150 -50.37 -6.87 -11.46
CA ALA C 150 -50.44 -5.53 -12.03
C ALA C 150 -49.23 -4.72 -11.55
N VAL C 151 -49.02 -4.68 -10.25
CA VAL C 151 -47.96 -3.82 -9.70
C VAL C 151 -46.58 -4.32 -10.15
N GLY C 152 -46.36 -5.62 -9.96
CA GLY C 152 -45.16 -6.29 -10.42
C GLY C 152 -44.79 -5.86 -11.82
N PHE C 153 -45.75 -5.91 -12.75
CA PHE C 153 -45.52 -5.50 -14.15
C PHE C 153 -45.43 -3.98 -14.31
N LYS C 154 -46.43 -3.24 -13.84
CA LYS C 154 -46.37 -1.78 -13.95
C LYS C 154 -44.99 -1.16 -13.57
N LEU C 155 -44.30 -1.72 -12.58
CA LEU C 155 -43.01 -1.19 -12.14
C LEU C 155 -41.89 -1.27 -13.20
N LEU C 156 -41.99 -2.26 -14.11
CA LEU C 156 -41.02 -2.40 -15.19
C LEU C 156 -40.89 -1.11 -15.99
N GLN C 157 -41.96 -0.31 -15.97
CA GLN C 157 -42.04 0.84 -16.83
C GLN C 157 -41.37 2.02 -16.15
N GLU C 158 -41.05 1.86 -14.88
CA GLU C 158 -40.31 2.90 -14.17
C GLU C 158 -38.98 3.16 -14.88
N GLU C 159 -38.48 4.37 -14.73
CA GLU C 159 -37.24 4.74 -15.37
C GLU C 159 -36.17 3.71 -15.11
N ASN C 160 -35.57 3.20 -16.20
CA ASN C 160 -34.45 2.25 -16.13
C ASN C 160 -34.72 0.97 -15.32
N CYS C 161 -35.94 0.49 -15.36
CA CYS C 161 -36.30 -0.72 -14.63
C CYS C 161 -36.77 -1.87 -15.49
N ASP C 162 -36.74 -1.78 -16.82
CA ASP C 162 -37.24 -2.92 -17.57
C ASP C 162 -36.15 -3.94 -17.79
N ILE C 163 -36.09 -4.87 -16.84
CA ILE C 163 -35.13 -5.96 -16.93
C ILE C 163 -35.40 -6.88 -18.13
N PHE C 164 -36.56 -6.78 -18.77
CA PHE C 164 -36.85 -7.56 -19.99
C PHE C 164 -36.73 -6.73 -21.27
N GLN C 165 -35.94 -5.66 -21.23
CA GLN C 165 -35.71 -4.85 -22.41
C GLN C 165 -35.05 -5.62 -23.56
N ASN C 166 -34.23 -6.62 -23.28
CA ASN C 166 -33.54 -7.26 -24.39
C ASN C 166 -34.12 -8.59 -24.84
N LEU C 167 -35.12 -9.10 -24.11
CA LEU C 167 -35.93 -10.22 -24.60
C LEU C 167 -36.68 -9.94 -25.95
N THR C 168 -36.76 -10.95 -26.80
CA THR C 168 -37.54 -10.83 -28.02
C THR C 168 -39.02 -10.64 -27.66
N LYS C 169 -39.76 -9.94 -28.52
CA LYS C 169 -41.18 -9.72 -28.29
C LYS C 169 -41.87 -11.02 -27.93
N LYS C 170 -41.50 -12.09 -28.64
CA LYS C 170 -42.06 -13.41 -28.42
C LYS C 170 -41.58 -14.02 -27.08
N GLN C 171 -40.36 -13.70 -26.67
CA GLN C 171 -39.94 -14.05 -25.31
C GLN C 171 -40.73 -13.22 -24.27
N ARG C 172 -40.92 -11.92 -24.51
CA ARG C 172 -41.67 -11.08 -23.57
C ARG C 172 -43.10 -11.58 -23.39
N GLN C 173 -43.76 -11.96 -24.47
CA GLN C 173 -45.13 -12.41 -24.36
C GLN C 173 -45.30 -13.73 -23.65
N SER C 174 -44.31 -14.63 -23.81
CA SER C 174 -44.32 -15.93 -23.16
C SER C 174 -44.07 -15.81 -21.68
N LEU C 175 -43.06 -15.02 -21.32
CA LEU C 175 -42.77 -14.77 -19.94
C LEU C 175 -44.00 -14.19 -19.28
N ARG C 176 -44.60 -13.19 -19.91
CA ARG C 176 -45.80 -12.56 -19.37
C ARG C 176 -46.90 -13.58 -19.08
N LYS C 177 -47.29 -14.39 -20.07
CA LYS C 177 -48.29 -15.41 -19.79
C LYS C 177 -47.87 -16.31 -18.61
N MET C 178 -46.67 -16.89 -18.69
CA MET C 178 -46.19 -17.82 -17.66
C MET C 178 -46.24 -17.26 -16.24
N VAL C 179 -45.64 -16.08 -16.07
CA VAL C 179 -45.72 -15.36 -14.80
C VAL C 179 -47.17 -15.12 -14.35
N ILE C 180 -48.02 -14.67 -15.25
CA ILE C 180 -49.40 -14.47 -14.86
C ILE C 180 -49.95 -15.80 -14.35
N ASP C 181 -49.74 -16.87 -15.10
CA ASP C 181 -50.30 -18.16 -14.70
C ASP C 181 -49.69 -18.66 -13.38
N ILE C 182 -48.47 -18.23 -13.08
CA ILE C 182 -47.82 -18.67 -11.84
C ILE C 182 -48.34 -17.95 -10.57
N VAL C 183 -48.40 -16.61 -10.62
CA VAL C 183 -48.86 -15.84 -9.47
C VAL C 183 -50.32 -16.11 -9.13
N LEU C 184 -51.15 -16.39 -10.13
CA LEU C 184 -52.58 -16.66 -9.87
C LEU C 184 -52.77 -18.02 -9.19
N ALA C 185 -51.81 -18.94 -9.35
CA ALA C 185 -51.90 -20.24 -8.71
C ALA C 185 -51.51 -20.17 -7.23
N THR C 186 -50.98 -19.03 -6.80
CA THR C 186 -50.69 -18.88 -5.38
C THR C 186 -51.97 -18.59 -4.59
N ASP C 187 -53.06 -18.35 -5.29
CA ASP C 187 -54.31 -17.97 -4.64
C ASP C 187 -54.85 -19.21 -3.91
N MET C 188 -54.85 -19.14 -2.58
CA MET C 188 -55.23 -20.31 -1.74
C MET C 188 -56.48 -21.08 -2.17
N SER C 189 -57.42 -20.39 -2.80
CA SER C 189 -58.71 -20.97 -3.07
C SER C 189 -58.64 -21.85 -4.31
N LYS C 190 -57.53 -21.77 -5.02
CA LYS C 190 -57.24 -22.70 -6.13
C LYS C 190 -56.39 -23.91 -5.66
N HIS C 191 -56.10 -23.98 -4.36
CA HIS C 191 -55.26 -25.03 -3.82
C HIS C 191 -55.78 -26.48 -4.06
N MET C 192 -56.99 -26.80 -3.64
CA MET C 192 -57.51 -28.17 -3.92
C MET C 192 -57.34 -28.59 -5.39
N ASN C 193 -57.55 -27.66 -6.32
CA ASN C 193 -57.50 -28.01 -7.73
C ASN C 193 -56.07 -28.19 -8.24
N LEU C 194 -55.19 -27.34 -7.75
CA LEU C 194 -53.81 -27.41 -8.13
C LEU C 194 -53.22 -28.72 -7.62
N LEU C 195 -53.57 -29.10 -6.39
CA LEU C 195 -53.09 -30.33 -5.79
C LEU C 195 -53.63 -31.56 -6.50
N ALA C 196 -54.92 -31.52 -6.84
CA ALA C 196 -55.53 -32.61 -7.62
C ALA C 196 -54.75 -32.85 -8.92
N ASP C 197 -54.51 -31.78 -9.66
CA ASP C 197 -53.74 -31.84 -10.90
C ASP C 197 -52.34 -32.42 -10.72
N LEU C 198 -51.72 -32.09 -9.60
CA LEU C 198 -50.38 -32.51 -9.33
C LEU C 198 -50.37 -34.02 -9.12
N LYS C 199 -51.33 -34.51 -8.33
CA LYS C 199 -51.45 -35.95 -8.09
C LYS C 199 -51.61 -36.68 -9.41
N THR C 200 -52.45 -36.14 -10.31
CA THR C 200 -52.64 -36.71 -11.64
C THR C 200 -51.29 -36.83 -12.35
N MET C 201 -50.51 -35.77 -12.33
CA MET C 201 -49.20 -35.79 -12.96
C MET C 201 -48.29 -36.83 -12.36
N VAL C 202 -48.29 -36.90 -11.03
CA VAL C 202 -47.53 -37.92 -10.31
C VAL C 202 -48.04 -39.32 -10.67
N GLU C 203 -49.36 -39.50 -10.71
CA GLU C 203 -49.91 -40.81 -10.99
C GLU C 203 -49.46 -41.31 -12.38
N THR C 204 -49.11 -40.37 -13.26
CA THR C 204 -48.79 -40.74 -14.63
C THR C 204 -47.42 -40.25 -15.13
N LYS C 205 -46.53 -39.93 -14.20
CA LYS C 205 -45.19 -39.42 -14.53
C LYS C 205 -44.33 -40.40 -15.32
N LYS C 206 -43.41 -39.86 -16.12
CA LYS C 206 -42.46 -40.67 -16.87
C LYS C 206 -41.04 -40.16 -16.68
N VAL C 207 -40.11 -41.09 -16.43
CA VAL C 207 -38.69 -40.78 -16.22
C VAL C 207 -37.79 -41.40 -17.28
N VAL C 212 -34.75 -38.83 -13.75
CA VAL C 212 -35.05 -37.48 -14.28
C VAL C 212 -36.46 -37.42 -14.90
N LEU C 213 -37.21 -36.36 -14.54
CA LEU C 213 -38.61 -36.16 -14.96
C LEU C 213 -38.79 -35.77 -16.44
N LEU C 214 -39.77 -36.38 -17.10
CA LEU C 214 -40.07 -36.09 -18.50
C LEU C 214 -41.32 -35.19 -18.56
N LEU C 215 -41.16 -33.98 -19.10
CA LEU C 215 -42.29 -33.08 -19.39
C LEU C 215 -42.21 -32.56 -20.80
N ASP C 216 -42.95 -33.11 -21.75
CA ASP C 216 -42.85 -32.51 -23.07
C ASP C 216 -44.06 -31.71 -23.53
N ASN C 217 -44.49 -30.77 -22.71
CA ASN C 217 -45.39 -29.73 -23.23
C ASN C 217 -45.80 -28.70 -22.20
N TYR C 218 -46.08 -27.50 -22.70
CA TYR C 218 -46.26 -26.35 -21.86
C TYR C 218 -47.23 -26.68 -20.73
N SER C 219 -48.42 -27.12 -21.13
CA SER C 219 -49.51 -27.34 -20.21
C SER C 219 -49.13 -28.20 -18.97
N ASP C 220 -48.13 -29.09 -19.08
CA ASP C 220 -47.61 -29.85 -17.96
C ASP C 220 -46.51 -29.02 -17.26
N ARG C 221 -45.57 -28.52 -18.04
CA ARG C 221 -44.52 -27.64 -17.53
C ARG C 221 -45.07 -26.48 -16.67
N ILE C 222 -46.11 -25.82 -17.17
CA ILE C 222 -46.68 -24.71 -16.42
C ILE C 222 -47.27 -25.20 -15.08
N GLN C 223 -47.88 -26.39 -15.07
CA GLN C 223 -48.49 -26.87 -13.83
C GLN C 223 -47.46 -27.10 -12.76
N VAL C 224 -46.41 -27.81 -13.13
CA VAL C 224 -45.28 -28.10 -12.28
C VAL C 224 -44.71 -26.78 -11.75
N LEU C 225 -44.55 -25.78 -12.62
CA LEU C 225 -44.11 -24.46 -12.13
C LEU C 225 -45.12 -23.82 -11.17
N GLN C 226 -46.40 -23.91 -11.49
CA GLN C 226 -47.46 -23.40 -10.62
C GLN C 226 -47.37 -24.11 -9.27
N ASN C 227 -47.32 -25.43 -9.28
CA ASN C 227 -47.15 -26.11 -7.99
C ASN C 227 -45.83 -25.81 -7.30
N MET C 228 -44.74 -25.80 -8.06
CA MET C 228 -43.43 -25.54 -7.45
C MET C 228 -43.47 -24.21 -6.68
N VAL C 229 -44.15 -23.22 -7.24
CA VAL C 229 -44.09 -21.88 -6.63
C VAL C 229 -45.08 -21.77 -5.45
N HIS C 230 -46.16 -22.51 -5.53
CA HIS C 230 -47.13 -22.65 -4.45
C HIS C 230 -46.51 -23.42 -3.25
N CYS C 231 -45.71 -24.45 -3.54
CA CYS C 231 -44.95 -25.13 -2.50
C CYS C 231 -44.01 -24.17 -1.80
N ALA C 232 -43.31 -23.35 -2.58
CA ALA C 232 -42.34 -22.44 -1.98
C ALA C 232 -43.07 -21.43 -1.10
N ASP C 233 -44.21 -20.94 -1.60
CA ASP C 233 -44.99 -20.00 -0.84
C ASP C 233 -45.40 -20.67 0.47
N LEU C 234 -45.81 -21.95 0.40
CA LEU C 234 -46.28 -22.67 1.58
C LEU C 234 -45.19 -23.55 2.14
N SER C 235 -43.98 -23.01 2.25
CA SER C 235 -42.81 -23.83 2.54
C SER C 235 -42.25 -23.65 3.94
N ASN C 236 -42.74 -22.68 4.70
CA ASN C 236 -41.97 -22.45 5.92
C ASN C 236 -42.11 -23.48 7.05
N PRO C 237 -43.20 -24.27 7.03
CA PRO C 237 -43.26 -25.39 7.94
C PRO C 237 -42.25 -26.44 7.54
N THR C 238 -41.69 -26.33 6.33
CA THR C 238 -40.59 -27.23 5.94
C THR C 238 -39.18 -26.78 6.35
N LYS C 239 -39.02 -25.53 6.74
CA LYS C 239 -37.69 -25.01 7.06
C LYS C 239 -37.25 -25.42 8.47
N PRO C 240 -35.93 -25.40 8.73
CA PRO C 240 -35.48 -25.67 10.11
C PRO C 240 -36.34 -24.89 11.11
N LEU C 241 -36.57 -25.48 12.28
CA LEU C 241 -37.57 -25.01 13.23
C LEU C 241 -37.42 -23.55 13.70
N GLN C 242 -36.18 -23.06 13.85
CA GLN C 242 -35.99 -21.65 14.28
C GLN C 242 -36.46 -20.63 13.24
N LEU C 243 -36.46 -21.00 11.96
CA LEU C 243 -37.02 -20.16 10.90
C LEU C 243 -38.55 -20.25 10.90
N TYR C 244 -39.04 -21.49 10.89
CA TYR C 244 -40.47 -21.76 10.96
C TYR C 244 -41.17 -21.01 12.09
N ARG C 245 -40.60 -21.03 13.29
CA ARG C 245 -41.18 -20.33 14.40
C ARG C 245 -41.29 -18.82 14.22
N GLN C 246 -40.32 -18.22 13.51
CA GLN C 246 -40.39 -16.79 13.21
C GLN C 246 -41.56 -16.55 12.22
N TRP C 247 -41.65 -17.33 11.15
CA TRP C 247 -42.77 -17.17 10.25
C TRP C 247 -44.11 -17.31 10.99
N THR C 248 -44.16 -18.21 11.96
CA THR C 248 -45.43 -18.43 12.67
C THR C 248 -45.74 -17.25 13.59
N ASP C 249 -44.73 -16.74 14.30
CA ASP C 249 -44.89 -15.51 15.10
C ASP C 249 -45.37 -14.34 14.21
N ARG C 250 -44.79 -14.24 13.01
CA ARG C 250 -45.08 -13.17 12.09
C ARG C 250 -46.47 -13.27 11.43
N ILE C 251 -46.83 -14.45 10.95
CA ILE C 251 -48.14 -14.55 10.35
C ILE C 251 -49.23 -14.30 11.40
N MET C 252 -49.07 -14.87 12.59
CA MET C 252 -50.03 -14.66 13.65
C MET C 252 -50.17 -13.18 13.99
N GLU C 253 -49.07 -12.42 13.90
CA GLU C 253 -49.15 -11.00 14.17
C GLU C 253 -49.97 -10.30 13.09
N GLU C 254 -49.86 -10.76 11.85
CA GLU C 254 -50.56 -10.11 10.74
C GLU C 254 -52.06 -10.35 10.83
N PHE C 255 -52.42 -11.56 11.20
CA PHE C 255 -53.81 -11.95 11.37
C PHE C 255 -54.39 -11.24 12.56
N PHE C 256 -53.62 -11.13 13.62
CA PHE C 256 -54.12 -10.45 14.80
C PHE C 256 -54.44 -8.99 14.52
N ARG C 257 -53.63 -8.36 13.67
CA ARG C 257 -53.97 -7.02 13.19
C ARG C 257 -55.31 -7.04 12.48
N GLN C 258 -55.44 -7.85 11.43
CA GLN C 258 -56.70 -7.99 10.69
C GLN C 258 -57.90 -8.23 11.63
N GLY C 259 -57.69 -9.10 12.62
CA GLY C 259 -58.72 -9.36 13.61
C GLY C 259 -59.15 -8.15 14.40
N ASP C 260 -58.21 -7.26 14.72
CA ASP C 260 -58.53 -6.02 15.44
C ASP C 260 -59.24 -5.06 14.49
N ARG C 261 -58.95 -5.21 13.19
CA ARG C 261 -59.65 -4.44 12.18
C ARG C 261 -61.09 -4.94 12.09
N GLU C 262 -61.27 -6.26 12.14
CA GLU C 262 -62.61 -6.86 12.08
C GLU C 262 -63.44 -6.53 13.32
N ARG C 263 -62.82 -6.61 14.50
CA ARG C 263 -63.47 -6.19 15.76
C ARG C 263 -63.88 -4.72 15.71
N GLU C 264 -62.96 -3.84 15.31
CA GLU C 264 -63.34 -2.45 15.08
C GLU C 264 -64.67 -2.43 14.30
N ARG C 265 -64.62 -2.88 13.04
CA ARG C 265 -65.78 -2.78 12.12
C ARG C 265 -67.07 -3.50 12.53
N GLY C 266 -67.07 -4.11 13.70
CA GLY C 266 -68.26 -4.80 14.16
C GLY C 266 -68.53 -6.05 13.36
N MET C 267 -67.48 -6.61 12.75
CA MET C 267 -67.60 -7.82 11.93
C MET C 267 -67.37 -9.13 12.71
N GLU C 268 -67.76 -10.25 12.13
CA GLU C 268 -67.38 -11.57 12.61
C GLU C 268 -65.85 -11.65 12.53
N ILE C 269 -65.21 -12.22 13.55
CA ILE C 269 -63.75 -12.36 13.51
C ILE C 269 -63.35 -13.61 12.72
N SER C 270 -62.52 -13.44 11.69
CA SER C 270 -62.11 -14.56 10.86
C SER C 270 -61.37 -15.57 11.71
N PRO C 271 -61.46 -16.87 11.32
CA PRO C 271 -60.68 -17.90 12.03
C PRO C 271 -59.20 -17.45 12.14
N MET C 272 -58.55 -17.73 13.26
CA MET C 272 -57.13 -17.46 13.34
C MET C 272 -56.85 -16.03 13.68
N CYS C 273 -57.89 -15.23 13.84
CA CYS C 273 -57.67 -13.80 13.92
C CYS C 273 -58.06 -13.12 15.22
N ASP C 274 -58.51 -13.91 16.19
CA ASP C 274 -58.87 -13.34 17.45
C ASP C 274 -57.74 -13.57 18.44
N LYS C 275 -56.99 -12.53 18.77
CA LYS C 275 -55.85 -12.65 19.68
C LYS C 275 -56.17 -13.26 21.06
N HIS C 276 -57.46 -13.31 21.40
CA HIS C 276 -57.92 -13.79 22.69
C HIS C 276 -58.25 -15.30 22.64
N ASN C 277 -58.74 -15.78 21.50
CA ASN C 277 -59.06 -17.20 21.29
C ASN C 277 -58.37 -17.80 20.05
N ALA C 278 -57.20 -18.42 20.20
CA ALA C 278 -56.60 -19.15 19.06
C ALA C 278 -55.46 -20.06 19.49
N SER C 279 -55.48 -21.34 19.12
CA SER C 279 -54.26 -22.08 19.35
C SER C 279 -53.37 -21.98 18.13
N VAL C 280 -52.43 -21.04 18.17
CA VAL C 280 -51.30 -21.04 17.27
C VAL C 280 -50.80 -22.46 17.02
N GLU C 281 -50.38 -23.16 18.06
CA GLU C 281 -49.92 -24.57 17.89
C GLU C 281 -50.94 -25.50 17.22
N LYS C 282 -52.16 -25.57 17.73
CA LYS C 282 -53.19 -26.39 17.10
C LYS C 282 -53.45 -25.99 15.62
N SER C 283 -53.34 -24.69 15.32
CA SER C 283 -53.59 -24.21 13.96
C SER C 283 -52.54 -24.70 13.00
N GLN C 284 -51.30 -24.63 13.43
CA GLN C 284 -50.20 -25.01 12.56
C GLN C 284 -50.28 -26.52 12.28
N VAL C 285 -50.50 -27.30 13.34
CA VAL C 285 -50.73 -28.73 13.14
C VAL C 285 -51.81 -29.00 12.05
N GLY C 286 -52.97 -28.36 12.17
CA GLY C 286 -54.05 -28.49 11.19
C GLY C 286 -53.64 -28.01 9.80
N PHE C 287 -52.94 -26.90 9.74
CA PHE C 287 -52.38 -26.40 8.50
C PHE C 287 -51.54 -27.50 7.86
N ILE C 288 -50.55 -28.03 8.60
CA ILE C 288 -49.69 -29.11 8.06
C ILE C 288 -50.46 -30.41 7.75
N ASP C 289 -51.34 -30.84 8.64
CA ASP C 289 -52.09 -32.06 8.40
C ASP C 289 -52.94 -31.98 7.14
N TYR C 290 -53.49 -30.79 6.86
CA TYR C 290 -54.47 -30.66 5.80
C TYR C 290 -54.00 -30.01 4.52
N ILE C 291 -53.02 -29.14 4.59
CA ILE C 291 -52.64 -28.40 3.40
C ILE C 291 -51.17 -28.59 3.04
N VAL C 292 -50.29 -28.34 4.01
CA VAL C 292 -48.86 -28.29 3.71
C VAL C 292 -48.32 -29.70 3.43
N HIS C 293 -48.64 -30.65 4.29
CA HIS C 293 -48.16 -32.02 4.11
C HIS C 293 -48.69 -32.71 2.85
N PRO C 294 -50.01 -32.88 2.75
CA PRO C 294 -50.56 -33.43 1.50
C PRO C 294 -49.89 -32.83 0.23
N LEU C 295 -49.64 -31.51 0.23
CA LEU C 295 -48.98 -30.88 -0.91
C LEU C 295 -47.53 -31.32 -1.02
N TRP C 296 -46.78 -31.18 0.07
CA TRP C 296 -45.35 -31.51 0.03
C TRP C 296 -45.04 -32.98 -0.17
N GLU C 297 -45.97 -33.83 0.21
CA GLU C 297 -45.81 -35.25 -0.05
C GLU C 297 -46.08 -35.59 -1.53
N THR C 298 -46.92 -34.81 -2.18
CA THR C 298 -47.14 -35.02 -3.59
C THR C 298 -45.90 -34.55 -4.38
N TRP C 299 -45.38 -33.37 -4.03
CA TRP C 299 -44.14 -32.88 -4.60
C TRP C 299 -43.00 -33.90 -4.43
N ALA C 300 -42.77 -34.33 -3.20
CA ALA C 300 -41.71 -35.29 -2.96
C ALA C 300 -41.85 -36.52 -3.90
N ASP C 301 -43.08 -36.95 -4.19
CA ASP C 301 -43.28 -38.04 -5.14
C ASP C 301 -42.88 -37.64 -6.56
N LEU C 302 -43.25 -36.43 -6.97
CA LEU C 302 -42.92 -35.96 -8.30
C LEU C 302 -41.42 -36.00 -8.48
N VAL C 303 -40.70 -35.73 -7.41
CA VAL C 303 -39.25 -35.62 -7.51
C VAL C 303 -38.45 -36.65 -6.68
N HIS C 304 -39.11 -37.74 -6.32
CA HIS C 304 -38.49 -38.78 -5.52
C HIS C 304 -37.05 -39.09 -5.94
N PRO C 305 -36.14 -39.13 -4.96
CA PRO C 305 -36.36 -38.83 -3.56
C PRO C 305 -35.65 -37.56 -3.14
N ASP C 306 -35.64 -36.53 -3.98
CA ASP C 306 -34.90 -35.31 -3.67
C ASP C 306 -35.49 -34.58 -2.47
N ALA C 307 -36.78 -34.76 -2.22
CA ALA C 307 -37.36 -33.97 -1.16
C ALA C 307 -37.43 -34.67 0.19
N GLN C 308 -36.92 -35.89 0.27
CA GLN C 308 -36.99 -36.61 1.55
C GLN C 308 -36.66 -35.76 2.80
N ASP C 309 -35.57 -35.00 2.73
CA ASP C 309 -35.06 -34.24 3.87
C ASP C 309 -35.98 -33.06 4.19
N ILE C 310 -36.61 -32.53 3.16
CA ILE C 310 -37.59 -31.46 3.36
C ILE C 310 -38.85 -32.05 4.00
N LEU C 311 -39.25 -33.23 3.53
CA LEU C 311 -40.41 -33.92 4.08
C LEU C 311 -40.17 -34.28 5.56
N ASP C 312 -39.06 -34.95 5.86
CA ASP C 312 -38.76 -35.31 7.24
C ASP C 312 -38.87 -34.08 8.14
N THR C 313 -38.33 -32.97 7.66
CA THR C 313 -38.28 -31.79 8.51
C THR C 313 -39.71 -31.40 8.79
N LEU C 314 -40.51 -31.34 7.72
CA LEU C 314 -41.92 -30.99 7.82
C LEU C 314 -42.60 -31.83 8.90
N GLU C 315 -42.33 -33.13 8.87
CA GLU C 315 -42.88 -34.06 9.86
C GLU C 315 -42.35 -33.88 11.29
N ASP C 316 -41.08 -33.48 11.43
CA ASP C 316 -40.50 -33.21 12.76
C ASP C 316 -41.13 -31.94 13.32
N ASN C 317 -41.36 -30.96 12.45
CA ASN C 317 -42.00 -29.72 12.84
C ASN C 317 -43.45 -29.93 13.25
N ARG C 318 -44.21 -30.66 12.46
CA ARG C 318 -45.57 -31.00 12.83
C ARG C 318 -45.56 -31.63 14.23
N GLU C 319 -44.75 -32.68 14.34
CA GLU C 319 -44.48 -33.42 15.55
C GLU C 319 -44.10 -32.51 16.74
N TRP C 320 -43.13 -31.62 16.52
CA TRP C 320 -42.71 -30.71 17.54
C TRP C 320 -43.90 -29.86 17.97
N TYR C 321 -44.54 -29.19 17.02
CA TYR C 321 -45.71 -28.36 17.32
C TYR C 321 -46.81 -29.11 18.03
N GLN C 322 -47.08 -30.33 17.59
CA GLN C 322 -48.07 -31.12 18.27
C GLN C 322 -47.68 -31.27 19.74
N SER C 323 -46.39 -31.52 20.00
CA SER C 323 -46.01 -31.86 21.37
C SER C 323 -46.25 -30.71 22.36
N THR C 324 -46.31 -29.48 21.85
CA THR C 324 -46.47 -28.28 22.70
C THR C 324 -47.90 -27.87 23.08
N ILE C 325 -48.91 -28.63 22.65
CA ILE C 325 -50.31 -28.27 22.92
C ILE C 325 -50.77 -28.69 24.33
N PRO C 326 -50.89 -30.00 24.59
CA PRO C 326 -51.74 -30.47 25.69
C PRO C 326 -52.02 -29.40 26.74
N THR D 1 -97.38 15.69 -25.20
CA THR D 1 -96.39 15.62 -26.32
C THR D 1 -96.49 14.32 -27.13
N GLU D 2 -96.93 14.50 -28.37
CA GLU D 2 -97.02 13.40 -29.31
C GLU D 2 -95.80 12.51 -29.15
N GLN D 3 -94.62 13.12 -29.17
CA GLN D 3 -93.42 12.37 -29.00
C GLN D 3 -93.60 11.28 -27.92
N GLU D 4 -94.12 11.67 -26.75
CA GLU D 4 -94.28 10.75 -25.61
C GLU D 4 -95.22 9.57 -25.87
N ASP D 5 -96.34 9.83 -26.53
CA ASP D 5 -97.29 8.78 -26.94
C ASP D 5 -96.59 7.74 -27.80
N VAL D 6 -95.93 8.22 -28.86
CA VAL D 6 -95.33 7.34 -29.84
C VAL D 6 -94.25 6.46 -29.22
N LEU D 7 -93.33 7.09 -28.48
CA LEU D 7 -92.35 6.38 -27.68
C LEU D 7 -93.03 5.33 -26.80
N ALA D 8 -94.08 5.72 -26.08
CA ALA D 8 -94.82 4.76 -25.24
C ALA D 8 -95.35 3.55 -26.04
N LYS D 9 -95.92 3.84 -27.20
CA LYS D 9 -96.57 2.82 -28.01
C LYS D 9 -95.55 1.82 -28.53
N GLU D 10 -94.34 2.30 -28.81
CA GLU D 10 -93.26 1.45 -29.26
C GLU D 10 -92.84 0.55 -28.13
N LEU D 11 -92.83 1.09 -26.90
CA LEU D 11 -92.41 0.31 -25.74
C LEU D 11 -93.41 -0.79 -25.49
N GLU D 12 -94.64 -0.61 -25.97
CA GLU D 12 -95.64 -1.68 -25.99
C GLU D 12 -95.10 -3.00 -26.57
N ASP D 13 -94.02 -2.95 -27.33
CA ASP D 13 -93.45 -4.13 -27.99
C ASP D 13 -92.31 -4.75 -27.20
N VAL D 14 -92.17 -4.31 -25.97
CA VAL D 14 -91.03 -4.71 -25.17
C VAL D 14 -90.93 -6.23 -25.04
N ASN D 15 -92.05 -6.94 -25.12
CA ASN D 15 -92.00 -8.41 -25.02
C ASN D 15 -91.66 -9.13 -26.33
N LYS D 16 -91.64 -8.42 -27.45
CA LYS D 16 -91.45 -9.06 -28.78
C LYS D 16 -90.00 -9.04 -29.25
N TRP D 17 -89.64 -9.99 -30.09
CA TRP D 17 -88.27 -10.07 -30.58
C TRP D 17 -88.24 -9.08 -31.74
N GLY D 18 -87.19 -8.28 -31.86
CA GLY D 18 -87.14 -7.30 -32.94
C GLY D 18 -87.93 -6.03 -32.66
N LEU D 19 -88.02 -5.69 -31.39
CA LEU D 19 -88.39 -4.36 -30.96
C LEU D 19 -87.56 -3.34 -31.75
N HIS D 20 -88.20 -2.26 -32.22
CA HIS D 20 -87.50 -1.21 -32.98
C HIS D 20 -86.54 -0.41 -32.07
N VAL D 21 -85.42 -1.01 -31.65
CA VAL D 21 -84.54 -0.37 -30.65
C VAL D 21 -83.95 1.00 -31.06
N PHE D 22 -83.59 1.16 -32.33
CA PHE D 22 -83.09 2.45 -32.84
C PHE D 22 -84.14 3.57 -32.79
N ARG D 23 -85.36 3.25 -33.22
CA ARG D 23 -86.52 4.12 -33.04
C ARG D 23 -86.71 4.54 -31.57
N ILE D 24 -86.53 3.62 -30.62
CA ILE D 24 -86.69 3.97 -29.21
C ILE D 24 -85.54 4.80 -28.72
N ALA D 25 -84.32 4.48 -29.13
CA ALA D 25 -83.19 5.35 -28.85
C ALA D 25 -83.47 6.79 -29.34
N GLU D 26 -84.02 6.88 -30.54
CA GLU D 26 -84.32 8.17 -31.15
C GLU D 26 -85.41 8.93 -30.35
N LEU D 27 -86.55 8.30 -30.13
CA LEU D 27 -87.71 8.95 -29.49
C LEU D 27 -87.47 9.35 -28.02
N SER D 28 -86.41 8.83 -27.42
CA SER D 28 -86.23 9.07 -26.00
C SER D 28 -85.10 10.06 -25.66
N GLY D 29 -84.64 10.82 -26.67
CA GLY D 29 -83.42 11.64 -26.57
C GLY D 29 -82.20 10.83 -26.14
N ASN D 30 -81.91 9.73 -26.85
CA ASN D 30 -80.75 8.86 -26.59
C ASN D 30 -80.72 8.21 -25.19
N ARG D 31 -81.81 7.51 -24.85
CA ARG D 31 -82.02 6.94 -23.51
C ARG D 31 -82.68 5.59 -23.65
N PRO D 32 -82.30 4.86 -24.68
CA PRO D 32 -82.86 3.53 -24.87
C PRO D 32 -82.67 2.70 -23.63
N LEU D 33 -81.54 2.87 -22.96
CA LEU D 33 -81.19 1.93 -21.90
C LEU D 33 -82.07 2.20 -20.72
N THR D 34 -82.25 3.50 -20.42
CA THR D 34 -82.99 3.93 -19.22
C THR D 34 -84.46 3.56 -19.31
N VAL D 35 -85.08 3.93 -20.43
CA VAL D 35 -86.51 3.74 -20.60
C VAL D 35 -86.89 2.29 -20.93
N ILE D 36 -85.93 1.51 -21.43
CA ILE D 36 -86.22 0.12 -21.66
C ILE D 36 -86.04 -0.67 -20.36
N MET D 37 -84.90 -0.49 -19.67
CA MET D 37 -84.74 -1.04 -18.32
C MET D 37 -85.94 -0.65 -17.44
N HIS D 38 -86.35 0.62 -17.46
CA HIS D 38 -87.48 1.01 -16.64
C HIS D 38 -88.73 0.20 -16.97
N THR D 39 -89.05 0.10 -18.26
CA THR D 39 -90.27 -0.58 -18.69
C THR D 39 -90.28 -2.02 -18.28
N ILE D 40 -89.14 -2.66 -18.44
CA ILE D 40 -88.97 -4.06 -18.15
C ILE D 40 -89.17 -4.28 -16.66
N PHE D 41 -88.66 -3.34 -15.87
CA PHE D 41 -88.80 -3.43 -14.44
C PHE D 41 -90.25 -3.28 -13.99
N GLN D 42 -90.98 -2.36 -14.62
CA GLN D 42 -92.42 -2.20 -14.37
C GLN D 42 -93.08 -3.49 -14.84
N GLU D 43 -92.60 -4.00 -15.96
CA GLU D 43 -93.17 -5.20 -16.52
C GLU D 43 -93.03 -6.41 -15.57
N ARG D 44 -91.84 -6.65 -15.05
CA ARG D 44 -91.61 -7.81 -14.16
C ARG D 44 -91.97 -7.55 -12.70
N ASP D 45 -92.48 -6.35 -12.45
CA ASP D 45 -92.88 -5.93 -11.12
C ASP D 45 -91.68 -5.94 -10.21
N LEU D 46 -90.51 -5.71 -10.82
CA LEU D 46 -89.25 -5.83 -10.09
C LEU D 46 -89.11 -4.78 -9.00
N LEU D 47 -89.54 -3.57 -9.28
CA LEU D 47 -89.54 -2.50 -8.29
C LEU D 47 -90.27 -2.89 -6.99
N LYS D 48 -91.43 -3.50 -7.13
CA LYS D 48 -92.20 -3.93 -5.97
C LYS D 48 -91.57 -5.15 -5.27
N THR D 49 -91.08 -6.14 -6.02
CA THR D 49 -90.54 -7.33 -5.39
C THR D 49 -89.29 -7.04 -4.59
N PHE D 50 -88.50 -6.08 -5.04
CA PHE D 50 -87.25 -5.80 -4.37
C PHE D 50 -87.23 -4.48 -3.62
N LYS D 51 -88.37 -3.79 -3.58
CA LYS D 51 -88.50 -2.50 -2.90
C LYS D 51 -87.50 -1.49 -3.46
N ILE D 52 -87.50 -1.35 -4.77
CA ILE D 52 -86.56 -0.45 -5.42
C ILE D 52 -87.23 0.86 -5.61
N PRO D 53 -86.74 1.94 -4.96
CA PRO D 53 -87.45 3.19 -5.20
C PRO D 53 -87.27 3.60 -6.65
N VAL D 54 -88.36 4.04 -7.27
CA VAL D 54 -88.30 4.47 -8.65
C VAL D 54 -87.21 5.52 -8.95
N ASP D 55 -87.11 6.59 -8.15
CA ASP D 55 -86.09 7.60 -8.49
C ASP D 55 -84.66 7.13 -8.31
N THR D 56 -84.46 6.10 -7.47
CA THR D 56 -83.17 5.40 -7.36
C THR D 56 -82.83 4.61 -8.63
N LEU D 57 -83.76 3.76 -9.06
CA LEU D 57 -83.63 3.14 -10.36
C LEU D 57 -83.31 4.15 -11.47
N ILE D 58 -84.16 5.17 -11.65
CA ILE D 58 -83.93 6.12 -12.74
C ILE D 58 -82.56 6.76 -12.61
N THR D 59 -82.23 7.26 -11.41
CA THR D 59 -80.92 7.89 -11.21
C THR D 59 -79.83 6.91 -11.63
N TYR D 60 -79.96 5.66 -11.20
CA TYR D 60 -78.87 4.77 -11.51
C TYR D 60 -78.78 4.52 -12.97
N LEU D 61 -79.91 4.16 -13.59
CA LEU D 61 -79.93 3.78 -15.00
C LEU D 61 -79.32 4.89 -15.84
N MET D 62 -79.72 6.11 -15.57
CA MET D 62 -79.21 7.21 -16.37
C MET D 62 -77.73 7.42 -16.16
N THR D 63 -77.24 7.04 -15.00
CA THR D 63 -75.82 7.20 -14.74
C THR D 63 -75.08 6.14 -15.54
N LEU D 64 -75.61 4.92 -15.48
CA LEU D 64 -75.03 3.81 -16.21
C LEU D 64 -75.00 4.13 -17.71
N GLU D 65 -76.13 4.58 -18.24
CA GLU D 65 -76.24 4.99 -19.65
C GLU D 65 -75.18 6.07 -20.00
N ASP D 66 -75.00 7.03 -19.10
CA ASP D 66 -73.94 8.00 -19.28
C ASP D 66 -72.57 7.37 -19.45
N HIS D 67 -72.26 6.29 -18.74
CA HIS D 67 -70.95 5.70 -18.88
C HIS D 67 -70.78 4.80 -20.12
N TYR D 68 -71.83 4.62 -20.92
CA TYR D 68 -71.59 4.10 -22.26
C TYR D 68 -71.14 5.26 -23.16
N HIS D 69 -70.22 5.01 -24.10
CA HIS D 69 -69.68 6.08 -24.93
C HIS D 69 -70.56 6.33 -26.16
N ALA D 70 -70.93 7.59 -26.35
CA ALA D 70 -71.91 7.89 -27.37
C ALA D 70 -71.30 7.87 -28.78
N ASP D 71 -69.99 8.04 -28.86
CA ASP D 71 -69.31 8.12 -30.16
C ASP D 71 -68.71 6.79 -30.56
N VAL D 72 -69.02 5.71 -29.85
CA VAL D 72 -68.55 4.41 -30.32
C VAL D 72 -69.71 3.79 -31.07
N ALA D 73 -69.47 3.38 -32.31
CA ALA D 73 -70.57 3.09 -33.24
C ALA D 73 -71.49 2.00 -32.78
N TYR D 74 -70.93 0.94 -32.17
CA TYR D 74 -71.70 -0.28 -31.81
C TYR D 74 -71.82 -0.53 -30.31
N HIS D 75 -70.70 -0.68 -29.62
CA HIS D 75 -70.72 -0.98 -28.19
C HIS D 75 -71.17 0.18 -27.29
N ASN D 76 -72.43 0.57 -27.42
CA ASN D 76 -72.91 1.78 -26.80
C ASN D 76 -74.23 1.50 -26.15
N ASN D 77 -74.90 2.57 -25.75
CA ASN D 77 -76.15 2.46 -25.01
C ASN D 77 -77.24 1.72 -25.79
N ILE D 78 -77.28 1.85 -27.10
CA ILE D 78 -78.28 1.14 -27.87
C ILE D 78 -78.05 -0.36 -27.74
N HIS D 79 -76.83 -0.81 -27.97
CA HIS D 79 -76.49 -2.22 -27.84
C HIS D 79 -76.83 -2.80 -26.47
N ALA D 80 -76.52 -2.07 -25.40
CA ALA D 80 -76.87 -2.56 -24.08
C ALA D 80 -78.38 -2.63 -24.00
N ALA D 81 -79.06 -1.59 -24.43
CA ALA D 81 -80.52 -1.62 -24.43
C ALA D 81 -80.99 -2.86 -25.18
N ASP D 82 -80.50 -3.07 -26.41
CA ASP D 82 -80.81 -4.25 -27.20
C ASP D 82 -80.64 -5.60 -26.47
N VAL D 83 -79.46 -5.83 -25.90
CA VAL D 83 -79.21 -7.06 -25.18
C VAL D 83 -80.13 -7.17 -23.95
N VAL D 84 -80.40 -6.06 -23.28
CA VAL D 84 -81.25 -6.11 -22.10
C VAL D 84 -82.57 -6.67 -22.54
N GLN D 85 -83.15 -6.06 -23.58
CA GLN D 85 -84.45 -6.47 -24.03
C GLN D 85 -84.45 -7.92 -24.52
N SER D 86 -83.40 -8.32 -25.24
CA SER D 86 -83.31 -9.69 -25.74
C SER D 86 -83.29 -10.73 -24.61
N THR D 87 -82.37 -10.57 -23.67
CA THR D 87 -82.43 -11.35 -22.43
C THR D 87 -83.86 -11.45 -21.87
N HIS D 88 -84.52 -10.30 -21.66
CA HIS D 88 -85.91 -10.24 -21.18
C HIS D 88 -86.85 -11.12 -22.01
N VAL D 89 -86.75 -11.08 -23.31
CA VAL D 89 -87.55 -11.97 -24.09
C VAL D 89 -87.16 -13.41 -23.76
N LEU D 90 -85.87 -13.75 -23.88
CA LEU D 90 -85.45 -15.15 -23.72
C LEU D 90 -85.89 -15.72 -22.40
N LEU D 91 -85.81 -14.92 -21.34
CA LEU D 91 -86.30 -15.33 -20.01
C LEU D 91 -87.77 -15.74 -20.03
N SER D 92 -88.55 -15.23 -20.97
CA SER D 92 -89.97 -15.54 -20.96
C SER D 92 -90.29 -16.73 -21.82
N THR D 93 -89.27 -17.39 -22.33
CA THR D 93 -89.51 -18.54 -23.19
C THR D 93 -90.27 -19.63 -22.41
N PRO D 94 -91.35 -20.19 -22.99
CA PRO D 94 -92.20 -21.21 -22.32
C PRO D 94 -91.43 -22.38 -21.70
N ALA D 95 -90.39 -22.87 -22.36
CA ALA D 95 -89.55 -23.93 -21.79
C ALA D 95 -88.79 -23.54 -20.50
N LEU D 96 -88.78 -22.25 -20.14
CA LEU D 96 -88.07 -21.80 -18.95
C LEU D 96 -89.03 -21.26 -17.92
N GLU D 97 -90.30 -21.60 -18.07
CA GLU D 97 -91.35 -21.12 -17.22
C GLU D 97 -91.03 -21.41 -15.78
N ALA D 98 -91.02 -20.38 -14.94
CA ALA D 98 -90.81 -20.55 -13.51
C ALA D 98 -89.54 -21.34 -13.17
N VAL D 99 -88.64 -21.51 -14.12
CA VAL D 99 -87.34 -22.16 -13.85
C VAL D 99 -86.47 -21.31 -12.90
N PHE D 100 -86.58 -19.98 -13.00
CA PHE D 100 -85.64 -19.05 -12.38
C PHE D 100 -86.33 -18.23 -11.34
N THR D 101 -85.60 -17.95 -10.25
CA THR D 101 -86.08 -17.10 -9.18
C THR D 101 -86.04 -15.62 -9.60
N ASP D 102 -86.85 -14.82 -8.91
CA ASP D 102 -86.83 -13.37 -9.07
C ASP D 102 -85.40 -12.81 -8.93
N LEU D 103 -84.57 -13.45 -8.11
CA LEU D 103 -83.22 -12.95 -7.88
C LEU D 103 -82.36 -13.14 -9.14
N GLU D 104 -82.53 -14.31 -9.76
CA GLU D 104 -81.81 -14.65 -10.95
C GLU D 104 -82.34 -13.86 -12.15
N ILE D 105 -83.63 -13.60 -12.17
CA ILE D 105 -84.15 -12.79 -13.26
C ILE D 105 -83.55 -11.38 -13.16
N LEU D 106 -83.43 -10.88 -11.93
CA LEU D 106 -82.82 -9.57 -11.70
C LEU D 106 -81.35 -9.57 -12.08
N ALA D 107 -80.66 -10.67 -11.79
CA ALA D 107 -79.23 -10.75 -12.05
C ALA D 107 -78.95 -10.68 -13.54
N ALA D 108 -79.62 -11.57 -14.30
CA ALA D 108 -79.47 -11.61 -15.75
C ALA D 108 -79.83 -10.28 -16.45
N ILE D 109 -80.85 -9.61 -15.95
CA ILE D 109 -81.22 -8.38 -16.60
C ILE D 109 -80.21 -7.30 -16.28
N PHE D 110 -79.85 -7.17 -15.00
CA PHE D 110 -78.80 -6.25 -14.60
C PHE D 110 -77.50 -6.52 -15.36
N ALA D 111 -77.09 -7.78 -15.46
CA ALA D 111 -75.80 -8.06 -16.05
C ALA D 111 -75.80 -7.56 -17.49
N SER D 112 -76.93 -7.75 -18.19
CA SER D 112 -77.07 -7.37 -19.59
C SER D 112 -76.96 -5.87 -19.70
N ALA D 113 -77.52 -5.18 -18.72
CA ALA D 113 -77.47 -3.73 -18.80
C ALA D 113 -76.02 -3.28 -18.66
N ILE D 114 -75.25 -3.94 -17.80
CA ILE D 114 -73.91 -3.42 -17.55
C ILE D 114 -72.80 -4.08 -18.33
N HIS D 115 -73.12 -4.98 -19.25
CA HIS D 115 -72.17 -6.01 -19.69
C HIS D 115 -71.10 -5.46 -20.63
N ASP D 116 -71.34 -4.27 -21.18
CA ASP D 116 -70.37 -3.58 -22.01
C ASP D 116 -70.17 -2.14 -21.57
N VAL D 117 -70.55 -1.80 -20.33
CA VAL D 117 -70.44 -0.39 -19.95
C VAL D 117 -69.00 0.13 -20.14
N ASP D 118 -68.87 1.38 -20.60
CA ASP D 118 -67.61 2.10 -20.74
C ASP D 118 -66.67 1.43 -21.72
N HIS D 119 -67.23 0.79 -22.76
CA HIS D 119 -66.45 0.13 -23.82
C HIS D 119 -65.70 1.11 -24.69
N PRO D 120 -64.37 1.00 -24.77
CA PRO D 120 -63.70 2.06 -25.55
C PRO D 120 -63.79 1.95 -27.09
N GLY D 121 -64.51 0.98 -27.61
CA GLY D 121 -64.52 0.75 -29.05
C GLY D 121 -63.31 -0.01 -29.65
N VAL D 122 -62.57 -0.71 -28.81
CA VAL D 122 -61.47 -1.54 -29.28
C VAL D 122 -61.49 -2.86 -28.55
N SER D 123 -60.93 -3.90 -29.17
CA SER D 123 -61.04 -5.25 -28.66
C SER D 123 -60.06 -5.57 -27.52
N ASN D 124 -60.36 -6.66 -26.80
CA ASN D 124 -59.45 -7.20 -25.79
C ASN D 124 -58.05 -7.30 -26.34
N GLN D 125 -57.93 -7.93 -27.51
CA GLN D 125 -56.65 -8.15 -28.12
C GLN D 125 -55.96 -6.82 -28.47
N PHE D 126 -56.71 -5.83 -28.98
CA PHE D 126 -56.14 -4.51 -29.27
C PHE D 126 -55.51 -3.98 -28.00
N LEU D 127 -56.27 -4.09 -26.89
CA LEU D 127 -55.80 -3.60 -25.60
C LEU D 127 -54.61 -4.38 -25.08
N ILE D 128 -54.55 -5.68 -25.39
CA ILE D 128 -53.36 -6.41 -24.99
C ILE D 128 -52.20 -5.99 -25.87
N ASN D 129 -52.45 -5.79 -27.15
CA ASN D 129 -51.35 -5.50 -28.07
C ASN D 129 -50.83 -4.10 -27.88
N THR D 130 -51.64 -3.19 -27.34
CA THR D 130 -51.15 -1.83 -27.20
C THR D 130 -50.59 -1.53 -25.84
N ASN D 131 -50.45 -2.56 -25.02
CA ASN D 131 -49.89 -2.42 -23.69
C ASN D 131 -50.59 -1.27 -22.96
N SER D 132 -51.92 -1.37 -22.96
CA SER D 132 -52.82 -0.43 -22.30
C SER D 132 -52.95 -0.65 -20.78
N GLU D 133 -53.41 0.40 -20.11
CA GLU D 133 -53.67 0.40 -18.69
C GLU D 133 -54.67 -0.69 -18.31
N LEU D 134 -55.73 -0.85 -19.09
CA LEU D 134 -56.71 -1.94 -18.87
C LEU D 134 -56.08 -3.36 -18.91
N ALA D 135 -55.31 -3.64 -19.95
CA ALA D 135 -54.72 -4.99 -20.05
C ALA D 135 -53.64 -5.22 -18.97
N LEU D 136 -53.07 -4.15 -18.45
CA LEU D 136 -52.14 -4.25 -17.37
C LEU D 136 -52.88 -4.42 -16.07
N MET D 137 -53.97 -3.71 -15.91
CA MET D 137 -54.78 -3.87 -14.73
C MET D 137 -55.23 -5.31 -14.63
N TYR D 138 -55.69 -5.87 -15.72
CA TYR D 138 -56.36 -7.16 -15.64
C TYR D 138 -55.56 -8.40 -16.07
N ASN D 139 -54.25 -8.26 -16.24
CA ASN D 139 -53.42 -9.40 -16.65
C ASN D 139 -53.94 -10.18 -17.88
N ASP D 140 -54.43 -9.44 -18.88
CA ASP D 140 -54.66 -9.93 -20.22
C ASP D 140 -55.85 -10.84 -20.28
N SER D 141 -56.51 -10.97 -19.15
CA SER D 141 -57.54 -11.95 -19.06
C SER D 141 -58.93 -11.35 -18.85
N SER D 142 -59.84 -11.62 -19.78
CA SER D 142 -61.16 -10.96 -19.85
C SER D 142 -61.03 -9.52 -19.40
N VAL D 143 -60.36 -8.71 -20.21
CA VAL D 143 -59.93 -7.38 -19.81
C VAL D 143 -61.11 -6.42 -19.73
N LEU D 144 -61.80 -6.25 -20.84
CA LEU D 144 -62.99 -5.39 -20.91
C LEU D 144 -64.08 -5.89 -19.97
N GLU D 145 -64.32 -7.19 -19.99
CA GLU D 145 -65.42 -7.76 -19.23
C GLU D 145 -65.28 -7.42 -17.75
N ASN D 146 -64.06 -7.54 -17.24
CA ASN D 146 -63.78 -7.23 -15.85
C ASN D 146 -64.10 -5.74 -15.58
N HIS D 147 -63.74 -4.91 -16.54
CA HIS D 147 -63.86 -3.51 -16.35
C HIS D 147 -65.35 -3.20 -16.37
N HIS D 148 -66.07 -3.80 -17.31
CA HIS D 148 -67.51 -3.60 -17.41
C HIS D 148 -68.15 -3.87 -16.03
N LEU D 149 -67.75 -4.94 -15.39
CA LEU D 149 -68.27 -5.21 -14.05
C LEU D 149 -67.87 -4.08 -13.11
N ALA D 150 -66.57 -3.94 -12.83
CA ALA D 150 -66.08 -2.85 -11.97
C ALA D 150 -66.84 -1.51 -12.13
N VAL D 151 -67.01 -1.07 -13.36
CA VAL D 151 -67.66 0.19 -13.56
C VAL D 151 -69.13 0.16 -13.13
N GLY D 152 -69.88 -0.83 -13.63
CA GLY D 152 -71.30 -0.93 -13.34
C GLY D 152 -71.59 -1.22 -11.88
N PHE D 153 -70.69 -1.93 -11.19
CA PHE D 153 -70.87 -2.08 -9.73
C PHE D 153 -70.57 -0.75 -9.02
N LYS D 154 -69.52 -0.06 -9.47
CA LYS D 154 -69.10 1.15 -8.81
C LYS D 154 -70.18 2.25 -8.88
N LEU D 155 -70.92 2.30 -9.99
CA LEU D 155 -71.99 3.29 -10.18
C LEU D 155 -73.14 3.11 -9.20
N LEU D 156 -73.28 1.90 -8.64
CA LEU D 156 -74.19 1.67 -7.54
C LEU D 156 -73.87 2.49 -6.28
N GLN D 157 -72.65 3.01 -6.17
CA GLN D 157 -72.22 3.81 -5.00
C GLN D 157 -72.35 5.34 -5.13
N GLU D 158 -72.75 5.84 -6.30
CA GLU D 158 -73.13 7.26 -6.46
C GLU D 158 -74.34 7.63 -5.61
N GLU D 159 -74.58 8.92 -5.44
CA GLU D 159 -75.69 9.40 -4.59
C GLU D 159 -77.04 8.89 -5.08
N ASN D 160 -77.73 8.18 -4.19
CA ASN D 160 -79.04 7.62 -4.50
C ASN D 160 -79.05 6.75 -5.78
N CYS D 161 -78.00 5.95 -5.96
CA CYS D 161 -77.90 4.99 -7.07
C CYS D 161 -77.95 3.51 -6.70
N ASP D 162 -78.02 3.18 -5.41
CA ASP D 162 -77.96 1.78 -5.08
C ASP D 162 -79.32 1.19 -5.18
N ILE D 163 -79.65 0.68 -6.36
CA ILE D 163 -80.92 0.03 -6.61
C ILE D 163 -81.09 -1.25 -5.78
N PHE D 164 -80.00 -1.74 -5.20
CA PHE D 164 -80.05 -2.98 -4.44
C PHE D 164 -80.06 -2.75 -2.93
N GLN D 165 -80.49 -1.58 -2.50
CA GLN D 165 -80.48 -1.21 -1.07
C GLN D 165 -81.41 -1.98 -0.14
N ASN D 166 -82.30 -2.80 -0.67
CA ASN D 166 -83.29 -3.48 0.18
C ASN D 166 -83.30 -4.96 -0.02
N LEU D 167 -82.29 -5.46 -0.73
CA LEU D 167 -82.01 -6.90 -0.74
C LEU D 167 -81.30 -7.28 0.57
N THR D 168 -81.36 -8.54 0.92
CA THR D 168 -80.69 -9.00 2.11
C THR D 168 -79.23 -9.17 1.74
N LYS D 169 -78.38 -9.35 2.74
CA LYS D 169 -76.94 -9.43 2.53
C LYS D 169 -76.58 -10.65 1.69
N LYS D 170 -77.26 -11.75 1.96
CA LYS D 170 -77.07 -13.01 1.24
C LYS D 170 -77.55 -12.84 -0.19
N GLN D 171 -78.63 -12.07 -0.37
CA GLN D 171 -79.08 -11.77 -1.72
C GLN D 171 -78.08 -10.90 -2.46
N ARG D 172 -77.64 -9.80 -1.84
CA ARG D 172 -76.65 -8.90 -2.44
C ARG D 172 -75.36 -9.65 -2.86
N GLN D 173 -74.87 -10.55 -1.99
CA GLN D 173 -73.77 -11.46 -2.31
C GLN D 173 -74.09 -12.41 -3.46
N SER D 174 -75.19 -13.13 -3.34
CA SER D 174 -75.63 -14.01 -4.39
C SER D 174 -75.78 -13.31 -5.75
N LEU D 175 -76.41 -12.14 -5.79
CA LEU D 175 -76.55 -11.48 -7.08
C LEU D 175 -75.18 -11.00 -7.60
N ARG D 176 -74.37 -10.44 -6.72
CA ARG D 176 -73.05 -9.98 -7.13
C ARG D 176 -72.37 -11.07 -7.95
N LYS D 177 -72.15 -12.22 -7.30
CA LYS D 177 -71.59 -13.42 -7.92
C LYS D 177 -72.24 -13.90 -9.23
N MET D 178 -73.57 -13.85 -9.31
CA MET D 178 -74.29 -14.24 -10.52
C MET D 178 -73.95 -13.30 -11.67
N VAL D 179 -73.99 -12.00 -11.38
CA VAL D 179 -73.64 -10.97 -12.36
C VAL D 179 -72.23 -11.16 -12.88
N ILE D 180 -71.25 -11.22 -11.97
CA ILE D 180 -69.87 -11.46 -12.37
C ILE D 180 -69.78 -12.69 -13.30
N ASP D 181 -70.40 -13.78 -12.90
CA ASP D 181 -70.27 -15.02 -13.65
C ASP D 181 -70.83 -14.83 -15.04
N ILE D 182 -71.91 -14.08 -15.16
CA ILE D 182 -72.59 -13.95 -16.44
C ILE D 182 -71.81 -13.02 -17.39
N VAL D 183 -71.40 -11.86 -16.90
CA VAL D 183 -70.67 -10.97 -17.73
C VAL D 183 -69.29 -11.52 -18.21
N LEU D 184 -68.49 -12.12 -17.33
CA LEU D 184 -67.25 -12.77 -17.79
C LEU D 184 -67.54 -13.82 -18.88
N ALA D 185 -68.62 -14.57 -18.74
CA ALA D 185 -68.99 -15.52 -19.77
C ALA D 185 -69.16 -14.87 -21.16
N THR D 186 -69.43 -13.56 -21.20
CA THR D 186 -69.67 -12.91 -22.49
C THR D 186 -68.38 -12.66 -23.24
N ASP D 187 -67.25 -13.02 -22.62
CA ASP D 187 -65.93 -12.87 -23.23
C ASP D 187 -65.86 -13.85 -24.41
N MET D 188 -65.71 -13.30 -25.62
CA MET D 188 -65.67 -14.15 -26.82
C MET D 188 -64.64 -15.26 -26.80
N SER D 189 -63.56 -15.12 -26.06
CA SER D 189 -62.56 -16.20 -26.05
C SER D 189 -63.00 -17.41 -25.20
N LYS D 190 -64.10 -17.29 -24.45
CA LYS D 190 -64.71 -18.41 -23.71
C LYS D 190 -65.88 -19.04 -24.45
N HIS D 191 -66.13 -18.56 -25.66
CA HIS D 191 -67.20 -19.09 -26.48
C HIS D 191 -67.15 -20.59 -26.78
N MET D 192 -66.06 -21.07 -27.35
CA MET D 192 -65.99 -22.50 -27.66
C MET D 192 -66.32 -23.34 -26.43
N ASN D 193 -65.67 -23.03 -25.32
CA ASN D 193 -65.91 -23.80 -24.12
C ASN D 193 -67.38 -23.64 -23.64
N LEU D 194 -67.86 -22.41 -23.63
CA LEU D 194 -69.23 -22.19 -23.21
C LEU D 194 -70.19 -23.13 -23.96
N LEU D 195 -69.95 -23.27 -25.27
CA LEU D 195 -70.83 -23.96 -26.18
C LEU D 195 -70.72 -25.48 -26.03
N ALA D 196 -69.48 -25.97 -25.88
CA ALA D 196 -69.30 -27.39 -25.56
C ALA D 196 -70.12 -27.66 -24.31
N ASP D 197 -70.07 -26.73 -23.37
CA ASP D 197 -70.78 -26.95 -22.10
C ASP D 197 -72.29 -26.88 -22.27
N LEU D 198 -72.77 -25.98 -23.11
CA LEU D 198 -74.19 -25.98 -23.37
C LEU D 198 -74.61 -27.33 -23.96
N LYS D 199 -73.95 -27.72 -25.05
CA LYS D 199 -74.18 -29.01 -25.68
C LYS D 199 -74.25 -30.16 -24.69
N THR D 200 -73.26 -30.26 -23.81
CA THR D 200 -73.26 -31.28 -22.76
C THR D 200 -74.55 -31.25 -21.93
N MET D 201 -75.02 -30.06 -21.62
CA MET D 201 -76.25 -29.92 -20.84
C MET D 201 -77.46 -30.38 -21.62
N VAL D 202 -77.42 -30.13 -22.93
CA VAL D 202 -78.48 -30.54 -23.84
C VAL D 202 -78.73 -32.07 -23.87
N GLU D 203 -77.67 -32.86 -23.70
CA GLU D 203 -77.81 -34.32 -23.74
C GLU D 203 -78.13 -34.95 -22.39
N THR D 204 -77.85 -34.23 -21.31
CA THR D 204 -78.29 -34.72 -20.01
C THR D 204 -79.59 -34.00 -19.65
N LYS D 205 -80.19 -33.37 -20.66
CA LYS D 205 -81.44 -32.63 -20.54
C LYS D 205 -82.59 -33.45 -19.93
N LYS D 206 -83.24 -32.86 -18.91
CA LYS D 206 -84.45 -33.44 -18.29
C LYS D 206 -85.56 -32.40 -18.30
N VAL D 207 -86.80 -32.82 -18.52
CA VAL D 207 -87.92 -31.86 -18.65
C VAL D 207 -89.10 -32.27 -17.78
N THR D 208 -90.09 -31.36 -17.63
CA THR D 208 -91.38 -31.79 -17.08
C THR D 208 -92.25 -32.46 -18.15
N SER D 209 -93.40 -32.98 -17.70
CA SER D 209 -94.37 -33.56 -18.61
C SER D 209 -94.75 -32.63 -19.78
N SER D 210 -94.67 -31.31 -19.57
CA SER D 210 -95.00 -30.35 -20.63
C SER D 210 -93.74 -29.71 -21.21
N GLY D 211 -92.61 -30.40 -21.10
CA GLY D 211 -91.38 -29.93 -21.70
C GLY D 211 -90.73 -28.74 -21.02
N VAL D 212 -91.04 -28.53 -19.75
CA VAL D 212 -90.42 -27.44 -18.99
C VAL D 212 -89.08 -27.89 -18.38
N LEU D 213 -88.04 -27.10 -18.59
CA LEU D 213 -86.70 -27.43 -18.16
C LEU D 213 -86.60 -27.60 -16.65
N LEU D 214 -85.76 -28.53 -16.20
CA LEU D 214 -85.52 -28.76 -14.78
C LEU D 214 -84.04 -28.56 -14.49
N LEU D 215 -83.74 -27.63 -13.58
CA LEU D 215 -82.37 -27.29 -13.17
C LEU D 215 -82.29 -27.01 -11.67
N ASP D 216 -82.14 -28.06 -10.89
CA ASP D 216 -82.11 -27.93 -9.43
C ASP D 216 -80.83 -27.26 -8.89
N ASN D 217 -79.65 -27.76 -9.25
CA ASN D 217 -78.40 -27.21 -8.67
C ASN D 217 -77.93 -25.88 -9.28
N TYR D 218 -77.30 -25.03 -8.47
CA TYR D 218 -76.85 -23.69 -8.92
C TYR D 218 -76.03 -23.75 -10.23
N SER D 219 -75.09 -24.70 -10.28
CA SER D 219 -74.11 -24.80 -11.33
C SER D 219 -74.72 -24.88 -12.74
N ASP D 220 -75.79 -25.67 -12.85
CA ASP D 220 -76.58 -25.78 -14.08
C ASP D 220 -77.35 -24.49 -14.38
N ARG D 221 -77.87 -23.87 -13.33
CA ARG D 221 -78.69 -22.66 -13.48
C ARG D 221 -77.92 -21.49 -14.03
N ILE D 222 -76.72 -21.26 -13.51
CA ILE D 222 -75.93 -20.11 -13.95
C ILE D 222 -75.45 -20.31 -15.39
N GLN D 223 -75.10 -21.53 -15.73
CA GLN D 223 -74.62 -21.82 -17.06
C GLN D 223 -75.67 -21.54 -18.14
N VAL D 224 -76.93 -21.72 -17.79
CA VAL D 224 -78.00 -21.43 -18.71
C VAL D 224 -78.17 -19.93 -18.86
N LEU D 225 -77.97 -19.19 -17.78
CA LEU D 225 -78.08 -17.74 -17.88
C LEU D 225 -76.81 -17.17 -18.53
N GLN D 226 -75.67 -17.79 -18.24
CA GLN D 226 -74.46 -17.42 -18.97
C GLN D 226 -74.75 -17.49 -20.48
N ASN D 227 -75.29 -18.62 -20.93
CA ASN D 227 -75.54 -18.77 -22.37
C ASN D 227 -76.64 -17.89 -22.87
N MET D 228 -77.69 -17.75 -22.09
CA MET D 228 -78.79 -16.84 -22.46
C MET D 228 -78.29 -15.42 -22.85
N VAL D 229 -77.41 -14.87 -22.02
CA VAL D 229 -76.94 -13.52 -22.24
C VAL D 229 -75.87 -13.43 -23.32
N HIS D 230 -75.05 -14.45 -23.39
CA HIS D 230 -74.21 -14.68 -24.55
C HIS D 230 -75.04 -14.72 -25.87
N CYS D 231 -76.22 -15.33 -25.84
CA CYS D 231 -77.13 -15.27 -27.01
C CYS D 231 -77.66 -13.86 -27.26
N ALA D 232 -78.17 -13.21 -26.22
CA ALA D 232 -78.72 -11.86 -26.41
C ALA D 232 -77.62 -11.06 -27.04
N ASP D 233 -76.45 -11.12 -26.40
CA ASP D 233 -75.27 -10.47 -26.91
C ASP D 233 -74.99 -10.71 -28.40
N LEU D 234 -75.01 -11.98 -28.79
CA LEU D 234 -74.81 -12.38 -30.18
C LEU D 234 -76.13 -12.53 -30.94
N SER D 235 -77.03 -11.56 -30.79
CA SER D 235 -78.35 -11.79 -31.30
C SER D 235 -78.75 -10.99 -32.53
N ASN D 236 -77.88 -10.09 -33.01
CA ASN D 236 -78.34 -9.29 -34.12
C ASN D 236 -78.59 -9.94 -35.47
N PRO D 237 -77.86 -11.03 -35.77
CA PRO D 237 -78.28 -11.71 -37.01
C PRO D 237 -79.60 -12.50 -36.84
N THR D 238 -80.20 -12.49 -35.65
CA THR D 238 -81.46 -13.21 -35.49
C THR D 238 -82.65 -12.27 -35.52
N LYS D 239 -82.39 -11.00 -35.77
CA LYS D 239 -83.44 -10.00 -35.76
C LYS D 239 -83.90 -9.69 -37.18
N PRO D 240 -85.10 -9.13 -37.33
CA PRO D 240 -85.57 -8.68 -38.62
C PRO D 240 -84.43 -8.12 -39.46
N LEU D 241 -84.42 -8.39 -40.75
CA LEU D 241 -83.24 -8.08 -41.55
C LEU D 241 -82.79 -6.62 -41.43
N GLN D 242 -83.75 -5.72 -41.29
CA GLN D 242 -83.53 -4.29 -41.30
C GLN D 242 -82.80 -3.78 -40.04
N LEU D 243 -82.95 -4.48 -38.91
CA LEU D 243 -82.21 -4.14 -37.68
C LEU D 243 -80.81 -4.72 -37.77
N TYR D 244 -80.73 -5.94 -38.28
CA TYR D 244 -79.46 -6.61 -38.45
C TYR D 244 -78.52 -5.75 -39.29
N ARG D 245 -79.00 -5.20 -40.40
CA ARG D 245 -78.08 -4.50 -41.27
C ARG D 245 -77.54 -3.28 -40.56
N GLN D 246 -78.37 -2.65 -39.75
CA GLN D 246 -77.88 -1.52 -39.00
C GLN D 246 -76.80 -1.92 -38.01
N TRP D 247 -77.02 -3.02 -37.31
CA TRP D 247 -76.02 -3.56 -36.37
C TRP D 247 -74.71 -3.90 -37.09
N THR D 248 -74.81 -4.21 -38.37
CA THR D 248 -73.61 -4.63 -39.07
C THR D 248 -72.83 -3.37 -39.47
N ASP D 249 -73.56 -2.34 -39.80
CA ASP D 249 -72.89 -1.14 -40.25
C ASP D 249 -72.18 -0.55 -39.06
N ARG D 250 -72.81 -0.69 -37.90
CA ARG D 250 -72.28 -0.05 -36.74
C ARG D 250 -71.00 -0.77 -36.27
N ILE D 251 -71.01 -2.10 -36.18
CA ILE D 251 -69.78 -2.75 -35.77
C ILE D 251 -68.69 -2.63 -36.82
N MET D 252 -69.08 -2.61 -38.09
CA MET D 252 -68.10 -2.37 -39.14
C MET D 252 -67.44 -1.01 -39.00
N GLU D 253 -68.21 0.02 -38.65
CA GLU D 253 -67.63 1.35 -38.46
C GLU D 253 -66.68 1.33 -37.27
N GLU D 254 -67.11 0.68 -36.19
CA GLU D 254 -66.29 0.60 -34.98
C GLU D 254 -64.99 -0.20 -35.20
N PHE D 255 -65.07 -1.33 -35.91
CA PHE D 255 -63.88 -2.10 -36.24
C PHE D 255 -62.95 -1.31 -37.14
N PHE D 256 -63.49 -0.74 -38.19
CA PHE D 256 -62.66 0.08 -39.06
C PHE D 256 -61.96 1.20 -38.29
N ARG D 257 -62.56 1.64 -37.20
CA ARG D 257 -61.94 2.74 -36.45
C ARG D 257 -60.77 2.20 -35.68
N GLN D 258 -60.93 0.98 -35.18
CA GLN D 258 -59.78 0.30 -34.57
C GLN D 258 -58.64 0.11 -35.58
N GLY D 259 -59.00 -0.26 -36.81
CA GLY D 259 -58.03 -0.48 -37.89
C GLY D 259 -57.24 0.76 -38.23
N ASP D 260 -57.86 1.90 -38.01
CA ASP D 260 -57.22 3.18 -38.28
C ASP D 260 -56.22 3.54 -37.20
N ARG D 261 -56.59 3.25 -35.96
CA ARG D 261 -55.71 3.41 -34.82
C ARG D 261 -54.52 2.46 -34.96
N GLU D 262 -54.78 1.23 -35.36
CA GLU D 262 -53.69 0.31 -35.62
C GLU D 262 -52.80 0.83 -36.71
N ARG D 263 -53.37 1.15 -37.87
CA ARG D 263 -52.58 1.61 -39.02
C ARG D 263 -51.63 2.74 -38.63
N GLU D 264 -52.17 3.69 -37.87
CA GLU D 264 -51.43 4.84 -37.38
C GLU D 264 -50.29 4.51 -36.42
N ARG D 265 -50.40 3.43 -35.65
CA ARG D 265 -49.35 3.01 -34.71
C ARG D 265 -48.33 2.11 -35.40
N GLY D 266 -48.53 1.89 -36.70
CA GLY D 266 -47.67 1.02 -37.47
C GLY D 266 -47.74 -0.44 -37.09
N MET D 267 -48.91 -0.91 -36.65
CA MET D 267 -49.11 -2.34 -36.36
C MET D 267 -49.70 -3.14 -37.56
N GLU D 268 -49.63 -4.45 -37.48
CA GLU D 268 -50.35 -5.26 -38.43
C GLU D 268 -51.81 -4.95 -38.17
N ILE D 269 -52.60 -4.75 -39.22
CA ILE D 269 -54.04 -4.50 -39.05
C ILE D 269 -54.84 -5.76 -38.72
N SER D 270 -55.59 -5.74 -37.62
CA SER D 270 -56.41 -6.88 -37.25
C SER D 270 -57.35 -7.31 -38.40
N PRO D 271 -57.50 -8.64 -38.61
CA PRO D 271 -58.46 -9.21 -39.57
C PRO D 271 -59.85 -8.57 -39.45
N MET D 272 -60.43 -8.18 -40.59
CA MET D 272 -61.73 -7.47 -40.63
C MET D 272 -61.71 -6.03 -40.09
N CYS D 273 -60.53 -5.50 -39.79
CA CYS D 273 -60.48 -4.12 -39.32
C CYS D 273 -59.95 -3.21 -40.39
N ASP D 274 -59.66 -3.77 -41.57
CA ASP D 274 -59.10 -2.95 -42.62
C ASP D 274 -60.19 -2.47 -43.58
N LYS D 275 -60.51 -1.19 -43.52
CA LYS D 275 -61.59 -0.65 -44.38
C LYS D 275 -61.20 -0.66 -45.85
N HIS D 276 -59.97 -1.08 -46.18
CA HIS D 276 -59.55 -1.16 -47.57
C HIS D 276 -59.63 -2.59 -48.12
N ASN D 277 -59.52 -3.58 -47.24
CA ASN D 277 -59.75 -4.99 -47.62
C ASN D 277 -60.84 -5.64 -46.79
N ALA D 278 -62.02 -5.04 -46.73
CA ALA D 278 -63.14 -5.66 -46.00
C ALA D 278 -63.99 -6.57 -46.89
N SER D 279 -64.59 -7.56 -46.26
CA SER D 279 -65.54 -8.44 -46.94
C SER D 279 -66.69 -8.58 -45.97
N VAL D 280 -67.44 -7.50 -45.83
CA VAL D 280 -68.47 -7.37 -44.81
C VAL D 280 -69.48 -8.51 -44.97
N GLU D 281 -69.87 -8.81 -46.21
CA GLU D 281 -70.90 -9.83 -46.40
C GLU D 281 -70.36 -11.22 -46.14
N LYS D 282 -69.22 -11.58 -46.74
CA LYS D 282 -68.56 -12.82 -46.32
C LYS D 282 -68.33 -12.92 -44.80
N SER D 283 -67.88 -11.84 -44.16
CA SER D 283 -67.64 -11.92 -42.73
C SER D 283 -68.90 -12.35 -41.98
N GLN D 284 -70.04 -11.77 -42.33
CA GLN D 284 -71.28 -12.09 -41.62
C GLN D 284 -71.70 -13.52 -41.93
N VAL D 285 -71.66 -13.92 -43.18
CA VAL D 285 -71.96 -15.30 -43.48
C VAL D 285 -71.03 -16.23 -42.68
N GLY D 286 -69.73 -15.93 -42.66
CA GLY D 286 -68.79 -16.71 -41.84
C GLY D 286 -69.06 -16.66 -40.34
N PHE D 287 -69.53 -15.51 -39.83
CA PHE D 287 -69.86 -15.36 -38.42
C PHE D 287 -71.15 -16.12 -38.08
N ILE D 288 -72.08 -16.21 -39.03
CA ILE D 288 -73.27 -17.01 -38.77
C ILE D 288 -72.87 -18.47 -38.78
N ASP D 289 -71.98 -18.83 -39.69
CA ASP D 289 -71.70 -20.24 -39.91
C ASP D 289 -70.86 -20.86 -38.80
N TYR D 290 -69.92 -20.12 -38.25
CA TYR D 290 -68.97 -20.71 -37.32
C TYR D 290 -69.28 -20.42 -35.86
N ILE D 291 -70.04 -19.34 -35.60
CA ILE D 291 -70.41 -18.95 -34.24
C ILE D 291 -71.90 -18.86 -33.93
N VAL D 292 -72.63 -17.99 -34.61
CA VAL D 292 -74.00 -17.62 -34.17
C VAL D 292 -75.00 -18.76 -34.39
N HIS D 293 -74.90 -19.39 -35.55
CA HIS D 293 -75.78 -20.51 -35.83
C HIS D 293 -75.49 -21.71 -34.93
N PRO D 294 -74.26 -22.22 -34.92
CA PRO D 294 -74.07 -23.31 -33.98
C PRO D 294 -74.60 -22.94 -32.59
N LEU D 295 -74.36 -21.70 -32.16
CA LEU D 295 -74.79 -21.31 -30.83
C LEU D 295 -76.30 -21.31 -30.69
N TRP D 296 -77.01 -20.77 -31.67
CA TRP D 296 -78.44 -20.62 -31.45
C TRP D 296 -79.17 -21.92 -31.71
N GLU D 297 -78.57 -22.78 -32.51
CA GLU D 297 -79.09 -24.11 -32.70
C GLU D 297 -79.10 -24.91 -31.41
N THR D 298 -78.06 -24.73 -30.62
CA THR D 298 -77.94 -25.50 -29.39
C THR D 298 -78.92 -24.96 -28.34
N TRP D 299 -79.01 -23.63 -28.26
CA TRP D 299 -80.06 -22.98 -27.48
C TRP D 299 -81.45 -23.50 -27.89
N ALA D 300 -81.74 -23.45 -29.20
CA ALA D 300 -82.91 -24.11 -29.81
C ALA D 300 -83.24 -25.49 -29.25
N ASP D 301 -82.25 -26.38 -29.17
CA ASP D 301 -82.47 -27.70 -28.60
C ASP D 301 -82.91 -27.57 -27.16
N LEU D 302 -82.05 -26.94 -26.38
CA LEU D 302 -82.30 -26.77 -24.99
C LEU D 302 -83.71 -26.22 -24.67
N VAL D 303 -84.31 -25.46 -25.58
CA VAL D 303 -85.64 -24.89 -25.31
C VAL D 303 -86.67 -25.28 -26.37
N HIS D 304 -86.34 -26.30 -27.15
CA HIS D 304 -87.23 -26.82 -28.20
C HIS D 304 -88.70 -26.86 -27.75
N PRO D 305 -89.62 -26.41 -28.61
CA PRO D 305 -89.41 -25.89 -29.96
C PRO D 305 -89.45 -24.40 -29.95
N ASP D 306 -89.21 -23.81 -28.79
CA ASP D 306 -89.51 -22.40 -28.57
C ASP D 306 -88.73 -21.42 -29.40
N ALA D 307 -87.47 -21.71 -29.72
CA ALA D 307 -86.63 -20.75 -30.44
C ALA D 307 -86.68 -20.92 -31.97
N GLN D 308 -87.70 -21.62 -32.45
CA GLN D 308 -87.75 -22.04 -33.83
C GLN D 308 -87.90 -20.82 -34.73
N ASP D 309 -88.67 -19.84 -34.28
CA ASP D 309 -88.84 -18.60 -35.04
C ASP D 309 -87.54 -17.77 -35.09
N ILE D 310 -86.89 -17.57 -33.94
CA ILE D 310 -85.61 -16.88 -33.94
C ILE D 310 -84.64 -17.54 -34.94
N LEU D 311 -84.66 -18.87 -35.05
CA LEU D 311 -83.73 -19.63 -35.90
C LEU D 311 -84.01 -19.41 -37.39
N ASP D 312 -85.28 -19.45 -37.75
CA ASP D 312 -85.72 -19.20 -39.12
C ASP D 312 -85.23 -17.86 -39.62
N THR D 313 -85.41 -16.83 -38.78
CA THR D 313 -84.97 -15.50 -39.15
C THR D 313 -83.47 -15.48 -39.40
N LEU D 314 -82.73 -16.17 -38.53
CA LEU D 314 -81.31 -16.30 -38.64
C LEU D 314 -80.89 -17.05 -39.89
N GLU D 315 -81.68 -18.05 -40.33
CA GLU D 315 -81.37 -18.70 -41.61
C GLU D 315 -81.78 -17.90 -42.83
N ASP D 316 -82.84 -17.11 -42.68
CA ASP D 316 -83.27 -16.18 -43.70
C ASP D 316 -82.18 -15.15 -43.95
N ASN D 317 -81.60 -14.63 -42.86
CA ASN D 317 -80.69 -13.50 -42.99
C ASN D 317 -79.38 -14.01 -43.57
N ARG D 318 -79.08 -15.27 -43.32
CA ARG D 318 -77.86 -15.84 -43.81
C ARG D 318 -77.99 -16.00 -45.31
N GLU D 319 -79.17 -16.44 -45.74
CA GLU D 319 -79.46 -16.57 -47.15
C GLU D 319 -79.34 -15.21 -47.84
N TRP D 320 -79.95 -14.20 -47.24
CA TRP D 320 -79.90 -12.87 -47.83
C TRP D 320 -78.46 -12.34 -47.99
N TYR D 321 -77.63 -12.44 -46.93
CA TYR D 321 -76.23 -11.98 -47.01
C TYR D 321 -75.40 -12.77 -47.99
N GLN D 322 -75.59 -14.10 -48.03
CA GLN D 322 -74.94 -14.86 -49.09
C GLN D 322 -75.40 -14.37 -50.47
N SER D 323 -76.69 -14.09 -50.66
CA SER D 323 -77.14 -13.64 -51.97
C SER D 323 -76.44 -12.36 -52.42
N THR D 324 -75.88 -11.59 -51.47
CA THR D 324 -75.21 -10.35 -51.86
C THR D 324 -73.78 -10.57 -52.36
N ILE D 325 -73.28 -11.81 -52.24
CA ILE D 325 -71.98 -12.18 -52.77
C ILE D 325 -72.18 -12.76 -54.16
N PRO D 326 -71.53 -12.17 -55.16
CA PRO D 326 -71.59 -12.70 -56.51
C PRO D 326 -70.66 -13.88 -56.67
N GLU E 2 -29.63 28.82 -69.08
CA GLU E 2 -30.86 28.00 -68.89
C GLU E 2 -30.54 26.55 -68.47
N GLN E 3 -29.27 26.27 -68.22
CA GLN E 3 -28.88 24.95 -67.69
C GLN E 3 -29.23 24.90 -66.21
N GLU E 4 -29.16 26.07 -65.57
CA GLU E 4 -29.52 26.23 -64.16
C GLU E 4 -31.01 25.93 -63.93
N ASP E 5 -31.87 26.61 -64.69
CA ASP E 5 -33.30 26.41 -64.54
C ASP E 5 -33.65 24.92 -64.50
N VAL E 6 -33.20 24.19 -65.52
CA VAL E 6 -33.39 22.74 -65.56
C VAL E 6 -32.78 22.05 -64.35
N LEU E 7 -31.63 22.53 -63.89
CA LEU E 7 -30.99 21.92 -62.72
C LEU E 7 -31.77 22.20 -61.43
N ALA E 8 -32.35 23.38 -61.34
CA ALA E 8 -33.27 23.71 -60.24
C ALA E 8 -34.48 22.75 -60.21
N LYS E 9 -35.10 22.59 -61.38
CA LYS E 9 -36.21 21.67 -61.54
C LYS E 9 -35.86 20.36 -60.91
N GLU E 10 -34.76 19.76 -61.37
CA GLU E 10 -34.34 18.46 -60.91
C GLU E 10 -34.14 18.36 -59.40
N LEU E 11 -33.48 19.35 -58.81
CA LEU E 11 -33.32 19.46 -57.36
C LEU E 11 -34.65 19.57 -56.57
N GLU E 12 -35.75 19.85 -57.26
CA GLU E 12 -37.05 19.88 -56.60
C GLU E 12 -37.40 18.53 -56.02
N ASP E 13 -36.80 17.46 -56.53
CA ASP E 13 -37.09 16.12 -56.03
C ASP E 13 -36.14 15.67 -54.93
N VAL E 14 -35.31 16.58 -54.42
CA VAL E 14 -34.30 16.17 -53.44
C VAL E 14 -34.86 15.30 -52.26
N ASN E 15 -36.16 15.44 -51.96
CA ASN E 15 -36.87 14.66 -50.90
C ASN E 15 -37.54 13.38 -51.40
N LYS E 16 -37.32 13.02 -52.65
CA LYS E 16 -37.99 11.87 -53.17
C LYS E 16 -36.98 10.78 -53.46
N TRP E 17 -37.40 9.53 -53.27
CA TRP E 17 -36.61 8.36 -53.57
C TRP E 17 -36.75 8.19 -55.07
N GLY E 18 -35.63 8.00 -55.78
CA GLY E 18 -35.67 7.92 -57.24
C GLY E 18 -35.30 9.21 -57.96
N LEU E 19 -34.69 10.14 -57.23
CA LEU E 19 -34.18 11.38 -57.78
C LEU E 19 -33.33 11.08 -59.00
N HIS E 20 -33.36 11.95 -60.01
CA HIS E 20 -32.54 11.72 -61.23
C HIS E 20 -31.12 12.18 -61.02
N VAL E 21 -30.35 11.35 -60.32
CA VAL E 21 -29.05 11.75 -59.87
C VAL E 21 -28.06 11.84 -61.01
N PHE E 22 -28.29 11.12 -62.09
CA PHE E 22 -27.33 11.17 -63.19
C PHE E 22 -27.51 12.45 -63.97
N ARG E 23 -28.76 12.81 -64.26
CA ARG E 23 -29.03 14.07 -64.94
C ARG E 23 -28.44 15.23 -64.17
N ILE E 24 -28.69 15.25 -62.87
CA ILE E 24 -28.14 16.26 -62.00
C ILE E 24 -26.62 16.31 -62.13
N ALA E 25 -25.98 15.14 -62.17
CA ALA E 25 -24.52 15.05 -62.37
C ALA E 25 -24.09 15.70 -63.68
N GLU E 26 -24.87 15.55 -64.75
CA GLU E 26 -24.60 16.28 -65.98
C GLU E 26 -24.87 17.78 -65.81
N LEU E 27 -26.14 18.12 -65.58
CA LEU E 27 -26.58 19.52 -65.56
C LEU E 27 -25.80 20.41 -64.62
N SER E 28 -25.06 19.82 -63.69
CA SER E 28 -24.29 20.63 -62.76
C SER E 28 -22.78 20.75 -63.12
N GLY E 29 -22.41 20.23 -64.28
CA GLY E 29 -21.00 20.13 -64.65
C GLY E 29 -20.23 19.17 -63.76
N ASN E 30 -20.82 18.00 -63.47
CA ASN E 30 -20.20 16.97 -62.64
C ASN E 30 -19.90 17.40 -61.19
N ARG E 31 -20.88 18.04 -60.60
CA ARG E 31 -20.83 18.47 -59.23
C ARG E 31 -22.07 17.94 -58.53
N PRO E 32 -22.46 16.68 -58.78
CA PRO E 32 -23.65 16.17 -58.03
C PRO E 32 -23.48 16.23 -56.51
N LEU E 33 -22.30 15.94 -56.02
CA LEU E 33 -22.14 15.90 -54.59
C LEU E 33 -22.39 17.30 -54.04
N THR E 34 -21.75 18.28 -54.67
CA THR E 34 -21.79 19.63 -54.16
C THR E 34 -23.18 20.22 -54.18
N VAL E 35 -23.95 19.97 -55.24
CA VAL E 35 -25.21 20.70 -55.32
C VAL E 35 -26.29 19.97 -54.55
N ILE E 36 -26.09 18.67 -54.30
CA ILE E 36 -27.08 17.89 -53.57
C ILE E 36 -26.87 18.13 -52.09
N MET E 37 -25.63 17.99 -51.63
CA MET E 37 -25.26 18.36 -50.26
C MET E 37 -25.77 19.78 -49.94
N HIS E 38 -25.34 20.77 -50.71
CA HIS E 38 -25.76 22.14 -50.48
C HIS E 38 -27.29 22.22 -50.37
N THR E 39 -27.99 21.57 -51.29
CA THR E 39 -29.43 21.68 -51.31
C THR E 39 -30.01 21.04 -50.05
N ILE E 40 -29.48 19.89 -49.64
CA ILE E 40 -30.01 19.22 -48.45
C ILE E 40 -29.75 20.13 -47.25
N PHE E 41 -28.56 20.69 -47.17
CA PHE E 41 -28.26 21.63 -46.11
C PHE E 41 -29.27 22.78 -46.04
N GLN E 42 -29.46 23.52 -47.12
CA GLN E 42 -30.48 24.55 -47.14
C GLN E 42 -31.80 23.91 -46.70
N GLU E 43 -32.18 22.86 -47.36
CA GLU E 43 -33.46 22.26 -47.10
C GLU E 43 -33.63 21.98 -45.60
N ARG E 44 -32.58 21.56 -44.92
CA ARG E 44 -32.69 21.20 -43.50
C ARG E 44 -32.37 22.34 -42.55
N ASP E 45 -31.94 23.47 -43.10
CA ASP E 45 -31.60 24.62 -42.28
C ASP E 45 -30.32 24.41 -41.49
N LEU E 46 -29.48 23.48 -41.96
CA LEU E 46 -28.21 23.14 -41.28
C LEU E 46 -27.13 24.24 -41.27
N LEU E 47 -27.08 25.05 -42.33
CA LEU E 47 -26.18 26.20 -42.36
C LEU E 47 -26.46 27.07 -41.14
N LYS E 48 -27.68 27.57 -41.06
CA LYS E 48 -28.06 28.52 -40.00
C LYS E 48 -27.89 27.93 -38.59
N THR E 49 -28.36 26.70 -38.40
CA THR E 49 -28.29 26.00 -37.13
C THR E 49 -26.88 25.83 -36.67
N PHE E 50 -25.95 25.55 -37.58
CA PHE E 50 -24.60 25.31 -37.15
C PHE E 50 -23.63 26.42 -37.56
N LYS E 51 -24.19 27.58 -37.91
CA LYS E 51 -23.39 28.74 -38.34
C LYS E 51 -22.28 28.45 -39.37
N ILE E 52 -22.64 27.72 -40.42
CA ILE E 52 -21.71 27.38 -41.47
C ILE E 52 -21.82 28.43 -42.58
N PRO E 53 -20.73 29.13 -42.86
CA PRO E 53 -20.79 30.05 -44.00
C PRO E 53 -20.99 29.32 -45.33
N VAL E 54 -21.92 29.82 -46.14
CA VAL E 54 -22.15 29.19 -47.44
C VAL E 54 -20.81 29.03 -48.16
N ASP E 55 -19.98 30.07 -48.20
CA ASP E 55 -18.71 29.95 -48.92
C ASP E 55 -17.84 28.82 -48.39
N THR E 56 -17.92 28.52 -47.09
CA THR E 56 -17.09 27.45 -46.53
C THR E 56 -17.71 26.14 -46.92
N LEU E 57 -19.03 26.10 -46.91
CA LEU E 57 -19.72 24.90 -47.31
C LEU E 57 -19.30 24.47 -48.73
N ILE E 58 -19.38 25.41 -49.68
CA ILE E 58 -19.11 25.14 -51.06
C ILE E 58 -17.68 24.68 -51.27
N THR E 59 -16.72 25.42 -50.74
CA THR E 59 -15.30 25.11 -50.94
C THR E 59 -14.98 23.71 -50.46
N TYR E 60 -15.42 23.40 -49.24
CA TYR E 60 -15.17 22.07 -48.73
C TYR E 60 -15.82 21.08 -49.63
N LEU E 61 -17.09 21.28 -49.93
CA LEU E 61 -17.83 20.31 -50.74
C LEU E 61 -17.06 19.98 -51.99
N MET E 62 -16.51 21.00 -52.61
CA MET E 62 -15.85 20.78 -53.87
C MET E 62 -14.46 20.19 -53.76
N THR E 63 -13.81 20.34 -52.59
CA THR E 63 -12.53 19.70 -52.35
C THR E 63 -12.76 18.20 -52.21
N LEU E 64 -13.74 17.83 -51.39
CA LEU E 64 -14.21 16.46 -51.24
C LEU E 64 -14.52 15.85 -52.61
N GLU E 65 -15.38 16.55 -53.36
CA GLU E 65 -15.82 16.09 -54.66
C GLU E 65 -14.61 15.83 -55.59
N ASP E 66 -13.61 16.72 -55.58
CA ASP E 66 -12.43 16.52 -56.41
C ASP E 66 -11.67 15.28 -56.00
N HIS E 67 -11.89 14.80 -54.77
CA HIS E 67 -11.10 13.67 -54.24
C HIS E 67 -11.77 12.29 -54.52
N TYR E 68 -13.02 12.34 -54.98
CA TYR E 68 -13.57 11.19 -55.65
C TYR E 68 -12.96 11.11 -57.09
N HIS E 69 -12.73 9.90 -57.60
CA HIS E 69 -12.05 9.73 -58.88
C HIS E 69 -13.04 9.76 -60.07
N ALA E 70 -12.75 10.50 -61.13
CA ALA E 70 -13.65 10.63 -62.30
C ALA E 70 -13.66 9.36 -63.16
N ASP E 71 -12.63 8.54 -63.00
CA ASP E 71 -12.40 7.38 -63.87
C ASP E 71 -12.75 6.02 -63.23
N VAL E 72 -13.26 6.03 -61.99
CA VAL E 72 -13.80 4.77 -61.49
C VAL E 72 -15.29 4.78 -61.74
N ALA E 73 -15.76 3.89 -62.60
CA ALA E 73 -17.18 3.82 -62.96
C ALA E 73 -18.22 3.90 -61.79
N TYR E 74 -17.98 3.22 -60.68
CA TYR E 74 -19.01 3.14 -59.66
C TYR E 74 -18.68 3.98 -58.41
N HIS E 75 -17.48 3.82 -57.85
CA HIS E 75 -17.16 4.50 -56.59
C HIS E 75 -16.66 5.97 -56.75
N ASN E 76 -17.56 6.82 -57.23
CA ASN E 76 -17.26 8.21 -57.54
C ASN E 76 -18.17 9.15 -56.80
N ASN E 77 -18.07 10.42 -57.16
CA ASN E 77 -18.87 11.49 -56.57
C ASN E 77 -20.34 11.27 -56.79
N ILE E 78 -20.71 10.60 -57.88
CA ILE E 78 -22.13 10.32 -58.17
C ILE E 78 -22.71 9.31 -57.19
N HIS E 79 -22.02 8.19 -57.00
CA HIS E 79 -22.42 7.24 -56.01
C HIS E 79 -22.51 8.02 -54.68
N ALA E 80 -21.56 8.93 -54.44
CA ALA E 80 -21.52 9.66 -53.16
C ALA E 80 -22.76 10.50 -52.95
N ALA E 81 -23.07 11.32 -53.95
CA ALA E 81 -24.26 12.16 -53.93
C ALA E 81 -25.46 11.29 -53.68
N ASP E 82 -25.55 10.22 -54.44
CA ASP E 82 -26.63 9.27 -54.33
C ASP E 82 -26.85 8.72 -52.89
N VAL E 83 -25.80 8.37 -52.18
CA VAL E 83 -25.95 7.86 -50.83
C VAL E 83 -26.34 9.05 -49.90
N VAL E 84 -25.90 10.25 -50.21
CA VAL E 84 -26.23 11.37 -49.34
C VAL E 84 -27.75 11.64 -49.44
N GLN E 85 -28.28 11.63 -50.66
CA GLN E 85 -29.68 11.92 -50.87
C GLN E 85 -30.59 10.77 -50.38
N SER E 86 -30.06 9.55 -50.39
CA SER E 86 -30.77 8.41 -49.87
C SER E 86 -30.82 8.49 -48.34
N THR E 87 -29.65 8.63 -47.72
CA THR E 87 -29.60 8.96 -46.28
C THR E 87 -30.58 10.10 -45.96
N HIS E 88 -30.57 11.16 -46.77
CA HIS E 88 -31.42 12.31 -46.47
C HIS E 88 -32.90 11.89 -46.47
N VAL E 89 -33.33 11.12 -47.47
CA VAL E 89 -34.72 10.68 -47.46
C VAL E 89 -35.03 9.82 -46.27
N LEU E 90 -34.20 8.82 -45.99
CA LEU E 90 -34.46 7.92 -44.87
C LEU E 90 -34.56 8.64 -43.48
N LEU E 91 -33.70 9.61 -43.19
CA LEU E 91 -33.85 10.43 -42.00
C LEU E 91 -35.25 11.02 -41.75
N SER E 92 -35.99 11.35 -42.80
CA SER E 92 -37.29 11.95 -42.57
C SER E 92 -38.43 10.93 -42.61
N THR E 93 -38.10 9.66 -42.42
CA THR E 93 -39.16 8.67 -42.42
C THR E 93 -40.12 8.94 -41.22
N PRO E 94 -41.44 8.97 -41.48
CA PRO E 94 -42.33 9.36 -40.38
C PRO E 94 -42.05 8.64 -39.07
N ALA E 95 -41.55 7.41 -39.12
CA ALA E 95 -41.35 6.64 -37.88
C ALA E 95 -40.12 7.08 -37.06
N LEU E 96 -39.23 7.86 -37.68
CA LEU E 96 -38.06 8.43 -36.99
C LEU E 96 -38.23 9.93 -36.71
N GLU E 97 -39.45 10.43 -36.83
CA GLU E 97 -39.72 11.84 -36.62
C GLU E 97 -39.38 12.28 -35.19
N ALA E 98 -38.46 13.25 -35.09
CA ALA E 98 -38.10 13.86 -33.82
C ALA E 98 -37.23 12.94 -32.99
N VAL E 99 -36.86 11.79 -33.55
CA VAL E 99 -35.91 10.91 -32.87
C VAL E 99 -34.47 11.46 -32.81
N PHE E 100 -33.93 11.94 -33.94
CA PHE E 100 -32.52 12.32 -33.99
C PHE E 100 -32.28 13.82 -33.80
N THR E 101 -31.20 14.14 -33.10
CA THR E 101 -30.87 15.53 -32.90
C THR E 101 -30.31 16.12 -34.21
N ASP E 102 -30.16 17.44 -34.23
CA ASP E 102 -29.58 18.10 -35.39
C ASP E 102 -28.16 17.61 -35.73
N LEU E 103 -27.33 17.44 -34.70
CA LEU E 103 -25.96 17.00 -34.83
C LEU E 103 -25.89 15.59 -35.40
N GLU E 104 -26.81 14.74 -34.97
CA GLU E 104 -26.85 13.38 -35.49
C GLU E 104 -27.32 13.39 -36.95
N ILE E 105 -28.34 14.17 -37.26
CA ILE E 105 -28.70 14.32 -38.67
C ILE E 105 -27.47 14.78 -39.47
N LEU E 106 -26.74 15.75 -38.90
CA LEU E 106 -25.58 16.31 -39.57
C LEU E 106 -24.53 15.26 -39.77
N ALA E 107 -24.27 14.47 -38.73
CA ALA E 107 -23.22 13.43 -38.77
C ALA E 107 -23.50 12.42 -39.86
N ALA E 108 -24.72 11.87 -39.87
CA ALA E 108 -25.16 10.91 -40.89
C ALA E 108 -25.02 11.43 -42.32
N ILE E 109 -25.51 12.66 -42.54
CA ILE E 109 -25.40 13.23 -43.85
C ILE E 109 -23.92 13.46 -44.17
N PHE E 110 -23.15 13.91 -43.18
CA PHE E 110 -21.75 14.23 -43.46
C PHE E 110 -21.02 12.93 -43.78
N ALA E 111 -21.28 11.92 -42.98
CA ALA E 111 -20.63 10.60 -43.13
C ALA E 111 -20.95 10.03 -44.50
N SER E 112 -22.20 10.19 -44.93
CA SER E 112 -22.59 9.67 -46.22
C SER E 112 -21.79 10.30 -47.34
N ALA E 113 -21.53 11.60 -47.22
CA ALA E 113 -20.82 12.33 -48.27
C ALA E 113 -19.40 11.84 -48.43
N ILE E 114 -18.80 11.37 -47.34
CA ILE E 114 -17.37 11.09 -47.39
C ILE E 114 -17.09 9.62 -47.49
N HIS E 115 -18.12 8.81 -47.29
CA HIS E 115 -17.94 7.41 -46.97
C HIS E 115 -17.12 6.64 -47.96
N ASP E 116 -17.10 7.09 -49.23
CA ASP E 116 -16.29 6.38 -50.25
C ASP E 116 -15.26 7.28 -50.95
N VAL E 117 -14.75 8.30 -50.26
CA VAL E 117 -13.88 9.30 -50.92
C VAL E 117 -12.48 8.76 -51.23
N ASP E 118 -11.92 9.12 -52.38
CA ASP E 118 -10.59 8.67 -52.81
C ASP E 118 -10.56 7.17 -53.11
N HIS E 119 -11.71 6.60 -53.42
CA HIS E 119 -11.82 5.18 -53.69
C HIS E 119 -11.14 4.84 -55.04
N PRO E 120 -10.13 3.95 -54.99
CA PRO E 120 -9.37 3.67 -56.20
C PRO E 120 -10.06 2.72 -57.18
N GLY E 121 -11.25 2.23 -56.85
CA GLY E 121 -11.96 1.33 -57.76
C GLY E 121 -11.55 -0.14 -57.72
N VAL E 122 -10.87 -0.54 -56.66
CA VAL E 122 -10.63 -1.94 -56.35
C VAL E 122 -11.07 -2.21 -54.90
N SER E 123 -11.10 -3.47 -54.48
CA SER E 123 -11.68 -3.81 -53.16
C SER E 123 -10.65 -3.99 -52.04
N ASN E 124 -11.11 -3.89 -50.80
CA ASN E 124 -10.25 -4.26 -49.67
C ASN E 124 -9.48 -5.54 -49.99
N GLN E 125 -10.24 -6.59 -50.24
CA GLN E 125 -9.68 -7.89 -50.55
C GLN E 125 -8.60 -7.77 -51.62
N PHE E 126 -8.83 -6.97 -52.68
CA PHE E 126 -7.76 -6.67 -53.67
C PHE E 126 -6.54 -5.98 -53.01
N LEU E 127 -6.81 -4.96 -52.21
CA LEU E 127 -5.72 -4.28 -51.51
C LEU E 127 -4.92 -5.22 -50.56
N ILE E 128 -5.61 -6.13 -49.86
CA ILE E 128 -4.94 -7.09 -48.98
C ILE E 128 -4.12 -8.06 -49.80
N ASN E 129 -4.69 -8.56 -50.89
CA ASN E 129 -4.05 -9.57 -51.74
C ASN E 129 -2.81 -9.12 -52.48
N THR E 130 -2.67 -7.81 -52.70
CA THR E 130 -1.56 -7.28 -53.49
C THR E 130 -0.54 -6.59 -52.60
N ASN E 131 -0.66 -6.76 -51.30
CA ASN E 131 0.21 -6.08 -50.34
C ASN E 131 0.36 -4.57 -50.62
N SER E 132 -0.79 -3.93 -50.77
CA SER E 132 -0.86 -2.52 -51.07
C SER E 132 -0.36 -1.73 -49.86
N GLU E 133 -0.02 -0.45 -50.07
CA GLU E 133 0.39 0.45 -49.00
C GLU E 133 -0.78 0.61 -48.03
N LEU E 134 -2.00 0.66 -48.55
CA LEU E 134 -3.15 0.85 -47.68
C LEU E 134 -3.45 -0.37 -46.80
N ALA E 135 -3.29 -1.57 -47.34
CA ALA E 135 -3.45 -2.74 -46.50
C ALA E 135 -2.34 -2.81 -45.44
N LEU E 136 -1.21 -2.17 -45.76
CA LEU E 136 -0.07 -2.14 -44.89
C LEU E 136 -0.29 -1.14 -43.76
N MET E 137 -0.94 -0.04 -44.09
CA MET E 137 -1.28 0.98 -43.11
C MET E 137 -2.35 0.54 -42.10
N TYR E 138 -3.44 0.02 -42.62
CA TYR E 138 -4.63 -0.28 -41.82
C TYR E 138 -4.77 -1.73 -41.39
N ASN E 139 -3.68 -2.49 -41.52
CA ASN E 139 -3.61 -3.85 -41.05
C ASN E 139 -4.76 -4.76 -41.52
N ASP E 140 -5.08 -4.72 -42.81
CA ASP E 140 -6.14 -5.55 -43.42
C ASP E 140 -7.59 -5.37 -42.88
N SER E 141 -7.79 -4.50 -41.88
CA SER E 141 -9.14 -4.26 -41.30
C SER E 141 -9.78 -3.02 -41.86
N SER E 142 -10.92 -3.15 -42.54
CA SER E 142 -11.67 -1.98 -42.97
C SER E 142 -10.72 -0.98 -43.61
N VAL E 143 -9.97 -1.45 -44.59
CA VAL E 143 -8.87 -0.67 -45.13
C VAL E 143 -9.30 0.60 -45.84
N LEU E 144 -10.14 0.46 -46.85
CA LEU E 144 -10.66 1.63 -47.53
C LEU E 144 -11.44 2.53 -46.60
N GLU E 145 -12.28 1.92 -45.75
CA GLU E 145 -13.16 2.72 -44.87
C GLU E 145 -12.39 3.64 -43.95
N ASN E 146 -11.28 3.15 -43.41
CA ASN E 146 -10.36 3.99 -42.65
C ASN E 146 -9.82 5.09 -43.55
N HIS E 147 -9.39 4.73 -44.76
CA HIS E 147 -8.92 5.74 -45.69
C HIS E 147 -9.93 6.83 -46.03
N HIS E 148 -11.20 6.47 -46.22
CA HIS E 148 -12.22 7.46 -46.55
C HIS E 148 -12.41 8.43 -45.38
N LEU E 149 -12.63 7.88 -44.19
CA LEU E 149 -12.63 8.69 -42.99
C LEU E 149 -11.47 9.66 -42.92
N ALA E 150 -10.25 9.18 -43.05
CA ALA E 150 -9.06 10.01 -42.88
C ALA E 150 -8.99 11.10 -43.93
N VAL E 151 -9.44 10.79 -45.15
CA VAL E 151 -9.37 11.75 -46.24
C VAL E 151 -10.44 12.84 -46.07
N GLY E 152 -11.68 12.40 -45.84
CA GLY E 152 -12.79 13.28 -45.55
C GLY E 152 -12.62 14.21 -44.37
N PHE E 153 -11.90 13.78 -43.32
CA PHE E 153 -11.65 14.64 -42.15
C PHE E 153 -10.49 15.60 -42.43
N LYS E 154 -9.46 15.07 -43.07
CA LYS E 154 -8.25 15.82 -43.36
C LYS E 154 -8.55 17.03 -44.25
N LEU E 155 -9.50 16.90 -45.16
CA LEU E 155 -9.80 18.05 -45.99
C LEU E 155 -10.49 19.18 -45.22
N LEU E 156 -11.03 18.94 -44.03
CA LEU E 156 -11.62 20.05 -43.28
C LEU E 156 -10.52 21.09 -43.00
N GLN E 157 -9.28 20.62 -42.96
CA GLN E 157 -8.18 21.50 -42.59
C GLN E 157 -7.70 22.43 -43.71
N GLU E 158 -8.14 22.19 -44.94
CA GLU E 158 -7.72 23.05 -46.07
C GLU E 158 -8.19 24.51 -45.88
N GLU E 159 -7.56 25.46 -46.57
CA GLU E 159 -7.98 26.85 -46.39
C GLU E 159 -9.49 26.95 -46.58
N ASN E 160 -10.15 27.43 -45.54
CA ASN E 160 -11.55 27.79 -45.63
C ASN E 160 -12.52 26.66 -45.96
N CYS E 161 -12.23 25.47 -45.43
CA CYS E 161 -13.17 24.35 -45.52
C CYS E 161 -13.68 23.83 -44.16
N ASP E 162 -13.46 24.53 -43.04
CA ASP E 162 -13.86 23.90 -41.78
C ASP E 162 -15.30 24.21 -41.49
N ILE E 163 -16.18 23.35 -41.98
CA ILE E 163 -17.62 23.55 -41.88
C ILE E 163 -18.10 23.26 -40.45
N PHE E 164 -17.17 22.90 -39.58
CA PHE E 164 -17.56 22.62 -38.22
C PHE E 164 -16.94 23.69 -37.33
N GLN E 165 -16.30 24.67 -37.95
CA GLN E 165 -15.58 25.75 -37.23
C GLN E 165 -16.34 26.36 -36.07
N ASN E 166 -17.66 26.27 -36.10
CA ASN E 166 -18.50 26.93 -35.11
C ASN E 166 -19.21 25.97 -34.15
N LEU E 167 -19.06 24.66 -34.34
CA LEU E 167 -19.53 23.72 -33.33
C LEU E 167 -18.81 23.92 -31.97
N THR E 168 -19.46 23.55 -30.87
CA THR E 168 -18.74 23.50 -29.61
C THR E 168 -17.71 22.34 -29.67
N LYS E 169 -16.67 22.41 -28.84
CA LYS E 169 -15.73 21.29 -28.73
C LYS E 169 -16.50 20.02 -28.52
N LYS E 170 -17.49 20.03 -27.66
CA LYS E 170 -18.23 18.80 -27.38
C LYS E 170 -18.94 18.35 -28.66
N GLN E 171 -19.55 19.29 -29.35
CA GLN E 171 -20.20 18.93 -30.61
C GLN E 171 -19.20 18.40 -31.63
N ARG E 172 -18.07 19.06 -31.81
CA ARG E 172 -17.06 18.55 -32.76
C ARG E 172 -16.64 17.15 -32.35
N GLN E 173 -16.44 16.94 -31.06
CA GLN E 173 -16.03 15.63 -30.55
C GLN E 173 -17.04 14.53 -30.82
N SER E 174 -18.29 14.85 -30.56
CA SER E 174 -19.35 13.88 -30.66
C SER E 174 -19.60 13.58 -32.14
N LEU E 175 -19.52 14.59 -32.98
CA LEU E 175 -19.77 14.38 -34.40
C LEU E 175 -18.67 13.56 -35.05
N ARG E 176 -17.43 13.78 -34.62
CA ARG E 176 -16.31 13.02 -35.13
C ARG E 176 -16.48 11.54 -34.82
N LYS E 177 -16.96 11.22 -33.61
CA LYS E 177 -17.08 9.83 -33.18
C LYS E 177 -18.19 9.12 -33.97
N MET E 178 -19.29 9.84 -34.17
CA MET E 178 -20.41 9.30 -34.90
C MET E 178 -20.04 8.97 -36.33
N VAL E 179 -19.40 9.91 -37.00
CA VAL E 179 -19.06 9.72 -38.39
C VAL E 179 -18.12 8.53 -38.57
N ILE E 180 -17.18 8.36 -37.64
CA ILE E 180 -16.26 7.26 -37.74
C ILE E 180 -17.03 5.96 -37.54
N ASP E 181 -17.90 5.90 -36.54
CA ASP E 181 -18.72 4.72 -36.30
C ASP E 181 -19.63 4.42 -37.50
N ILE E 182 -19.99 5.46 -38.26
CA ILE E 182 -20.92 5.25 -39.36
C ILE E 182 -20.20 4.83 -40.62
N VAL E 183 -19.06 5.46 -40.92
CA VAL E 183 -18.33 5.07 -42.12
C VAL E 183 -17.74 3.67 -41.98
N LEU E 184 -17.17 3.37 -40.81
CA LEU E 184 -16.64 2.02 -40.54
C LEU E 184 -17.69 0.89 -40.68
N ALA E 185 -18.97 1.23 -40.62
CA ALA E 185 -19.97 0.19 -40.68
C ALA E 185 -20.43 -0.05 -42.11
N THR E 186 -19.88 0.68 -43.07
CA THR E 186 -20.19 0.40 -44.46
C THR E 186 -19.25 -0.69 -45.02
N ASP E 187 -18.32 -1.15 -44.21
CA ASP E 187 -17.40 -2.16 -44.63
C ASP E 187 -18.21 -3.42 -44.82
N MET E 188 -18.35 -3.88 -46.08
CA MET E 188 -19.21 -5.04 -46.38
C MET E 188 -19.01 -6.24 -45.50
N SER E 189 -17.80 -6.45 -45.01
CA SER E 189 -17.59 -7.65 -44.21
C SER E 189 -18.14 -7.55 -42.79
N LYS E 190 -18.85 -6.47 -42.49
CA LYS E 190 -19.45 -6.31 -41.18
C LYS E 190 -20.97 -6.43 -41.29
N HIS E 191 -21.42 -6.63 -42.52
CA HIS E 191 -22.84 -6.65 -42.80
C HIS E 191 -23.62 -7.70 -42.03
N MET E 192 -23.08 -8.92 -41.90
CA MET E 192 -23.88 -9.96 -41.24
C MET E 192 -24.12 -9.55 -39.79
N ASN E 193 -23.10 -8.95 -39.20
CA ASN E 193 -23.16 -8.52 -37.79
C ASN E 193 -24.10 -7.35 -37.64
N LEU E 194 -23.84 -6.31 -38.43
CA LEU E 194 -24.70 -5.16 -38.50
C LEU E 194 -26.15 -5.60 -38.70
N LEU E 195 -26.36 -6.59 -39.57
CA LEU E 195 -27.70 -7.12 -39.79
C LEU E 195 -28.27 -7.80 -38.55
N ALA E 196 -27.55 -8.77 -38.00
CA ALA E 196 -28.02 -9.41 -36.78
C ALA E 196 -28.38 -8.33 -35.76
N ASP E 197 -27.60 -7.27 -35.72
CA ASP E 197 -27.79 -6.32 -34.66
C ASP E 197 -29.10 -5.56 -34.87
N LEU E 198 -29.34 -5.14 -36.12
CA LEU E 198 -30.60 -4.56 -36.52
C LEU E 198 -31.82 -5.46 -36.25
N LYS E 199 -31.73 -6.75 -36.58
CA LYS E 199 -32.82 -7.69 -36.24
C LYS E 199 -33.19 -7.63 -34.76
N THR E 200 -32.17 -7.61 -33.88
CA THR E 200 -32.37 -7.50 -32.42
C THR E 200 -33.17 -6.25 -32.09
N MET E 201 -32.82 -5.17 -32.77
CA MET E 201 -33.49 -3.91 -32.53
C MET E 201 -34.95 -3.96 -32.93
N VAL E 202 -35.27 -4.64 -34.02
CA VAL E 202 -36.67 -4.83 -34.41
C VAL E 202 -37.39 -5.70 -33.36
N GLU E 203 -36.70 -6.69 -32.81
CA GLU E 203 -37.32 -7.66 -31.98
C GLU E 203 -37.55 -7.11 -30.56
N THR E 204 -36.72 -6.12 -30.20
CA THR E 204 -36.84 -5.44 -28.92
C THR E 204 -37.28 -3.98 -29.02
N LYS E 205 -37.78 -3.57 -30.18
CA LYS E 205 -38.21 -2.17 -30.37
C LYS E 205 -39.37 -1.74 -29.46
N LYS E 206 -39.36 -0.46 -29.12
CA LYS E 206 -40.42 0.19 -28.36
C LYS E 206 -40.98 1.42 -29.09
N VAL E 207 -42.30 1.61 -29.01
CA VAL E 207 -42.96 2.76 -29.66
C VAL E 207 -43.66 3.70 -28.67
N VAL E 212 -43.85 5.80 -33.91
CA VAL E 212 -42.57 6.48 -33.70
C VAL E 212 -41.67 5.69 -32.76
N LEU E 213 -40.49 5.34 -33.27
CA LEU E 213 -39.44 4.68 -32.51
C LEU E 213 -38.96 5.52 -31.32
N LEU E 214 -38.62 4.84 -30.22
CA LEU E 214 -37.96 5.43 -29.05
C LEU E 214 -36.59 4.80 -28.91
N LEU E 215 -35.55 5.62 -28.98
CA LEU E 215 -34.17 5.15 -28.89
C LEU E 215 -33.42 5.98 -27.87
N ASP E 216 -33.26 5.45 -26.66
CA ASP E 216 -32.66 6.27 -25.63
C ASP E 216 -31.27 5.87 -25.12
N ASN E 217 -30.32 5.80 -26.03
CA ASN E 217 -28.94 5.79 -25.63
C ASN E 217 -28.07 5.68 -26.85
N TYR E 218 -27.00 6.48 -26.85
CA TYR E 218 -26.05 6.50 -27.93
C TYR E 218 -26.01 5.17 -28.68
N SER E 219 -25.69 4.11 -27.95
CA SER E 219 -25.57 2.77 -28.53
C SER E 219 -26.67 2.36 -29.54
N ASP E 220 -27.91 2.71 -29.26
CA ASP E 220 -28.96 2.26 -30.16
C ASP E 220 -29.12 3.24 -31.28
N ARG E 221 -28.90 4.53 -30.97
CA ARG E 221 -29.04 5.62 -31.94
C ARG E 221 -28.02 5.44 -33.05
N ILE E 222 -26.77 5.17 -32.65
CA ILE E 222 -25.72 4.97 -33.63
C ILE E 222 -26.01 3.71 -34.48
N GLN E 223 -26.49 2.65 -33.83
CA GLN E 223 -26.84 1.45 -34.60
C GLN E 223 -27.83 1.76 -35.71
N VAL E 224 -28.90 2.49 -35.36
CA VAL E 224 -29.86 2.85 -36.40
C VAL E 224 -29.18 3.67 -37.49
N LEU E 225 -28.36 4.64 -37.11
CA LEU E 225 -27.69 5.46 -38.11
C LEU E 225 -26.69 4.63 -38.94
N GLN E 226 -25.93 3.74 -38.28
CA GLN E 226 -25.04 2.83 -39.01
C GLN E 226 -25.84 2.08 -40.08
N ASN E 227 -26.94 1.47 -39.66
CA ASN E 227 -27.79 0.70 -40.57
C ASN E 227 -28.45 1.56 -41.65
N MET E 228 -28.72 2.82 -41.33
CA MET E 228 -29.43 3.66 -42.26
C MET E 228 -28.53 4.12 -43.41
N VAL E 229 -27.26 4.34 -43.13
CA VAL E 229 -26.32 4.74 -44.15
C VAL E 229 -25.91 3.47 -44.90
N HIS E 230 -25.84 2.34 -44.19
CA HIS E 230 -25.62 1.08 -44.89
C HIS E 230 -26.75 0.79 -45.94
N CYS E 231 -28.00 0.80 -45.50
CA CYS E 231 -29.08 0.62 -46.45
C CYS E 231 -28.97 1.61 -47.60
N ALA E 232 -28.47 2.82 -47.33
CA ALA E 232 -28.42 3.79 -48.43
C ALA E 232 -27.29 3.41 -49.37
N ASP E 233 -26.22 2.92 -48.78
CA ASP E 233 -25.12 2.46 -49.58
C ASP E 233 -25.56 1.29 -50.46
N LEU E 234 -26.41 0.44 -49.91
CA LEU E 234 -26.92 -0.70 -50.64
C LEU E 234 -28.32 -0.44 -51.14
N SER E 235 -28.57 0.73 -51.72
CA SER E 235 -29.93 1.07 -52.07
C SER E 235 -30.27 1.14 -53.56
N ASN E 236 -29.32 0.88 -54.47
CA ASN E 236 -29.74 0.98 -55.87
C ASN E 236 -30.65 -0.07 -56.41
N PRO E 237 -30.57 -1.32 -55.88
CA PRO E 237 -31.57 -2.29 -56.28
C PRO E 237 -33.01 -1.93 -55.88
N THR E 238 -33.18 -0.93 -55.02
CA THR E 238 -34.52 -0.50 -54.59
C THR E 238 -35.00 0.72 -55.38
N LYS E 239 -34.13 1.24 -56.22
CA LYS E 239 -34.42 2.45 -56.96
C LYS E 239 -35.23 2.08 -58.18
N PRO E 240 -35.96 3.03 -58.78
CA PRO E 240 -36.57 2.72 -60.07
C PRO E 240 -35.60 2.01 -61.02
N LEU E 241 -36.12 1.08 -61.80
CA LEU E 241 -35.30 0.24 -62.70
C LEU E 241 -34.26 0.98 -63.56
N GLN E 242 -34.62 2.10 -64.17
CA GLN E 242 -33.67 2.81 -65.08
C GLN E 242 -32.45 3.36 -64.32
N LEU E 243 -32.63 3.68 -63.03
CA LEU E 243 -31.52 4.15 -62.18
C LEU E 243 -30.61 2.98 -61.76
N TYR E 244 -31.26 1.86 -61.45
CA TYR E 244 -30.60 0.68 -60.97
C TYR E 244 -29.76 0.06 -62.08
N ARG E 245 -30.32 -0.03 -63.29
CA ARG E 245 -29.60 -0.63 -64.42
C ARG E 245 -28.32 0.14 -64.70
N GLN E 246 -28.37 1.45 -64.51
CA GLN E 246 -27.19 2.26 -64.71
C GLN E 246 -26.23 1.86 -63.61
N TRP E 247 -26.73 1.73 -62.39
CA TRP E 247 -25.83 1.38 -61.30
C TRP E 247 -25.10 0.07 -61.56
N THR E 248 -25.83 -0.89 -62.12
CA THR E 248 -25.29 -2.21 -62.33
C THR E 248 -24.24 -2.16 -63.39
N ASP E 249 -24.59 -1.53 -64.51
CA ASP E 249 -23.64 -1.31 -65.59
C ASP E 249 -22.34 -0.75 -65.02
N ARG E 250 -22.51 0.25 -64.15
CA ARG E 250 -21.38 0.97 -63.59
C ARG E 250 -20.51 0.11 -62.69
N ILE E 251 -21.13 -0.72 -61.86
CA ILE E 251 -20.33 -1.53 -60.96
C ILE E 251 -19.72 -2.74 -61.65
N MET E 252 -20.33 -3.19 -62.73
CA MET E 252 -19.74 -4.27 -63.51
C MET E 252 -18.52 -3.79 -64.27
N GLU E 253 -18.52 -2.54 -64.72
CA GLU E 253 -17.34 -2.02 -65.41
C GLU E 253 -16.15 -1.87 -64.46
N GLU E 254 -16.43 -1.38 -63.26
CA GLU E 254 -15.36 -1.18 -62.27
C GLU E 254 -14.77 -2.51 -61.87
N PHE E 255 -15.64 -3.51 -61.76
CA PHE E 255 -15.20 -4.82 -61.31
C PHE E 255 -14.34 -5.42 -62.40
N PHE E 256 -14.80 -5.26 -63.65
CA PHE E 256 -14.08 -5.76 -64.81
C PHE E 256 -12.74 -5.04 -64.95
N ARG E 257 -12.66 -3.82 -64.46
CA ARG E 257 -11.35 -3.16 -64.44
C ARG E 257 -10.38 -3.80 -63.43
N GLN E 258 -10.85 -4.11 -62.23
CA GLN E 258 -10.01 -4.79 -61.27
C GLN E 258 -9.54 -6.17 -61.81
N GLY E 259 -10.44 -6.89 -62.48
CA GLY E 259 -10.12 -8.20 -63.04
C GLY E 259 -8.99 -8.10 -64.05
N ASP E 260 -9.02 -7.03 -64.84
CA ASP E 260 -8.00 -6.83 -65.85
C ASP E 260 -6.67 -6.55 -65.15
N ARG E 261 -6.73 -5.91 -63.98
CA ARG E 261 -5.50 -5.61 -63.25
C ARG E 261 -4.99 -6.89 -62.59
N GLU E 262 -5.94 -7.63 -62.03
CA GLU E 262 -5.66 -8.95 -61.53
C GLU E 262 -5.07 -9.81 -62.60
N ARG E 263 -5.68 -9.80 -63.80
CA ARG E 263 -5.15 -10.64 -64.90
C ARG E 263 -3.70 -10.28 -65.19
N GLU E 264 -3.47 -9.00 -65.48
CA GLU E 264 -2.13 -8.48 -65.70
C GLU E 264 -1.13 -8.92 -64.62
N ARG E 265 -1.63 -9.35 -63.46
CA ARG E 265 -0.78 -9.77 -62.36
C ARG E 265 -0.70 -11.29 -62.27
N GLY E 266 -1.46 -11.96 -63.12
CA GLY E 266 -1.59 -13.40 -63.07
C GLY E 266 -2.04 -13.83 -61.68
N MET E 267 -3.22 -13.40 -61.29
CA MET E 267 -3.81 -13.81 -60.01
C MET E 267 -5.11 -14.55 -60.25
N GLU E 268 -5.50 -15.40 -59.31
CA GLU E 268 -6.84 -15.92 -59.35
C GLU E 268 -7.76 -14.71 -59.57
N ILE E 269 -8.61 -14.76 -60.59
CA ILE E 269 -9.54 -13.64 -60.81
C ILE E 269 -10.75 -13.71 -59.89
N SER E 270 -11.02 -12.64 -59.16
CA SER E 270 -12.11 -12.64 -58.18
C SER E 270 -13.48 -12.96 -58.81
N PRO E 271 -14.43 -13.49 -58.02
CA PRO E 271 -15.78 -13.72 -58.57
C PRO E 271 -16.38 -12.40 -59.08
N MET E 272 -16.91 -12.41 -60.31
CA MET E 272 -17.63 -11.25 -60.86
C MET E 272 -16.72 -10.16 -61.44
N CYS E 273 -15.44 -10.46 -61.58
CA CYS E 273 -14.49 -9.53 -62.19
C CYS E 273 -14.07 -10.07 -63.53
N ASP E 274 -14.51 -11.28 -63.83
CA ASP E 274 -14.12 -11.82 -65.12
C ASP E 274 -15.15 -11.39 -66.13
N LYS E 275 -14.74 -10.49 -67.01
CA LYS E 275 -15.61 -9.99 -68.05
C LYS E 275 -15.85 -11.08 -69.11
N HIS E 276 -15.28 -12.26 -68.88
CA HIS E 276 -15.42 -13.41 -69.77
C HIS E 276 -16.33 -14.47 -69.12
N ASN E 277 -16.43 -14.47 -67.79
CA ASN E 277 -17.44 -15.28 -67.10
C ASN E 277 -18.11 -14.44 -66.07
N ALA E 278 -18.89 -13.46 -66.51
CA ALA E 278 -19.79 -12.76 -65.62
C ALA E 278 -21.18 -13.33 -65.82
N SER E 279 -21.97 -13.33 -64.78
CA SER E 279 -23.38 -13.44 -65.01
C SER E 279 -23.99 -12.26 -64.27
N VAL E 280 -24.20 -11.17 -64.98
CA VAL E 280 -24.63 -9.96 -64.30
C VAL E 280 -25.99 -10.18 -63.65
N GLU E 281 -26.90 -10.87 -64.32
CA GLU E 281 -28.24 -11.08 -63.78
C GLU E 281 -28.30 -11.99 -62.55
N LYS E 282 -27.71 -13.19 -62.65
CA LYS E 282 -27.57 -14.06 -61.47
C LYS E 282 -26.90 -13.31 -60.34
N SER E 283 -25.92 -12.50 -60.66
CA SER E 283 -25.27 -11.83 -59.57
C SER E 283 -26.28 -10.96 -58.88
N GLN E 284 -26.89 -10.05 -59.63
CA GLN E 284 -27.84 -9.14 -59.04
C GLN E 284 -28.90 -9.91 -58.23
N VAL E 285 -29.47 -10.97 -58.81
CA VAL E 285 -30.48 -11.73 -58.10
C VAL E 285 -29.92 -12.28 -56.80
N GLY E 286 -28.71 -12.82 -56.85
CA GLY E 286 -28.08 -13.36 -55.63
C GLY E 286 -27.80 -12.24 -54.63
N PHE E 287 -27.36 -11.11 -55.14
CA PHE E 287 -27.06 -9.98 -54.30
C PHE E 287 -28.31 -9.47 -53.61
N ILE E 288 -29.45 -9.55 -54.30
CA ILE E 288 -30.69 -9.09 -53.69
C ILE E 288 -31.20 -10.12 -52.66
N ASP E 289 -31.36 -11.36 -53.10
CA ASP E 289 -31.91 -12.41 -52.25
C ASP E 289 -31.12 -12.63 -50.97
N TYR E 290 -29.81 -12.46 -51.06
CA TYR E 290 -28.95 -12.84 -49.96
C TYR E 290 -28.52 -11.67 -49.06
N ILE E 291 -28.53 -10.46 -49.59
CA ILE E 291 -27.97 -9.29 -48.90
C ILE E 291 -28.95 -8.10 -48.79
N VAL E 292 -29.36 -7.53 -49.95
CA VAL E 292 -30.12 -6.28 -49.97
C VAL E 292 -31.49 -6.50 -49.39
N HIS E 293 -32.17 -7.55 -49.83
CA HIS E 293 -33.52 -7.85 -49.35
C HIS E 293 -33.65 -8.26 -47.84
N PRO E 294 -32.77 -9.12 -47.33
CA PRO E 294 -32.88 -9.34 -45.89
C PRO E 294 -32.69 -8.03 -45.11
N LEU E 295 -31.78 -7.20 -45.63
CA LEU E 295 -31.46 -5.96 -45.00
C LEU E 295 -32.71 -5.07 -45.02
N TRP E 296 -33.20 -4.77 -46.24
CA TRP E 296 -34.32 -3.82 -46.43
C TRP E 296 -35.63 -4.23 -45.77
N GLU E 297 -35.94 -5.51 -45.77
CA GLU E 297 -37.14 -5.99 -45.14
C GLU E 297 -36.97 -5.76 -43.64
N THR E 298 -35.81 -6.11 -43.10
CA THR E 298 -35.55 -5.85 -41.69
C THR E 298 -35.66 -4.33 -41.42
N TRP E 299 -34.92 -3.52 -42.17
CA TRP E 299 -35.19 -2.09 -42.07
C TRP E 299 -36.67 -1.73 -42.31
N ALA E 300 -37.35 -2.48 -43.17
CA ALA E 300 -38.75 -2.17 -43.43
C ALA E 300 -39.54 -2.44 -42.16
N ASP E 301 -39.05 -3.36 -41.33
CA ASP E 301 -39.74 -3.78 -40.10
C ASP E 301 -39.59 -2.71 -39.06
N LEU E 302 -38.44 -2.05 -39.05
CA LEU E 302 -38.17 -1.07 -38.04
C LEU E 302 -39.09 0.14 -38.19
N VAL E 303 -39.39 0.52 -39.45
CA VAL E 303 -40.11 1.77 -39.76
C VAL E 303 -41.50 1.56 -40.37
N HIS E 304 -42.05 0.38 -40.17
CA HIS E 304 -43.32 -0.05 -40.74
C HIS E 304 -44.48 0.95 -40.52
N PRO E 305 -45.23 1.28 -41.59
CA PRO E 305 -45.06 0.69 -42.90
C PRO E 305 -44.28 1.56 -43.85
N ASP E 306 -43.46 2.50 -43.35
CA ASP E 306 -42.86 3.56 -44.18
C ASP E 306 -42.05 3.14 -45.41
N ALA E 307 -41.37 1.98 -45.33
CA ALA E 307 -40.54 1.53 -46.47
C ALA E 307 -41.24 0.50 -47.40
N GLN E 308 -42.55 0.33 -47.28
CA GLN E 308 -43.22 -0.62 -48.17
C GLN E 308 -42.97 -0.34 -49.66
N ASP E 309 -43.07 0.92 -50.09
CA ASP E 309 -42.95 1.24 -51.54
C ASP E 309 -41.57 0.85 -52.07
N ILE E 310 -40.57 1.28 -51.30
CA ILE E 310 -39.18 0.94 -51.52
C ILE E 310 -38.97 -0.57 -51.64
N LEU E 311 -39.61 -1.32 -50.76
CA LEU E 311 -39.38 -2.76 -50.63
C LEU E 311 -40.10 -3.45 -51.80
N ASP E 312 -41.34 -3.05 -52.05
CA ASP E 312 -42.08 -3.45 -53.25
C ASP E 312 -41.26 -3.29 -54.51
N THR E 313 -40.53 -2.17 -54.62
CA THR E 313 -39.77 -1.90 -55.84
C THR E 313 -38.59 -2.82 -55.92
N LEU E 314 -37.99 -3.08 -54.76
CA LEU E 314 -36.87 -3.99 -54.69
C LEU E 314 -37.32 -5.33 -55.19
N GLU E 315 -38.50 -5.78 -54.76
CA GLU E 315 -39.02 -7.10 -55.18
C GLU E 315 -39.33 -7.16 -56.67
N ASP E 316 -40.01 -6.14 -57.20
CA ASP E 316 -40.17 -5.95 -58.65
C ASP E 316 -38.86 -6.04 -59.47
N ASN E 317 -37.85 -5.27 -59.07
CA ASN E 317 -36.52 -5.31 -59.69
C ASN E 317 -35.89 -6.71 -59.68
N ARG E 318 -35.98 -7.39 -58.54
CA ARG E 318 -35.49 -8.76 -58.41
C ARG E 318 -36.18 -9.64 -59.46
N GLU E 319 -37.49 -9.66 -59.38
CA GLU E 319 -38.30 -10.34 -60.34
C GLU E 319 -37.83 -10.02 -61.78
N TRP E 320 -37.48 -8.78 -62.06
CA TRP E 320 -37.14 -8.43 -63.43
C TRP E 320 -35.83 -9.08 -63.83
N TYR E 321 -34.80 -8.85 -63.02
CA TYR E 321 -33.50 -9.47 -63.25
C TYR E 321 -33.61 -10.99 -63.38
N GLN E 322 -34.43 -11.60 -62.52
CA GLN E 322 -34.68 -13.02 -62.62
C GLN E 322 -35.23 -13.39 -64.01
N SER E 323 -36.16 -12.60 -64.52
CA SER E 323 -36.91 -12.93 -65.76
C SER E 323 -36.05 -12.94 -67.02
N THR E 324 -34.90 -12.29 -66.97
CA THR E 324 -34.03 -12.17 -68.13
C THR E 324 -33.04 -13.32 -68.23
N ILE E 325 -32.65 -13.88 -67.10
CA ILE E 325 -31.75 -15.03 -67.12
C ILE E 325 -32.10 -16.13 -68.14
N PRO E 326 -33.35 -16.64 -68.13
CA PRO E 326 -33.54 -17.84 -68.97
C PRO E 326 -33.45 -17.54 -70.47
N THR F 1 36.68 -10.15 -26.04
CA THR F 1 36.42 -9.28 -24.86
C THR F 1 35.78 -10.10 -23.74
N GLU F 2 36.15 -9.78 -22.51
CA GLU F 2 35.48 -10.32 -21.34
C GLU F 2 34.14 -9.60 -21.08
N GLN F 3 33.42 -9.22 -22.13
CA GLN F 3 32.15 -8.50 -21.98
C GLN F 3 31.03 -9.11 -22.83
N GLU F 4 31.40 -9.82 -23.91
CA GLU F 4 30.45 -10.74 -24.54
C GLU F 4 30.28 -11.88 -23.53
N ASP F 5 31.40 -12.20 -22.86
CA ASP F 5 31.45 -13.10 -21.69
C ASP F 5 30.34 -12.86 -20.68
N VAL F 6 30.31 -11.65 -20.10
CA VAL F 6 29.37 -11.31 -19.00
C VAL F 6 27.93 -11.29 -19.50
N LEU F 7 27.77 -10.91 -20.77
CA LEU F 7 26.51 -10.93 -21.49
C LEU F 7 26.00 -12.37 -21.61
N ALA F 8 26.88 -13.25 -22.09
CA ALA F 8 26.61 -14.68 -22.17
C ALA F 8 26.06 -15.21 -20.85
N LYS F 9 26.86 -15.07 -19.81
CA LYS F 9 26.45 -15.45 -18.46
C LYS F 9 25.05 -14.89 -18.20
N GLU F 10 24.98 -13.55 -18.15
CA GLU F 10 23.71 -12.85 -17.96
C GLU F 10 22.57 -13.48 -18.74
N LEU F 11 22.80 -13.77 -20.03
CA LEU F 11 21.76 -14.37 -20.87
C LEU F 11 21.33 -15.80 -20.48
N GLU F 12 22.04 -16.44 -19.54
CA GLU F 12 21.59 -17.76 -19.08
C GLU F 12 20.21 -17.72 -18.39
N ASP F 13 19.88 -16.59 -17.77
CA ASP F 13 18.56 -16.45 -17.16
C ASP F 13 17.44 -16.02 -18.15
N VAL F 14 17.67 -16.21 -19.44
CA VAL F 14 16.68 -15.81 -20.42
C VAL F 14 15.35 -16.57 -20.27
N ASN F 15 15.31 -17.60 -19.43
CA ASN F 15 14.09 -18.37 -19.17
C ASN F 15 13.56 -18.20 -17.76
N LYS F 16 14.06 -17.20 -17.04
CA LYS F 16 13.55 -16.93 -15.71
C LYS F 16 12.80 -15.63 -15.73
N TRP F 17 11.77 -15.58 -14.91
CA TRP F 17 11.02 -14.36 -14.67
C TRP F 17 11.89 -13.44 -13.81
N GLY F 18 12.22 -12.26 -14.31
CA GLY F 18 13.03 -11.33 -13.52
C GLY F 18 14.46 -11.17 -13.99
N LEU F 19 14.70 -11.51 -15.26
CA LEU F 19 15.93 -11.14 -15.97
C LEU F 19 16.48 -9.77 -15.54
N HIS F 20 17.80 -9.62 -15.42
CA HIS F 20 18.40 -8.29 -15.33
C HIS F 20 18.44 -7.66 -16.75
N VAL F 21 17.30 -7.15 -17.24
CA VAL F 21 17.24 -6.63 -18.61
C VAL F 21 17.92 -5.26 -18.78
N PHE F 22 17.80 -4.41 -17.77
CA PHE F 22 18.52 -3.15 -17.81
C PHE F 22 19.99 -3.45 -17.94
N ARG F 23 20.44 -4.38 -17.10
CA ARG F 23 21.82 -4.80 -17.11
C ARG F 23 22.21 -5.35 -18.49
N ILE F 24 21.32 -6.14 -19.09
CA ILE F 24 21.52 -6.65 -20.44
C ILE F 24 21.63 -5.50 -21.44
N ALA F 25 20.83 -4.46 -21.25
CA ALA F 25 20.87 -3.29 -22.14
C ALA F 25 22.24 -2.60 -22.09
N GLU F 26 22.86 -2.62 -20.92
CA GLU F 26 24.16 -2.02 -20.76
C GLU F 26 25.20 -2.90 -21.41
N LEU F 27 25.17 -4.19 -21.12
CA LEU F 27 26.22 -5.08 -21.60
C LEU F 27 26.08 -5.39 -23.10
N SER F 28 25.02 -4.90 -23.73
CA SER F 28 24.84 -5.17 -25.15
C SER F 28 25.14 -3.95 -26.00
N GLY F 29 25.71 -2.92 -25.38
CA GLY F 29 25.81 -1.62 -26.01
C GLY F 29 24.46 -1.12 -26.46
N ASN F 30 23.47 -1.12 -25.56
CA ASN F 30 22.10 -0.67 -25.87
C ASN F 30 21.41 -1.47 -27.01
N ARG F 31 21.58 -2.78 -26.99
CA ARG F 31 20.89 -3.67 -27.95
C ARG F 31 20.05 -4.76 -27.25
N PRO F 32 19.43 -4.42 -26.12
CA PRO F 32 18.76 -5.47 -25.38
C PRO F 32 17.82 -6.27 -26.25
N LEU F 33 17.06 -5.63 -27.12
CA LEU F 33 16.01 -6.34 -27.88
C LEU F 33 16.63 -7.29 -28.88
N THR F 34 17.65 -6.81 -29.60
CA THR F 34 18.37 -7.68 -30.53
C THR F 34 19.02 -8.94 -29.89
N VAL F 35 19.78 -8.78 -28.81
CA VAL F 35 20.42 -9.95 -28.21
C VAL F 35 19.37 -10.88 -27.64
N ILE F 36 18.30 -10.32 -27.10
CA ILE F 36 17.28 -11.14 -26.46
C ILE F 36 16.34 -11.85 -27.46
N MET F 37 16.02 -11.19 -28.57
CA MET F 37 15.30 -11.88 -29.62
C MET F 37 16.20 -12.95 -30.22
N HIS F 38 17.44 -12.58 -30.51
CA HIS F 38 18.39 -13.54 -31.06
C HIS F 38 18.65 -14.78 -30.18
N THR F 39 18.72 -14.59 -28.86
CA THR F 39 18.92 -15.71 -27.93
C THR F 39 17.71 -16.62 -27.87
N ILE F 40 16.52 -16.01 -27.75
CA ILE F 40 15.26 -16.76 -27.60
C ILE F 40 14.92 -17.60 -28.83
N PHE F 41 15.21 -17.04 -30.00
CA PHE F 41 15.14 -17.77 -31.26
C PHE F 41 16.08 -18.99 -31.31
N GLN F 42 17.31 -18.84 -30.79
CA GLN F 42 18.21 -19.99 -30.58
C GLN F 42 17.55 -20.91 -29.59
N GLU F 43 17.25 -20.39 -28.41
CA GLU F 43 16.65 -21.19 -27.35
C GLU F 43 15.57 -22.11 -27.89
N ARG F 44 14.61 -21.54 -28.62
CA ARG F 44 13.45 -22.27 -29.12
C ARG F 44 13.68 -22.91 -30.48
N ASP F 45 14.87 -22.73 -31.04
CA ASP F 45 15.17 -23.35 -32.34
C ASP F 45 14.34 -22.76 -33.50
N LEU F 46 13.96 -21.49 -33.38
CA LEU F 46 13.09 -20.93 -34.41
C LEU F 46 13.77 -20.72 -35.77
N LEU F 47 15.07 -20.50 -35.78
CA LEU F 47 15.76 -20.27 -37.05
C LEU F 47 15.69 -21.53 -37.92
N LYS F 48 16.04 -22.67 -37.32
CA LYS F 48 15.97 -23.98 -37.97
C LYS F 48 14.56 -24.38 -38.37
N THR F 49 13.62 -24.23 -37.45
CA THR F 49 12.22 -24.53 -37.74
C THR F 49 11.65 -23.68 -38.87
N PHE F 50 11.99 -22.39 -38.88
CA PHE F 50 11.47 -21.49 -39.92
C PHE F 50 12.46 -21.09 -41.01
N LYS F 51 13.55 -21.85 -41.14
CA LYS F 51 14.59 -21.55 -42.10
C LYS F 51 14.89 -20.04 -42.19
N ILE F 52 14.93 -19.35 -41.05
CA ILE F 52 15.20 -17.91 -41.02
C ILE F 52 16.69 -17.71 -40.97
N PRO F 53 17.30 -17.24 -42.06
CA PRO F 53 18.77 -17.21 -42.09
C PRO F 53 19.36 -16.34 -40.97
N VAL F 54 20.42 -16.84 -40.37
CA VAL F 54 21.02 -16.18 -39.23
C VAL F 54 21.19 -14.66 -39.46
N ASP F 55 21.90 -14.23 -40.52
CA ASP F 55 22.11 -12.80 -40.70
C ASP F 55 20.80 -12.03 -41.02
N THR F 56 19.81 -12.71 -41.56
CA THR F 56 18.59 -12.03 -41.90
C THR F 56 17.81 -11.70 -40.65
N LEU F 57 17.90 -12.57 -39.64
CA LEU F 57 17.36 -12.26 -38.34
C LEU F 57 18.02 -11.00 -37.78
N ILE F 58 19.34 -10.98 -37.69
CA ILE F 58 20.02 -9.83 -37.06
C ILE F 58 19.82 -8.49 -37.80
N THR F 59 19.84 -8.51 -39.13
CA THR F 59 19.55 -7.31 -39.90
C THR F 59 18.17 -6.74 -39.57
N TYR F 60 17.19 -7.62 -39.44
CA TYR F 60 15.85 -7.19 -39.02
C TYR F 60 15.76 -6.68 -37.58
N LEU F 61 16.25 -7.45 -36.60
CA LEU F 61 16.15 -7.04 -35.18
C LEU F 61 16.83 -5.69 -34.87
N MET F 62 17.98 -5.42 -35.49
CA MET F 62 18.65 -4.14 -35.29
C MET F 62 17.91 -2.96 -35.91
N THR F 63 17.24 -3.16 -37.06
CA THR F 63 16.43 -2.13 -37.69
C THR F 63 15.18 -1.89 -36.83
N LEU F 64 14.56 -2.98 -36.41
CA LEU F 64 13.45 -2.94 -35.46
C LEU F 64 13.84 -2.14 -34.21
N GLU F 65 14.95 -2.53 -33.57
CA GLU F 65 15.43 -1.92 -32.33
C GLU F 65 15.65 -0.43 -32.50
N ASP F 66 16.28 -0.07 -33.62
CA ASP F 66 16.54 1.33 -33.97
C ASP F 66 15.30 2.18 -33.99
N HIS F 67 14.17 1.59 -34.34
CA HIS F 67 12.97 2.38 -34.59
C HIS F 67 12.19 2.64 -33.30
N TYR F 68 12.67 2.03 -32.20
CA TYR F 68 12.33 2.49 -30.83
C TYR F 68 13.20 3.70 -30.46
N HIS F 69 12.61 4.67 -29.77
CA HIS F 69 13.30 5.92 -29.51
C HIS F 69 14.03 5.80 -28.20
N ALA F 70 15.32 6.11 -28.20
CA ALA F 70 16.09 6.01 -26.98
C ALA F 70 15.85 7.23 -26.09
N ASP F 71 15.24 8.28 -26.63
CA ASP F 71 14.93 9.44 -25.78
C ASP F 71 13.55 9.37 -25.07
N VAL F 72 12.79 8.30 -25.25
CA VAL F 72 11.58 8.16 -24.44
C VAL F 72 11.94 7.30 -23.23
N ALA F 73 11.66 7.80 -22.03
CA ALA F 73 12.07 7.12 -20.81
C ALA F 73 11.58 5.67 -20.68
N TYR F 74 10.32 5.42 -21.05
CA TYR F 74 9.72 4.09 -20.87
C TYR F 74 9.56 3.23 -22.14
N HIS F 75 8.65 3.63 -23.02
CA HIS F 75 8.31 2.87 -24.21
C HIS F 75 9.44 2.79 -25.25
N ASN F 76 10.58 2.24 -24.83
CA ASN F 76 11.76 2.08 -25.68
C ASN F 76 12.09 0.60 -25.89
N ASN F 77 13.29 0.31 -26.40
CA ASN F 77 13.71 -1.07 -26.73
C ASN F 77 13.87 -1.97 -25.52
N ILE F 78 14.31 -1.37 -24.43
CA ILE F 78 14.40 -2.10 -23.18
C ILE F 78 13.02 -2.67 -22.84
N HIS F 79 11.99 -1.85 -23.02
CA HIS F 79 10.62 -2.29 -22.73
C HIS F 79 10.14 -3.43 -23.64
N ALA F 80 10.35 -3.28 -24.95
CA ALA F 80 10.14 -4.36 -25.91
C ALA F 80 10.99 -5.58 -25.53
N ALA F 81 12.28 -5.38 -25.27
CA ALA F 81 13.08 -6.50 -24.81
C ALA F 81 12.38 -7.16 -23.63
N ASP F 82 11.89 -6.35 -22.69
CA ASP F 82 11.26 -6.92 -21.49
C ASP F 82 10.02 -7.75 -21.82
N VAL F 83 9.15 -7.20 -22.64
CA VAL F 83 7.93 -7.89 -22.94
C VAL F 83 8.21 -9.13 -23.77
N VAL F 84 9.15 -9.03 -24.71
CA VAL F 84 9.47 -10.21 -25.49
C VAL F 84 9.91 -11.34 -24.56
N GLN F 85 10.78 -11.00 -23.63
CA GLN F 85 11.31 -11.94 -22.64
C GLN F 85 10.21 -12.54 -21.78
N SER F 86 9.25 -11.70 -21.36
CA SER F 86 8.25 -12.12 -20.38
C SER F 86 7.22 -13.03 -21.02
N THR F 87 6.87 -12.72 -22.25
CA THR F 87 5.98 -13.57 -23.01
C THR F 87 6.67 -14.92 -23.22
N HIS F 88 7.97 -14.88 -23.51
CA HIS F 88 8.72 -16.11 -23.70
C HIS F 88 8.61 -17.04 -22.50
N VAL F 89 8.73 -16.47 -21.30
CA VAL F 89 8.56 -17.20 -20.04
C VAL F 89 7.13 -17.69 -19.84
N LEU F 90 6.17 -16.94 -20.34
CA LEU F 90 4.78 -17.31 -20.16
C LEU F 90 4.47 -18.49 -21.05
N LEU F 91 5.03 -18.47 -22.25
CA LEU F 91 4.83 -19.57 -23.17
C LEU F 91 5.31 -20.92 -22.60
N SER F 92 6.26 -20.89 -21.66
CA SER F 92 6.88 -22.13 -21.17
C SER F 92 6.23 -22.64 -19.90
N THR F 93 5.14 -21.99 -19.47
CA THR F 93 4.48 -22.44 -18.25
C THR F 93 3.91 -23.84 -18.44
N PRO F 94 4.17 -24.73 -17.48
CA PRO F 94 3.76 -26.13 -17.45
C PRO F 94 2.35 -26.39 -17.99
N ALA F 95 1.41 -25.53 -17.64
CA ALA F 95 0.00 -25.78 -17.98
C ALA F 95 -0.31 -25.44 -19.42
N LEU F 96 0.67 -24.96 -20.16
CA LEU F 96 0.49 -24.60 -21.58
C LEU F 96 1.46 -25.41 -22.44
N GLU F 97 2.24 -26.27 -21.79
CA GLU F 97 3.24 -27.10 -22.47
C GLU F 97 2.61 -27.79 -23.67
N ALA F 98 3.27 -27.71 -24.81
CA ALA F 98 2.76 -28.34 -26.05
C ALA F 98 1.30 -28.00 -26.38
N VAL F 99 0.86 -26.79 -26.05
CA VAL F 99 -0.49 -26.40 -26.42
C VAL F 99 -0.52 -25.63 -27.75
N PHE F 100 0.44 -24.73 -27.95
CA PHE F 100 0.54 -23.93 -29.19
C PHE F 100 1.50 -24.47 -30.24
N THR F 101 1.16 -24.28 -31.52
CA THR F 101 2.06 -24.66 -32.62
C THR F 101 3.31 -23.76 -32.59
N ASP F 102 4.28 -24.08 -33.43
CA ASP F 102 5.48 -23.28 -33.57
C ASP F 102 5.10 -21.94 -34.18
N LEU F 103 4.09 -21.96 -35.05
CA LEU F 103 3.66 -20.72 -35.66
C LEU F 103 3.10 -19.74 -34.62
N GLU F 104 2.26 -20.25 -33.72
CA GLU F 104 1.62 -19.40 -32.72
C GLU F 104 2.68 -18.91 -31.76
N ILE F 105 3.65 -19.77 -31.46
CA ILE F 105 4.74 -19.36 -30.58
C ILE F 105 5.50 -18.22 -31.25
N LEU F 106 5.73 -18.34 -32.55
CA LEU F 106 6.42 -17.28 -33.28
C LEU F 106 5.55 -16.02 -33.33
N ALA F 107 4.23 -16.19 -33.41
CA ALA F 107 3.37 -15.05 -33.56
C ALA F 107 3.54 -14.19 -32.32
N ALA F 108 3.34 -14.82 -31.16
CA ALA F 108 3.41 -14.18 -29.86
C ALA F 108 4.76 -13.49 -29.62
N ILE F 109 5.83 -14.11 -30.07
CA ILE F 109 7.16 -13.54 -29.79
C ILE F 109 7.40 -12.37 -30.72
N PHE F 110 7.15 -12.57 -32.01
CA PHE F 110 7.24 -11.46 -32.93
C PHE F 110 6.35 -10.31 -32.51
N ALA F 111 5.11 -10.62 -32.15
CA ALA F 111 4.12 -9.61 -31.80
C ALA F 111 4.65 -8.76 -30.65
N SER F 112 5.20 -9.45 -29.67
CA SER F 112 5.76 -8.78 -28.52
C SER F 112 6.84 -7.78 -28.94
N ALA F 113 7.73 -8.21 -29.84
CA ALA F 113 8.90 -7.40 -30.17
C ALA F 113 8.52 -6.08 -30.86
N ILE F 114 7.38 -6.07 -31.54
CA ILE F 114 6.96 -4.91 -32.28
C ILE F 114 5.81 -4.14 -31.63
N HIS F 115 5.19 -4.69 -30.58
CA HIS F 115 3.94 -4.12 -30.01
C HIS F 115 3.94 -2.64 -29.58
N ASP F 116 5.14 -2.03 -29.51
CA ASP F 116 5.27 -0.60 -29.18
C ASP F 116 6.34 0.07 -30.01
N VAL F 117 6.78 -0.53 -31.11
CA VAL F 117 7.83 0.09 -31.92
C VAL F 117 7.43 1.48 -32.43
N ASP F 118 8.39 2.40 -32.37
CA ASP F 118 8.25 3.78 -32.83
C ASP F 118 7.22 4.59 -32.01
N HIS F 119 7.08 4.21 -30.74
CA HIS F 119 6.27 4.95 -29.78
C HIS F 119 6.84 6.37 -29.58
N PRO F 120 6.00 7.41 -29.75
CA PRO F 120 6.43 8.82 -29.70
C PRO F 120 6.77 9.32 -28.31
N GLY F 121 6.17 8.70 -27.30
CA GLY F 121 6.36 9.11 -25.92
C GLY F 121 5.06 9.63 -25.34
N VAL F 122 3.98 9.48 -26.09
CA VAL F 122 2.69 9.97 -25.65
C VAL F 122 1.59 8.92 -25.89
N SER F 123 0.50 9.03 -25.12
CA SER F 123 -0.58 8.08 -25.19
C SER F 123 -1.56 8.37 -26.36
N ASN F 124 -2.38 7.38 -26.71
CA ASN F 124 -3.39 7.58 -27.74
C ASN F 124 -4.15 8.85 -27.41
N GLN F 125 -4.59 8.95 -26.15
CA GLN F 125 -5.40 10.09 -25.74
C GLN F 125 -4.72 11.39 -26.10
N PHE F 126 -3.41 11.46 -25.91
CA PHE F 126 -2.69 12.67 -26.26
C PHE F 126 -2.80 12.91 -27.76
N LEU F 127 -2.60 11.86 -28.55
CA LEU F 127 -2.56 12.00 -30.02
C LEU F 127 -3.95 12.35 -30.57
N ILE F 128 -4.99 11.85 -29.90
CA ILE F 128 -6.36 12.18 -30.25
C ILE F 128 -6.60 13.65 -29.93
N ASN F 129 -6.27 14.03 -28.71
CA ASN F 129 -6.54 15.37 -28.23
C ASN F 129 -5.75 16.44 -28.94
N THR F 130 -4.64 16.07 -29.55
CA THR F 130 -3.83 17.05 -30.26
C THR F 130 -4.06 17.02 -31.77
N ASN F 131 -5.18 16.43 -32.19
CA ASN F 131 -5.46 16.21 -33.59
C ASN F 131 -4.13 15.99 -34.32
N SER F 132 -3.38 14.99 -33.86
CA SER F 132 -2.12 14.62 -34.47
C SER F 132 -2.37 13.91 -35.80
N GLU F 133 -1.35 13.88 -36.64
CA GLU F 133 -1.34 13.15 -37.88
C GLU F 133 -1.65 11.64 -37.70
N LEU F 134 -1.14 11.02 -36.63
CA LEU F 134 -1.43 9.59 -36.34
C LEU F 134 -2.90 9.31 -36.04
N ALA F 135 -3.48 10.11 -35.14
CA ALA F 135 -4.88 9.95 -34.81
C ALA F 135 -5.84 10.14 -36.00
N LEU F 136 -5.54 11.06 -36.92
CA LEU F 136 -6.37 11.26 -38.08
C LEU F 136 -6.27 10.12 -39.10
N MET F 137 -5.09 9.54 -39.21
CA MET F 137 -4.88 8.40 -40.07
C MET F 137 -5.77 7.23 -39.60
N TYR F 138 -5.81 6.97 -38.29
CA TYR F 138 -6.50 5.80 -37.75
C TYR F 138 -7.78 6.11 -36.97
N ASN F 139 -8.37 7.24 -37.27
CA ASN F 139 -9.67 7.63 -36.72
C ASN F 139 -9.87 7.31 -35.23
N ASP F 140 -8.97 7.86 -34.41
CA ASP F 140 -9.00 7.69 -32.93
C ASP F 140 -9.07 6.23 -32.41
N SER F 141 -8.81 5.24 -33.25
CA SER F 141 -9.09 3.83 -32.91
C SER F 141 -7.82 3.02 -32.83
N SER F 142 -7.43 2.64 -31.62
CA SER F 142 -6.14 1.93 -31.37
C SER F 142 -4.99 2.59 -32.14
N VAL F 143 -4.93 3.92 -32.08
CA VAL F 143 -4.02 4.71 -32.90
C VAL F 143 -2.61 4.18 -32.91
N LEU F 144 -1.98 4.13 -31.75
CA LEU F 144 -0.60 3.70 -31.67
C LEU F 144 -0.41 2.23 -32.04
N GLU F 145 -1.27 1.38 -31.50
CA GLU F 145 -1.19 -0.05 -31.77
C GLU F 145 -1.20 -0.30 -33.28
N ASN F 146 -2.16 0.29 -33.98
CA ASN F 146 -2.21 0.24 -35.43
C ASN F 146 -0.85 0.64 -36.04
N HIS F 147 -0.31 1.77 -35.59
CA HIS F 147 0.97 2.25 -36.07
C HIS F 147 2.11 1.26 -35.83
N HIS F 148 2.20 0.72 -34.61
CA HIS F 148 3.27 -0.22 -34.27
C HIS F 148 3.25 -1.35 -35.28
N LEU F 149 2.10 -2.01 -35.36
CA LEU F 149 1.89 -3.08 -36.34
C LEU F 149 2.44 -2.70 -37.71
N ALA F 150 1.87 -1.65 -38.31
CA ALA F 150 2.34 -1.17 -39.60
C ALA F 150 3.88 -1.04 -39.68
N VAL F 151 4.49 -0.40 -38.69
CA VAL F 151 5.93 -0.20 -38.67
C VAL F 151 6.64 -1.55 -38.61
N GLY F 152 6.46 -2.29 -37.54
CA GLY F 152 6.90 -3.69 -37.54
C GLY F 152 6.82 -4.44 -38.89
N PHE F 153 5.66 -4.44 -39.54
CA PHE F 153 5.50 -5.14 -40.83
C PHE F 153 6.26 -4.46 -41.95
N LYS F 154 6.12 -3.16 -42.05
CA LYS F 154 6.81 -2.43 -43.09
C LYS F 154 8.29 -2.82 -43.08
N LEU F 155 8.90 -2.90 -41.91
CA LEU F 155 10.35 -3.10 -41.84
C LEU F 155 10.76 -4.42 -42.52
N LEU F 156 9.91 -5.44 -42.43
CA LEU F 156 10.26 -6.71 -43.05
C LEU F 156 10.80 -6.48 -44.47
N GLN F 157 10.32 -5.40 -45.08
CA GLN F 157 10.62 -5.12 -46.47
C GLN F 157 12.01 -4.59 -46.67
N GLU F 158 12.58 -3.93 -45.67
CA GLU F 158 13.96 -3.46 -45.75
C GLU F 158 14.87 -4.61 -46.17
N GLU F 159 16.01 -4.24 -46.74
CA GLU F 159 16.97 -5.18 -47.31
C GLU F 159 17.43 -6.28 -46.36
N ASN F 160 17.41 -7.52 -46.81
CA ASN F 160 17.77 -8.67 -45.99
C ASN F 160 17.15 -8.62 -44.60
N CYS F 161 15.89 -8.20 -44.58
CA CYS F 161 15.13 -8.09 -43.33
C CYS F 161 13.97 -9.06 -43.27
N ASP F 162 13.62 -9.69 -44.38
CA ASP F 162 12.47 -10.57 -44.37
C ASP F 162 12.72 -11.87 -43.59
N ILE F 163 12.53 -11.83 -42.27
CA ILE F 163 12.69 -13.03 -41.48
C ILE F 163 11.64 -14.10 -41.83
N PHE F 164 10.55 -13.71 -42.50
CA PHE F 164 9.54 -14.70 -42.87
C PHE F 164 9.63 -15.30 -44.28
N GLN F 165 10.68 -14.99 -45.02
CA GLN F 165 10.80 -15.38 -46.45
C GLN F 165 10.54 -16.85 -46.77
N ASN F 166 10.84 -17.75 -45.85
CA ASN F 166 10.64 -19.18 -46.12
C ASN F 166 9.44 -19.78 -45.41
N LEU F 167 8.59 -18.91 -44.87
CA LEU F 167 7.28 -19.35 -44.42
C LEU F 167 6.49 -19.71 -45.66
N THR F 168 5.51 -20.58 -45.54
CA THR F 168 4.66 -20.91 -46.69
C THR F 168 3.69 -19.75 -46.73
N LYS F 169 2.74 -19.72 -47.66
CA LYS F 169 1.81 -18.59 -47.62
C LYS F 169 0.74 -18.73 -46.55
N LYS F 170 -0.01 -19.82 -46.58
CA LYS F 170 -0.94 -20.08 -45.51
C LYS F 170 -0.27 -19.64 -44.21
N GLN F 171 1.04 -19.84 -44.14
CA GLN F 171 1.83 -19.53 -42.92
C GLN F 171 2.11 -18.03 -42.68
N ARG F 172 2.41 -17.32 -43.75
CA ARG F 172 2.62 -15.88 -43.67
C ARG F 172 1.32 -15.20 -43.34
N GLN F 173 0.22 -15.80 -43.79
CA GLN F 173 -1.10 -15.24 -43.57
C GLN F 173 -1.59 -15.42 -42.14
N SER F 174 -1.54 -16.64 -41.58
CA SER F 174 -1.90 -16.76 -40.16
C SER F 174 -1.06 -15.79 -39.34
N LEU F 175 0.27 -15.94 -39.38
CA LEU F 175 1.12 -15.10 -38.54
C LEU F 175 0.71 -13.66 -38.66
N ARG F 176 0.49 -13.21 -39.89
CA ARG F 176 0.17 -11.79 -40.07
C ARG F 176 -1.10 -11.44 -39.31
N LYS F 177 -2.13 -12.26 -39.46
CA LYS F 177 -3.39 -11.95 -38.81
C LYS F 177 -3.24 -12.11 -37.31
N MET F 178 -2.51 -13.13 -36.88
CA MET F 178 -2.31 -13.41 -35.47
C MET F 178 -1.56 -12.30 -34.74
N VAL F 179 -0.50 -11.78 -35.36
CA VAL F 179 0.26 -10.65 -34.81
C VAL F 179 -0.62 -9.38 -34.72
N ILE F 180 -1.52 -9.24 -35.70
CA ILE F 180 -2.48 -8.16 -35.68
C ILE F 180 -3.38 -8.33 -34.46
N ASP F 181 -4.15 -9.42 -34.43
CA ASP F 181 -5.02 -9.68 -33.28
C ASP F 181 -4.27 -9.48 -31.94
N ILE F 182 -3.00 -9.90 -31.87
CA ILE F 182 -2.28 -9.79 -30.60
C ILE F 182 -1.81 -8.38 -30.25
N VAL F 183 -1.36 -7.59 -31.22
CA VAL F 183 -0.90 -6.28 -30.86
C VAL F 183 -2.08 -5.34 -30.60
N LEU F 184 -3.15 -5.49 -31.37
CA LEU F 184 -4.31 -4.64 -31.11
C LEU F 184 -4.86 -4.95 -29.73
N ALA F 185 -4.68 -6.17 -29.24
CA ALA F 185 -5.15 -6.44 -27.90
C ALA F 185 -4.33 -5.72 -26.81
N THR F 186 -3.21 -5.09 -27.16
CA THR F 186 -2.51 -4.27 -26.16
C THR F 186 -3.14 -2.89 -25.89
N ASP F 187 -4.11 -2.46 -26.72
CA ASP F 187 -4.83 -1.19 -26.54
C ASP F 187 -5.51 -1.20 -25.19
N MET F 188 -5.14 -0.27 -24.33
CA MET F 188 -5.60 -0.31 -22.94
C MET F 188 -7.09 -0.05 -22.77
N SER F 189 -7.76 0.26 -23.88
CA SER F 189 -9.20 0.44 -23.81
C SER F 189 -9.93 -0.91 -24.03
N LYS F 190 -9.20 -1.90 -24.54
CA LYS F 190 -9.78 -3.21 -24.73
C LYS F 190 -9.58 -4.06 -23.47
N HIS F 191 -8.79 -3.54 -22.53
CA HIS F 191 -8.48 -4.29 -21.33
C HIS F 191 -9.70 -4.91 -20.65
N MET F 192 -10.69 -4.09 -20.26
CA MET F 192 -11.88 -4.60 -19.53
C MET F 192 -12.54 -5.80 -20.24
N ASN F 193 -12.73 -5.68 -21.55
CA ASN F 193 -13.39 -6.73 -22.34
C ASN F 193 -12.53 -7.97 -22.45
N LEU F 194 -11.27 -7.77 -22.80
CA LEU F 194 -10.30 -8.82 -22.86
C LEU F 194 -10.20 -9.59 -21.54
N LEU F 195 -10.30 -8.87 -20.42
CA LEU F 195 -10.22 -9.52 -19.12
C LEU F 195 -11.52 -10.23 -18.84
N ALA F 196 -12.60 -9.68 -19.39
CA ALA F 196 -13.92 -10.25 -19.15
C ALA F 196 -14.07 -11.56 -19.91
N ASP F 197 -13.36 -11.70 -21.02
CA ASP F 197 -13.39 -12.93 -21.77
C ASP F 197 -12.50 -13.98 -21.09
N LEU F 198 -11.34 -13.54 -20.61
CA LEU F 198 -10.46 -14.42 -19.88
C LEU F 198 -11.20 -15.12 -18.72
N LYS F 199 -11.95 -14.37 -17.92
CA LYS F 199 -12.73 -14.98 -16.83
C LYS F 199 -13.75 -16.01 -17.30
N THR F 200 -14.55 -15.68 -18.32
CA THR F 200 -15.45 -16.65 -18.94
C THR F 200 -14.69 -17.94 -19.29
N MET F 201 -13.54 -17.80 -19.94
CA MET F 201 -12.69 -18.94 -20.27
C MET F 201 -12.29 -19.70 -19.00
N VAL F 202 -11.71 -19.01 -18.04
CA VAL F 202 -11.38 -19.64 -16.75
C VAL F 202 -12.49 -20.54 -16.20
N GLU F 203 -13.75 -20.11 -16.32
CA GLU F 203 -14.87 -20.83 -15.70
C GLU F 203 -15.37 -22.01 -16.50
N THR F 204 -15.14 -22.00 -17.82
CA THR F 204 -15.44 -23.15 -18.66
C THR F 204 -14.16 -23.94 -18.96
N LYS F 205 -13.12 -23.71 -18.15
CA LYS F 205 -11.78 -24.28 -18.36
C LYS F 205 -11.71 -25.81 -18.40
N LYS F 206 -11.26 -26.31 -19.55
CA LYS F 206 -11.04 -27.74 -19.71
C LYS F 206 -9.53 -28.07 -19.76
N VAL F 207 -9.14 -29.15 -19.07
CA VAL F 207 -7.74 -29.62 -19.08
C VAL F 207 -7.62 -31.10 -19.44
N THR F 208 -6.58 -31.47 -20.19
CA THR F 208 -6.35 -32.87 -20.57
C THR F 208 -6.02 -33.72 -19.35
N SER F 209 -6.42 -34.99 -19.35
CA SER F 209 -6.15 -35.81 -18.18
C SER F 209 -4.66 -35.69 -17.84
N SER F 210 -3.87 -35.24 -18.81
CA SER F 210 -2.46 -34.94 -18.60
C SER F 210 -2.22 -33.63 -17.79
N GLY F 211 -3.30 -32.97 -17.36
CA GLY F 211 -3.23 -31.78 -16.52
C GLY F 211 -2.83 -30.46 -17.19
N VAL F 212 -3.21 -30.31 -18.46
CA VAL F 212 -2.76 -29.20 -19.33
C VAL F 212 -3.95 -28.51 -20.06
N LEU F 213 -3.85 -27.21 -20.29
CA LEU F 213 -4.99 -26.45 -20.83
C LEU F 213 -5.49 -26.93 -22.19
N LEU F 214 -6.77 -27.25 -22.28
CA LEU F 214 -7.34 -27.75 -23.51
C LEU F 214 -8.02 -26.62 -24.29
N LEU F 215 -7.51 -26.30 -25.47
CA LEU F 215 -8.14 -25.31 -26.36
C LEU F 215 -8.38 -25.95 -27.73
N ASP F 216 -9.49 -25.65 -28.38
CA ASP F 216 -9.61 -26.12 -29.77
C ASP F 216 -9.63 -25.00 -30.80
N ASN F 217 -10.79 -24.38 -31.03
CA ASN F 217 -10.92 -23.28 -32.00
C ASN F 217 -9.89 -22.14 -31.93
N TYR F 218 -9.44 -21.67 -33.10
CA TYR F 218 -8.55 -20.53 -33.21
C TYR F 218 -8.97 -19.46 -32.22
N SER F 219 -10.26 -19.15 -32.20
CA SER F 219 -10.84 -18.08 -31.41
C SER F 219 -10.49 -18.15 -29.92
N ASP F 220 -10.39 -19.35 -29.36
CA ASP F 220 -10.03 -19.49 -27.94
C ASP F 220 -8.55 -19.40 -27.75
N ARG F 221 -7.81 -19.80 -28.78
CA ARG F 221 -6.36 -19.78 -28.71
C ARG F 221 -5.80 -18.37 -28.91
N ILE F 222 -6.38 -17.65 -29.84
CA ILE F 222 -5.97 -16.29 -30.09
C ILE F 222 -6.19 -15.45 -28.84
N GLN F 223 -7.13 -15.86 -28.01
CA GLN F 223 -7.47 -15.05 -26.85
C GLN F 223 -6.58 -15.31 -25.65
N VAL F 224 -6.09 -16.53 -25.52
CA VAL F 224 -5.07 -16.82 -24.55
C VAL F 224 -3.81 -16.05 -24.97
N LEU F 225 -3.48 -16.08 -26.25
CA LEU F 225 -2.30 -15.34 -26.73
C LEU F 225 -2.38 -13.80 -26.52
N GLN F 226 -3.51 -13.20 -26.87
CA GLN F 226 -3.72 -11.79 -26.64
C GLN F 226 -3.53 -11.45 -25.15
N ASN F 227 -4.08 -12.28 -24.27
CA ASN F 227 -4.00 -12.06 -22.81
C ASN F 227 -2.61 -12.33 -22.27
N MET F 228 -1.88 -13.24 -22.91
CA MET F 228 -0.55 -13.56 -22.45
C MET F 228 0.37 -12.34 -22.60
N VAL F 229 0.33 -11.79 -23.82
CA VAL F 229 1.16 -10.66 -24.20
C VAL F 229 0.68 -9.43 -23.47
N HIS F 230 -0.62 -9.39 -23.21
CA HIS F 230 -1.21 -8.30 -22.43
C HIS F 230 -0.72 -8.33 -21.00
N CYS F 231 -0.67 -9.52 -20.42
CA CYS F 231 -0.07 -9.70 -19.10
C CYS F 231 1.38 -9.30 -19.16
N ALA F 232 2.09 -9.88 -20.12
CA ALA F 232 3.49 -9.52 -20.37
C ALA F 232 3.67 -8.00 -20.41
N ASP F 233 2.81 -7.31 -21.15
CA ASP F 233 2.89 -5.87 -21.22
C ASP F 233 2.71 -5.28 -19.82
N LEU F 234 1.73 -5.76 -19.10
CA LEU F 234 1.46 -5.25 -17.79
C LEU F 234 2.18 -6.08 -16.72
N SER F 235 3.32 -6.64 -17.07
CA SER F 235 4.00 -7.56 -16.14
C SER F 235 4.92 -6.87 -15.13
N ASN F 236 5.26 -5.60 -15.35
CA ASN F 236 6.37 -5.09 -14.55
C ASN F 236 6.18 -4.84 -13.03
N PRO F 237 4.93 -4.62 -12.58
CA PRO F 237 4.75 -4.71 -11.12
C PRO F 237 4.90 -6.10 -10.51
N THR F 238 5.21 -7.11 -11.33
CA THR F 238 5.38 -8.51 -10.82
C THR F 238 6.85 -8.99 -10.79
N LYS F 239 7.75 -8.19 -11.34
CA LYS F 239 9.18 -8.44 -11.28
C LYS F 239 9.70 -8.04 -9.90
N PRO F 240 10.86 -8.57 -9.49
CA PRO F 240 11.51 -8.08 -8.27
C PRO F 240 11.49 -6.54 -8.12
N LEU F 241 11.28 -6.09 -6.88
CA LEU F 241 11.12 -4.66 -6.59
C LEU F 241 12.20 -3.76 -7.18
N GLN F 242 13.43 -4.25 -7.32
CA GLN F 242 14.44 -3.42 -7.91
C GLN F 242 14.14 -3.15 -9.37
N LEU F 243 13.49 -4.09 -10.05
CA LEU F 243 13.20 -3.87 -11.46
C LEU F 243 11.93 -3.05 -11.62
N TYR F 244 10.91 -3.38 -10.82
CA TYR F 244 9.60 -2.75 -10.90
C TYR F 244 9.77 -1.28 -10.61
N ARG F 245 10.54 -0.97 -9.57
CA ARG F 245 10.89 0.40 -9.28
C ARG F 245 11.44 1.16 -10.49
N GLN F 246 12.49 0.63 -11.10
CA GLN F 246 13.11 1.29 -12.24
C GLN F 246 12.08 1.59 -13.31
N TRP F 247 11.18 0.65 -13.56
CA TRP F 247 10.10 0.83 -14.52
C TRP F 247 9.13 1.95 -14.14
N THR F 248 8.92 2.15 -12.85
CA THR F 248 7.96 3.16 -12.41
C THR F 248 8.53 4.54 -12.59
N ASP F 249 9.74 4.76 -12.05
CA ASP F 249 10.46 6.02 -12.31
C ASP F 249 10.47 6.32 -13.82
N ARG F 250 10.63 5.28 -14.64
CA ARG F 250 10.75 5.45 -16.07
C ARG F 250 9.48 5.94 -16.73
N ILE F 251 8.33 5.45 -16.25
CA ILE F 251 7.07 5.76 -16.93
C ILE F 251 6.53 7.08 -16.46
N MET F 252 6.82 7.44 -15.22
CA MET F 252 6.47 8.74 -14.73
C MET F 252 7.30 9.75 -15.48
N GLU F 253 8.59 9.48 -15.62
CA GLU F 253 9.48 10.37 -16.35
C GLU F 253 8.99 10.60 -17.78
N GLU F 254 8.16 9.68 -18.30
CA GLU F 254 7.59 9.78 -19.64
C GLU F 254 6.24 10.53 -19.61
N PHE F 255 5.37 10.16 -18.67
CA PHE F 255 4.08 10.86 -18.53
C PHE F 255 4.32 12.34 -18.30
N PHE F 256 4.99 12.65 -17.19
CA PHE F 256 5.34 14.03 -16.86
C PHE F 256 5.77 14.79 -18.12
N ARG F 257 6.71 14.21 -18.87
CA ARG F 257 7.22 14.84 -20.10
C ARG F 257 6.12 15.16 -21.14
N GLN F 258 5.12 14.29 -21.26
CA GLN F 258 3.96 14.56 -22.12
C GLN F 258 3.28 15.83 -21.64
N GLY F 259 3.03 15.90 -20.33
CA GLY F 259 2.41 17.06 -19.67
C GLY F 259 3.15 18.37 -19.85
N ASP F 260 4.47 18.28 -19.96
CA ASP F 260 5.26 19.47 -20.29
C ASP F 260 4.86 19.93 -21.67
N ARG F 261 5.00 19.02 -22.63
CA ARG F 261 4.46 19.16 -23.98
C ARG F 261 2.98 19.51 -24.01
N GLU F 262 2.23 19.16 -22.96
CA GLU F 262 0.81 19.56 -22.88
C GLU F 262 0.67 21.03 -22.49
N ARG F 263 1.23 21.36 -21.32
CA ARG F 263 1.20 22.69 -20.77
C ARG F 263 1.52 23.74 -21.83
N GLU F 264 2.56 23.45 -22.61
CA GLU F 264 3.00 24.33 -23.69
C GLU F 264 1.79 24.75 -24.52
N ARG F 265 1.43 23.89 -25.47
CA ARG F 265 0.16 24.06 -26.18
C ARG F 265 -0.88 24.79 -25.30
N GLY F 266 -1.21 24.23 -24.15
CA GLY F 266 -2.19 24.82 -23.26
C GLY F 266 -3.39 23.91 -23.11
N MET F 267 -3.23 22.80 -22.41
CA MET F 267 -4.32 21.84 -22.33
C MET F 267 -4.60 21.41 -20.90
N GLU F 268 -5.81 20.88 -20.70
CA GLU F 268 -6.18 20.21 -19.45
C GLU F 268 -5.11 19.19 -19.05
N ILE F 269 -3.96 19.67 -18.54
CA ILE F 269 -2.84 18.77 -18.15
C ILE F 269 -3.37 17.45 -17.62
N SER F 270 -2.98 16.37 -18.28
CA SER F 270 -3.55 15.07 -18.02
C SER F 270 -3.44 14.71 -16.53
N PRO F 271 -4.05 13.56 -16.13
CA PRO F 271 -4.11 13.21 -14.73
C PRO F 271 -3.14 12.07 -14.49
N MET F 272 -1.99 12.38 -13.88
CA MET F 272 -0.85 11.45 -13.77
C MET F 272 0.31 12.10 -14.49
N CYS F 273 0.06 13.28 -15.03
CA CYS F 273 1.03 13.93 -15.87
C CYS F 273 1.61 15.19 -15.21
N ASP F 274 1.04 15.58 -14.07
CA ASP F 274 1.48 16.80 -13.41
C ASP F 274 2.73 16.51 -12.58
N LYS F 275 3.89 16.90 -13.10
CA LYS F 275 5.08 16.55 -12.35
C LYS F 275 4.98 17.11 -10.95
N HIS F 276 4.44 18.33 -10.84
CA HIS F 276 4.37 19.07 -9.59
C HIS F 276 3.30 18.51 -8.63
N ASN F 277 2.35 17.74 -9.17
CA ASN F 277 1.33 17.09 -8.34
C ASN F 277 1.39 15.58 -8.46
N ALA F 278 2.60 15.06 -8.40
CA ALA F 278 2.80 13.63 -8.50
C ALA F 278 2.17 12.91 -7.32
N SER F 279 1.58 11.76 -7.58
CA SER F 279 1.18 10.82 -6.54
C SER F 279 1.63 9.39 -6.97
N VAL F 280 2.95 9.22 -7.04
CA VAL F 280 3.55 8.07 -7.74
C VAL F 280 3.18 6.73 -7.11
N GLU F 281 3.27 6.65 -5.79
CA GLU F 281 3.03 5.38 -5.10
C GLU F 281 1.54 5.09 -4.97
N LYS F 282 0.73 6.11 -4.80
CA LYS F 282 -0.70 5.91 -4.79
C LYS F 282 -1.16 5.40 -6.14
N SER F 283 -0.53 5.86 -7.21
CA SER F 283 -0.98 5.52 -8.56
C SER F 283 -0.62 4.08 -8.95
N GLN F 284 0.47 3.57 -8.39
CA GLN F 284 0.85 2.20 -8.65
C GLN F 284 -0.03 1.30 -7.81
N VAL F 285 -0.29 1.69 -6.59
CA VAL F 285 -1.18 0.89 -5.75
C VAL F 285 -2.52 0.81 -6.47
N GLY F 286 -2.95 1.93 -7.04
CA GLY F 286 -4.17 1.98 -7.83
C GLY F 286 -4.12 1.12 -9.07
N PHE F 287 -3.06 1.29 -9.85
CA PHE F 287 -2.79 0.48 -11.03
C PHE F 287 -3.02 -0.99 -10.73
N ILE F 288 -2.33 -1.48 -9.70
CA ILE F 288 -2.38 -2.88 -9.34
C ILE F 288 -3.79 -3.31 -8.91
N ASP F 289 -4.37 -2.57 -7.96
CA ASP F 289 -5.68 -2.94 -7.43
C ASP F 289 -6.78 -3.03 -8.50
N TYR F 290 -6.79 -2.10 -9.47
CA TYR F 290 -7.90 -2.02 -10.41
C TYR F 290 -7.61 -2.67 -11.75
N ILE F 291 -6.33 -2.85 -12.07
CA ILE F 291 -5.98 -3.37 -13.37
C ILE F 291 -5.03 -4.54 -13.32
N VAL F 292 -3.93 -4.38 -12.60
CA VAL F 292 -2.85 -5.35 -12.69
C VAL F 292 -3.15 -6.67 -11.95
N HIS F 293 -3.64 -6.57 -10.72
CA HIS F 293 -3.99 -7.78 -9.97
C HIS F 293 -5.19 -8.58 -10.51
N PRO F 294 -6.32 -7.90 -10.81
CA PRO F 294 -7.43 -8.63 -11.44
C PRO F 294 -6.94 -9.39 -12.65
N LEU F 295 -6.16 -8.71 -13.49
CA LEU F 295 -5.59 -9.30 -14.67
C LEU F 295 -4.75 -10.53 -14.33
N TRP F 296 -3.80 -10.41 -13.40
CA TRP F 296 -2.90 -11.55 -13.11
C TRP F 296 -3.53 -12.68 -12.28
N GLU F 297 -4.49 -12.35 -11.42
CA GLU F 297 -5.16 -13.35 -10.62
C GLU F 297 -5.87 -14.30 -11.55
N THR F 298 -6.57 -13.72 -12.51
CA THR F 298 -7.31 -14.47 -13.49
C THR F 298 -6.39 -15.29 -14.40
N TRP F 299 -5.26 -14.71 -14.78
CA TRP F 299 -4.29 -15.50 -15.49
C TRP F 299 -3.77 -16.66 -14.63
N ALA F 300 -3.49 -16.38 -13.36
CA ALA F 300 -2.99 -17.44 -12.48
C ALA F 300 -3.99 -18.60 -12.24
N ASP F 301 -5.30 -18.33 -12.30
CA ASP F 301 -6.32 -19.41 -12.25
C ASP F 301 -6.27 -20.27 -13.52
N LEU F 302 -6.37 -19.61 -14.68
CA LEU F 302 -6.19 -20.31 -15.94
C LEU F 302 -5.07 -21.33 -15.85
N VAL F 303 -3.88 -20.91 -15.45
CA VAL F 303 -2.75 -21.83 -15.48
C VAL F 303 -2.36 -22.37 -14.11
N HIS F 304 -3.28 -22.28 -13.15
CA HIS F 304 -3.03 -22.70 -11.77
C HIS F 304 -2.36 -24.05 -11.75
N PRO F 305 -1.33 -24.21 -10.89
CA PRO F 305 -0.83 -23.14 -10.00
C PRO F 305 0.37 -22.35 -10.52
N ASP F 306 0.75 -22.53 -11.79
CA ASP F 306 2.05 -22.10 -12.27
C ASP F 306 2.46 -20.67 -11.91
N ALA F 307 1.49 -19.76 -11.89
CA ALA F 307 1.81 -18.34 -11.70
C ALA F 307 1.76 -17.92 -10.27
N GLN F 308 1.94 -18.84 -9.33
CA GLN F 308 1.77 -18.51 -7.91
C GLN F 308 2.89 -17.61 -7.35
N ASP F 309 4.13 -17.92 -7.72
CA ASP F 309 5.26 -17.08 -7.39
C ASP F 309 5.04 -15.65 -7.88
N ILE F 310 4.57 -15.52 -9.11
CA ILE F 310 4.37 -14.23 -9.74
C ILE F 310 3.32 -13.44 -8.99
N LEU F 311 2.27 -14.13 -8.54
CA LEU F 311 1.16 -13.46 -7.91
C LEU F 311 1.59 -13.03 -6.54
N ASP F 312 2.39 -13.87 -5.90
CA ASP F 312 2.96 -13.57 -4.58
C ASP F 312 3.76 -12.27 -4.68
N THR F 313 4.71 -12.24 -5.63
CA THR F 313 5.57 -11.08 -5.82
C THR F 313 4.70 -9.82 -5.98
N LEU F 314 3.82 -9.86 -6.98
CA LEU F 314 2.90 -8.74 -7.29
C LEU F 314 2.33 -8.14 -6.04
N GLU F 315 1.93 -9.01 -5.11
CA GLU F 315 1.22 -8.60 -3.91
C GLU F 315 2.15 -7.95 -2.89
N ASP F 316 3.34 -8.53 -2.70
CA ASP F 316 4.42 -7.97 -1.83
C ASP F 316 4.90 -6.61 -2.35
N ASN F 317 4.91 -6.43 -3.68
CA ASN F 317 5.23 -5.14 -4.29
C ASN F 317 4.08 -4.13 -4.12
N ARG F 318 2.85 -4.65 -4.09
CA ARG F 318 1.68 -3.82 -3.82
C ARG F 318 1.75 -3.30 -2.39
N GLU F 319 2.13 -4.19 -1.48
CA GLU F 319 2.18 -3.84 -0.08
C GLU F 319 3.34 -2.88 0.20
N TRP F 320 4.41 -3.00 -0.57
CA TRP F 320 5.54 -2.10 -0.39
C TRP F 320 5.21 -0.70 -0.77
N TYR F 321 4.66 -0.50 -1.97
CA TYR F 321 4.20 0.81 -2.39
C TYR F 321 3.21 1.38 -1.39
N GLN F 322 2.21 0.58 -1.00
CA GLN F 322 1.21 1.09 -0.07
C GLN F 322 1.82 1.64 1.19
N SER F 323 3.07 1.28 1.45
CA SER F 323 3.73 1.75 2.66
C SER F 323 4.63 2.96 2.40
N THR F 324 5.06 3.18 1.16
CA THR F 324 5.91 4.32 0.90
C THR F 324 5.09 5.57 0.62
N ILE F 325 3.79 5.50 0.88
CA ILE F 325 2.96 6.71 0.95
C ILE F 325 3.10 7.23 2.37
N PRO F 326 3.24 8.55 2.54
CA PRO F 326 3.52 9.14 3.87
C PRO F 326 2.62 8.60 4.99
N GLU G 2 37.44 -18.10 75.29
CA GLU G 2 38.93 -17.93 75.36
C GLU G 2 39.56 -18.44 74.07
N GLN G 3 38.89 -19.38 73.41
CA GLN G 3 39.28 -19.71 72.05
C GLN G 3 39.14 -18.40 71.28
N GLU G 4 38.06 -17.68 71.59
CA GLU G 4 37.72 -16.42 70.91
C GLU G 4 38.78 -15.32 71.07
N ASP G 5 39.30 -15.16 72.28
CA ASP G 5 40.36 -14.19 72.54
C ASP G 5 41.56 -14.49 71.65
N VAL G 6 42.02 -15.74 71.70
CA VAL G 6 43.19 -16.21 70.95
C VAL G 6 43.00 -15.97 69.44
N LEU G 7 41.82 -16.32 68.94
CA LEU G 7 41.45 -15.99 67.57
C LEU G 7 41.76 -14.52 67.28
N ALA G 8 41.33 -13.62 68.17
CA ALA G 8 41.47 -12.17 67.93
C ALA G 8 42.93 -11.69 68.00
N LYS G 9 43.70 -12.28 68.90
CA LYS G 9 45.10 -11.94 68.99
C LYS G 9 45.73 -12.24 67.64
N GLU G 10 45.36 -13.40 67.07
CA GLU G 10 45.92 -13.84 65.82
C GLU G 10 45.40 -12.99 64.69
N LEU G 11 44.17 -12.49 64.82
CA LEU G 11 43.60 -11.66 63.77
C LEU G 11 44.28 -10.29 63.73
N GLU G 12 44.84 -9.91 64.87
CA GLU G 12 45.71 -8.73 64.97
C GLU G 12 46.81 -8.67 63.91
N ASP G 13 47.35 -9.80 63.47
CA ASP G 13 48.42 -9.76 62.45
C ASP G 13 47.92 -9.74 61.00
N VAL G 14 46.69 -9.29 60.80
CA VAL G 14 46.11 -9.38 59.48
C VAL G 14 46.86 -8.52 58.44
N ASN G 15 47.63 -7.52 58.88
CA ASN G 15 48.40 -6.67 57.97
C ASN G 15 49.85 -7.13 57.72
N LYS G 16 50.29 -8.20 58.37
CA LYS G 16 51.67 -8.71 58.15
C LYS G 16 51.69 -9.88 57.16
N TRP G 17 52.72 -9.93 56.35
CA TRP G 17 52.97 -11.08 55.51
C TRP G 17 53.32 -12.20 56.47
N GLY G 18 52.70 -13.36 56.34
CA GLY G 18 53.07 -14.49 57.20
C GLY G 18 52.11 -14.77 58.35
N LEU G 19 50.93 -14.17 58.29
CA LEU G 19 49.80 -14.57 59.13
C LEU G 19 49.71 -16.09 59.31
N HIS G 20 49.57 -16.57 60.54
CA HIS G 20 49.40 -18.01 60.80
C HIS G 20 47.99 -18.43 60.33
N VAL G 21 47.79 -18.60 59.02
CA VAL G 21 46.44 -18.82 58.48
C VAL G 21 45.83 -20.20 58.88
N PHE G 22 46.69 -21.23 58.99
CA PHE G 22 46.26 -22.52 59.54
C PHE G 22 45.74 -22.48 60.98
N ARG G 23 46.41 -21.73 61.87
CA ARG G 23 45.81 -21.44 63.17
C ARG G 23 44.45 -20.79 63.04
N ILE G 24 44.36 -19.69 62.29
CA ILE G 24 43.09 -18.99 62.18
C ILE G 24 42.02 -19.99 61.75
N ALA G 25 42.33 -20.84 60.79
CA ALA G 25 41.40 -21.89 60.36
C ALA G 25 41.03 -22.79 61.54
N GLU G 26 42.01 -23.19 62.33
CA GLU G 26 41.71 -24.05 63.46
C GLU G 26 40.82 -23.28 64.42
N LEU G 27 41.35 -22.21 65.01
CA LEU G 27 40.59 -21.42 65.97
C LEU G 27 39.19 -20.99 65.53
N SER G 28 38.88 -21.05 64.23
CA SER G 28 37.60 -20.53 63.79
C SER G 28 36.52 -21.54 63.42
N GLY G 29 36.75 -22.83 63.72
CA GLY G 29 35.85 -23.91 63.30
C GLY G 29 35.79 -23.98 61.78
N ASN G 30 36.97 -24.03 61.16
CA ASN G 30 37.13 -24.05 59.69
C ASN G 30 36.51 -22.87 58.93
N ARG G 31 36.44 -21.70 59.55
CA ARG G 31 35.88 -20.50 58.89
C ARG G 31 36.91 -19.41 58.52
N PRO G 32 38.14 -19.79 58.14
CA PRO G 32 39.17 -18.77 57.92
C PRO G 32 38.81 -17.72 56.86
N LEU G 33 38.04 -18.10 55.85
CA LEU G 33 37.67 -17.12 54.83
C LEU G 33 36.76 -16.09 55.44
N THR G 34 35.69 -16.55 56.10
CA THR G 34 34.73 -15.63 56.76
C THR G 34 35.43 -14.60 57.65
N VAL G 35 36.21 -15.07 58.62
CA VAL G 35 36.80 -14.15 59.62
C VAL G 35 37.93 -13.27 59.08
N ILE G 36 38.69 -13.76 58.12
CA ILE G 36 39.72 -12.91 57.50
C ILE G 36 39.09 -11.85 56.61
N MET G 37 38.11 -12.25 55.80
CA MET G 37 37.38 -11.27 54.98
C MET G 37 36.70 -10.25 55.90
N HIS G 38 35.99 -10.77 56.89
CA HIS G 38 35.26 -9.91 57.81
C HIS G 38 36.24 -8.89 58.40
N THR G 39 37.35 -9.39 58.94
CA THR G 39 38.35 -8.55 59.57
C THR G 39 38.90 -7.50 58.59
N ILE G 40 39.42 -7.95 57.46
CA ILE G 40 39.82 -7.02 56.42
C ILE G 40 38.74 -6.00 56.03
N PHE G 41 37.47 -6.37 56.10
CA PHE G 41 36.44 -5.39 55.76
C PHE G 41 36.25 -4.33 56.87
N GLN G 42 36.30 -4.76 58.13
CA GLN G 42 36.30 -3.83 59.27
C GLN G 42 37.54 -2.91 59.15
N GLU G 43 38.67 -3.53 58.84
CA GLU G 43 39.95 -2.84 58.76
C GLU G 43 39.97 -1.71 57.74
N ARG G 44 39.55 -1.97 56.50
CA ARG G 44 39.57 -0.95 55.44
C ARG G 44 38.26 -0.17 55.37
N ASP G 45 37.54 -0.10 56.48
CA ASP G 45 36.28 0.63 56.52
C ASP G 45 35.42 0.38 55.29
N LEU G 46 35.38 -0.86 54.81
CA LEU G 46 34.66 -1.15 53.56
C LEU G 46 33.16 -1.25 53.74
N LEU G 47 32.73 -1.69 54.92
CA LEU G 47 31.29 -1.75 55.17
C LEU G 47 30.62 -0.39 55.21
N LYS G 48 31.35 0.64 55.67
CA LYS G 48 30.73 1.96 55.79
C LYS G 48 30.78 2.68 54.45
N THR G 49 31.96 2.63 53.84
CA THR G 49 32.23 3.17 52.49
C THR G 49 31.26 2.63 51.41
N PHE G 50 30.79 1.39 51.54
CA PHE G 50 29.85 0.83 50.53
C PHE G 50 28.47 0.47 51.05
N LYS G 51 28.19 0.92 52.28
CA LYS G 51 26.91 0.66 52.95
C LYS G 51 26.57 -0.83 52.89
N ILE G 52 27.50 -1.66 53.33
CA ILE G 52 27.32 -3.11 53.29
C ILE G 52 26.82 -3.54 54.65
N PRO G 53 25.56 -4.03 54.73
CA PRO G 53 24.99 -4.38 56.02
C PRO G 53 25.68 -5.63 56.53
N VAL G 54 26.07 -5.61 57.81
CA VAL G 54 27.00 -6.61 58.31
C VAL G 54 26.47 -8.03 58.17
N ASP G 55 25.22 -8.26 58.59
CA ASP G 55 24.62 -9.58 58.44
C ASP G 55 24.66 -10.12 57.01
N THR G 56 24.63 -9.21 56.04
CA THR G 56 24.68 -9.58 54.63
C THR G 56 26.07 -9.98 54.21
N LEU G 57 27.09 -9.27 54.69
CA LEU G 57 28.47 -9.71 54.52
C LEU G 57 28.70 -11.10 55.13
N ILE G 58 28.33 -11.28 56.39
CA ILE G 58 28.48 -12.58 57.01
C ILE G 58 27.77 -13.67 56.21
N THR G 59 26.50 -13.48 55.91
CA THR G 59 25.75 -14.50 55.17
C THR G 59 26.51 -14.86 53.89
N TYR G 60 26.90 -13.86 53.12
CA TYR G 60 27.58 -14.14 51.88
C TYR G 60 28.87 -14.93 52.10
N LEU G 61 29.68 -14.50 53.07
CA LEU G 61 31.00 -15.07 53.28
C LEU G 61 30.92 -16.53 53.67
N MET G 62 29.88 -16.88 54.41
CA MET G 62 29.73 -18.25 54.88
C MET G 62 29.24 -19.14 53.75
N THR G 63 28.40 -18.57 52.89
CA THR G 63 28.01 -19.28 51.69
C THR G 63 29.24 -19.54 50.84
N LEU G 64 29.97 -18.49 50.45
CA LEU G 64 31.22 -18.62 49.68
C LEU G 64 32.06 -19.73 50.25
N GLU G 65 32.43 -19.57 51.53
CA GLU G 65 33.25 -20.57 52.19
C GLU G 65 32.65 -22.00 52.08
N ASP G 66 31.35 -22.14 52.33
CA ASP G 66 30.68 -23.43 52.17
C ASP G 66 30.88 -24.03 50.76
N HIS G 67 31.12 -23.22 49.75
CA HIS G 67 31.21 -23.74 48.39
C HIS G 67 32.69 -24.01 48.01
N TYR G 68 33.59 -23.77 48.95
CA TYR G 68 34.93 -24.31 48.78
C TYR G 68 34.89 -25.73 49.33
N HIS G 69 35.55 -26.67 48.65
CA HIS G 69 35.51 -28.08 49.10
C HIS G 69 36.53 -28.37 50.21
N ALA G 70 36.07 -28.85 51.35
CA ALA G 70 37.01 -29.12 52.43
C ALA G 70 37.66 -30.49 52.34
N ASP G 71 37.33 -31.29 51.32
CA ASP G 71 38.05 -32.55 51.13
C ASP G 71 39.16 -32.43 50.09
N VAL G 72 39.41 -31.24 49.57
CA VAL G 72 40.49 -31.05 48.61
C VAL G 72 41.66 -30.38 49.29
N ALA G 73 42.86 -30.95 49.15
CA ALA G 73 43.96 -30.63 50.08
C ALA G 73 44.49 -29.21 50.06
N TYR G 74 44.47 -28.55 48.90
CA TYR G 74 45.07 -27.21 48.78
C TYR G 74 44.05 -26.14 48.30
N HIS G 75 43.31 -26.43 47.24
CA HIS G 75 42.33 -25.48 46.70
C HIS G 75 41.03 -25.40 47.52
N ASN G 76 41.18 -25.10 48.80
CA ASN G 76 40.07 -25.01 49.73
C ASN G 76 39.97 -23.62 50.33
N ASN G 77 39.16 -23.48 51.37
CA ASN G 77 38.86 -22.17 51.95
C ASN G 77 40.07 -21.52 52.64
N ILE G 78 41.04 -22.34 53.05
CA ILE G 78 42.30 -21.84 53.59
C ILE G 78 43.11 -21.06 52.53
N HIS G 79 43.34 -21.67 51.37
CA HIS G 79 44.06 -21.02 50.26
C HIS G 79 43.38 -19.69 49.96
N ALA G 80 42.07 -19.73 49.84
CA ALA G 80 41.37 -18.50 49.52
C ALA G 80 41.58 -17.44 50.60
N ALA G 81 41.62 -17.84 51.87
CA ALA G 81 41.91 -16.86 52.92
C ALA G 81 43.35 -16.39 52.77
N ASP G 82 44.26 -17.32 52.48
CA ASP G 82 45.66 -17.00 52.26
C ASP G 82 45.76 -15.92 51.21
N VAL G 83 45.22 -16.19 50.02
CA VAL G 83 45.33 -15.24 48.93
C VAL G 83 44.65 -13.89 49.24
N VAL G 84 43.45 -13.92 49.79
CA VAL G 84 42.79 -12.73 50.23
C VAL G 84 43.69 -11.88 51.11
N GLN G 85 44.31 -12.48 52.12
CA GLN G 85 45.05 -11.65 53.07
C GLN G 85 46.33 -11.15 52.44
N SER G 86 46.88 -11.93 51.50
CA SER G 86 48.10 -11.53 50.81
C SER G 86 47.82 -10.34 49.92
N THR G 87 46.86 -10.47 49.02
CA THR G 87 46.32 -9.30 48.30
C THR G 87 46.15 -8.10 49.23
N HIS G 88 45.56 -8.32 50.40
CA HIS G 88 45.36 -7.21 51.36
C HIS G 88 46.66 -6.51 51.82
N VAL G 89 47.70 -7.27 52.19
CA VAL G 89 49.00 -6.68 52.47
C VAL G 89 49.54 -5.99 51.20
N LEU G 90 49.52 -6.70 50.07
CA LEU G 90 50.00 -6.14 48.80
C LEU G 90 49.37 -4.81 48.47
N LEU G 91 48.05 -4.73 48.58
CA LEU G 91 47.37 -3.48 48.36
C LEU G 91 47.91 -2.31 49.21
N SER G 92 48.53 -2.61 50.36
CA SER G 92 49.02 -1.56 51.26
C SER G 92 50.47 -1.24 51.09
N THR G 93 51.09 -1.74 50.05
CA THR G 93 52.49 -1.39 49.87
C THR G 93 52.62 0.12 49.63
N PRO G 94 53.60 0.77 50.29
CA PRO G 94 53.85 2.21 50.15
C PRO G 94 53.87 2.76 48.72
N ALA G 95 54.53 2.06 47.79
CA ALA G 95 54.69 2.53 46.42
C ALA G 95 53.36 2.60 45.64
N LEU G 96 52.35 1.95 46.17
CA LEU G 96 51.05 1.89 45.55
C LEU G 96 50.07 2.74 46.33
N GLU G 97 50.59 3.59 47.21
CA GLU G 97 49.73 4.29 48.17
C GLU G 97 48.81 5.33 47.56
N ALA G 98 47.53 5.15 47.80
CA ALA G 98 46.50 6.01 47.25
C ALA G 98 46.32 5.84 45.77
N VAL G 99 47.01 4.88 45.16
CA VAL G 99 46.89 4.70 43.70
C VAL G 99 45.47 4.28 43.27
N PHE G 100 44.86 3.38 44.04
CA PHE G 100 43.61 2.69 43.66
C PHE G 100 42.36 3.23 44.35
N THR G 101 41.25 3.33 43.62
CA THR G 101 40.04 3.76 44.26
C THR G 101 39.51 2.68 45.22
N ASP G 102 38.58 3.06 46.08
CA ASP G 102 37.95 2.09 47.00
C ASP G 102 37.18 1.02 46.23
N LEU G 103 36.57 1.36 45.10
CA LEU G 103 35.91 0.33 44.28
C LEU G 103 36.95 -0.70 43.85
N GLU G 104 38.10 -0.22 43.38
CA GLU G 104 39.18 -1.04 42.85
C GLU G 104 39.77 -1.97 43.95
N ILE G 105 40.03 -1.38 45.11
CA ILE G 105 40.45 -2.18 46.25
C ILE G 105 39.44 -3.29 46.51
N LEU G 106 38.14 -2.98 46.48
CA LEU G 106 37.14 -3.96 46.84
C LEU G 106 37.02 -5.05 45.79
N ALA G 107 37.15 -4.66 44.51
CA ALA G 107 37.28 -5.65 43.44
C ALA G 107 38.46 -6.65 43.68
N ALA G 108 39.59 -6.13 44.16
CA ALA G 108 40.78 -6.96 44.32
C ALA G 108 40.51 -7.98 45.39
N ILE G 109 39.94 -7.48 46.49
CA ILE G 109 39.63 -8.32 47.64
C ILE G 109 38.54 -9.34 47.29
N PHE G 110 37.45 -8.85 46.76
CA PHE G 110 36.42 -9.75 46.35
C PHE G 110 36.85 -10.83 45.33
N ALA G 111 37.67 -10.44 44.35
CA ALA G 111 38.09 -11.39 43.33
C ALA G 111 38.92 -12.50 43.99
N SER G 112 39.88 -12.05 44.80
CA SER G 112 40.70 -12.94 45.62
C SER G 112 39.86 -13.93 46.40
N ALA G 113 38.85 -13.46 47.12
CA ALA G 113 38.06 -14.39 47.94
C ALA G 113 37.40 -15.49 47.10
N ILE G 114 36.92 -15.13 45.91
CA ILE G 114 36.20 -16.07 45.07
C ILE G 114 37.03 -16.81 44.02
N HIS G 115 38.34 -16.54 43.90
CA HIS G 115 39.08 -16.96 42.67
C HIS G 115 39.23 -18.47 42.43
N ASP G 116 38.98 -19.28 43.47
CA ASP G 116 39.11 -20.73 43.39
C ASP G 116 37.86 -21.43 43.91
N VAL G 117 36.80 -20.68 44.19
CA VAL G 117 35.61 -21.31 44.79
C VAL G 117 35.04 -22.46 43.94
N ASP G 118 34.65 -23.52 44.63
CA ASP G 118 34.13 -24.73 44.02
C ASP G 118 35.17 -25.47 43.17
N HIS G 119 36.45 -25.31 43.52
CA HIS G 119 37.53 -26.06 42.87
C HIS G 119 37.43 -27.55 43.18
N PRO G 120 37.36 -28.42 42.14
CA PRO G 120 37.22 -29.88 42.33
C PRO G 120 38.49 -30.67 42.75
N GLY G 121 39.62 -29.97 42.81
CA GLY G 121 40.91 -30.59 43.04
C GLY G 121 41.62 -31.13 41.79
N VAL G 122 41.13 -30.80 40.59
CA VAL G 122 41.82 -31.20 39.36
C VAL G 122 42.12 -30.00 38.49
N SER G 123 43.13 -30.11 37.64
CA SER G 123 43.61 -28.96 36.85
C SER G 123 42.76 -28.75 35.59
N ASN G 124 42.89 -27.58 34.96
CA ASN G 124 42.23 -27.37 33.69
C ASN G 124 42.57 -28.49 32.74
N GLN G 125 43.86 -28.84 32.64
CA GLN G 125 44.27 -29.83 31.66
C GLN G 125 43.55 -31.12 31.95
N PHE G 126 43.44 -31.51 33.22
CA PHE G 126 42.72 -32.74 33.56
C PHE G 126 41.30 -32.70 33.02
N LEU G 127 40.64 -31.56 33.23
CA LEU G 127 39.23 -31.36 32.85
C LEU G 127 39.04 -31.38 31.36
N ILE G 128 40.01 -30.80 30.66
CA ILE G 128 39.97 -30.93 29.24
C ILE G 128 40.14 -32.40 28.91
N ASN G 129 41.25 -32.98 29.39
CA ASN G 129 41.65 -34.32 28.97
C ASN G 129 40.56 -35.37 29.12
N THR G 130 39.71 -35.18 30.14
CA THR G 130 38.68 -36.15 30.50
C THR G 130 37.33 -35.82 29.91
N ASN G 131 37.32 -34.94 28.90
CA ASN G 131 36.08 -34.47 28.31
C ASN G 131 35.07 -34.20 29.40
N SER G 132 35.37 -33.35 30.37
CA SER G 132 34.43 -33.12 31.47
C SER G 132 33.30 -32.14 31.07
N GLU G 133 32.24 -32.07 31.88
CA GLU G 133 31.19 -31.05 31.71
C GLU G 133 31.80 -29.66 31.75
N LEU G 134 32.72 -29.46 32.67
CA LEU G 134 33.36 -28.16 32.77
C LEU G 134 34.08 -27.74 31.48
N ALA G 135 34.98 -28.58 30.97
CA ALA G 135 35.72 -28.19 29.75
C ALA G 135 34.82 -28.06 28.50
N LEU G 136 33.66 -28.69 28.53
CA LEU G 136 32.77 -28.63 27.42
C LEU G 136 31.88 -27.39 27.48
N MET G 137 31.61 -26.95 28.69
CA MET G 137 30.93 -25.71 28.94
C MET G 137 31.77 -24.50 28.50
N TYR G 138 33.04 -24.47 28.86
CA TYR G 138 33.84 -23.28 28.67
C TYR G 138 34.86 -23.40 27.52
N ASN G 139 34.59 -24.32 26.61
CA ASN G 139 35.36 -24.46 25.40
C ASN G 139 36.88 -24.55 25.62
N ASP G 140 37.25 -25.29 26.66
CA ASP G 140 38.64 -25.55 26.97
C ASP G 140 39.40 -24.31 27.42
N SER G 141 38.78 -23.13 27.33
CA SER G 141 39.46 -21.87 27.69
C SER G 141 39.17 -21.44 29.12
N SER G 142 40.21 -21.33 29.93
CA SER G 142 40.10 -20.88 31.34
C SER G 142 38.96 -21.57 32.08
N VAL G 143 38.93 -22.89 32.00
CA VAL G 143 37.81 -23.72 32.42
C VAL G 143 37.38 -23.45 33.85
N LEU G 144 38.18 -23.91 34.79
CA LEU G 144 37.92 -23.56 36.18
C LEU G 144 37.70 -22.05 36.47
N GLU G 145 38.54 -21.18 35.89
CA GLU G 145 38.57 -19.78 36.30
C GLU G 145 37.25 -19.11 35.97
N ASN G 146 36.71 -19.42 34.81
CA ASN G 146 35.39 -18.96 34.47
C ASN G 146 34.37 -19.46 35.47
N HIS G 147 34.56 -20.68 35.90
CA HIS G 147 33.61 -21.34 36.75
C HIS G 147 33.61 -20.71 38.13
N HIS G 148 34.80 -20.37 38.61
CA HIS G 148 34.97 -19.62 39.84
C HIS G 148 34.18 -18.28 39.83
N LEU G 149 34.41 -17.48 38.81
CA LEU G 149 33.66 -16.26 38.68
C LEU G 149 32.17 -16.59 38.67
N ALA G 150 31.77 -17.58 37.88
CA ALA G 150 30.33 -17.88 37.77
C ALA G 150 29.73 -18.20 39.15
N VAL G 151 30.44 -18.97 39.93
CA VAL G 151 29.90 -19.38 41.21
C VAL G 151 29.92 -18.21 42.18
N GLY G 152 31.03 -17.49 42.23
CA GLY G 152 31.19 -16.37 43.14
C GLY G 152 30.16 -15.28 42.91
N PHE G 153 29.79 -15.08 41.65
CA PHE G 153 28.76 -14.08 41.39
C PHE G 153 27.42 -14.70 41.66
N LYS G 154 27.20 -15.92 41.16
CA LYS G 154 25.92 -16.56 41.38
C LYS G 154 25.49 -16.43 42.83
N LEU G 155 26.41 -16.67 43.76
CA LEU G 155 26.06 -16.70 45.17
C LEU G 155 25.60 -15.35 45.70
N LEU G 156 25.98 -14.26 45.05
CA LEU G 156 25.48 -12.96 45.44
C LEU G 156 23.94 -12.89 45.45
N GLN G 157 23.30 -13.83 44.77
CA GLN G 157 21.83 -13.81 44.61
C GLN G 157 21.05 -14.70 45.57
N GLU G 158 21.74 -15.39 46.47
CA GLU G 158 21.14 -16.09 47.59
C GLU G 158 20.57 -15.09 48.58
N GLU G 159 19.58 -15.52 49.38
CA GLU G 159 18.90 -14.65 50.32
C GLU G 159 19.83 -13.81 51.23
N ASN G 160 19.49 -12.53 51.38
CA ASN G 160 20.34 -11.58 52.08
C ASN G 160 21.84 -11.78 51.78
N CYS G 161 22.22 -11.79 50.50
CA CYS G 161 23.62 -12.05 50.14
C CYS G 161 24.27 -10.99 49.22
N ASP G 162 23.48 -10.07 48.67
CA ASP G 162 24.03 -9.06 47.75
C ASP G 162 24.79 -7.99 48.50
N ILE G 163 26.06 -8.26 48.82
CA ILE G 163 26.91 -7.29 49.54
C ILE G 163 27.16 -6.04 48.70
N PHE G 164 26.75 -6.07 47.43
CA PHE G 164 26.89 -4.92 46.55
C PHE G 164 25.56 -4.17 46.31
N GLN G 165 24.59 -4.39 47.17
CA GLN G 165 23.24 -3.89 46.92
C GLN G 165 23.10 -2.35 46.97
N ASN G 166 23.97 -1.67 47.73
CA ASN G 166 23.95 -0.21 47.77
C ASN G 166 25.00 0.43 46.86
N LEU G 167 25.62 -0.37 45.99
CA LEU G 167 26.50 0.19 44.96
C LEU G 167 25.65 0.84 43.88
N THR G 168 26.20 1.81 43.15
CA THR G 168 25.48 2.30 41.99
C THR G 168 25.59 1.29 40.85
N LYS G 169 24.70 1.41 39.87
CA LYS G 169 24.75 0.54 38.70
C LYS G 169 26.11 0.57 38.02
N LYS G 170 26.76 1.74 38.00
CA LYS G 170 28.00 1.94 37.26
C LYS G 170 29.15 1.37 38.04
N GLN G 171 29.02 1.44 39.35
CA GLN G 171 29.97 0.82 40.22
C GLN G 171 29.87 -0.71 40.14
N ARG G 172 28.65 -1.23 40.16
CA ARG G 172 28.44 -2.66 39.99
C ARG G 172 29.02 -3.17 38.65
N GLN G 173 28.65 -2.54 37.54
CA GLN G 173 29.22 -2.90 36.25
C GLN G 173 30.76 -2.87 36.24
N SER G 174 31.32 -1.84 36.85
CA SER G 174 32.76 -1.68 36.90
C SER G 174 33.44 -2.72 37.80
N LEU G 175 32.85 -2.99 38.97
CA LEU G 175 33.35 -4.05 39.82
C LEU G 175 33.21 -5.36 39.09
N ARG G 176 32.02 -5.60 38.58
CA ARG G 176 31.82 -6.89 37.95
C ARG G 176 32.97 -7.10 36.94
N LYS G 177 33.21 -6.11 36.07
CA LYS G 177 34.22 -6.26 35.02
C LYS G 177 35.63 -6.46 35.61
N MET G 178 35.98 -5.68 36.62
CA MET G 178 37.31 -5.78 37.19
C MET G 178 37.57 -7.16 37.79
N VAL G 179 36.59 -7.67 38.53
CA VAL G 179 36.68 -8.99 39.13
C VAL G 179 36.84 -10.09 38.07
N ILE G 180 36.12 -9.92 36.96
CA ILE G 180 36.27 -10.86 35.86
C ILE G 180 37.71 -10.83 35.30
N ASP G 181 38.21 -9.63 35.00
CA ASP G 181 39.56 -9.48 34.46
C ASP G 181 40.62 -10.07 35.40
N ILE G 182 40.47 -9.91 36.71
CA ILE G 182 41.48 -10.38 37.65
C ILE G 182 41.52 -11.94 37.78
N VAL G 183 40.36 -12.55 38.04
CA VAL G 183 40.28 -13.99 38.19
C VAL G 183 40.74 -14.73 36.91
N LEU G 184 40.26 -14.27 35.75
CA LEU G 184 40.74 -14.82 34.46
C LEU G 184 42.27 -14.76 34.36
N ALA G 185 42.89 -13.78 35.03
CA ALA G 185 44.34 -13.65 35.00
C ALA G 185 45.06 -14.69 35.89
N THR G 186 44.31 -15.38 36.75
CA THR G 186 44.93 -16.43 37.56
C THR G 186 45.16 -17.67 36.73
N ASP G 187 44.50 -17.79 35.58
CA ASP G 187 44.75 -18.93 34.68
C ASP G 187 46.26 -19.16 34.43
N MET G 188 46.82 -20.21 35.00
CA MET G 188 48.26 -20.44 34.75
C MET G 188 48.75 -20.31 33.28
N SER G 189 47.93 -20.66 32.30
CA SER G 189 48.36 -20.48 30.91
C SER G 189 48.40 -19.01 30.43
N LYS G 190 47.89 -18.08 31.23
CA LYS G 190 48.10 -16.66 31.00
C LYS G 190 49.41 -16.09 31.58
N HIS G 191 50.07 -16.88 32.44
CA HIS G 191 51.24 -16.43 33.19
C HIS G 191 52.35 -15.75 32.41
N MET G 192 52.77 -16.36 31.30
CA MET G 192 53.88 -15.80 30.54
C MET G 192 53.53 -14.47 29.95
N ASN G 193 52.31 -14.35 29.44
CA ASN G 193 51.91 -13.08 28.83
C ASN G 193 51.70 -11.97 29.86
N LEU G 194 51.21 -12.37 31.03
CA LEU G 194 50.98 -11.43 32.13
C LEU G 194 52.32 -10.86 32.55
N LEU G 195 53.35 -11.71 32.63
CA LEU G 195 54.67 -11.32 33.11
C LEU G 195 55.38 -10.41 32.10
N ALA G 196 55.46 -10.84 30.84
CA ALA G 196 55.97 -9.98 29.77
C ALA G 196 55.26 -8.63 29.81
N ASP G 197 53.94 -8.66 29.83
CA ASP G 197 53.20 -7.39 29.95
C ASP G 197 53.54 -6.57 31.21
N LEU G 198 53.79 -7.26 32.32
CA LEU G 198 54.30 -6.58 33.50
C LEU G 198 55.72 -6.00 33.25
N LYS G 199 56.66 -6.84 32.83
CA LYS G 199 58.05 -6.39 32.61
C LYS G 199 58.14 -5.14 31.73
N THR G 200 57.21 -5.05 30.78
CA THR G 200 57.10 -3.90 29.91
C THR G 200 56.72 -2.67 30.72
N MET G 201 55.76 -2.81 31.62
CA MET G 201 55.24 -1.65 32.31
C MET G 201 56.34 -1.07 33.17
N VAL G 202 56.98 -1.94 33.95
CA VAL G 202 58.22 -1.63 34.70
C VAL G 202 59.19 -0.84 33.84
N GLU G 203 59.50 -1.43 32.68
CA GLU G 203 60.42 -0.85 31.71
C GLU G 203 60.16 0.63 31.51
N THR G 204 58.94 1.08 31.78
CA THR G 204 58.62 2.50 31.55
C THR G 204 57.69 3.13 32.60
N LYS G 205 57.90 2.82 33.88
CA LYS G 205 57.06 3.37 34.96
C LYS G 205 57.30 4.86 35.29
N LYS G 206 56.41 5.43 36.09
CA LYS G 206 56.45 6.83 36.45
C LYS G 206 55.93 7.06 37.88
N VAL G 207 56.65 7.85 38.69
CA VAL G 207 56.43 7.90 40.15
C VAL G 207 56.41 9.27 40.85
N THR G 208 55.30 9.57 41.52
CA THR G 208 55.18 10.80 42.33
C THR G 208 56.55 11.31 42.80
N VAL G 212 56.20 6.42 44.70
CA VAL G 212 54.76 6.15 44.53
C VAL G 212 54.32 6.08 43.07
N LEU G 213 53.87 4.91 42.63
CA LEU G 213 53.38 4.71 41.26
C LEU G 213 52.29 5.68 40.73
N LEU G 214 52.48 6.12 39.49
CA LEU G 214 51.47 6.83 38.72
C LEU G 214 50.88 5.83 37.73
N LEU G 215 49.54 5.73 37.69
CA LEU G 215 48.82 4.87 36.73
C LEU G 215 47.54 5.56 36.18
N ASP G 216 47.61 6.06 34.94
CA ASP G 216 46.47 6.87 34.42
C ASP G 216 45.58 6.27 33.31
N ASN G 217 45.63 4.95 33.10
CA ASN G 217 44.61 4.36 32.24
C ASN G 217 44.13 3.03 32.79
N TYR G 218 42.81 2.84 32.77
CA TYR G 218 42.22 1.62 33.28
C TYR G 218 43.12 0.43 32.90
N SER G 219 43.42 0.32 31.61
CA SER G 219 44.27 -0.75 31.11
C SER G 219 45.46 -1.06 32.02
N ASP G 220 46.08 0.00 32.52
CA ASP G 220 47.25 -0.10 33.37
C ASP G 220 46.93 -0.45 34.81
N ARG G 221 45.91 0.20 35.35
CA ARG G 221 45.49 -0.02 36.73
C ARG G 221 45.01 -1.48 36.88
N ILE G 222 44.34 -1.98 35.83
CA ILE G 222 43.86 -3.35 35.89
C ILE G 222 44.98 -4.40 35.79
N GLN G 223 45.96 -4.17 34.94
CA GLN G 223 47.05 -5.11 34.82
C GLN G 223 47.87 -5.27 36.08
N VAL G 224 47.97 -4.19 36.86
CA VAL G 224 48.71 -4.23 38.08
C VAL G 224 47.92 -5.07 39.07
N LEU G 225 46.60 -4.92 39.07
CA LEU G 225 45.78 -5.71 39.97
C LEU G 225 45.79 -7.20 39.60
N GLN G 226 45.70 -7.51 38.31
CA GLN G 226 45.71 -8.90 37.88
C GLN G 226 47.02 -9.53 38.28
N ASN G 227 48.12 -8.81 38.08
CA ASN G 227 49.42 -9.28 38.56
C ASN G 227 49.51 -9.40 40.08
N MET G 228 48.89 -8.45 40.81
CA MET G 228 48.96 -8.49 42.27
C MET G 228 48.24 -9.74 42.81
N VAL G 229 47.14 -10.08 42.17
CA VAL G 229 46.37 -11.22 42.63
C VAL G 229 46.97 -12.53 42.13
N HIS G 230 47.64 -12.45 40.99
CA HIS G 230 48.45 -13.56 40.51
C HIS G 230 49.59 -13.83 41.50
N CYS G 231 50.23 -12.77 41.99
CA CYS G 231 51.33 -12.88 42.92
C CYS G 231 50.81 -13.43 44.22
N ALA G 232 49.73 -12.84 44.69
CA ALA G 232 49.08 -13.32 45.89
C ALA G 232 48.89 -14.80 45.66
N ASP G 233 48.39 -15.17 44.47
CA ASP G 233 48.06 -16.58 44.20
C ASP G 233 49.33 -17.40 44.30
N LEU G 234 50.41 -16.88 43.74
CA LEU G 234 51.68 -17.58 43.83
C LEU G 234 52.60 -17.17 45.00
N SER G 235 52.03 -16.93 46.19
CA SER G 235 52.85 -16.47 47.31
C SER G 235 53.37 -17.49 48.33
N ASN G 236 52.96 -18.75 48.26
CA ASN G 236 53.39 -19.70 49.28
C ASN G 236 54.92 -19.69 49.40
N PRO G 237 55.64 -19.79 48.26
CA PRO G 237 57.11 -19.83 48.42
C PRO G 237 57.72 -18.56 49.06
N THR G 238 56.99 -17.44 49.09
CA THR G 238 57.50 -16.22 49.75
C THR G 238 57.13 -16.05 51.24
N LYS G 239 56.35 -16.99 51.77
CA LYS G 239 55.92 -16.96 53.17
C LYS G 239 56.93 -17.67 54.10
N PRO G 240 56.93 -17.33 55.40
CA PRO G 240 57.91 -17.98 56.28
C PRO G 240 57.93 -19.50 56.09
N LEU G 241 59.11 -20.11 56.15
CA LEU G 241 59.26 -21.53 55.76
C LEU G 241 58.18 -22.49 56.31
N GLN G 242 57.90 -22.44 57.61
CA GLN G 242 56.87 -23.33 58.18
C GLN G 242 55.50 -23.23 57.48
N LEU G 243 55.11 -22.06 56.99
CA LEU G 243 53.88 -22.04 56.20
C LEU G 243 54.11 -22.65 54.82
N TYR G 244 55.21 -22.29 54.17
CA TYR G 244 55.50 -22.72 52.82
C TYR G 244 55.41 -24.23 52.71
N ARG G 245 56.03 -24.94 53.67
CA ARG G 245 56.06 -26.39 53.68
C ARG G 245 54.69 -27.06 53.72
N GLN G 246 53.80 -26.54 54.55
CA GLN G 246 52.44 -27.09 54.62
C GLN G 246 51.74 -26.85 53.29
N TRP G 247 51.99 -25.71 52.66
CA TRP G 247 51.40 -25.51 51.34
C TRP G 247 51.99 -26.54 50.39
N THR G 248 53.26 -26.90 50.57
CA THR G 248 53.83 -27.86 49.66
C THR G 248 53.19 -29.22 49.89
N ASP G 249 53.05 -29.61 51.16
CA ASP G 249 52.47 -30.92 51.48
C ASP G 249 51.02 -30.97 50.99
N ARG G 250 50.34 -29.84 51.05
CA ARG G 250 48.96 -29.83 50.65
C ARG G 250 48.77 -29.93 49.13
N ILE G 251 49.56 -29.23 48.33
CA ILE G 251 49.35 -29.32 46.90
C ILE G 251 49.86 -30.65 46.34
N MET G 252 50.80 -31.27 47.02
CA MET G 252 51.30 -32.54 46.55
C MET G 252 50.25 -33.63 46.83
N GLU G 253 49.56 -33.51 47.95
CA GLU G 253 48.56 -34.49 48.29
C GLU G 253 47.41 -34.41 47.29
N GLU G 254 47.10 -33.19 46.83
CA GLU G 254 46.02 -32.97 45.89
C GLU G 254 46.46 -33.41 44.48
N PHE G 255 47.70 -33.13 44.11
CA PHE G 255 48.21 -33.51 42.80
C PHE G 255 48.23 -35.02 42.68
N PHE G 256 48.74 -35.70 43.70
CA PHE G 256 48.77 -37.17 43.75
C PHE G 256 47.39 -37.80 43.62
N ARG G 257 46.39 -37.14 44.19
CA ARG G 257 45.02 -37.65 44.09
C ARG G 257 44.53 -37.53 42.68
N GLN G 258 44.94 -36.48 41.98
CA GLN G 258 44.62 -36.39 40.58
C GLN G 258 45.32 -37.55 39.84
N GLY G 259 46.59 -37.76 40.18
CA GLY G 259 47.39 -38.87 39.63
C GLY G 259 46.67 -40.19 39.73
N ASP G 260 46.05 -40.41 40.87
CA ASP G 260 45.34 -41.65 41.13
C ASP G 260 44.11 -41.82 40.23
N ARG G 261 43.43 -40.72 39.95
CA ARG G 261 42.28 -40.76 39.08
C ARG G 261 42.71 -41.13 37.66
N GLU G 262 43.79 -40.48 37.21
CA GLU G 262 44.29 -40.72 35.89
C GLU G 262 44.66 -42.17 35.75
N ARG G 263 45.37 -42.71 36.74
CA ARG G 263 45.80 -44.11 36.72
C ARG G 263 44.62 -45.07 36.56
N GLU G 264 43.55 -44.73 37.28
CA GLU G 264 42.32 -45.51 37.33
C GLU G 264 41.60 -45.45 36.00
N ARG G 265 41.54 -44.27 35.39
CA ARG G 265 40.93 -44.11 34.05
C ARG G 265 41.85 -44.64 32.95
N GLY G 266 42.99 -45.18 33.37
CA GLY G 266 43.97 -45.69 32.42
C GLY G 266 44.72 -44.65 31.62
N MET G 267 44.62 -43.40 32.01
CA MET G 267 45.35 -42.35 31.32
C MET G 267 46.83 -42.47 31.68
N GLU G 268 47.63 -41.61 31.07
CA GLU G 268 49.02 -41.50 31.44
C GLU G 268 49.15 -40.38 32.49
N ILE G 269 49.72 -40.72 33.64
CA ILE G 269 49.75 -39.82 34.78
C ILE G 269 50.47 -38.51 34.49
N SER G 270 49.80 -37.38 34.73
CA SER G 270 50.41 -36.05 34.57
C SER G 270 51.76 -35.83 35.30
N PRO G 271 52.62 -34.97 34.71
CA PRO G 271 53.81 -34.40 35.33
C PRO G 271 53.56 -33.98 36.78
N MET G 272 54.26 -34.60 37.73
CA MET G 272 54.13 -34.14 39.12
C MET G 272 52.93 -34.74 39.86
N CYS G 273 52.16 -35.60 39.19
CA CYS G 273 50.98 -36.17 39.83
C CYS G 273 51.19 -37.63 40.20
N ASP G 274 52.40 -38.13 40.01
CA ASP G 274 52.65 -39.54 40.31
C ASP G 274 53.42 -39.71 41.61
N LYS G 275 52.69 -40.13 42.65
CA LYS G 275 53.24 -40.27 44.00
C LYS G 275 54.37 -41.31 44.08
N HIS G 276 54.48 -42.14 43.06
CA HIS G 276 55.55 -43.13 43.05
C HIS G 276 56.82 -42.45 42.50
N ASN G 277 56.69 -41.65 41.43
CA ASN G 277 57.85 -40.92 40.88
C ASN G 277 57.72 -39.40 40.84
N ALA G 278 57.56 -38.77 41.99
CA ALA G 278 57.57 -37.31 42.08
C ALA G 278 58.79 -36.87 42.84
N SER G 279 59.31 -35.69 42.50
CA SER G 279 60.47 -35.12 43.17
C SER G 279 60.04 -33.80 43.78
N VAL G 280 59.48 -33.91 44.99
CA VAL G 280 58.79 -32.78 45.60
C VAL G 280 59.71 -31.58 45.68
N GLU G 281 60.94 -31.79 46.13
CA GLU G 281 61.85 -30.67 46.33
C GLU G 281 62.41 -30.11 45.04
N LYS G 282 62.73 -30.95 44.05
CA LYS G 282 63.22 -30.45 42.77
C LYS G 282 62.16 -29.59 42.09
N SER G 283 60.92 -30.04 42.20
CA SER G 283 59.83 -29.33 41.54
C SER G 283 59.63 -27.97 42.13
N GLN G 284 59.84 -27.83 43.43
CA GLN G 284 59.65 -26.54 44.09
C GLN G 284 60.76 -25.58 43.68
N VAL G 285 62.00 -26.04 43.78
CA VAL G 285 63.13 -25.26 43.23
C VAL G 285 62.88 -24.86 41.77
N GLY G 286 62.40 -25.80 40.95
CA GLY G 286 62.02 -25.48 39.58
C GLY G 286 60.96 -24.38 39.51
N PHE G 287 59.90 -24.55 40.30
CA PHE G 287 58.81 -23.60 40.40
C PHE G 287 59.33 -22.16 40.75
N ILE G 288 60.30 -22.11 41.66
CA ILE G 288 60.86 -20.83 42.03
C ILE G 288 61.68 -20.26 40.87
N ASP G 289 62.58 -21.08 40.33
CA ASP G 289 63.51 -20.61 39.32
C ASP G 289 62.85 -20.11 38.06
N TYR G 290 61.80 -20.81 37.62
CA TYR G 290 61.17 -20.53 36.33
C TYR G 290 59.86 -19.73 36.38
N ILE G 291 59.14 -19.81 37.50
CA ILE G 291 57.90 -19.06 37.66
C ILE G 291 57.92 -18.03 38.78
N VAL G 292 58.02 -18.51 40.02
CA VAL G 292 57.79 -17.61 41.18
C VAL G 292 58.78 -16.41 41.27
N HIS G 293 60.07 -16.70 41.09
CA HIS G 293 61.08 -15.67 41.20
C HIS G 293 61.00 -14.65 40.05
N PRO G 294 61.06 -15.09 38.79
CA PRO G 294 60.85 -14.11 37.73
C PRO G 294 59.66 -13.20 38.02
N LEU G 295 58.59 -13.77 38.55
CA LEU G 295 57.38 -12.98 38.76
C LEU G 295 57.61 -11.95 39.89
N TRP G 296 58.10 -12.45 41.01
CA TRP G 296 58.27 -11.59 42.16
C TRP G 296 59.41 -10.58 41.99
N GLU G 297 60.43 -10.98 41.26
CA GLU G 297 61.49 -10.09 40.84
C GLU G 297 60.89 -8.87 40.18
N THR G 298 60.10 -9.13 39.13
CA THR G 298 59.47 -8.10 38.32
C THR G 298 58.54 -7.22 39.16
N TRP G 299 57.62 -7.83 39.92
CA TRP G 299 56.86 -7.10 40.93
C TRP G 299 57.71 -6.20 41.85
N ALA G 300 58.85 -6.68 42.31
CA ALA G 300 59.71 -5.89 43.21
C ALA G 300 60.27 -4.61 42.58
N ASP G 301 60.49 -4.62 41.27
CA ASP G 301 60.95 -3.44 40.56
C ASP G 301 59.82 -2.43 40.50
N LEU G 302 58.65 -2.92 40.12
CA LEU G 302 57.44 -2.13 40.04
C LEU G 302 57.19 -1.34 41.29
N VAL G 303 57.64 -1.85 42.44
CA VAL G 303 57.32 -1.26 43.74
C VAL G 303 58.59 -1.00 44.60
N HIS G 304 59.74 -0.96 43.92
CA HIS G 304 61.00 -0.83 44.59
C HIS G 304 60.91 0.17 45.75
N PRO G 305 61.56 -0.13 46.88
CA PRO G 305 62.11 -1.41 47.28
C PRO G 305 61.23 -2.11 48.32
N ASP G 306 59.92 -1.86 48.25
CA ASP G 306 58.98 -2.40 49.24
C ASP G 306 58.84 -3.92 49.33
N ALA G 307 59.07 -4.64 48.25
CA ALA G 307 58.94 -6.09 48.30
C ALA G 307 60.26 -6.77 48.66
N GLN G 308 61.25 -6.02 49.12
CA GLN G 308 62.54 -6.61 49.44
C GLN G 308 62.52 -7.72 50.51
N ASP G 309 61.63 -7.65 51.48
CA ASP G 309 61.51 -8.74 52.43
C ASP G 309 60.93 -10.02 51.82
N ILE G 310 59.85 -9.88 51.07
CA ILE G 310 59.24 -11.01 50.42
C ILE G 310 60.24 -11.67 49.47
N LEU G 311 61.00 -10.86 48.74
CA LEU G 311 61.96 -11.38 47.78
C LEU G 311 63.08 -12.15 48.49
N ASP G 312 63.58 -11.61 49.60
CA ASP G 312 64.53 -12.30 50.52
C ASP G 312 64.07 -13.65 51.15
N THR G 313 62.81 -13.74 51.62
CA THR G 313 62.28 -15.00 52.16
C THR G 313 62.23 -16.00 51.02
N LEU G 314 61.80 -15.52 49.85
CA LEU G 314 61.76 -16.33 48.65
C LEU G 314 63.12 -16.94 48.34
N GLU G 315 64.18 -16.12 48.34
CA GLU G 315 65.51 -16.69 48.15
C GLU G 315 65.89 -17.70 49.25
N ASP G 316 65.48 -17.44 50.51
CA ASP G 316 65.86 -18.26 51.69
C ASP G 316 65.27 -19.67 51.58
N ASN G 317 64.01 -19.69 51.17
CA ASN G 317 63.28 -20.92 50.95
C ASN G 317 63.81 -21.72 49.76
N ARG G 318 64.28 -21.01 48.73
CA ARG G 318 64.92 -21.65 47.61
C ARG G 318 66.18 -22.36 48.11
N GLU G 319 66.94 -21.67 48.96
CA GLU G 319 68.21 -22.21 49.44
C GLU G 319 67.93 -23.40 50.33
N TRP G 320 66.86 -23.29 51.13
CA TRP G 320 66.50 -24.39 52.01
C TRP G 320 66.06 -25.63 51.23
N TYR G 321 65.05 -25.52 50.39
CA TYR G 321 64.63 -26.63 49.56
C TYR G 321 65.79 -27.21 48.76
N GLN G 322 66.60 -26.35 48.15
CA GLN G 322 67.77 -26.84 47.43
C GLN G 322 68.69 -27.67 48.34
N SER G 323 68.79 -27.31 49.60
CA SER G 323 69.68 -28.06 50.47
C SER G 323 69.14 -29.44 50.80
N THR G 324 67.83 -29.62 50.68
CA THR G 324 67.30 -30.94 50.93
C THR G 324 67.67 -31.94 49.82
N ILE G 325 68.16 -31.47 48.68
CA ILE G 325 68.48 -32.40 47.57
C ILE G 325 69.67 -33.42 47.69
N PRO G 326 70.87 -33.14 47.12
CA PRO G 326 71.70 -34.38 46.90
C PRO G 326 72.00 -35.12 48.16
N THR H 1 8.06 -38.38 -6.62
CA THR H 1 7.68 -37.18 -5.82
C THR H 1 8.28 -35.91 -6.40
N GLU H 2 7.51 -35.19 -7.19
CA GLU H 2 8.03 -34.01 -7.87
C GLU H 2 8.78 -33.07 -6.92
N GLN H 3 8.40 -33.07 -5.64
CA GLN H 3 8.99 -32.15 -4.68
C GLN H 3 10.49 -32.40 -4.44
N GLU H 4 10.92 -33.67 -4.49
CA GLU H 4 12.35 -33.99 -4.42
C GLU H 4 13.05 -33.54 -5.68
N ASP H 5 12.47 -33.89 -6.83
CA ASP H 5 12.97 -33.39 -8.11
C ASP H 5 13.26 -31.91 -7.97
N VAL H 6 12.23 -31.16 -7.60
CA VAL H 6 12.33 -29.72 -7.54
C VAL H 6 13.41 -29.24 -6.56
N LEU H 7 13.59 -29.97 -5.45
CA LEU H 7 14.60 -29.58 -4.47
C LEU H 7 16.02 -29.93 -4.93
N ALA H 8 16.19 -31.15 -5.46
CA ALA H 8 17.48 -31.56 -6.01
C ALA H 8 18.01 -30.49 -6.93
N LYS H 9 17.12 -29.92 -7.74
CA LYS H 9 17.50 -28.94 -8.75
C LYS H 9 17.88 -27.58 -8.20
N GLU H 10 17.29 -27.16 -7.08
CA GLU H 10 17.74 -25.95 -6.41
C GLU H 10 19.05 -26.27 -5.71
N LEU H 11 19.25 -27.53 -5.36
CA LEU H 11 20.51 -27.92 -4.74
C LEU H 11 21.63 -27.87 -5.75
N GLU H 12 21.29 -27.87 -7.03
CA GLU H 12 22.32 -27.71 -8.08
C GLU H 12 23.09 -26.38 -7.97
N ASP H 13 22.48 -25.33 -7.43
CA ASP H 13 23.18 -24.08 -7.25
C ASP H 13 23.91 -24.03 -5.92
N VAL H 14 24.36 -25.17 -5.41
CA VAL H 14 25.01 -25.19 -4.10
C VAL H 14 26.37 -24.47 -4.12
N ASN H 15 27.02 -24.46 -5.28
CA ASN H 15 28.36 -23.86 -5.42
C ASN H 15 28.31 -22.40 -5.88
N LYS H 16 27.09 -21.86 -5.96
CA LYS H 16 26.87 -20.50 -6.44
C LYS H 16 26.50 -19.56 -5.30
N TRP H 17 27.19 -18.41 -5.23
CA TRP H 17 26.75 -17.32 -4.38
C TRP H 17 25.38 -16.84 -4.87
N GLY H 18 24.35 -16.98 -4.04
CA GLY H 18 23.02 -16.56 -4.48
C GLY H 18 21.97 -17.64 -4.44
N LEU H 19 22.38 -18.83 -3.97
CA LEU H 19 21.45 -19.90 -3.65
C LEU H 19 20.13 -19.39 -3.05
N HIS H 20 19.02 -19.79 -3.64
CA HIS H 20 17.70 -19.41 -3.16
C HIS H 20 17.39 -20.19 -1.86
N VAL H 21 17.87 -19.68 -0.72
CA VAL H 21 17.90 -20.48 0.52
C VAL H 21 16.58 -20.58 1.27
N PHE H 22 15.71 -19.59 1.09
CA PHE H 22 14.36 -19.66 1.65
C PHE H 22 13.57 -20.65 0.84
N ARG H 23 13.89 -20.69 -0.43
CA ARG H 23 13.27 -21.59 -1.36
C ARG H 23 13.55 -23.00 -0.86
N ILE H 24 14.83 -23.30 -0.69
CA ILE H 24 15.25 -24.61 -0.25
C ILE H 24 14.67 -25.02 1.11
N ALA H 25 14.67 -24.08 2.06
CA ALA H 25 14.00 -24.28 3.35
C ALA H 25 12.55 -24.72 3.17
N GLU H 26 11.86 -24.08 2.23
CA GLU H 26 10.46 -24.41 2.04
C GLU H 26 10.36 -25.81 1.39
N LEU H 27 10.98 -25.97 0.22
CA LEU H 27 10.97 -27.24 -0.53
C LEU H 27 11.32 -28.49 0.27
N SER H 28 12.09 -28.33 1.35
CA SER H 28 12.61 -29.49 2.11
C SER H 28 11.94 -29.66 3.47
N GLY H 29 10.72 -29.12 3.61
CA GLY H 29 9.98 -29.19 4.87
C GLY H 29 10.69 -28.54 6.05
N ASN H 30 11.45 -27.49 5.77
CA ASN H 30 12.18 -26.75 6.82
C ASN H 30 13.43 -27.49 7.32
N ARG H 31 14.11 -28.15 6.38
CA ARG H 31 15.38 -28.79 6.68
C ARG H 31 16.55 -28.17 5.92
N PRO H 32 16.62 -26.82 5.85
CA PRO H 32 17.68 -26.28 5.00
C PRO H 32 19.07 -26.61 5.54
N LEU H 33 19.30 -26.44 6.84
CA LEU H 33 20.61 -26.81 7.35
C LEU H 33 21.01 -28.25 6.98
N THR H 34 20.12 -29.19 7.27
CA THR H 34 20.39 -30.59 6.97
C THR H 34 20.70 -30.91 5.49
N VAL H 35 19.93 -30.38 4.54
CA VAL H 35 20.11 -30.84 3.17
C VAL H 35 21.29 -30.12 2.56
N ILE H 36 21.45 -28.85 2.93
CA ILE H 36 22.59 -28.09 2.46
C ILE H 36 23.87 -28.70 3.02
N MET H 37 23.94 -29.01 4.32
CA MET H 37 25.14 -29.66 4.82
C MET H 37 25.42 -30.98 4.06
N HIS H 38 24.44 -31.89 4.08
CA HIS H 38 24.53 -33.18 3.40
C HIS H 38 24.99 -33.00 1.97
N THR H 39 24.41 -32.03 1.27
CA THR H 39 24.79 -31.80 -0.12
C THR H 39 26.25 -31.39 -0.17
N ILE H 40 26.64 -30.41 0.65
CA ILE H 40 28.04 -30.00 0.63
C ILE H 40 29.02 -31.14 0.97
N PHE H 41 28.71 -31.94 2.01
CA PHE H 41 29.58 -33.02 2.38
C PHE H 41 29.73 -34.04 1.24
N GLN H 42 28.63 -34.31 0.55
CA GLN H 42 28.67 -35.15 -0.63
C GLN H 42 29.57 -34.44 -1.64
N GLU H 43 29.26 -33.19 -1.89
CA GLU H 43 30.01 -32.37 -2.83
C GLU H 43 31.52 -32.55 -2.63
N ARG H 44 32.01 -32.32 -1.40
CA ARG H 44 33.46 -32.32 -1.14
C ARG H 44 33.99 -33.65 -0.62
N ASP H 45 33.11 -34.63 -0.55
CA ASP H 45 33.50 -36.00 -0.28
C ASP H 45 34.05 -36.12 1.11
N LEU H 46 33.46 -35.36 2.01
CA LEU H 46 33.93 -35.38 3.40
C LEU H 46 33.46 -36.62 4.11
N LEU H 47 32.39 -37.23 3.60
CA LEU H 47 31.95 -38.52 4.11
C LEU H 47 33.12 -39.49 3.97
N LYS H 48 33.53 -39.80 2.73
CA LYS H 48 34.66 -40.71 2.51
C LYS H 48 35.94 -40.27 3.20
N THR H 49 36.29 -38.98 3.15
CA THR H 49 37.58 -38.54 3.69
C THR H 49 37.66 -38.77 5.19
N PHE H 50 36.59 -38.48 5.90
CA PHE H 50 36.66 -38.69 7.33
C PHE H 50 35.82 -39.85 7.83
N LYS H 51 35.45 -40.75 6.92
CA LYS H 51 34.73 -41.98 7.26
C LYS H 51 33.47 -41.73 8.12
N ILE H 52 32.70 -40.73 7.75
CA ILE H 52 31.47 -40.39 8.48
C ILE H 52 30.32 -41.27 7.94
N PRO H 53 29.73 -42.08 8.82
CA PRO H 53 28.60 -42.82 8.25
C PRO H 53 27.48 -41.86 7.90
N VAL H 54 26.81 -42.13 6.78
CA VAL H 54 25.79 -41.21 6.30
C VAL H 54 24.67 -41.03 7.31
N ASP H 55 24.19 -42.11 7.92
CA ASP H 55 23.06 -41.98 8.85
C ASP H 55 23.47 -41.21 10.11
N THR H 56 24.69 -41.44 10.59
CA THR H 56 25.26 -40.64 11.65
C THR H 56 25.22 -39.17 11.26
N LEU H 57 25.60 -38.86 10.03
CA LEU H 57 25.63 -37.46 9.61
C LEU H 57 24.23 -36.89 9.54
N ILE H 58 23.28 -37.65 8.98
CA ILE H 58 21.89 -37.18 8.96
C ILE H 58 21.36 -37.05 10.38
N THR H 59 21.77 -37.98 11.26
CA THR H 59 21.22 -38.02 12.61
C THR H 59 21.65 -36.76 13.32
N TYR H 60 22.93 -36.41 13.20
CA TYR H 60 23.44 -35.21 13.86
C TYR H 60 22.82 -33.93 13.33
N LEU H 61 22.92 -33.73 12.02
CA LEU H 61 22.34 -32.53 11.40
C LEU H 61 20.94 -32.27 11.88
N MET H 62 20.08 -33.28 11.82
CA MET H 62 18.69 -33.05 12.21
C MET H 62 18.53 -32.63 13.67
N THR H 63 19.39 -33.16 14.54
CA THR H 63 19.41 -32.80 15.96
C THR H 63 19.91 -31.35 16.15
N LEU H 64 20.90 -30.96 15.36
CA LEU H 64 21.44 -29.58 15.38
C LEU H 64 20.40 -28.59 14.84
N GLU H 65 19.79 -28.96 13.72
CA GLU H 65 18.75 -28.12 13.15
C GLU H 65 17.58 -27.94 14.14
N ASP H 66 17.26 -29.00 14.88
CA ASP H 66 16.25 -28.98 15.94
C ASP H 66 16.52 -27.99 17.06
N HIS H 67 17.77 -27.61 17.23
CA HIS H 67 18.14 -26.76 18.32
C HIS H 67 18.31 -25.32 17.85
N TYR H 68 18.12 -25.09 16.54
CA TYR H 68 17.88 -23.72 16.12
C TYR H 68 16.42 -23.44 16.41
N HIS H 69 16.08 -22.21 16.77
CA HIS H 69 14.73 -21.96 17.23
C HIS H 69 13.77 -21.71 16.05
N ALA H 70 12.53 -22.15 16.19
CA ALA H 70 11.58 -22.08 15.10
C ALA H 70 11.05 -20.65 14.97
N ASP H 71 10.60 -20.14 16.12
CA ASP H 71 10.05 -18.80 16.31
C ASP H 71 11.00 -17.58 16.18
N VAL H 72 12.29 -17.77 15.90
CA VAL H 72 13.15 -16.59 15.81
C VAL H 72 13.41 -16.17 14.38
N ALA H 73 13.05 -14.92 14.12
CA ALA H 73 12.96 -14.39 12.77
C ALA H 73 14.26 -14.54 12.00
N TYR H 74 15.37 -14.20 12.64
CA TYR H 74 16.63 -14.20 11.92
C TYR H 74 17.58 -15.32 12.32
N HIS H 75 17.96 -15.38 13.60
CA HIS H 75 19.00 -16.28 14.01
C HIS H 75 18.51 -17.73 14.16
N ASN H 76 18.12 -18.35 13.02
CA ASN H 76 17.52 -19.69 12.96
C ASN H 76 18.26 -20.66 12.00
N ASN H 77 17.63 -21.80 11.70
CA ASN H 77 18.25 -22.80 10.84
C ASN H 77 18.57 -22.25 9.45
N ILE H 78 17.71 -21.37 8.95
CA ILE H 78 17.95 -20.78 7.63
C ILE H 78 19.20 -19.90 7.65
N HIS H 79 19.34 -19.03 8.65
CA HIS H 79 20.53 -18.22 8.71
C HIS H 79 21.73 -19.15 8.74
N ALA H 80 21.70 -20.12 9.66
CA ALA H 80 22.74 -21.16 9.71
C ALA H 80 23.06 -21.75 8.32
N ALA H 81 22.05 -22.29 7.64
CA ALA H 81 22.28 -22.96 6.40
C ALA H 81 22.98 -22.03 5.44
N ASP H 82 22.62 -20.75 5.56
CA ASP H 82 23.11 -19.69 4.70
C ASP H 82 24.59 -19.46 4.89
N VAL H 83 25.00 -19.37 6.14
CA VAL H 83 26.38 -19.10 6.47
C VAL H 83 27.23 -20.30 6.09
N VAL H 84 26.68 -21.50 6.27
CA VAL H 84 27.36 -22.72 5.88
C VAL H 84 27.66 -22.73 4.37
N GLN H 85 26.67 -22.32 3.57
CA GLN H 85 26.77 -22.36 2.13
C GLN H 85 27.71 -21.25 1.65
N SER H 86 27.63 -20.10 2.29
CA SER H 86 28.47 -18.99 1.91
C SER H 86 29.92 -19.31 2.24
N THR H 87 30.14 -19.94 3.39
CA THR H 87 31.48 -20.44 3.71
C THR H 87 31.85 -21.46 2.65
N HIS H 88 30.96 -22.43 2.38
CA HIS H 88 31.21 -23.41 1.32
C HIS H 88 31.74 -22.73 0.06
N VAL H 89 31.19 -21.57 -0.29
CA VAL H 89 31.57 -20.96 -1.56
C VAL H 89 32.90 -20.24 -1.44
N LEU H 90 33.07 -19.51 -0.33
CA LEU H 90 34.34 -18.80 -0.10
C LEU H 90 35.50 -19.76 -0.16
N LEU H 91 35.39 -20.93 0.47
CA LEU H 91 36.46 -21.94 0.42
C LEU H 91 36.88 -22.24 -1.00
N SER H 92 35.93 -22.21 -1.92
CA SER H 92 36.21 -22.51 -3.31
C SER H 92 36.86 -21.38 -4.14
N THR H 93 37.10 -20.21 -3.54
CA THR H 93 37.65 -19.10 -4.31
C THR H 93 39.00 -19.53 -4.91
N PRO H 94 39.17 -19.36 -6.24
CA PRO H 94 40.41 -19.78 -6.91
C PRO H 94 41.69 -19.44 -6.13
N ALA H 95 41.76 -18.21 -5.60
CA ALA H 95 42.92 -17.70 -4.88
C ALA H 95 43.27 -18.49 -3.61
N LEU H 96 42.39 -19.40 -3.21
CA LEU H 96 42.64 -20.21 -2.02
C LEU H 96 42.70 -21.71 -2.35
N GLU H 97 42.82 -22.04 -3.63
CA GLU H 97 42.86 -23.44 -4.00
C GLU H 97 44.10 -24.12 -3.39
N ALA H 98 43.88 -25.26 -2.75
CA ALA H 98 44.98 -26.05 -2.18
C ALA H 98 45.64 -25.37 -0.97
N VAL H 99 45.04 -24.27 -0.51
CA VAL H 99 45.59 -23.54 0.62
C VAL H 99 45.29 -24.30 1.92
N PHE H 100 44.04 -24.71 2.11
CA PHE H 100 43.64 -25.38 3.33
C PHE H 100 43.64 -26.88 3.15
N THR H 101 43.52 -27.60 4.28
CA THR H 101 43.51 -29.06 4.33
C THR H 101 42.09 -29.57 4.53
N ASP H 102 41.90 -30.88 4.38
CA ASP H 102 40.59 -31.46 4.58
C ASP H 102 40.04 -31.10 5.96
N LEU H 103 40.85 -31.38 6.98
CA LEU H 103 40.46 -31.10 8.35
C LEU H 103 40.01 -29.64 8.52
N GLU H 104 40.72 -28.73 7.85
CA GLU H 104 40.46 -27.27 7.95
C GLU H 104 39.19 -26.86 7.22
N ILE H 105 38.98 -27.47 6.06
CA ILE H 105 37.70 -27.30 5.41
C ILE H 105 36.57 -27.87 6.33
N LEU H 106 36.73 -29.10 6.82
CA LEU H 106 35.75 -29.62 7.77
C LEU H 106 35.50 -28.61 8.88
N ALA H 107 36.55 -28.06 9.45
CA ALA H 107 36.35 -27.18 10.62
C ALA H 107 35.42 -26.01 10.31
N ALA H 108 35.71 -25.29 9.24
CA ALA H 108 34.98 -24.05 8.92
C ALA H 108 33.53 -24.33 8.56
N ILE H 109 33.33 -25.37 7.75
CA ILE H 109 31.96 -25.73 7.36
C ILE H 109 31.20 -26.17 8.60
N PHE H 110 31.86 -26.91 9.49
CA PHE H 110 31.20 -27.36 10.70
C PHE H 110 31.03 -26.21 11.69
N ALA H 111 32.05 -25.35 11.81
CA ALA H 111 31.97 -24.16 12.63
C ALA H 111 30.85 -23.24 12.18
N SER H 112 30.69 -23.08 10.87
CA SER H 112 29.58 -22.32 10.30
C SER H 112 28.24 -22.94 10.68
N ALA H 113 28.17 -24.26 10.60
CA ALA H 113 26.95 -25.03 10.88
C ALA H 113 26.40 -24.80 12.27
N ILE H 114 27.29 -24.66 13.25
CA ILE H 114 26.82 -24.56 14.63
C ILE H 114 26.84 -23.14 15.17
N HIS H 115 27.34 -22.20 14.38
CA HIS H 115 27.82 -20.94 14.94
C HIS H 115 26.73 -20.11 15.62
N ASP H 116 25.45 -20.48 15.42
CA ASP H 116 24.37 -19.78 16.09
C ASP H 116 23.41 -20.68 16.80
N VAL H 117 23.76 -21.94 16.97
CA VAL H 117 22.76 -22.87 17.47
C VAL H 117 22.17 -22.36 18.81
N ASP H 118 20.86 -22.56 18.99
CA ASP H 118 20.19 -22.21 20.24
C ASP H 118 20.11 -20.73 20.52
N HIS H 119 20.21 -19.90 19.47
CA HIS H 119 20.12 -18.47 19.66
C HIS H 119 18.72 -18.12 20.21
N PRO H 120 18.66 -17.33 21.30
CA PRO H 120 17.34 -16.98 21.88
C PRO H 120 16.67 -15.82 21.16
N GLY H 121 17.37 -15.24 20.19
CA GLY H 121 16.83 -14.13 19.40
C GLY H 121 17.01 -12.82 20.11
N VAL H 122 17.99 -12.77 21.01
CA VAL H 122 18.37 -11.55 21.72
C VAL H 122 19.89 -11.47 21.78
N SER H 123 20.45 -10.27 21.76
CA SER H 123 21.91 -10.09 21.66
C SER H 123 22.65 -10.36 22.97
N ASN H 124 23.98 -10.51 22.87
CA ASN H 124 24.85 -10.63 24.06
C ASN H 124 24.62 -9.45 25.02
N GLN H 125 24.43 -8.24 24.50
CA GLN H 125 24.33 -7.07 25.38
C GLN H 125 23.03 -7.12 26.15
N PHE H 126 21.93 -7.42 25.46
CA PHE H 126 20.68 -7.62 26.13
C PHE H 126 20.90 -8.64 27.20
N LEU H 127 21.69 -9.65 26.85
CA LEU H 127 21.88 -10.80 27.73
C LEU H 127 22.64 -10.41 28.97
N ILE H 128 23.62 -9.51 28.81
CA ILE H 128 24.38 -8.99 29.94
C ILE H 128 23.53 -8.00 30.75
N ASN H 129 22.78 -7.16 30.04
CA ASN H 129 21.98 -6.13 30.68
C ASN H 129 20.94 -6.71 31.63
N THR H 130 20.33 -7.82 31.23
CA THR H 130 19.23 -8.42 31.99
C THR H 130 19.70 -9.41 33.07
N ASN H 131 21.02 -9.49 33.27
CA ASN H 131 21.59 -10.38 34.30
C ASN H 131 21.23 -11.85 34.01
N SER H 132 21.32 -12.24 32.75
CA SER H 132 20.79 -13.53 32.38
C SER H 132 21.60 -14.74 32.91
N GLU H 133 20.97 -15.90 33.00
CA GLU H 133 21.67 -17.07 33.39
C GLU H 133 22.83 -17.34 32.40
N LEU H 134 22.71 -16.95 31.14
CA LEU H 134 23.82 -17.14 30.21
C LEU H 134 24.99 -16.16 30.38
N ALA H 135 24.70 -14.88 30.49
CA ALA H 135 25.80 -13.93 30.77
C ALA H 135 26.49 -14.18 32.10
N LEU H 136 25.82 -14.91 32.98
CA LEU H 136 26.33 -15.16 34.32
C LEU H 136 27.19 -16.41 34.32
N MET H 137 26.81 -17.34 33.45
CA MET H 137 27.54 -18.56 33.18
C MET H 137 28.90 -18.22 32.59
N TYR H 138 28.90 -17.18 31.74
CA TYR H 138 30.01 -16.91 30.82
C TYR H 138 30.75 -15.60 31.07
N ASN H 139 30.43 -14.94 32.17
CA ASN H 139 31.17 -13.75 32.51
C ASN H 139 31.17 -12.67 31.42
N ASP H 140 29.98 -12.38 30.91
CA ASP H 140 29.72 -11.23 29.99
C ASP H 140 30.53 -11.24 28.70
N SER H 141 31.06 -12.40 28.36
CA SER H 141 32.26 -12.41 27.60
C SER H 141 32.08 -13.36 26.44
N SER H 142 31.58 -12.85 25.32
CA SER H 142 31.22 -13.69 24.19
C SER H 142 30.15 -14.67 24.61
N VAL H 143 29.12 -14.16 25.26
CA VAL H 143 28.11 -15.00 25.90
C VAL H 143 27.52 -16.06 24.98
N LEU H 144 26.86 -15.61 23.90
CA LEU H 144 26.17 -16.54 23.02
C LEU H 144 27.12 -17.41 22.21
N GLU H 145 28.25 -16.84 21.80
CA GLU H 145 29.23 -17.59 21.01
C GLU H 145 29.83 -18.75 21.79
N ASN H 146 30.14 -18.52 23.06
CA ASN H 146 30.57 -19.63 23.90
C ASN H 146 29.48 -20.71 24.00
N HIS H 147 28.23 -20.26 24.08
CA HIS H 147 27.09 -21.14 24.22
C HIS H 147 26.83 -21.90 22.93
N HIS H 148 26.94 -21.23 21.80
CA HIS H 148 26.84 -21.96 20.55
C HIS H 148 27.85 -23.07 20.48
N LEU H 149 29.02 -22.87 21.06
CA LEU H 149 30.02 -23.93 20.91
C LEU H 149 29.68 -25.07 21.85
N ALA H 150 29.21 -24.73 23.05
CA ALA H 150 28.98 -25.77 24.03
C ALA H 150 27.93 -26.70 23.48
N VAL H 151 26.88 -26.14 22.88
CA VAL H 151 25.72 -26.92 22.45
C VAL H 151 26.05 -27.70 21.20
N GLY H 152 26.70 -27.07 20.24
CA GLY H 152 27.08 -27.74 19.01
C GLY H 152 28.00 -28.92 19.23
N PHE H 153 28.90 -28.83 20.24
CA PHE H 153 29.74 -29.97 20.67
C PHE H 153 28.95 -30.99 21.51
N LYS H 154 28.17 -30.50 22.47
CA LYS H 154 27.40 -31.42 23.30
C LYS H 154 26.52 -32.38 22.47
N LEU H 155 25.84 -31.89 21.45
CA LEU H 155 24.98 -32.73 20.61
C LEU H 155 25.68 -33.90 19.93
N LEU H 156 27.00 -33.81 19.73
CA LEU H 156 27.77 -34.92 19.18
C LEU H 156 27.62 -36.20 20.01
N GLN H 157 27.24 -36.04 21.28
CA GLN H 157 27.23 -37.14 22.25
C GLN H 157 25.90 -37.85 22.33
N GLU H 158 24.92 -37.37 21.57
CA GLU H 158 23.62 -38.06 21.45
C GLU H 158 23.79 -39.36 20.70
N GLU H 159 22.85 -40.28 20.84
CA GLU H 159 23.05 -41.58 20.24
C GLU H 159 23.20 -41.43 18.74
N ASN H 160 24.22 -42.10 18.21
CA ASN H 160 24.51 -42.07 16.79
C ASN H 160 24.65 -40.69 16.15
N CYS H 161 25.31 -39.76 16.85
CA CYS H 161 25.47 -38.39 16.33
C CYS H 161 26.90 -37.95 16.22
N ASP H 162 27.84 -38.77 16.63
CA ASP H 162 29.22 -38.34 16.64
C ASP H 162 29.79 -38.48 15.24
N ILE H 163 29.65 -37.41 14.45
CA ILE H 163 30.18 -37.43 13.09
C ILE H 163 31.70 -37.56 13.09
N PHE H 164 32.35 -37.15 14.17
CA PHE H 164 33.80 -37.25 14.21
C PHE H 164 34.31 -38.57 14.78
N GLN H 165 33.44 -39.57 14.93
CA GLN H 165 33.84 -40.88 15.51
C GLN H 165 35.15 -41.46 14.92
N ASN H 166 35.39 -41.27 13.64
CA ASN H 166 36.57 -41.83 13.00
C ASN H 166 37.78 -40.92 12.78
N LEU H 167 37.71 -39.66 13.23
CA LEU H 167 38.91 -38.85 13.28
C LEU H 167 39.87 -39.43 14.33
N THR H 168 41.17 -39.32 14.09
CA THR H 168 42.16 -39.70 15.11
C THR H 168 42.01 -38.82 16.33
N LYS H 169 42.82 -39.07 17.34
CA LYS H 169 42.74 -38.26 18.54
C LYS H 169 43.39 -36.93 18.26
N LYS H 170 44.39 -36.94 17.38
CA LYS H 170 45.09 -35.72 17.01
C LYS H 170 44.18 -34.86 16.11
N GLN H 171 43.47 -35.50 15.19
CA GLN H 171 42.53 -34.77 14.34
C GLN H 171 41.34 -34.18 15.08
N ARG H 172 40.72 -34.96 15.99
CA ARG H 172 39.64 -34.47 16.86
C ARG H 172 40.06 -33.22 17.65
N GLN H 173 41.27 -33.25 18.22
CA GLN H 173 41.80 -32.13 19.00
C GLN H 173 42.01 -30.85 18.17
N SER H 174 42.60 -31.01 16.99
CA SER H 174 42.89 -29.87 16.12
C SER H 174 41.59 -29.24 15.70
N LEU H 175 40.65 -30.08 15.27
CA LEU H 175 39.38 -29.62 14.78
C LEU H 175 38.64 -28.84 15.86
N ARG H 176 38.64 -29.44 17.06
CA ARG H 176 38.00 -28.84 18.20
C ARG H 176 38.55 -27.45 18.37
N LYS H 177 39.87 -27.37 18.54
CA LYS H 177 40.49 -26.07 18.72
C LYS H 177 40.16 -25.12 17.58
N MET H 178 40.29 -25.58 16.34
CA MET H 178 39.97 -24.72 15.21
C MET H 178 38.54 -24.20 15.25
N VAL H 179 37.62 -25.10 15.54
CA VAL H 179 36.21 -24.73 15.56
C VAL H 179 35.88 -23.68 16.65
N ILE H 180 36.44 -23.85 17.84
CA ILE H 180 36.33 -22.82 18.89
C ILE H 180 36.93 -21.49 18.45
N ASP H 181 38.12 -21.47 17.89
CA ASP H 181 38.69 -20.18 17.43
C ASP H 181 37.83 -19.47 16.35
N ILE H 182 37.14 -20.25 15.51
CA ILE H 182 36.39 -19.65 14.41
C ILE H 182 35.06 -19.05 14.88
N VAL H 183 34.42 -19.74 15.83
CA VAL H 183 33.12 -19.34 16.33
C VAL H 183 33.21 -18.18 17.27
N LEU H 184 34.19 -18.15 18.17
CA LEU H 184 34.31 -17.00 19.09
C LEU H 184 34.52 -15.79 18.19
N ALA H 185 35.06 -16.04 16.99
CA ALA H 185 35.48 -14.97 16.13
C ALA H 185 34.28 -14.32 15.47
N THR H 186 33.12 -14.96 15.57
CA THR H 186 31.91 -14.35 15.03
C THR H 186 31.34 -13.34 16.03
N ASP H 187 31.89 -13.26 17.24
CA ASP H 187 31.45 -12.30 18.24
C ASP H 187 31.67 -10.88 17.71
N MET H 188 30.60 -10.16 17.38
CA MET H 188 30.76 -8.84 16.76
C MET H 188 31.66 -7.89 17.55
N SER H 189 31.81 -8.10 18.84
CA SER H 189 32.62 -7.17 19.59
C SER H 189 34.11 -7.34 19.29
N LYS H 190 34.47 -8.39 18.57
CA LYS H 190 35.85 -8.61 18.13
C LYS H 190 36.08 -8.17 16.66
N HIS H 191 35.04 -7.69 15.99
CA HIS H 191 35.17 -7.33 14.60
C HIS H 191 36.34 -6.36 14.25
N MET H 192 36.48 -5.24 14.98
CA MET H 192 37.51 -4.27 14.63
C MET H 192 38.92 -4.90 14.64
N ASN H 193 39.19 -5.72 15.65
CA ASN H 193 40.50 -6.38 15.74
C ASN H 193 40.71 -7.47 14.70
N LEU H 194 39.65 -8.22 14.44
CA LEU H 194 39.71 -9.25 13.42
C LEU H 194 40.02 -8.60 12.09
N LEU H 195 39.33 -7.49 11.81
CA LEU H 195 39.50 -6.75 10.57
C LEU H 195 40.88 -6.17 10.49
N ALA H 196 41.35 -5.58 11.58
CA ALA H 196 42.68 -4.98 11.55
C ALA H 196 43.74 -6.05 11.26
N ASP H 197 43.54 -7.26 11.79
CA ASP H 197 44.48 -8.35 11.54
C ASP H 197 44.53 -8.70 10.05
N LEU H 198 43.34 -8.68 9.43
CA LEU H 198 43.16 -9.03 8.03
C LEU H 198 43.83 -7.98 7.12
N LYS H 199 43.61 -6.71 7.43
CA LYS H 199 44.28 -5.67 6.69
C LYS H 199 45.77 -5.94 6.72
N THR H 200 46.35 -6.06 7.90
CA THR H 200 47.77 -6.42 8.04
C THR H 200 48.16 -7.54 7.08
N MET H 201 47.33 -8.57 7.03
CA MET H 201 47.69 -9.75 6.28
C MET H 201 47.62 -9.51 4.78
N VAL H 202 46.85 -8.50 4.39
CA VAL H 202 46.77 -8.11 3.00
C VAL H 202 47.97 -7.28 2.57
N GLU H 203 48.41 -6.35 3.39
CA GLU H 203 49.61 -5.58 3.07
C GLU H 203 50.88 -6.43 2.96
N THR H 204 50.89 -7.58 3.62
CA THR H 204 52.07 -8.44 3.64
C THR H 204 51.84 -9.72 2.83
N LYS H 205 50.76 -9.71 2.06
CA LYS H 205 50.33 -10.86 1.24
C LYS H 205 51.42 -11.46 0.33
N LYS H 206 51.43 -12.79 0.23
CA LYS H 206 52.38 -13.51 -0.62
C LYS H 206 51.69 -14.58 -1.49
N VAL H 207 51.97 -14.49 -2.79
CA VAL H 207 51.27 -15.22 -3.87
C VAL H 207 52.16 -16.27 -4.56
N THR H 208 51.72 -16.72 -5.75
CA THR H 208 52.55 -17.50 -6.69
C THR H 208 52.52 -16.79 -8.02
N SER H 209 53.08 -17.42 -9.06
CA SER H 209 53.02 -16.84 -10.41
C SER H 209 51.56 -16.70 -10.87
N SER H 210 50.81 -17.80 -10.79
CA SER H 210 49.37 -17.85 -11.12
C SER H 210 48.59 -16.74 -10.42
N GLY H 211 48.45 -16.84 -9.09
CA GLY H 211 47.79 -15.82 -8.27
C GLY H 211 47.28 -16.34 -6.93
N VAL H 212 47.83 -17.47 -6.47
CA VAL H 212 47.30 -18.21 -5.32
C VAL H 212 48.06 -17.90 -4.01
N LEU H 213 47.29 -17.64 -2.94
CA LEU H 213 47.81 -17.25 -1.62
C LEU H 213 48.80 -18.22 -1.01
N LEU H 214 49.86 -17.70 -0.40
CA LEU H 214 50.75 -18.53 0.40
C LEU H 214 50.50 -18.20 1.87
N LEU H 215 50.32 -19.25 2.68
CA LEU H 215 50.05 -19.11 4.10
C LEU H 215 50.71 -20.26 4.82
N ASP H 216 52.00 -20.17 5.11
CA ASP H 216 52.64 -21.30 5.78
C ASP H 216 52.02 -21.60 7.16
N ASN H 217 52.54 -20.96 8.20
CA ASN H 217 52.11 -21.27 9.56
C ASN H 217 50.61 -21.18 9.85
N TYR H 218 50.16 -22.11 10.71
CA TYR H 218 48.79 -22.14 11.23
C TYR H 218 48.24 -20.73 11.53
N SER H 219 48.77 -20.13 12.58
CA SER H 219 48.43 -18.79 13.01
C SER H 219 47.71 -17.97 11.95
N ASP H 220 48.18 -18.04 10.71
CA ASP H 220 47.65 -17.20 9.63
C ASP H 220 46.34 -17.72 9.05
N ARG H 221 46.30 -19.03 8.81
CA ARG H 221 45.15 -19.65 8.18
C ARG H 221 43.94 -19.72 9.13
N ILE H 222 44.20 -19.92 10.42
CA ILE H 222 43.11 -19.82 11.40
C ILE H 222 42.56 -18.40 11.32
N GLN H 223 43.42 -17.44 11.02
CA GLN H 223 43.02 -16.06 10.95
C GLN H 223 42.20 -15.80 9.70
N VAL H 224 42.58 -16.46 8.61
CA VAL H 224 41.81 -16.36 7.38
C VAL H 224 40.46 -17.11 7.45
N LEU H 225 40.44 -18.29 8.05
CA LEU H 225 39.16 -18.96 8.30
C LEU H 225 38.27 -18.17 9.26
N GLN H 226 38.86 -17.53 10.28
CA GLN H 226 38.08 -16.69 11.18
C GLN H 226 37.36 -15.62 10.37
N ASN H 227 38.14 -14.90 9.58
CA ASN H 227 37.57 -13.87 8.75
C ASN H 227 36.59 -14.42 7.71
N MET H 228 36.91 -15.58 7.13
CA MET H 228 36.07 -16.13 6.08
C MET H 228 34.65 -16.32 6.57
N VAL H 229 34.54 -16.91 7.76
CA VAL H 229 33.24 -17.21 8.32
C VAL H 229 32.58 -15.93 8.83
N HIS H 230 33.38 -15.00 9.35
CA HIS H 230 32.83 -13.72 9.77
C HIS H 230 32.17 -13.03 8.56
N CYS H 231 32.85 -13.06 7.43
CA CYS H 231 32.33 -12.50 6.20
C CYS H 231 31.02 -13.21 5.84
N ALA H 232 31.02 -14.54 5.95
CA ALA H 232 29.84 -15.29 5.61
C ALA H 232 28.74 -14.93 6.59
N ASP H 233 29.08 -14.75 7.85
CA ASP H 233 28.11 -14.29 8.80
C ASP H 233 27.51 -12.95 8.36
N LEU H 234 28.36 -12.07 7.82
CA LEU H 234 27.96 -10.71 7.46
C LEU H 234 27.90 -10.65 5.96
N SER H 235 27.44 -11.75 5.36
CA SER H 235 27.45 -11.92 3.93
C SER H 235 26.18 -11.39 3.27
N ASN H 236 25.12 -11.24 4.04
CA ASN H 236 23.89 -11.29 3.34
C ASN H 236 23.52 -10.03 2.60
N PRO H 237 24.09 -8.88 3.00
CA PRO H 237 23.94 -7.68 2.14
C PRO H 237 24.75 -7.75 0.84
N THR H 238 25.55 -8.80 0.66
CA THR H 238 26.29 -8.97 -0.59
C THR H 238 25.57 -9.92 -1.52
N LYS H 239 24.36 -10.31 -1.14
CA LYS H 239 23.55 -11.22 -1.90
C LYS H 239 22.57 -10.43 -2.79
N PRO H 240 22.05 -11.09 -3.84
CA PRO H 240 20.99 -10.56 -4.63
C PRO H 240 19.99 -9.84 -3.74
N LEU H 241 19.52 -8.68 -4.19
CA LEU H 241 18.62 -7.88 -3.40
C LEU H 241 17.44 -8.68 -2.86
N GLN H 242 16.80 -9.45 -3.72
CA GLN H 242 15.66 -10.23 -3.25
C GLN H 242 15.92 -11.00 -1.94
N LEU H 243 17.16 -11.47 -1.73
CA LEU H 243 17.50 -12.25 -0.53
C LEU H 243 17.86 -11.32 0.65
N TYR H 244 18.67 -10.32 0.33
CA TYR H 244 19.02 -9.28 1.30
C TYR H 244 17.78 -8.68 2.00
N ARG H 245 16.81 -8.21 1.23
CA ARG H 245 15.57 -7.70 1.80
C ARG H 245 14.89 -8.73 2.71
N GLN H 246 14.84 -9.98 2.31
CA GLN H 246 14.31 -10.94 3.23
C GLN H 246 15.14 -10.98 4.50
N TRP H 247 16.47 -11.04 4.39
CA TRP H 247 17.26 -11.08 5.63
C TRP H 247 17.03 -9.87 6.52
N THR H 248 16.83 -8.71 5.89
CA THR H 248 16.68 -7.45 6.60
C THR H 248 15.30 -7.32 7.26
N ASP H 249 14.25 -7.64 6.51
CA ASP H 249 12.92 -7.75 7.10
C ASP H 249 12.96 -8.66 8.36
N ARG H 250 13.65 -9.80 8.27
CA ARG H 250 13.77 -10.73 9.41
C ARG H 250 14.59 -10.23 10.61
N ILE H 251 15.72 -9.57 10.37
CA ILE H 251 16.52 -9.10 11.48
C ILE H 251 15.88 -7.93 12.21
N MET H 252 15.16 -7.12 11.46
CA MET H 252 14.48 -5.98 12.06
C MET H 252 13.34 -6.51 12.91
N GLU H 253 12.67 -7.55 12.41
CA GLU H 253 11.62 -8.20 13.15
C GLU H 253 12.18 -8.73 14.45
N GLU H 254 13.36 -9.35 14.42
CA GLU H 254 13.94 -9.89 15.64
C GLU H 254 14.29 -8.78 16.64
N PHE H 255 14.95 -7.73 16.14
CA PHE H 255 15.38 -6.63 16.97
C PHE H 255 14.19 -5.95 17.62
N PHE H 256 13.08 -5.89 16.91
CA PHE H 256 11.88 -5.29 17.46
C PHE H 256 11.28 -6.10 18.61
N ARG H 257 11.46 -7.41 18.53
CA ARG H 257 10.99 -8.30 19.57
C ARG H 257 11.82 -8.08 20.81
N GLN H 258 13.09 -7.77 20.59
CA GLN H 258 13.95 -7.42 21.71
C GLN H 258 13.51 -6.10 22.38
N GLY H 259 13.33 -5.05 21.56
CA GLY H 259 12.82 -3.77 22.04
C GLY H 259 11.52 -3.95 22.78
N ASP H 260 10.70 -4.88 22.33
CA ASP H 260 9.44 -5.15 23.04
C ASP H 260 9.72 -5.69 24.43
N ARG H 261 10.74 -6.52 24.54
CA ARG H 261 11.09 -7.12 25.81
C ARG H 261 11.62 -6.05 26.76
N GLU H 262 12.51 -5.20 26.26
CA GLU H 262 13.12 -4.13 27.06
C GLU H 262 12.10 -3.09 27.56
N ARG H 263 11.24 -2.61 26.65
CA ARG H 263 10.17 -1.71 27.04
C ARG H 263 9.27 -2.36 28.09
N GLU H 264 8.85 -3.60 27.88
CA GLU H 264 8.09 -4.30 28.91
C GLU H 264 8.85 -4.31 30.26
N ARG H 265 10.17 -4.29 30.19
CA ARG H 265 11.00 -4.42 31.37
C ARG H 265 11.33 -3.06 31.91
N GLY H 266 10.91 -2.04 31.17
CA GLY H 266 11.05 -0.67 31.59
C GLY H 266 12.46 -0.19 31.41
N MET H 267 13.22 -0.90 30.57
CA MET H 267 14.61 -0.54 30.25
C MET H 267 14.73 0.53 29.15
N GLU H 268 15.90 1.13 29.05
CA GLU H 268 16.22 2.00 27.93
C GLU H 268 16.35 1.16 26.62
N ILE H 269 15.58 1.52 25.60
CA ILE H 269 15.47 0.66 24.40
C ILE H 269 16.71 0.69 23.55
N SER H 270 17.18 -0.47 23.13
CA SER H 270 18.48 -0.56 22.47
C SER H 270 18.60 0.26 21.18
N PRO H 271 19.84 0.56 20.74
CA PRO H 271 19.84 1.27 19.44
C PRO H 271 19.26 0.34 18.36
N MET H 272 18.30 0.82 17.56
CA MET H 272 17.72 0.01 16.48
C MET H 272 16.66 -1.05 16.87
N CYS H 273 16.27 -1.09 18.14
CA CYS H 273 15.28 -2.07 18.60
C CYS H 273 13.88 -1.47 18.89
N ASP H 274 13.62 -0.27 18.39
CA ASP H 274 12.39 0.42 18.68
C ASP H 274 11.49 0.47 17.46
N LYS H 275 10.52 -0.43 17.38
CA LYS H 275 9.58 -0.42 16.24
C LYS H 275 8.92 0.98 16.00
N HIS H 276 8.87 1.82 17.02
CA HIS H 276 8.31 3.17 16.87
C HIS H 276 9.35 4.19 16.39
N ASN H 277 10.63 3.82 16.41
CA ASN H 277 11.69 4.68 15.89
C ASN H 277 12.59 3.93 14.93
N ALA H 278 11.95 3.20 14.01
CA ALA H 278 12.65 2.51 12.92
C ALA H 278 13.41 3.53 12.07
N SER H 279 14.55 3.10 11.55
CA SER H 279 15.27 3.82 10.51
C SER H 279 16.00 2.73 9.74
N VAL H 280 15.19 1.79 9.25
CA VAL H 280 15.65 0.52 8.69
C VAL H 280 16.66 0.78 7.58
N GLU H 281 16.24 1.51 6.54
CA GLU H 281 17.13 1.85 5.44
C GLU H 281 18.45 2.50 5.89
N LYS H 282 18.37 3.68 6.51
CA LYS H 282 19.56 4.32 7.04
C LYS H 282 20.46 3.34 7.80
N SER H 283 19.88 2.55 8.67
CA SER H 283 20.69 1.70 9.53
C SER H 283 21.44 0.62 8.75
N GLN H 284 20.89 0.25 7.59
CA GLN H 284 21.53 -0.70 6.70
C GLN H 284 22.68 -0.03 5.96
N VAL H 285 22.43 1.19 5.47
CA VAL H 285 23.46 1.97 4.79
C VAL H 285 24.64 2.19 5.74
N GLY H 286 24.31 2.49 6.99
CA GLY H 286 25.29 2.67 8.04
C GLY H 286 26.04 1.39 8.32
N PHE H 287 25.36 0.26 8.28
CA PHE H 287 25.98 -1.04 8.56
C PHE H 287 26.92 -1.43 7.42
N ILE H 288 26.60 -1.00 6.21
CA ILE H 288 27.42 -1.30 5.04
C ILE H 288 28.63 -0.36 4.96
N ASP H 289 28.41 0.93 5.19
CA ASP H 289 29.48 1.92 5.24
C ASP H 289 30.48 1.72 6.38
N TYR H 290 30.03 1.23 7.53
CA TYR H 290 30.90 1.14 8.67
C TYR H 290 31.45 -0.28 8.93
N ILE H 291 30.71 -1.32 8.51
CA ILE H 291 31.10 -2.65 8.91
C ILE H 291 31.33 -3.58 7.73
N VAL H 292 30.29 -3.76 6.93
CA VAL H 292 30.26 -4.81 5.93
C VAL H 292 31.16 -4.48 4.75
N HIS H 293 31.10 -3.26 4.26
CA HIS H 293 31.98 -2.87 3.14
C HIS H 293 33.49 -2.84 3.44
N PRO H 294 33.91 -2.33 4.60
CA PRO H 294 35.34 -2.36 5.01
C PRO H 294 35.88 -3.78 5.19
N LEU H 295 35.06 -4.60 5.82
CA LEU H 295 35.31 -6.03 5.89
C LEU H 295 35.47 -6.61 4.47
N TRP H 296 34.39 -6.63 3.71
CA TRP H 296 34.37 -7.35 2.43
C TRP H 296 35.33 -6.80 1.44
N GLU H 297 35.72 -5.55 1.62
CA GLU H 297 36.67 -4.95 0.71
C GLU H 297 38.07 -5.45 1.00
N THR H 298 38.35 -5.64 2.29
CA THR H 298 39.59 -6.25 2.71
C THR H 298 39.63 -7.70 2.23
N TRP H 299 38.53 -8.43 2.42
CA TRP H 299 38.43 -9.79 1.92
C TRP H 299 38.75 -9.87 0.42
N ALA H 300 38.13 -9.00 -0.37
CA ALA H 300 38.42 -8.91 -1.80
C ALA H 300 39.91 -8.79 -2.14
N ASP H 301 40.66 -7.93 -1.42
CA ASP H 301 42.09 -7.79 -1.70
C ASP H 301 42.84 -9.07 -1.39
N LEU H 302 42.45 -9.73 -0.32
CA LEU H 302 43.07 -11.01 -0.02
C LEU H 302 42.95 -11.91 -1.25
N VAL H 303 41.85 -11.76 -1.97
CA VAL H 303 41.51 -12.76 -2.98
C VAL H 303 41.39 -12.24 -4.40
N HIS H 304 42.01 -11.11 -4.69
CA HIS H 304 41.82 -10.40 -5.96
C HIS H 304 42.02 -11.29 -7.19
N PRO H 305 41.10 -11.20 -8.17
CA PRO H 305 39.88 -10.41 -8.18
C PRO H 305 38.67 -11.30 -7.91
N ASP H 306 38.93 -12.49 -7.38
CA ASP H 306 37.90 -13.50 -7.14
C ASP H 306 36.59 -12.97 -6.60
N ALA H 307 36.65 -11.90 -5.80
CA ALA H 307 35.43 -11.44 -5.19
C ALA H 307 34.83 -10.14 -5.75
N GLN H 308 35.27 -9.70 -6.92
CA GLN H 308 34.74 -8.41 -7.39
C GLN H 308 33.20 -8.30 -7.48
N ASP H 309 32.53 -9.32 -8.02
CA ASP H 309 31.06 -9.28 -8.17
C ASP H 309 30.31 -9.23 -6.83
N ILE H 310 30.79 -9.97 -5.84
CA ILE H 310 30.25 -9.85 -4.49
C ILE H 310 30.36 -8.37 -4.05
N LEU H 311 31.54 -7.78 -4.19
CA LEU H 311 31.72 -6.35 -3.86
C LEU H 311 30.79 -5.39 -4.64
N ASP H 312 30.60 -5.65 -5.93
CA ASP H 312 29.72 -4.83 -6.77
C ASP H 312 28.24 -4.95 -6.39
N THR H 313 27.84 -6.13 -5.96
CA THR H 313 26.47 -6.34 -5.54
C THR H 313 26.24 -5.60 -4.23
N LEU H 314 27.23 -5.70 -3.35
CA LEU H 314 27.21 -4.99 -2.10
C LEU H 314 27.10 -3.49 -2.36
N GLU H 315 27.92 -2.97 -3.27
CA GLU H 315 27.88 -1.54 -3.54
C GLU H 315 26.51 -1.16 -4.09
N ASP H 316 25.99 -1.95 -5.03
CA ASP H 316 24.62 -1.73 -5.55
C ASP H 316 23.52 -1.76 -4.47
N ASN H 317 23.58 -2.73 -3.59
CA ASN H 317 22.56 -2.84 -2.58
C ASN H 317 22.56 -1.62 -1.65
N ARG H 318 23.77 -1.15 -1.32
CA ARG H 318 23.95 0.08 -0.54
C ARG H 318 23.19 1.26 -1.19
N GLU H 319 23.51 1.53 -2.46
CA GLU H 319 22.85 2.56 -3.21
C GLU H 319 21.33 2.32 -3.16
N TRP H 320 20.93 1.05 -3.21
CA TRP H 320 19.50 0.78 -3.19
C TRP H 320 18.86 1.25 -1.89
N TYR H 321 19.39 0.79 -0.75
CA TYR H 321 18.97 1.31 0.55
C TYR H 321 19.10 2.85 0.73
N GLN H 322 20.08 3.47 0.08
CA GLN H 322 20.24 4.92 0.18
C GLN H 322 19.15 5.66 -0.58
N SER H 323 18.57 5.00 -1.59
CA SER H 323 17.55 5.67 -2.41
C SER H 323 16.16 5.49 -1.83
N THR H 324 16.03 4.50 -0.95
CA THR H 324 14.74 4.18 -0.32
C THR H 324 14.56 4.83 1.04
N ILE H 325 15.53 5.64 1.46
CA ILE H 325 15.37 6.45 2.65
C ILE H 325 14.47 7.61 2.29
N PRO H 326 13.39 7.81 3.07
CA PRO H 326 12.45 8.93 2.91
C PRO H 326 13.15 10.23 2.51
C18 6PT I . 18.82 33.26 12.08
C9 6PT I . 9.71 36.16 13.21
C10 6PT I . 10.76 37.06 13.03
C11 6PT I . 11.76 36.79 12.08
C16 6PT I . 16.81 32.13 12.74
C12 6PT I . 14.31 34.68 12.07
C6 6PT I . 11.69 35.65 11.33
C5 6PT I . 12.06 33.92 6.04
C20 6PT I . 18.83 31.85 14.18
C3 6PT I . 14.80 34.39 9.54
O2 6PT I . 20.05 32.07 14.30
C13 6PT I . 13.51 33.88 13.05
N2 6PT I . 16.08 33.90 9.65
C14 6PT I . 16.84 33.51 10.75
C15 6PT I . 16.18 32.64 11.62
O3 6PT I . 18.18 31.15 15.00
C17 6PT I . 18.13 32.45 12.97
C19 6PT I . 18.18 33.79 10.95
C21 6PT I . 14.35 34.55 8.23
O4 6PT I . 15.03 34.23 7.24
C2 6PT I . 13.94 34.74 10.59
O1 6PT I . 15.25 35.40 12.45
C1 6PT I . 12.68 35.27 10.28
N1 6PT I . 12.28 35.39 8.99
N3 6PT I . 13.15 35.03 7.95
C4 6PT I . 12.78 35.15 6.54
C8 6PT I . 9.63 35.00 12.44
C7 6PT I . 10.63 34.75 11.51
ZN ZN J . 21.41 30.60 7.97
MG MG K . 22.76 29.87 11.37
C18 6PT L . 47.24 29.16 33.46
C9 6PT L . 56.72 30.64 32.96
C10 6PT L . 55.74 31.59 33.20
C11 6PT L . 54.68 31.29 34.07
C16 6PT L . 48.97 27.69 32.67
C12 6PT L . 51.99 29.66 33.69
C6 6PT L . 54.65 30.05 34.70
C5 6PT L . 54.01 27.90 39.56
C20 6PT L . 47.01 28.04 31.19
C3 6PT L . 51.26 29.13 36.13
O2 6PT L . 47.58 27.35 30.32
C13 6PT L . 52.43 28.76 32.60
N2 6PT L . 49.92 28.91 35.96
C14 6PT L . 49.17 28.81 34.81
C15 6PT L . 49.64 27.92 33.85
O3 6PT L . 45.85 28.49 30.99
C17 6PT L . 47.75 28.30 32.47
C19 6PT L . 47.93 29.40 34.65
C21 6PT L . 51.63 29.03 37.45
O4 6PT L . 50.77 28.74 38.28
C2 6PT L . 52.25 29.46 35.17
O1 6PT L . 51.40 30.69 33.40
C1 6PT L . 53.55 29.69 35.64
N1 6PT L . 53.84 29.58 36.94
N3 6PT L . 52.86 29.23 37.88
C4 6PT L . 53.18 29.12 39.28
C8 6PT L . 56.66 29.39 33.60
C7 6PT L . 55.62 29.10 34.47
ZN ZN M . 44.05 26.40 36.94
MG MG N . 42.46 26.01 32.99
C18 6PT O . -51.30 -17.82 1.56
C9 6PT O . -53.71 -20.92 10.49
C10 6PT O . -53.59 -21.75 9.38
C11 6PT O . -52.54 -21.57 8.50
C16 6PT O . -52.19 -16.88 3.58
C12 6PT O . -52.07 -19.45 6.22
C6 6PT O . -51.61 -20.55 8.74
C5 6PT O . -46.28 -19.71 8.91
C20 6PT O . -53.27 -16.28 1.44
C3 6PT O . -49.45 -19.53 5.82
O2 6PT O . -54.21 -15.72 2.04
C13 6PT O . -53.06 -18.61 6.94
N2 6PT O . -49.36 -19.00 4.55
C14 6PT O . -50.32 -18.42 3.71
C15 6PT O . -51.23 -17.54 4.32
O3 6PT O . -53.16 -16.17 0.20
C17 6PT O . -52.23 -17.02 2.21
C19 6PT O . -50.33 -18.48 2.32
C21 6PT O . -48.23 -19.91 6.34
O4 6PT O . -47.22 -19.75 5.65
C2 6PT O . -50.62 -19.73 6.62
O1 6PT O . -52.49 -20.07 5.26
C1 6PT O . -50.45 -20.32 7.86
N1 6PT O . -49.24 -20.67 8.33
N3 6PT O . -48.11 -20.47 7.54
C4 6PT O . -46.82 -20.86 8.09
C8 6PT O . -52.78 -19.91 10.73
C7 6PT O . -51.72 -19.73 9.85
ZN ZN P . -46.86 -15.49 -0.39
MG MG Q . -50.18 -14.37 -1.64
C18 6PT R . -68.43 -9.62 -28.89
C9 6PT R . -66.59 -10.26 -38.53
C10 6PT R . -66.96 -11.29 -37.67
C11 6PT R . -67.95 -11.09 -36.70
C16 6PT R . -67.14 -8.49 -30.56
C12 6PT R . -67.97 -9.87 -33.76
C6 6PT R . -68.56 -9.85 -36.60
C5 6PT R . -73.33 -7.20 -36.21
C20 6PT R . -66.00 -9.00 -28.41
C3 6PT R . -70.42 -9.15 -33.34
O2 6PT R . -65.97 -9.59 -27.34
C13 6PT R . -66.65 -9.25 -34.13
N2 6PT R . -70.44 -9.06 -31.96
C14 6PT R . -69.41 -9.16 -31.02
C15 6PT R . -68.23 -8.53 -31.38
O3 6PT R . -64.96 -8.42 -28.80
C17 6PT R . -67.23 -9.04 -29.29
C19 6PT R . -69.54 -9.66 -29.74
C21 6PT R . -71.66 -8.87 -33.89
O4 6PT R . -72.58 -8.57 -33.12
C2 6PT R . -69.35 -9.47 -34.22
O1 6PT R . -67.95 -10.91 -33.11
C1 6PT R . -69.62 -9.53 -35.60
N1 6PT R . -70.84 -9.24 -36.09
N3 6PT R . -71.89 -8.91 -35.20
C4 6PT R . -73.22 -8.62 -35.73
C8 6PT R . -67.21 -9.02 -38.42
C7 6PT R . -68.17 -8.82 -37.45
ZN ZN S . -72.07 -6.81 -26.04
MG MG T . -68.57 -7.14 -24.57
C18 6PT U . -20.07 -2.17 -51.02
C9 6PT U . -22.30 -9.29 -57.56
C10 6PT U . -22.76 -9.12 -56.27
C11 6PT U . -23.11 -7.85 -55.81
C16 6PT U . -18.98 -3.07 -52.99
C12 6PT U . -21.51 -5.44 -54.50
C6 6PT U . -23.01 -6.74 -56.64
C5 6PT U . -25.39 -1.90 -58.40
C20 6PT U . -17.60 -2.82 -50.97
C3 6PT U . -22.99 -3.33 -54.88
O2 6PT U . -17.45 -2.44 -49.80
C13 6PT U . -20.34 -6.14 -55.09
N2 6PT U . -22.47 -2.49 -53.90
C14 6PT U . -21.34 -2.58 -53.05
C15 6PT U . -20.17 -2.99 -53.67
O3 6PT U . -16.67 -3.37 -51.62
C17 6PT U . -18.92 -2.67 -51.66
C19 6PT U . -21.28 -2.12 -51.73
C21 6PT U . -24.05 -2.71 -55.56
O4 6PT U . -24.34 -1.54 -55.24
C2 6PT U . -22.61 -4.66 -55.22
O1 6PT U . -21.66 -5.54 -53.30
C1 6PT U . -23.34 -5.34 -56.21
N1 6PT U . -24.35 -4.68 -56.85
N3 6PT U . -24.71 -3.37 -56.53
C4 6PT U . -25.84 -2.79 -57.26
C8 6PT U . -22.18 -8.19 -58.39
C7 6PT U . -22.53 -6.93 -57.93
ZN ZN V . -20.65 3.16 -51.10
MG MG W . -17.70 1.78 -49.61
C18 6PT X . -0.16 0.56 -21.35
C9 6PT X . -0.75 5.49 -13.08
C10 6PT X . -1.34 4.23 -13.13
C11 6PT X . -0.72 3.16 -13.78
C16 6PT X . 0.58 2.79 -20.83
C12 6PT X . 0.01 2.69 -17.12
C6 6PT X . 0.52 3.40 -14.38
C5 6PT X . 5.52 1.00 -14.38
C20 6PT X . -0.87 2.45 -22.86
C3 6PT X . 2.00 1.08 -17.00
O2 6PT X . -1.11 3.68 -23.03
C13 6PT X . -0.10 4.14 -17.52
N2 6PT X . 1.95 0.58 -18.28
C14 6PT X . 1.18 0.95 -19.38
C15 6PT X . 1.25 2.30 -19.73
O3 6PT X . -1.21 1.59 -23.70
C17 6PT X . -0.14 1.93 -21.65
C19 6PT X . 0.50 0.07 -20.22
C21 6PT X . 3.01 0.51 -16.21
O4 6PT X . 3.81 -0.35 -16.69
C2 6PT X . 1.16 2.05 -16.42
O1 6PT X . -0.94 1.92 -17.29
C1 6PT X . 1.32 2.37 -15.07
N1 6PT X . 2.32 1.82 -14.35
N3 6PT X . 3.16 0.88 -14.93
C4 6PT X . 4.22 0.26 -14.15
C8 6PT X . 0.50 5.73 -13.67
C7 6PT X . 1.11 4.67 -14.31
ZN ZN Y . 3.96 -1.92 -24.08
MG MG Z . 1.68 0.05 -26.39
C18 6PT AA . 48.00 -22.22 40.00
C9 6PT AA . 55.33 -28.50 40.85
C10 6PT AA . 55.34 -27.21 40.31
C11 6PT AA . 54.63 -26.18 40.91
C16 6PT AA . 48.00 -24.59 40.39
C12 6PT AA . 51.62 -25.15 40.85
C6 6PT AA . 53.91 -26.45 42.09
C5 6PT AA . 52.80 -24.97 47.19
C20 6PT AA . 46.60 -23.75 38.55
C3 6PT AA . 51.31 -23.86 43.09
O2 6PT AA . 46.51 -24.90 38.09
C13 6PT AA . 51.43 -26.54 40.36
N2 6PT AA . 50.22 -23.09 42.82
C14 6PT AA . 49.39 -23.10 41.71
C15 6PT AA . 48.88 -24.36 41.41
O3 6PT AA . 45.97 -22.81 38.04
C17 6PT AA . 47.56 -23.51 39.68
C19 6PT AA . 48.90 -22.00 41.04
C21 6PT AA . 51.77 -23.62 44.34
O4 6PT AA . 51.13 -22.78 45.01
C2 6PT AA . 51.98 -24.80 42.27
O1 6PT AA . 51.57 -24.23 40.05
C1 6PT AA . 53.12 -25.42 42.81
N1 6PT AA . 53.51 -25.17 44.06
N3 6PT AA . 52.84 -24.25 44.84
C4 6PT AA . 53.35 -23.98 46.19
C8 6PT AA . 54.61 -28.75 42.02
C7 6PT AA . 53.90 -27.73 42.62
ZN ZN BA . 44.53 -20.06 43.76
MG MG CA . 42.80 -20.94 40.45
C18 6PT DA . 25.90 -10.36 14.27
C9 6PT DA . 21.28 -2.22 12.32
C10 6PT DA . 22.64 -2.42 12.04
C11 6PT DA . 23.05 -3.61 11.47
C16 6PT DA . 23.91 -9.26 15.05
C12 6PT DA . 23.52 -6.41 12.79
C6 6PT DA . 22.12 -4.59 11.18
C5 6PT DA . 20.37 -8.18 7.31
C20 6PT DA . 25.48 -10.19 16.77
C3 6PT DA . 23.28 -8.11 10.83
O2 6PT DA . 26.52 -10.85 17.01
C13 6PT DA . 22.70 -5.83 13.90
N2 6PT DA . 23.90 -9.18 11.38
C14 6PT DA . 24.39 -9.40 12.66
C15 6PT DA . 23.56 -9.03 13.72
O3 6PT DA . 24.77 -9.76 17.71
C17 6PT DA . 25.10 -9.93 15.33
C19 6PT DA . 25.55 -10.12 12.94
C21 6PT DA . 22.85 -8.35 9.53
O4 6PT DA . 23.05 -9.48 9.05
C2 6PT DA . 23.04 -6.85 11.41
O1 6PT DA . 24.72 -6.47 12.98
C1 6PT DA . 22.42 -5.90 10.60
N1 6PT DA . 21.99 -6.16 9.33
N3 6PT DA . 22.23 -7.42 8.77
C4 6PT DA . 21.81 -7.74 7.40
C8 6PT DA . 20.35 -3.20 12.03
C7 6PT DA . 20.78 -4.39 11.47
ZN ZN EA . 25.28 -15.45 12.55
MG MG FA . 26.39 -15.30 16.39
#